data_6G1K
#
_entry.id   6G1K
#
_cell.length_a   1
_cell.length_b   1
_cell.length_c   1
_cell.angle_alpha   90
_cell.angle_beta   90
_cell.angle_gamma   90
#
_symmetry.space_group_name_H-M   'P 1'
#
loop_
_entity.id
_entity.type
_entity.pdbx_description
1 polymer 'Transient receptor potential cation channel subfamily c member 4a'
2 non-polymer 'CHOLESTEROL HEMISUCCINATE'
3 non-polymer '(2R)-3-(phosphonooxy)propane-1,2-diyl dihexanoate'
#
_entity_poly.entity_id   1
_entity_poly.type   'polypeptide(L)'
_entity_poly.pdbx_seq_one_letter_code
;GSQLYFRRTDNSSYRDRIPLRIVRAESELSTQEKSYLSAVEKGDYASVKLALEEAEIYFKININCIDPLGRTALLIAIEN
ENLEIIELLLSFNVYVGDALLHAIRKEVVGAVELLLNHKKPSGEKQVPPILLDKQFSDFTPDITPIILAAHTNNYEIIKM
LVQKGVSVPQPHEVRCNCVECVSSSDVDSLRHSRSRLNIYKALASPSLIALSSEDPFLTAFQLSWELQELSKVENEFKAE
YEELSHQCKHFAKDLLDQTRSSRELELILNFRDDMNLLQDEANNELARLKLAIKYRQKEFVAQPNCQQLLASRWYDEFPG
WRRRHWAGKLITCVFIGLMFPLLSLCYLVAPKSRYGLFIRKPFIKFICHTASYLTFLFLLLLASQHIVSNNPDRQGPKPT
TVEWMILPWVLGFIWTEIKQMWDGGFQDYIHDWWNLMDFVMNSLYLATISLKIVAYVKYSGCKPRDTWEMWHPTLVAEAV
FAIANIFSSLRLISLFTANSHLGPLQISLGRMLLDILKFLFIYCLVLLAFANGLNQLYFYYENSEGMTCKGIRCERQNNA
FSTLFETLQSLFWSIFGLISLYVTNVKADHKFTEFVGATMFGTYNVISLVVLLNMLIAMMNNSYQHIADHADIEWKFART
KLWMSYFEEGGTLPPPFNIIPSPKSICYLITWIKVHVFKRRSKRTETFGTLGRRAAENVRLNHQYQEVLRNLVKRYVAAM
IRDAKTEEGLTEENFKELKQDISSFRYEVIGMMKGNRKSTRANKSDTSASDVSHPEGSLQYSSALKQNSKLHLYDVTTAL
QQQNSEEAKASLGCLANGSAVVLTEPILKDKARSDFPKDFTDFGLFPKKQNPNKIYSLAEEATESDPDILDWGKEDKPLA
GKVEQDVNESKCLMEEDERVLEEQEMEHIASSHEHLEVLFQ
;
_entity_poly.pdbx_strand_id   A,B,C,D
#
loop_
_chem_comp.id
_chem_comp.type
_chem_comp.name
_chem_comp.formula
44E non-polymer '(2R)-3-(phosphonooxy)propane-1,2-diyl dihexanoate' 'C15 H29 O8 P'
Y01 non-polymer 'CHOLESTEROL HEMISUCCINATE' 'C31 H50 O4'
#
# COMPACT_ATOMS: atom_id res chain seq x y z
N ILE A 18 39.80 23.15 12.08
CA ILE A 18 38.73 24.12 12.31
C ILE A 18 38.69 25.18 11.19
N PRO A 19 37.61 25.16 10.38
CA PRO A 19 37.55 26.05 9.21
C PRO A 19 37.28 27.51 9.53
N LEU A 20 38.30 28.35 9.34
CA LEU A 20 38.14 29.81 9.39
C LEU A 20 37.77 30.26 7.99
N ARG A 21 36.48 30.35 7.72
CA ARG A 21 36.03 30.71 6.38
C ARG A 21 35.45 32.11 6.35
N ILE A 22 35.31 32.62 5.13
CA ILE A 22 34.85 33.97 4.84
C ILE A 22 33.56 33.84 4.03
N VAL A 23 32.64 34.79 4.22
CA VAL A 23 31.45 34.85 3.38
C VAL A 23 31.84 35.07 1.92
N ARG A 24 31.13 34.38 1.02
CA ARG A 24 31.23 34.60 -0.42
C ARG A 24 30.90 36.05 -0.76
N ALA A 25 31.52 36.55 -1.84
CA ALA A 25 31.34 37.93 -2.27
C ALA A 25 29.89 38.20 -2.67
N GLU A 26 29.27 39.16 -1.99
CA GLU A 26 27.87 39.53 -2.21
C GLU A 26 27.69 40.96 -1.72
N SER A 27 26.85 41.72 -2.40
CA SER A 27 26.70 43.14 -2.11
C SER A 27 25.96 43.38 -0.80
N GLU A 28 26.44 44.36 -0.05
CA GLU A 28 25.99 44.59 1.32
C GLU A 28 25.33 45.96 1.42
N LEU A 29 24.29 46.02 2.24
CA LEU A 29 23.47 47.22 2.41
C LEU A 29 24.08 48.15 3.44
N SER A 30 23.91 49.46 3.23
CA SER A 30 24.29 50.44 4.22
C SER A 30 23.26 50.52 5.33
N THR A 31 23.66 51.13 6.45
CA THR A 31 22.76 51.27 7.59
C THR A 31 21.78 52.42 7.44
N GLN A 32 22.03 53.36 6.53
CA GLN A 32 21.14 54.48 6.34
C GLN A 32 19.94 54.14 5.49
N GLU A 33 20.01 53.06 4.71
CA GLU A 33 18.85 52.57 3.98
C GLU A 33 18.10 51.50 4.76
N LYS A 34 18.71 50.95 5.82
CA LYS A 34 18.00 50.00 6.67
C LYS A 34 16.88 50.68 7.45
N SER A 35 17.08 51.94 7.85
CA SER A 35 16.03 52.69 8.53
C SER A 35 14.87 53.01 7.59
N TYR A 36 15.15 53.09 6.29
CA TYR A 36 14.11 53.20 5.29
C TYR A 36 13.37 51.88 5.10
N LEU A 37 14.12 50.80 4.94
CA LEU A 37 13.52 49.50 4.66
C LEU A 37 12.74 48.95 5.84
N SER A 38 13.14 49.28 7.08
CA SER A 38 12.39 48.83 8.24
C SER A 38 11.00 49.46 8.28
N ALA A 39 10.91 50.73 7.90
CA ALA A 39 9.62 51.36 7.74
C ALA A 39 8.85 50.83 6.54
N VAL A 40 9.55 50.33 5.52
CA VAL A 40 8.85 49.72 4.39
C VAL A 40 8.25 48.36 4.80
N GLU A 41 9.03 47.51 5.47
CA GLU A 41 8.50 46.20 5.86
C GLU A 41 7.48 46.31 6.97
N LYS A 42 7.71 47.17 7.96
CA LYS A 42 6.78 47.29 9.06
C LYS A 42 5.53 48.07 8.63
N GLY A 43 5.65 48.87 7.58
CA GLY A 43 4.48 49.43 6.94
C GLY A 43 4.01 50.79 7.38
N ASP A 44 4.87 51.79 7.30
CA ASP A 44 4.43 53.16 7.52
C ASP A 44 3.98 53.78 6.21
N TYR A 45 3.16 54.82 6.32
CA TYR A 45 3.02 55.78 5.24
C TYR A 45 3.63 57.12 5.58
N ALA A 46 3.75 57.44 6.86
CA ALA A 46 4.36 58.71 7.27
C ALA A 46 5.86 58.70 7.03
N SER A 47 6.58 57.82 7.71
CA SER A 47 8.03 57.85 7.66
C SER A 47 8.59 57.36 6.33
N VAL A 48 7.85 56.52 5.61
CA VAL A 48 8.30 56.12 4.28
C VAL A 48 8.23 57.31 3.32
N LYS A 49 7.16 58.10 3.39
CA LYS A 49 7.08 59.31 2.59
C LYS A 49 8.08 60.36 3.05
N LEU A 50 8.35 60.42 4.36
CA LEU A 50 9.36 61.36 4.85
C LEU A 50 10.76 60.97 4.40
N ALA A 51 11.03 59.67 4.24
CA ALA A 51 12.26 59.25 3.62
C ALA A 51 12.24 59.51 2.12
N LEU A 52 11.04 59.49 1.52
CA LEU A 52 10.84 59.80 0.11
C LEU A 52 10.71 61.27 -0.16
N GLU A 53 10.92 62.12 0.84
CA GLU A 53 11.11 63.54 0.63
C GLU A 53 12.54 63.87 0.25
N GLU A 54 13.38 62.86 0.04
CA GLU A 54 14.76 63.04 -0.39
C GLU A 54 14.89 62.83 -1.89
N ALA A 55 13.88 63.23 -2.65
CA ALA A 55 13.95 63.16 -4.11
C ALA A 55 14.79 64.29 -4.67
N GLU A 56 14.43 65.53 -4.34
CA GLU A 56 15.22 66.67 -4.79
C GLU A 56 16.49 66.81 -3.95
N ILE A 57 16.37 66.58 -2.64
CA ILE A 57 17.50 66.67 -1.73
C ILE A 57 18.21 65.33 -1.73
N TYR A 58 19.41 65.29 -2.28
CA TYR A 58 20.14 64.03 -2.36
C TYR A 58 20.63 63.58 -1.00
N PHE A 59 20.04 62.50 -0.49
CA PHE A 59 20.49 61.84 0.72
C PHE A 59 21.48 60.71 0.39
N LYS A 60 22.28 60.90 -0.67
CA LYS A 60 23.40 60.07 -1.12
C LYS A 60 23.04 58.61 -1.40
N ILE A 61 21.74 58.30 -1.45
CA ILE A 61 21.28 56.93 -1.59
C ILE A 61 20.38 56.85 -2.82
N ASN A 62 20.41 55.70 -3.48
CA ASN A 62 19.32 55.34 -4.38
C ASN A 62 18.28 54.57 -3.58
N ILE A 63 17.02 55.04 -3.65
CA ILE A 63 15.96 54.46 -2.83
C ILE A 63 15.58 53.07 -3.32
N ASN A 64 15.96 52.71 -4.54
CA ASN A 64 15.67 51.40 -5.11
C ASN A 64 16.82 50.43 -4.99
N CYS A 65 17.83 50.74 -4.18
CA CYS A 65 18.98 49.85 -4.04
C CYS A 65 18.61 48.67 -3.14
N ILE A 66 19.04 47.48 -3.53
CA ILE A 66 18.50 46.27 -2.94
C ILE A 66 19.19 45.95 -1.62
N ASP A 67 18.51 45.16 -0.79
CA ASP A 67 18.96 44.68 0.50
C ASP A 67 19.77 43.41 0.30
N PRO A 68 20.32 42.77 1.34
CA PRO A 68 20.86 41.41 1.14
C PRO A 68 19.84 40.35 0.77
N LEU A 69 18.54 40.62 0.92
CA LEU A 69 17.52 39.66 0.54
C LEU A 69 17.19 39.72 -0.94
N GLY A 70 17.82 40.61 -1.71
CA GLY A 70 17.52 40.75 -3.11
C GLY A 70 16.25 41.50 -3.42
N ARG A 71 15.84 42.44 -2.59
CA ARG A 71 14.57 43.11 -2.75
C ARG A 71 14.75 44.62 -2.83
N THR A 72 14.04 45.25 -3.76
CA THR A 72 13.76 46.66 -3.66
C THR A 72 12.54 46.83 -2.77
N ALA A 73 12.33 48.05 -2.28
CA ALA A 73 11.26 48.29 -1.31
C ALA A 73 9.88 48.13 -1.94
N LEU A 74 9.78 48.37 -3.25
CA LEU A 74 8.56 48.09 -3.99
C LEU A 74 8.20 46.62 -3.93
N LEU A 75 9.19 45.74 -3.92
CA LEU A 75 8.92 44.31 -3.83
C LEU A 75 8.42 43.91 -2.44
N ILE A 76 8.86 44.61 -1.39
CA ILE A 76 8.28 44.40 -0.07
C ILE A 76 6.84 44.89 -0.02
N ALA A 77 6.60 46.08 -0.56
CA ALA A 77 5.26 46.67 -0.54
C ALA A 77 4.27 45.86 -1.36
N ILE A 78 4.74 45.18 -2.41
CA ILE A 78 3.92 44.18 -3.08
C ILE A 78 3.78 42.94 -2.21
N GLU A 79 4.87 42.53 -1.56
CA GLU A 79 4.88 41.33 -0.73
C GLU A 79 4.01 41.47 0.52
N ASN A 80 3.75 42.69 0.97
CA ASN A 80 2.88 42.89 2.14
C ASN A 80 1.51 43.45 1.76
N GLU A 81 1.13 43.35 0.48
CA GLU A 81 -0.21 43.66 -0.03
C GLU A 81 -0.63 45.12 0.17
N ASN A 82 0.27 46.01 0.56
CA ASN A 82 -0.12 47.36 0.96
C ASN A 82 -0.13 48.22 -0.29
N LEU A 83 -1.34 48.57 -0.73
CA LEU A 83 -1.50 49.25 -2.01
C LEU A 83 -0.99 50.70 -1.93
N GLU A 84 -1.07 51.31 -0.76
CA GLU A 84 -0.77 52.74 -0.70
C GLU A 84 0.73 53.01 -0.70
N ILE A 85 1.55 52.09 -0.20
CA ILE A 85 2.99 52.25 -0.32
C ILE A 85 3.41 52.06 -1.77
N ILE A 86 2.77 51.12 -2.47
CA ILE A 86 3.02 50.91 -3.89
C ILE A 86 2.64 52.15 -4.69
N GLU A 87 1.49 52.75 -4.35
CA GLU A 87 1.05 53.97 -5.00
C GLU A 87 2.01 55.11 -4.71
N LEU A 88 2.55 55.16 -3.49
CA LEU A 88 3.49 56.21 -3.11
C LEU A 88 4.80 56.08 -3.90
N LEU A 89 5.31 54.86 -4.00
CA LEU A 89 6.58 54.64 -4.67
C LEU A 89 6.46 54.84 -6.17
N LEU A 90 5.32 54.46 -6.74
CA LEU A 90 5.10 54.75 -8.16
C LEU A 90 4.83 56.23 -8.38
N SER A 91 4.25 56.92 -7.40
CA SER A 91 4.06 58.36 -7.49
C SER A 91 5.38 59.10 -7.39
N PHE A 92 6.38 58.49 -6.76
CA PHE A 92 7.70 59.10 -6.66
C PHE A 92 8.72 58.39 -7.54
N ASN A 93 8.24 57.60 -8.51
CA ASN A 93 9.01 57.11 -9.66
C ASN A 93 10.17 56.21 -9.24
N VAL A 94 9.83 55.10 -8.59
CA VAL A 94 10.83 54.08 -8.31
C VAL A 94 10.93 53.15 -9.53
N TYR A 95 12.12 52.56 -9.71
CA TYR A 95 12.35 51.72 -10.87
C TYR A 95 11.73 50.35 -10.64
N VAL A 96 10.88 49.94 -11.59
CA VAL A 96 10.13 48.69 -11.44
C VAL A 96 10.93 47.48 -11.94
N GLY A 97 11.54 47.58 -13.12
CA GLY A 97 12.14 46.41 -13.73
C GLY A 97 11.11 45.36 -14.10
N ASP A 98 11.09 44.28 -13.34
CA ASP A 98 10.11 43.22 -13.47
C ASP A 98 9.23 43.14 -12.22
N ALA A 99 8.79 44.30 -11.74
CA ALA A 99 7.89 44.31 -10.59
C ALA A 99 6.51 43.82 -10.96
N LEU A 100 6.15 43.94 -12.25
CA LEU A 100 4.86 43.43 -12.72
C LEU A 100 4.78 41.92 -12.55
N LEU A 101 5.86 41.22 -12.91
CA LEU A 101 5.88 39.77 -12.78
C LEU A 101 5.90 39.36 -11.32
N HIS A 102 6.56 40.13 -10.45
CA HIS A 102 6.54 39.84 -9.03
C HIS A 102 5.15 40.04 -8.45
N ALA A 103 4.41 41.02 -8.96
CA ALA A 103 3.05 41.23 -8.49
C ALA A 103 2.13 40.13 -8.98
N ILE A 104 2.29 39.73 -10.24
CA ILE A 104 1.45 38.70 -10.84
C ILE A 104 1.70 37.35 -10.17
N ARG A 105 2.95 37.07 -9.79
CA ARG A 105 3.27 35.80 -9.16
C ARG A 105 2.65 35.70 -7.75
N LYS A 106 2.48 36.82 -7.07
CA LYS A 106 1.79 36.82 -5.78
C LYS A 106 0.28 36.88 -5.95
N GLU A 107 -0.19 37.01 -7.19
CA GLU A 107 -1.60 37.23 -7.58
C GLU A 107 -2.31 38.29 -6.73
N VAL A 108 -1.60 39.38 -6.45
CA VAL A 108 -2.23 40.55 -5.85
C VAL A 108 -2.83 41.41 -6.96
N VAL A 109 -4.13 41.66 -6.88
CA VAL A 109 -4.83 42.34 -7.96
C VAL A 109 -4.61 43.85 -7.88
N GLY A 110 -4.65 44.40 -6.67
CA GLY A 110 -4.49 45.83 -6.48
C GLY A 110 -3.14 46.37 -6.89
N ALA A 111 -2.11 45.52 -6.90
CA ALA A 111 -0.83 45.94 -7.42
C ALA A 111 -0.84 45.98 -8.93
N VAL A 112 -1.35 44.93 -9.56
CA VAL A 112 -1.30 44.79 -11.01
C VAL A 112 -2.18 45.84 -11.69
N GLU A 113 -3.31 46.18 -11.08
CA GLU A 113 -4.20 47.20 -11.64
C GLU A 113 -3.57 48.59 -11.60
N LEU A 114 -2.55 48.80 -10.77
CA LEU A 114 -1.80 50.04 -10.78
C LEU A 114 -0.62 49.98 -11.71
N LEU A 115 0.12 48.87 -11.68
CA LEU A 115 1.34 48.76 -12.49
C LEU A 115 1.03 48.70 -13.98
N LEU A 116 -0.14 48.19 -14.36
CA LEU A 116 -0.53 48.30 -15.75
C LEU A 116 -0.92 49.73 -16.11
N ASN A 117 -1.33 50.52 -15.13
CA ASN A 117 -1.81 51.88 -15.36
C ASN A 117 -0.78 52.92 -14.97
N HIS A 118 0.49 52.65 -15.24
CA HIS A 118 1.53 53.62 -14.95
C HIS A 118 1.50 54.77 -15.96
N GLN A 135 22.70 43.61 -13.24
CA GLN A 135 21.50 43.08 -13.86
C GLN A 135 21.16 41.70 -13.30
N PHE A 136 19.88 41.50 -12.99
CA PHE A 136 19.41 40.28 -12.37
C PHE A 136 17.91 40.16 -12.64
N SER A 137 17.46 38.92 -12.79
CA SER A 137 16.05 38.63 -12.91
C SER A 137 15.67 37.52 -11.95
N ASP A 138 14.43 37.57 -11.47
CA ASP A 138 13.86 36.48 -10.71
C ASP A 138 13.06 35.55 -11.61
N PHE A 139 13.09 35.79 -12.91
CA PHE A 139 12.31 35.02 -13.86
C PHE A 139 13.16 34.73 -15.08
N THR A 140 12.79 33.68 -15.79
CA THR A 140 13.35 33.42 -17.10
C THR A 140 12.93 34.54 -18.04
N PRO A 141 13.86 35.12 -18.81
CA PRO A 141 13.50 36.29 -19.64
C PRO A 141 12.63 35.98 -20.84
N ASP A 142 12.31 34.71 -21.03
CA ASP A 142 11.40 34.26 -22.07
C ASP A 142 9.96 34.19 -21.58
N ILE A 143 9.60 35.03 -20.63
CA ILE A 143 8.26 35.07 -20.04
C ILE A 143 7.64 36.42 -20.35
N THR A 144 6.53 36.41 -21.07
CA THR A 144 5.72 37.60 -21.23
C THR A 144 4.75 37.67 -20.05
N PRO A 145 4.22 38.86 -19.70
CA PRO A 145 3.42 38.97 -18.48
C PRO A 145 2.11 38.20 -18.46
N ILE A 146 1.63 37.69 -19.60
CA ILE A 146 0.42 36.90 -19.57
C ILE A 146 0.73 35.43 -19.31
N ILE A 147 1.97 35.01 -19.54
CA ILE A 147 2.31 33.59 -19.43
C ILE A 147 2.35 33.16 -17.97
N LEU A 148 3.06 33.91 -17.13
CA LEU A 148 3.07 33.57 -15.72
C LEU A 148 1.73 33.90 -15.06
N ALA A 149 0.95 34.80 -15.66
CA ALA A 149 -0.40 35.02 -15.19
C ALA A 149 -1.27 33.79 -15.42
N ALA A 150 -1.11 33.16 -16.57
CA ALA A 150 -1.83 31.92 -16.82
C ALA A 150 -1.28 30.79 -15.97
N HIS A 151 0.02 30.83 -15.66
CA HIS A 151 0.58 29.84 -14.75
C HIS A 151 -0.01 29.96 -13.36
N THR A 152 -0.27 31.19 -12.92
CA THR A 152 -0.85 31.38 -11.60
C THR A 152 -2.34 31.09 -11.56
N ASN A 153 -3.00 31.02 -12.72
CA ASN A 153 -4.41 30.62 -12.88
C ASN A 153 -5.35 31.54 -12.11
N ASN A 154 -5.11 32.83 -12.18
CA ASN A 154 -6.03 33.80 -11.59
C ASN A 154 -6.87 34.42 -12.70
N TYR A 155 -8.15 34.59 -12.42
CA TYR A 155 -9.09 34.95 -13.47
C TYR A 155 -8.98 36.41 -13.85
N GLU A 156 -9.08 37.30 -12.86
CA GLU A 156 -9.18 38.72 -13.16
C GLU A 156 -7.85 39.33 -13.60
N ILE A 157 -6.72 38.73 -13.23
CA ILE A 157 -5.44 39.23 -13.72
C ILE A 157 -5.31 38.98 -15.21
N ILE A 158 -5.64 37.76 -15.65
CA ILE A 158 -5.67 37.47 -17.09
C ILE A 158 -6.75 38.29 -17.77
N LYS A 159 -7.84 38.55 -17.06
CA LYS A 159 -8.95 39.30 -17.65
C LYS A 159 -8.57 40.75 -17.90
N MET A 160 -7.78 41.34 -17.00
CA MET A 160 -7.32 42.70 -17.26
C MET A 160 -6.09 42.73 -18.15
N LEU A 161 -5.36 41.62 -18.28
CA LEU A 161 -4.26 41.62 -19.22
C LEU A 161 -4.74 41.48 -20.66
N VAL A 162 -5.81 40.73 -20.89
CA VAL A 162 -6.32 40.64 -22.26
C VAL A 162 -7.08 41.90 -22.65
N GLN A 163 -7.53 42.70 -21.67
CA GLN A 163 -8.04 44.02 -21.99
C GLN A 163 -6.94 44.96 -22.44
N LYS A 164 -5.72 44.75 -21.97
CA LYS A 164 -4.57 45.43 -22.54
C LYS A 164 -4.06 44.77 -23.81
N GLY A 165 -4.60 43.60 -24.17
CA GLY A 165 -4.27 42.97 -25.42
C GLY A 165 -2.88 42.37 -25.46
N VAL A 166 -2.61 41.42 -24.58
CA VAL A 166 -1.30 40.78 -24.51
C VAL A 166 -1.39 39.48 -25.29
N SER A 167 -0.51 39.31 -26.28
CA SER A 167 -0.53 38.12 -27.11
C SER A 167 0.49 37.09 -26.62
N VAL A 168 0.13 35.82 -26.78
CA VAL A 168 1.00 34.70 -26.42
C VAL A 168 1.58 34.17 -27.73
N PRO A 169 2.81 33.67 -27.76
CA PRO A 169 3.33 33.10 -29.01
C PRO A 169 2.66 31.77 -29.36
N GLN A 170 3.00 31.28 -30.56
CA GLN A 170 2.51 30.03 -31.10
C GLN A 170 3.60 28.97 -31.05
N PRO A 171 3.31 27.79 -30.50
CA PRO A 171 4.32 26.71 -30.38
C PRO A 171 4.52 25.84 -31.62
N HIS A 172 5.37 26.30 -32.52
CA HIS A 172 5.67 25.51 -33.71
C HIS A 172 6.65 24.39 -33.34
N VAL A 187 19.40 26.47 -30.87
CA VAL A 187 20.64 27.08 -30.42
C VAL A 187 20.84 26.76 -28.95
N ASP A 188 19.96 27.29 -28.11
CA ASP A 188 19.91 26.91 -26.70
C ASP A 188 18.78 25.90 -26.58
N SER A 189 19.12 24.61 -26.53
CA SER A 189 18.12 23.57 -26.36
C SER A 189 17.51 23.57 -24.98
N LEU A 190 18.07 24.30 -24.03
CA LEU A 190 17.43 24.55 -22.75
C LEU A 190 16.32 25.60 -22.87
N ARG A 191 16.64 26.78 -23.39
CA ARG A 191 15.65 27.84 -23.44
C ARG A 191 14.53 27.55 -24.42
N HIS A 192 14.81 26.79 -25.48
CA HIS A 192 13.75 26.38 -26.38
C HIS A 192 12.78 25.45 -25.69
N SER A 193 13.30 24.48 -24.93
CA SER A 193 12.44 23.49 -24.27
C SER A 193 11.63 24.13 -23.16
N ARG A 194 12.26 24.94 -22.31
CA ARG A 194 11.51 25.57 -21.23
C ARG A 194 10.59 26.67 -21.78
N SER A 195 10.95 27.27 -22.91
CA SER A 195 10.06 28.25 -23.54
C SER A 195 8.80 27.59 -24.05
N ARG A 196 8.93 26.46 -24.75
CA ARG A 196 7.76 25.72 -25.20
C ARG A 196 6.96 25.19 -24.03
N LEU A 197 7.63 24.73 -22.97
CA LEU A 197 6.92 24.21 -21.82
C LEU A 197 6.13 25.30 -21.10
N ASN A 198 6.72 26.49 -20.99
CA ASN A 198 6.01 27.61 -20.39
C ASN A 198 4.81 28.04 -21.22
N ILE A 199 4.95 28.11 -22.54
CA ILE A 199 3.80 28.59 -23.30
C ILE A 199 2.74 27.52 -23.46
N TYR A 200 3.09 26.24 -23.38
CA TYR A 200 2.03 25.22 -23.32
C TYR A 200 1.35 25.20 -21.97
N LYS A 201 2.10 25.37 -20.89
CA LYS A 201 1.48 25.39 -19.57
C LYS A 201 0.63 26.65 -19.39
N ALA A 202 1.01 27.74 -20.04
CA ALA A 202 0.19 28.93 -20.02
C ALA A 202 -1.05 28.74 -20.86
N LEU A 203 -0.90 28.14 -22.04
CA LEU A 203 -2.05 27.93 -22.91
C LEU A 203 -3.00 26.87 -22.36
N ALA A 204 -2.53 26.01 -21.46
CA ALA A 204 -3.37 24.98 -20.87
C ALA A 204 -3.89 25.38 -19.50
N SER A 205 -4.11 26.63 -19.27
CA SER A 205 -4.78 26.92 -18.02
C SER A 205 -6.28 27.03 -18.24
N PRO A 206 -7.09 26.69 -17.24
CA PRO A 206 -8.54 26.80 -17.41
C PRO A 206 -9.03 28.23 -17.55
N SER A 207 -8.34 29.19 -16.96
CA SER A 207 -8.81 30.57 -17.02
C SER A 207 -8.60 31.17 -18.40
N LEU A 208 -7.48 30.84 -19.04
CA LEU A 208 -7.23 31.36 -20.38
C LEU A 208 -8.15 30.73 -21.40
N ILE A 209 -8.49 29.45 -21.22
CA ILE A 209 -9.43 28.80 -22.11
C ILE A 209 -10.84 29.30 -21.84
N ALA A 210 -11.10 29.77 -20.62
CA ALA A 210 -12.40 30.37 -20.34
C ALA A 210 -12.52 31.74 -21.01
N LEU A 211 -11.52 32.60 -20.84
CA LEU A 211 -11.63 33.97 -21.33
C LEU A 211 -11.41 34.11 -22.82
N SER A 212 -10.85 33.10 -23.48
CA SER A 212 -10.60 33.19 -24.90
C SER A 212 -11.03 31.89 -25.56
N SER A 213 -10.63 31.67 -26.82
CA SER A 213 -10.69 30.37 -27.47
C SER A 213 -12.13 29.84 -27.56
N GLU A 214 -12.88 30.49 -28.45
CA GLU A 214 -14.34 30.49 -28.59
C GLU A 214 -15.07 29.18 -28.30
N ASP A 215 -14.50 28.06 -28.72
CA ASP A 215 -15.03 26.78 -28.25
C ASP A 215 -14.02 26.18 -27.31
N PRO A 216 -14.28 26.16 -26.00
CA PRO A 216 -13.28 25.62 -25.06
C PRO A 216 -13.14 24.12 -25.15
N PHE A 217 -14.17 23.42 -25.63
CA PHE A 217 -14.10 21.97 -25.77
C PHE A 217 -13.06 21.54 -26.80
N LEU A 218 -13.08 22.17 -27.98
CA LEU A 218 -12.09 21.83 -29.01
C LEU A 218 -10.69 22.17 -28.59
N THR A 219 -10.50 23.30 -27.91
CA THR A 219 -9.15 23.69 -27.52
C THR A 219 -8.63 22.79 -26.41
N ALA A 220 -9.50 22.40 -25.47
CA ALA A 220 -9.11 21.43 -24.46
C ALA A 220 -8.78 20.08 -25.07
N PHE A 221 -9.56 19.66 -26.08
CA PHE A 221 -9.35 18.35 -26.71
C PHE A 221 -8.05 18.32 -27.50
N GLN A 222 -7.89 19.27 -28.44
CA GLN A 222 -6.68 19.31 -29.25
C GLN A 222 -5.46 19.59 -28.42
N LEU A 223 -5.60 20.37 -27.35
CA LEU A 223 -4.44 20.68 -26.55
C LEU A 223 -4.03 19.50 -25.69
N SER A 224 -5.00 18.72 -25.20
CA SER A 224 -4.68 17.49 -24.50
C SER A 224 -4.03 16.49 -25.44
N TRP A 225 -4.47 16.46 -26.70
CA TRP A 225 -3.83 15.61 -27.69
C TRP A 225 -2.39 16.01 -27.95
N GLU A 226 -2.14 17.31 -28.10
CA GLU A 226 -0.78 17.77 -28.42
C GLU A 226 0.16 17.56 -27.24
N LEU A 227 -0.35 17.76 -26.02
CA LEU A 227 0.48 17.49 -24.85
C LEU A 227 0.74 16.00 -24.68
N GLN A 228 -0.22 15.15 -25.06
CA GLN A 228 0.04 13.72 -25.03
C GLN A 228 1.09 13.32 -26.05
N GLU A 229 1.08 13.96 -27.22
CA GLU A 229 2.12 13.70 -28.20
C GLU A 229 3.49 14.16 -27.72
N LEU A 230 3.56 15.34 -27.12
CA LEU A 230 4.85 15.84 -26.65
C LEU A 230 5.32 15.14 -25.39
N SER A 231 4.45 14.39 -24.73
CA SER A 231 4.91 13.51 -23.65
C SER A 231 5.88 12.47 -24.16
N LYS A 232 5.64 11.96 -25.38
CA LYS A 232 6.48 10.93 -25.95
C LYS A 232 7.58 11.50 -26.83
N VAL A 233 7.28 12.55 -27.60
CA VAL A 233 8.28 13.10 -28.52
C VAL A 233 9.40 13.80 -27.76
N GLU A 234 9.04 14.78 -26.94
CA GLU A 234 10.00 15.31 -25.98
C GLU A 234 10.20 14.24 -24.92
N ASN A 235 11.40 13.68 -24.85
CA ASN A 235 11.59 12.39 -24.19
C ASN A 235 11.55 12.45 -22.67
N GLU A 236 11.70 13.62 -22.07
CA GLU A 236 12.07 13.64 -20.67
C GLU A 236 11.16 14.44 -19.75
N PHE A 237 10.37 15.38 -20.26
CA PHE A 237 9.43 16.06 -19.37
C PHE A 237 8.07 15.39 -19.43
N LYS A 238 8.05 14.07 -19.33
CA LYS A 238 6.80 13.37 -19.59
C LYS A 238 5.86 13.45 -18.40
N ALA A 239 6.41 13.64 -17.20
CA ALA A 239 5.55 13.93 -16.06
C ALA A 239 4.87 15.28 -16.22
N GLU A 240 5.61 16.27 -16.72
CA GLU A 240 5.09 17.62 -16.84
C GLU A 240 4.03 17.70 -17.93
N TYR A 241 4.35 17.20 -19.12
CA TYR A 241 3.38 17.21 -20.22
C TYR A 241 2.20 16.30 -19.93
N GLU A 242 2.45 15.19 -19.24
CA GLU A 242 1.38 14.27 -18.89
C GLU A 242 0.42 14.92 -17.89
N GLU A 243 0.95 15.66 -16.92
CA GLU A 243 0.12 16.34 -15.94
C GLU A 243 -0.68 17.47 -16.57
N LEU A 244 -0.08 18.16 -17.54
CA LEU A 244 -0.81 19.21 -18.24
C LEU A 244 -1.95 18.64 -19.07
N SER A 245 -1.71 17.51 -19.75
CA SER A 245 -2.77 16.88 -20.51
C SER A 245 -3.88 16.35 -19.60
N HIS A 246 -3.50 15.87 -18.42
CA HIS A 246 -4.50 15.40 -17.48
C HIS A 246 -5.35 16.54 -16.95
N GLN A 247 -4.74 17.71 -16.73
CA GLN A 247 -5.52 18.85 -16.26
C GLN A 247 -6.43 19.38 -17.37
N CYS A 248 -5.99 19.28 -18.62
CA CYS A 248 -6.88 19.61 -19.73
C CYS A 248 -8.08 18.67 -19.79
N LYS A 249 -7.86 17.38 -19.51
CA LYS A 249 -8.96 16.44 -19.48
C LYS A 249 -9.92 16.72 -18.33
N HIS A 250 -9.39 17.04 -17.14
CA HIS A 250 -10.25 17.42 -16.01
C HIS A 250 -11.03 18.68 -16.29
N PHE A 251 -10.43 19.66 -16.98
CA PHE A 251 -11.16 20.87 -17.34
C PHE A 251 -12.29 20.57 -18.32
N ALA A 252 -12.02 19.72 -19.30
CA ALA A 252 -13.08 19.35 -20.26
C ALA A 252 -14.19 18.60 -19.57
N LYS A 253 -13.87 17.84 -18.52
CA LYS A 253 -14.92 17.20 -17.73
C LYS A 253 -15.72 18.22 -16.94
N ASP A 254 -15.04 19.17 -16.30
CA ASP A 254 -15.71 20.04 -15.35
C ASP A 254 -16.56 21.08 -16.05
N LEU A 255 -16.28 21.37 -17.32
CA LEU A 255 -17.23 22.16 -18.09
C LEU A 255 -18.53 21.40 -18.30
N LEU A 256 -18.42 20.10 -18.58
CA LEU A 256 -19.62 19.30 -18.86
C LEU A 256 -20.40 19.05 -17.59
N ASP A 257 -19.71 19.06 -16.45
CA ASP A 257 -20.32 18.75 -15.17
C ASP A 257 -21.28 19.84 -14.72
N GLN A 258 -21.22 21.01 -15.35
CA GLN A 258 -22.03 22.14 -14.94
C GLN A 258 -23.37 22.24 -15.66
N THR A 259 -23.70 21.31 -16.54
CA THR A 259 -25.00 21.34 -17.20
C THR A 259 -26.08 20.97 -16.22
N ARG A 260 -27.13 21.80 -16.14
CA ARG A 260 -28.22 21.55 -15.23
C ARG A 260 -29.54 21.27 -15.96
N SER A 261 -29.47 21.03 -17.27
CA SER A 261 -30.64 20.63 -18.04
C SER A 261 -30.21 19.57 -19.03
N SER A 262 -31.03 18.53 -19.18
CA SER A 262 -30.75 17.48 -20.15
C SER A 262 -30.83 17.99 -21.58
N ARG A 263 -31.63 19.03 -21.82
CA ARG A 263 -31.62 19.70 -23.11
C ARG A 263 -30.26 20.31 -23.41
N GLU A 264 -29.65 20.94 -22.39
CA GLU A 264 -28.31 21.48 -22.55
C GLU A 264 -27.29 20.39 -22.84
N LEU A 265 -27.43 19.24 -22.16
CA LEU A 265 -26.51 18.14 -22.38
C LEU A 265 -26.65 17.57 -23.78
N GLU A 266 -27.88 17.53 -24.28
CA GLU A 266 -28.10 17.08 -25.65
C GLU A 266 -27.51 18.06 -26.64
N LEU A 267 -27.64 19.36 -26.37
CA LEU A 267 -27.05 20.35 -27.26
C LEU A 267 -25.53 20.31 -27.22
N ILE A 268 -24.94 19.88 -26.11
CA ILE A 268 -23.49 19.71 -26.07
C ILE A 268 -23.07 18.50 -26.89
N LEU A 269 -23.65 17.35 -26.62
CA LEU A 269 -23.15 16.12 -27.22
C LEU A 269 -23.50 16.01 -28.69
N ASN A 270 -24.74 16.37 -29.06
CA ASN A 270 -25.14 16.37 -30.47
C ASN A 270 -24.73 17.70 -31.10
N PHE A 271 -23.46 17.81 -31.45
CA PHE A 271 -22.98 19.01 -32.11
C PHE A 271 -21.87 18.67 -33.08
N ARG A 272 -21.93 19.28 -34.26
CA ARG A 272 -20.91 19.09 -35.28
C ARG A 272 -19.91 20.23 -35.24
N ASN A 284 -23.86 10.71 -37.61
CA ASN A 284 -24.78 11.84 -37.56
C ASN A 284 -24.86 12.42 -36.16
N GLU A 285 -25.70 11.83 -35.32
CA GLU A 285 -25.84 12.32 -33.96
C GLU A 285 -24.64 11.93 -33.12
N LEU A 286 -24.54 12.57 -31.94
CA LEU A 286 -23.50 12.34 -30.95
C LEU A 286 -22.11 12.63 -31.52
N ALA A 287 -22.04 13.62 -32.41
CA ALA A 287 -20.82 13.88 -33.16
C ALA A 287 -19.72 14.40 -32.26
N ARG A 288 -20.06 15.22 -31.27
CA ARG A 288 -19.06 15.64 -30.31
C ARG A 288 -18.67 14.48 -29.40
N LEU A 289 -19.59 13.57 -29.12
CA LEU A 289 -19.22 12.42 -28.31
C LEU A 289 -18.32 11.48 -29.09
N LYS A 290 -18.56 11.33 -30.40
CA LYS A 290 -17.67 10.53 -31.25
C LYS A 290 -16.29 11.16 -31.32
N LEU A 291 -16.24 12.49 -31.43
CA LEU A 291 -14.96 13.18 -31.44
C LEU A 291 -14.27 13.07 -30.09
N ALA A 292 -15.03 12.97 -29.00
CA ALA A 292 -14.43 12.82 -27.70
C ALA A 292 -13.86 11.42 -27.50
N ILE A 293 -14.53 10.41 -28.05
CA ILE A 293 -13.97 9.06 -28.08
C ILE A 293 -12.71 9.05 -28.92
N LYS A 294 -12.69 9.83 -30.00
CA LYS A 294 -11.55 9.87 -30.90
C LYS A 294 -10.32 10.46 -30.23
N TYR A 295 -10.51 11.44 -29.34
CA TYR A 295 -9.39 12.12 -28.70
C TYR A 295 -9.04 11.57 -27.33
N ARG A 296 -9.50 10.37 -27.00
CA ARG A 296 -9.15 9.63 -25.77
C ARG A 296 -9.50 10.41 -24.51
N GLN A 297 -10.60 11.14 -24.57
CA GLN A 297 -11.05 11.96 -23.44
C GLN A 297 -11.88 11.11 -22.48
N LYS A 298 -11.19 10.20 -21.80
CA LYS A 298 -11.92 9.21 -21.03
C LYS A 298 -12.49 9.77 -19.73
N GLU A 299 -11.93 10.83 -19.17
CA GLU A 299 -12.58 11.45 -18.03
C GLU A 299 -13.81 12.22 -18.45
N PHE A 300 -13.83 12.72 -19.69
CA PHE A 300 -14.97 13.48 -20.19
C PHE A 300 -16.18 12.58 -20.38
N VAL A 301 -15.97 11.36 -20.82
CA VAL A 301 -17.08 10.50 -21.22
C VAL A 301 -17.52 9.60 -20.07
N ALA A 302 -16.70 9.43 -19.05
CA ALA A 302 -17.16 8.80 -17.83
C ALA A 302 -17.84 9.79 -16.88
N GLN A 303 -18.18 10.97 -17.37
CA GLN A 303 -19.05 11.88 -16.64
C GLN A 303 -20.42 11.21 -16.47
N PRO A 304 -21.05 11.34 -15.30
CA PRO A 304 -22.30 10.57 -15.05
C PRO A 304 -23.47 10.92 -15.95
N ASN A 305 -23.70 12.19 -16.24
CA ASN A 305 -24.91 12.55 -16.97
C ASN A 305 -24.80 12.15 -18.43
N CYS A 306 -23.59 12.18 -18.98
CA CYS A 306 -23.33 11.58 -20.28
C CYS A 306 -23.67 10.10 -20.27
N GLN A 307 -23.39 9.41 -19.16
CA GLN A 307 -23.70 8.00 -19.07
C GLN A 307 -25.20 7.76 -18.92
N GLN A 308 -25.92 8.67 -18.27
CA GLN A 308 -27.39 8.56 -18.26
C GLN A 308 -27.97 8.73 -19.65
N LEU A 309 -27.45 9.70 -20.42
CA LEU A 309 -27.98 9.87 -21.77
C LEU A 309 -27.64 8.67 -22.64
N LEU A 310 -26.44 8.12 -22.48
CA LEU A 310 -26.07 6.92 -23.23
C LEU A 310 -26.89 5.72 -22.81
N ALA A 311 -27.19 5.58 -21.53
CA ALA A 311 -27.96 4.42 -21.08
C ALA A 311 -29.42 4.53 -21.49
N SER A 312 -29.97 5.76 -21.50
CA SER A 312 -31.31 5.96 -22.01
C SER A 312 -31.36 5.72 -23.52
N ARG A 313 -30.27 5.99 -24.23
CA ARG A 313 -30.21 5.56 -25.62
C ARG A 313 -30.13 4.05 -25.74
N TRP A 314 -29.34 3.42 -24.87
CA TRP A 314 -28.99 2.01 -24.98
C TRP A 314 -30.16 1.10 -24.66
N TYR A 315 -30.97 1.44 -23.66
CA TYR A 315 -32.01 0.51 -23.25
C TYR A 315 -33.23 0.58 -24.16
N ASP A 316 -33.93 1.72 -24.14
CA ASP A 316 -35.22 1.93 -24.79
C ASP A 316 -36.22 0.84 -24.37
N GLU A 317 -36.62 0.94 -23.10
CA GLU A 317 -37.47 -0.01 -22.37
C GLU A 317 -36.82 -1.39 -22.28
N PHE A 318 -35.73 -1.47 -21.52
CA PHE A 318 -35.35 -2.71 -20.85
C PHE A 318 -36.10 -2.87 -19.52
N PRO A 319 -36.24 -1.82 -18.67
CA PRO A 319 -37.17 -2.12 -17.57
C PRO A 319 -38.62 -1.97 -17.97
N ARG A 324 -35.59 -3.91 -12.50
CA ARG A 324 -36.05 -5.25 -12.13
C ARG A 324 -34.99 -5.99 -11.32
N HIS A 325 -35.04 -7.31 -11.41
CA HIS A 325 -34.16 -8.20 -10.66
C HIS A 325 -33.59 -9.27 -11.60
N TRP A 326 -32.71 -10.11 -11.06
CA TRP A 326 -31.89 -11.00 -11.87
C TRP A 326 -32.71 -12.06 -12.61
N ALA A 327 -33.81 -12.52 -12.00
CA ALA A 327 -34.61 -13.56 -12.63
C ALA A 327 -35.33 -13.04 -13.86
N GLY A 328 -36.04 -11.91 -13.72
CA GLY A 328 -36.75 -11.35 -14.85
C GLY A 328 -35.83 -10.87 -15.96
N LYS A 329 -34.71 -10.24 -15.59
CA LYS A 329 -33.75 -9.76 -16.58
C LYS A 329 -33.11 -10.93 -17.32
N LEU A 330 -32.77 -12.00 -16.60
CA LEU A 330 -32.18 -13.18 -17.23
C LEU A 330 -33.15 -13.86 -18.18
N ILE A 331 -34.40 -14.04 -17.75
CA ILE A 331 -35.38 -14.75 -18.57
C ILE A 331 -35.76 -13.92 -19.79
N THR A 332 -35.83 -12.59 -19.65
CA THR A 332 -36.16 -11.76 -20.81
C THR A 332 -34.99 -11.69 -21.79
N CYS A 333 -33.75 -11.65 -21.29
CA CYS A 333 -32.60 -11.65 -22.19
C CYS A 333 -32.48 -12.96 -22.95
N VAL A 334 -32.67 -14.09 -22.28
CA VAL A 334 -32.58 -15.36 -22.99
C VAL A 334 -33.81 -15.58 -23.86
N PHE A 335 -34.95 -14.96 -23.52
CA PHE A 335 -36.14 -15.06 -24.36
C PHE A 335 -35.95 -14.30 -25.66
N ILE A 336 -35.28 -13.16 -25.60
CA ILE A 336 -34.92 -12.46 -26.82
C ILE A 336 -33.87 -13.25 -27.59
N GLY A 337 -32.90 -13.82 -26.87
CA GLY A 337 -31.80 -14.52 -27.52
C GLY A 337 -32.19 -15.82 -28.19
N LEU A 338 -33.30 -16.43 -27.77
CA LEU A 338 -33.79 -17.61 -28.47
C LEU A 338 -34.52 -17.25 -29.76
N MET A 339 -34.76 -15.97 -30.03
CA MET A 339 -35.56 -15.54 -31.17
C MET A 339 -34.82 -14.59 -32.07
N PHE A 340 -33.49 -14.69 -32.12
CA PHE A 340 -32.76 -13.78 -33.01
C PHE A 340 -32.91 -14.04 -34.50
N PRO A 341 -33.01 -15.28 -35.04
CA PRO A 341 -33.16 -15.38 -36.51
C PRO A 341 -34.55 -14.96 -36.95
N LEU A 342 -35.56 -15.16 -36.10
CA LEU A 342 -36.89 -14.63 -36.37
C LEU A 342 -36.87 -13.12 -36.51
N LEU A 343 -36.23 -12.44 -35.56
CA LEU A 343 -36.16 -10.98 -35.60
C LEU A 343 -35.33 -10.50 -36.77
N SER A 344 -34.26 -11.22 -37.10
CA SER A 344 -33.41 -10.78 -38.20
C SER A 344 -34.09 -10.98 -39.55
N LEU A 345 -34.76 -12.12 -39.75
CA LEU A 345 -35.42 -12.34 -41.02
C LEU A 345 -36.70 -11.53 -41.17
N CYS A 346 -37.36 -11.19 -40.07
CA CYS A 346 -38.48 -10.27 -40.22
C CYS A 346 -38.00 -8.83 -40.35
N TYR A 347 -36.77 -8.55 -39.94
CA TYR A 347 -36.17 -7.27 -40.31
C TYR A 347 -35.83 -7.24 -41.79
N LEU A 348 -35.39 -8.36 -42.34
CA LEU A 348 -35.01 -8.36 -43.74
C LEU A 348 -36.22 -8.35 -44.67
N VAL A 349 -37.27 -9.11 -44.34
CA VAL A 349 -38.44 -9.13 -45.20
C VAL A 349 -39.25 -7.85 -45.04
N ALA A 350 -39.10 -7.15 -43.92
CA ALA A 350 -39.82 -5.90 -43.68
C ALA A 350 -39.02 -5.03 -42.73
N PRO A 351 -38.09 -4.23 -43.26
CA PRO A 351 -37.40 -3.26 -42.40
C PRO A 351 -38.27 -2.04 -42.13
N LYS A 352 -39.33 -2.23 -41.35
CA LYS A 352 -40.25 -1.16 -41.01
C LYS A 352 -40.64 -1.30 -39.55
N SER A 353 -41.68 -0.59 -39.16
CA SER A 353 -42.09 -0.45 -37.77
C SER A 353 -42.86 -1.66 -37.24
N ARG A 354 -42.92 -2.76 -37.97
CA ARG A 354 -43.58 -3.96 -37.48
C ARG A 354 -42.88 -4.52 -36.27
N TYR A 355 -41.69 -5.06 -36.49
CA TYR A 355 -40.89 -5.71 -35.46
C TYR A 355 -39.44 -5.24 -35.46
N GLY A 356 -38.94 -4.73 -36.58
CA GLY A 356 -37.55 -4.33 -36.73
C GLY A 356 -37.13 -3.16 -35.88
N LEU A 357 -38.07 -2.50 -35.21
CA LEU A 357 -37.73 -1.51 -34.19
C LEU A 357 -36.98 -2.16 -33.04
N PHE A 358 -37.22 -3.45 -32.79
CA PHE A 358 -36.42 -4.19 -31.81
C PHE A 358 -34.95 -4.22 -32.22
N ILE A 359 -34.67 -4.57 -33.47
CA ILE A 359 -33.30 -4.63 -33.94
C ILE A 359 -32.71 -3.22 -34.08
N ARG A 360 -33.56 -2.21 -34.28
CA ARG A 360 -33.08 -0.84 -34.22
C ARG A 360 -32.69 -0.43 -32.80
N LYS A 361 -33.32 -1.02 -31.79
CA LYS A 361 -32.90 -0.74 -30.42
C LYS A 361 -31.54 -1.38 -30.15
N PRO A 362 -30.64 -0.67 -29.48
CA PRO A 362 -29.25 -1.14 -29.40
C PRO A 362 -29.06 -2.31 -28.47
N PHE A 363 -29.79 -2.38 -27.37
CA PHE A 363 -29.62 -3.50 -26.44
C PHE A 363 -30.08 -4.81 -27.06
N ILE A 364 -31.17 -4.75 -27.82
CA ILE A 364 -31.72 -5.98 -28.41
C ILE A 364 -30.83 -6.45 -29.55
N LYS A 365 -30.25 -5.53 -30.33
CA LYS A 365 -29.33 -5.99 -31.36
C LYS A 365 -28.01 -6.45 -30.76
N PHE A 366 -27.66 -5.95 -29.58
CA PHE A 366 -26.51 -6.51 -28.88
C PHE A 366 -26.78 -7.94 -28.46
N ILE A 367 -27.98 -8.20 -27.93
CA ILE A 367 -28.35 -9.56 -27.57
C ILE A 367 -28.39 -10.45 -28.80
N CYS A 368 -28.83 -9.92 -29.93
CA CYS A 368 -28.89 -10.74 -31.14
C CYS A 368 -27.52 -11.07 -31.69
N HIS A 369 -26.60 -10.10 -31.71
CA HIS A 369 -25.23 -10.39 -32.12
C HIS A 369 -24.54 -11.34 -31.16
N THR A 370 -24.80 -11.19 -29.86
CA THR A 370 -24.21 -12.07 -28.87
C THR A 370 -24.73 -13.49 -29.03
N ALA A 371 -26.03 -13.64 -29.25
CA ALA A 371 -26.62 -14.95 -29.44
C ALA A 371 -26.14 -15.60 -30.73
N SER A 372 -25.95 -14.81 -31.79
CA SER A 372 -25.46 -15.38 -33.04
C SER A 372 -24.00 -15.79 -32.90
N TYR A 373 -23.21 -15.02 -32.14
CA TYR A 373 -21.81 -15.38 -32.00
C TYR A 373 -21.65 -16.60 -31.12
N LEU A 374 -22.45 -16.72 -30.06
CA LEU A 374 -22.31 -17.91 -29.25
C LEU A 374 -22.99 -19.12 -29.87
N THR A 375 -23.93 -18.96 -30.79
CA THR A 375 -24.38 -20.17 -31.47
C THR A 375 -23.43 -20.55 -32.60
N PHE A 376 -22.65 -19.61 -33.13
CA PHE A 376 -21.49 -19.97 -33.94
C PHE A 376 -20.49 -20.78 -33.12
N LEU A 377 -20.23 -20.36 -31.89
CA LEU A 377 -19.36 -21.15 -31.03
C LEU A 377 -19.98 -22.48 -30.63
N PHE A 378 -21.31 -22.55 -30.50
CA PHE A 378 -21.96 -23.81 -30.14
C PHE A 378 -21.88 -24.81 -31.27
N LEU A 379 -22.08 -24.37 -32.51
CA LEU A 379 -21.90 -25.32 -33.59
C LEU A 379 -20.48 -25.32 -34.13
N LEU A 380 -19.53 -24.71 -33.41
CA LEU A 380 -18.15 -25.16 -33.49
C LEU A 380 -17.84 -26.23 -32.45
N LEU A 381 -18.43 -26.11 -31.25
CA LEU A 381 -18.36 -27.18 -30.26
C LEU A 381 -18.94 -28.46 -30.82
N LEU A 382 -20.02 -28.35 -31.59
CA LEU A 382 -20.66 -29.46 -32.27
C LEU A 382 -19.86 -29.92 -33.48
N ALA A 383 -18.87 -29.16 -33.94
CA ALA A 383 -18.17 -29.45 -35.18
C ALA A 383 -17.07 -30.48 -35.03
N SER A 384 -17.08 -31.27 -33.96
CA SER A 384 -16.10 -32.34 -33.82
C SER A 384 -16.68 -33.62 -33.22
N GLN A 385 -17.98 -33.71 -33.02
CA GLN A 385 -18.56 -34.87 -32.35
C GLN A 385 -18.60 -36.07 -33.28
N HIS A 386 -18.69 -37.25 -32.68
CA HIS A 386 -18.71 -38.49 -33.45
C HIS A 386 -20.07 -38.81 -34.04
N ILE A 387 -21.10 -38.02 -33.70
CA ILE A 387 -22.42 -38.18 -34.29
C ILE A 387 -22.43 -37.87 -35.77
N VAL A 388 -21.71 -36.85 -36.20
CA VAL A 388 -21.80 -36.31 -37.55
C VAL A 388 -21.17 -37.25 -38.56
N ASN A 391 -17.27 -37.35 -40.21
CA ASN A 391 -16.73 -38.10 -41.34
C ASN A 391 -15.60 -39.03 -40.95
N PRO A 392 -15.46 -40.15 -41.66
CA PRO A 392 -14.26 -40.99 -41.50
C PRO A 392 -13.02 -40.37 -42.14
N ASP A 393 -11.93 -41.11 -42.14
CA ASP A 393 -10.61 -40.54 -42.40
C ASP A 393 -10.19 -40.87 -43.84
N ARG A 394 -10.34 -39.89 -44.73
CA ARG A 394 -9.95 -40.05 -46.12
C ARG A 394 -9.33 -38.76 -46.63
N GLN A 395 -8.50 -38.89 -47.66
CA GLN A 395 -7.96 -37.74 -48.35
C GLN A 395 -9.01 -37.21 -49.30
N GLY A 396 -9.32 -35.92 -49.19
CA GLY A 396 -10.45 -35.35 -49.86
C GLY A 396 -11.59 -35.20 -48.87
N PRO A 397 -11.76 -33.98 -48.35
CA PRO A 397 -12.74 -33.76 -47.27
C PRO A 397 -14.19 -33.96 -47.68
N LYS A 398 -14.64 -33.20 -48.70
CA LYS A 398 -16.04 -33.02 -49.06
C LYS A 398 -16.80 -32.60 -47.81
N PRO A 399 -16.69 -31.31 -47.41
CA PRO A 399 -17.07 -30.86 -46.06
C PRO A 399 -18.46 -31.21 -45.56
N THR A 400 -18.61 -31.17 -44.23
CA THR A 400 -19.77 -31.71 -43.55
C THR A 400 -21.00 -30.84 -43.76
N THR A 401 -22.10 -31.25 -43.12
CA THR A 401 -23.24 -30.36 -42.97
C THR A 401 -22.86 -29.19 -42.08
N VAL A 402 -22.02 -29.45 -41.08
CA VAL A 402 -21.67 -28.44 -40.09
C VAL A 402 -20.78 -27.37 -40.71
N GLU A 403 -19.89 -27.76 -41.63
CA GLU A 403 -19.05 -26.77 -42.30
C GLU A 403 -19.87 -25.89 -43.24
N TRP A 404 -20.85 -26.48 -43.91
CA TRP A 404 -21.79 -25.68 -44.69
C TRP A 404 -22.68 -24.82 -43.82
N MET A 405 -22.84 -25.12 -42.54
CA MET A 405 -23.48 -24.16 -41.65
C MET A 405 -22.51 -23.11 -41.14
N ILE A 406 -21.23 -23.47 -40.96
CA ILE A 406 -20.18 -22.55 -40.52
C ILE A 406 -20.00 -21.43 -41.54
N LEU A 407 -20.00 -21.77 -42.83
CA LEU A 407 -19.59 -20.83 -43.87
C LEU A 407 -20.42 -19.54 -43.97
N PRO A 408 -21.75 -19.51 -43.80
CA PRO A 408 -22.43 -18.22 -43.72
C PRO A 408 -22.35 -17.52 -42.37
N TRP A 409 -21.53 -17.98 -41.42
CA TRP A 409 -21.07 -17.09 -40.36
C TRP A 409 -19.71 -16.48 -40.67
N VAL A 410 -18.78 -17.29 -41.18
CA VAL A 410 -17.44 -16.81 -41.48
C VAL A 410 -17.47 -15.76 -42.57
N LEU A 411 -18.33 -15.94 -43.57
CA LEU A 411 -18.45 -14.92 -44.60
C LEU A 411 -19.08 -13.64 -44.06
N GLY A 412 -19.95 -13.75 -43.05
CA GLY A 412 -20.45 -12.57 -42.39
C GLY A 412 -19.35 -11.83 -41.64
N PHE A 413 -18.42 -12.58 -41.05
CA PHE A 413 -17.29 -11.91 -40.39
C PHE A 413 -16.35 -11.29 -41.41
N ILE A 414 -16.21 -11.92 -42.58
CA ILE A 414 -15.39 -11.35 -43.65
C ILE A 414 -15.97 -10.03 -44.12
N TRP A 415 -17.28 -10.00 -44.38
CA TRP A 415 -17.93 -8.77 -44.83
C TRP A 415 -17.89 -7.69 -43.76
N THR A 416 -18.12 -8.07 -42.50
CA THR A 416 -18.05 -7.15 -41.38
C THR A 416 -16.68 -6.55 -41.18
N GLU A 417 -15.63 -7.36 -41.29
CA GLU A 417 -14.27 -6.86 -41.15
C GLU A 417 -13.87 -5.96 -42.31
N ILE A 418 -14.24 -6.34 -43.54
CA ILE A 418 -13.95 -5.51 -44.71
C ILE A 418 -14.66 -4.17 -44.62
N LYS A 419 -15.88 -4.16 -44.09
CA LYS A 419 -16.61 -2.89 -43.95
C LYS A 419 -15.98 -1.99 -42.91
N GLN A 420 -15.64 -2.53 -41.73
CA GLN A 420 -15.11 -1.68 -40.67
C GLN A 420 -13.64 -1.34 -40.91
N MET A 421 -12.99 -2.06 -41.82
CA MET A 421 -11.62 -1.71 -42.19
C MET A 421 -11.62 -0.69 -43.33
N TRP A 422 -12.64 -0.76 -44.18
CA TRP A 422 -12.75 0.19 -45.28
C TRP A 422 -13.12 1.58 -44.79
N ASP A 423 -14.05 1.66 -43.83
CA ASP A 423 -14.54 2.92 -43.31
C ASP A 423 -13.74 3.40 -42.11
N GLY A 424 -12.54 2.89 -41.93
CA GLY A 424 -11.63 3.36 -40.90
C GLY A 424 -10.30 3.73 -41.51
N GLY A 425 -10.09 3.33 -42.76
CA GLY A 425 -8.92 3.65 -43.55
C GLY A 425 -7.62 3.16 -42.95
N PHE A 426 -7.67 1.98 -42.29
CA PHE A 426 -6.60 1.25 -41.61
C PHE A 426 -5.86 2.04 -40.53
N GLN A 427 -6.35 3.24 -40.20
CA GLN A 427 -5.72 4.08 -39.20
C GLN A 427 -6.67 4.28 -38.04
N ASP A 428 -6.17 3.98 -36.83
CA ASP A 428 -6.90 3.71 -35.59
C ASP A 428 -7.83 2.50 -35.76
N TYR A 429 -7.57 1.69 -36.78
CA TYR A 429 -8.17 0.40 -36.99
C TYR A 429 -7.26 -0.69 -36.45
N ILE A 430 -6.06 -0.78 -37.03
CA ILE A 430 -5.05 -1.78 -36.69
C ILE A 430 -4.48 -1.43 -35.32
N HIS A 431 -4.63 -0.17 -34.91
CA HIS A 431 -4.27 0.30 -33.60
C HIS A 431 -5.20 -0.22 -32.51
N ASP A 432 -6.36 -0.75 -32.89
CA ASP A 432 -7.19 -1.53 -31.97
C ASP A 432 -6.71 -2.97 -32.02
N TRP A 433 -6.55 -3.58 -30.84
CA TRP A 433 -6.04 -4.95 -30.76
C TRP A 433 -7.06 -5.97 -31.24
N TRP A 434 -8.35 -5.64 -31.09
CA TRP A 434 -9.38 -6.58 -31.48
C TRP A 434 -9.50 -6.68 -32.99
N ASN A 435 -9.12 -5.63 -33.72
CA ASN A 435 -9.06 -5.76 -35.16
C ASN A 435 -7.93 -6.67 -35.60
N LEU A 436 -6.81 -6.66 -34.86
CA LEU A 436 -5.74 -7.63 -35.12
C LEU A 436 -6.20 -9.04 -34.83
N MET A 437 -6.99 -9.23 -33.77
CA MET A 437 -7.47 -10.56 -33.47
C MET A 437 -8.50 -11.03 -34.49
N ASP A 438 -9.37 -10.14 -34.97
CA ASP A 438 -10.26 -10.45 -36.08
C ASP A 438 -9.49 -10.76 -37.35
N PHE A 439 -8.38 -10.06 -37.56
CA PHE A 439 -7.60 -10.24 -38.78
C PHE A 439 -6.92 -11.60 -38.80
N VAL A 440 -6.32 -12.00 -37.68
CA VAL A 440 -5.70 -13.32 -37.65
C VAL A 440 -6.76 -14.42 -37.66
N MET A 441 -7.92 -14.19 -37.06
CA MET A 441 -9.01 -15.16 -37.07
C MET A 441 -9.54 -15.40 -38.48
N ASN A 442 -9.83 -14.32 -39.20
CA ASN A 442 -10.36 -14.45 -40.54
C ASN A 442 -9.30 -14.90 -41.54
N SER A 443 -8.03 -14.58 -41.29
CA SER A 443 -6.98 -15.09 -42.14
C SER A 443 -6.84 -16.59 -42.01
N LEU A 444 -6.90 -17.09 -40.78
CA LEU A 444 -6.86 -18.54 -40.58
C LEU A 444 -8.10 -19.22 -41.14
N TYR A 445 -9.25 -18.56 -41.09
CA TYR A 445 -10.44 -19.12 -41.71
C TYR A 445 -10.33 -19.20 -43.23
N LEU A 446 -9.82 -18.14 -43.87
CA LEU A 446 -9.64 -18.17 -45.31
C LEU A 446 -8.59 -19.18 -45.73
N ALA A 447 -7.54 -19.34 -44.92
CA ALA A 447 -6.57 -20.38 -45.20
C ALA A 447 -7.16 -21.76 -45.04
N THR A 448 -8.07 -21.93 -44.08
CA THR A 448 -8.74 -23.22 -43.91
C THR A 448 -9.63 -23.54 -45.10
N ILE A 449 -10.39 -22.54 -45.57
CA ILE A 449 -11.25 -22.73 -46.73
C ILE A 449 -10.43 -23.07 -47.96
N SER A 450 -9.33 -22.34 -48.18
CA SER A 450 -8.49 -22.56 -49.35
C SER A 450 -7.80 -23.92 -49.29
N LEU A 451 -7.34 -24.33 -48.11
CA LEU A 451 -6.69 -25.62 -48.00
C LEU A 451 -7.67 -26.77 -48.13
N LYS A 452 -8.92 -26.58 -47.70
CA LYS A 452 -9.90 -27.63 -47.94
C LYS A 452 -10.30 -27.68 -49.40
N ILE A 453 -10.24 -26.55 -50.11
CA ILE A 453 -10.46 -26.58 -51.56
C ILE A 453 -9.32 -27.33 -52.25
N VAL A 454 -8.08 -27.09 -51.82
CA VAL A 454 -6.93 -27.78 -52.40
C VAL A 454 -7.00 -29.28 -52.10
N ALA A 455 -7.38 -29.65 -50.89
CA ALA A 455 -7.47 -31.06 -50.55
C ALA A 455 -8.70 -31.72 -51.16
N TYR A 456 -9.72 -30.94 -51.53
CA TYR A 456 -10.92 -31.53 -52.12
C TYR A 456 -10.64 -32.04 -53.52
N VAL A 457 -9.87 -31.28 -54.31
CA VAL A 457 -9.39 -31.79 -55.58
C VAL A 457 -8.16 -32.63 -55.29
N LYS A 458 -7.72 -33.40 -56.29
CA LYS A 458 -6.50 -34.20 -56.44
C LYS A 458 -6.35 -35.35 -55.45
N TYR A 459 -7.28 -35.52 -54.50
CA TYR A 459 -7.14 -36.49 -53.40
C TYR A 459 -8.46 -37.24 -53.27
N SER A 460 -8.47 -38.50 -53.68
CA SER A 460 -9.65 -39.33 -53.45
C SER A 460 -9.28 -40.77 -53.12
N GLY A 461 -8.09 -40.99 -52.56
CA GLY A 461 -7.60 -42.34 -52.37
C GLY A 461 -8.25 -43.11 -51.24
N CYS A 462 -8.77 -42.39 -50.23
CA CYS A 462 -9.35 -42.96 -49.00
C CYS A 462 -8.36 -43.85 -48.26
N LYS A 463 -7.07 -43.53 -48.36
CA LYS A 463 -6.06 -44.28 -47.66
C LYS A 463 -6.08 -43.90 -46.18
N PRO A 464 -5.69 -44.82 -45.28
CA PRO A 464 -5.85 -44.56 -43.85
C PRO A 464 -4.93 -43.47 -43.35
N ARG A 465 -5.43 -42.73 -42.36
CA ARG A 465 -4.80 -41.49 -41.91
C ARG A 465 -3.44 -41.73 -41.29
N ASP A 466 -3.26 -42.89 -40.65
CA ASP A 466 -1.96 -43.25 -40.09
C ASP A 466 -0.90 -43.43 -41.16
N THR A 467 -1.30 -43.73 -42.39
CA THR A 467 -0.37 -43.87 -43.50
C THR A 467 -0.19 -42.58 -44.27
N TRP A 468 -0.69 -41.45 -43.78
CA TRP A 468 -0.54 -40.23 -44.56
C TRP A 468 0.86 -39.66 -44.37
N GLU A 469 1.14 -38.63 -45.17
CA GLU A 469 2.39 -37.93 -45.04
C GLU A 469 2.30 -36.88 -43.95
N MET A 470 3.44 -36.30 -43.62
CA MET A 470 3.50 -35.07 -42.84
C MET A 470 3.37 -33.97 -43.88
N TRP A 471 2.80 -32.83 -43.47
CA TRP A 471 2.51 -31.66 -44.30
C TRP A 471 1.56 -32.00 -45.45
N HIS A 472 0.67 -32.96 -45.22
CA HIS A 472 -0.44 -33.22 -46.11
C HIS A 472 -1.42 -32.06 -45.98
N PRO A 473 -2.08 -31.64 -47.06
CA PRO A 473 -2.94 -30.45 -46.98
C PRO A 473 -4.15 -30.59 -46.08
N THR A 474 -4.70 -31.79 -45.95
CA THR A 474 -5.86 -31.98 -45.07
C THR A 474 -5.47 -31.79 -43.61
N LEU A 475 -4.31 -32.31 -43.23
CA LEU A 475 -3.87 -32.21 -41.83
C LEU A 475 -3.54 -30.77 -41.47
N VAL A 476 -2.88 -30.05 -42.39
CA VAL A 476 -2.57 -28.65 -42.16
C VAL A 476 -3.85 -27.83 -42.15
N ALA A 477 -4.84 -28.22 -42.94
CA ALA A 477 -6.14 -27.54 -42.92
C ALA A 477 -6.84 -27.72 -41.58
N GLU A 478 -6.78 -28.92 -41.02
CA GLU A 478 -7.45 -29.15 -39.74
C GLU A 478 -6.70 -28.47 -38.61
N ALA A 479 -5.37 -28.40 -38.70
CA ALA A 479 -4.61 -27.69 -37.69
C ALA A 479 -4.88 -26.19 -37.73
N VAL A 480 -4.93 -25.62 -38.93
CA VAL A 480 -5.25 -24.19 -39.05
C VAL A 480 -6.68 -23.92 -38.64
N PHE A 481 -7.59 -24.89 -38.81
CA PHE A 481 -8.95 -24.72 -38.35
C PHE A 481 -9.03 -24.70 -36.82
N ALA A 482 -8.19 -25.51 -36.16
CA ALA A 482 -8.16 -25.47 -34.70
C ALA A 482 -7.52 -24.19 -34.18
N ILE A 483 -6.42 -23.75 -34.81
CA ILE A 483 -5.81 -22.47 -34.44
C ILE A 483 -6.73 -21.30 -34.76
N ALA A 484 -7.68 -21.51 -35.68
CA ALA A 484 -8.65 -20.47 -35.96
C ALA A 484 -9.73 -20.41 -34.88
N ASN A 485 -10.30 -21.57 -34.53
CA ASN A 485 -11.43 -21.47 -33.65
C ASN A 485 -11.05 -21.36 -32.18
N ILE A 486 -9.77 -21.56 -31.81
CA ILE A 486 -9.34 -21.10 -30.49
C ILE A 486 -9.45 -19.57 -30.38
N PHE A 487 -9.09 -18.84 -31.44
CA PHE A 487 -9.22 -17.40 -31.41
C PHE A 487 -10.69 -16.97 -31.49
N SER A 488 -11.48 -17.68 -32.29
CA SER A 488 -12.88 -17.28 -32.45
C SER A 488 -13.67 -17.55 -31.18
N SER A 489 -13.34 -18.63 -30.47
CA SER A 489 -13.94 -18.84 -29.17
C SER A 489 -13.34 -17.94 -28.12
N LEU A 490 -12.11 -17.45 -28.33
CA LEU A 490 -11.47 -16.68 -27.29
C LEU A 490 -11.93 -15.24 -27.28
N ARG A 491 -12.24 -14.65 -28.43
CA ARG A 491 -12.64 -13.25 -28.41
C ARG A 491 -14.11 -13.03 -28.06
N LEU A 492 -14.74 -14.03 -27.44
CA LEU A 492 -15.90 -13.83 -26.60
C LEU A 492 -15.53 -13.16 -25.28
N ILE A 493 -14.24 -13.02 -24.99
CA ILE A 493 -13.75 -12.27 -23.84
C ILE A 493 -14.00 -10.78 -24.01
N SER A 494 -14.20 -10.30 -25.23
CA SER A 494 -14.35 -8.88 -25.51
C SER A 494 -15.78 -8.40 -25.35
N LEU A 495 -16.68 -9.26 -24.90
CA LEU A 495 -18.00 -8.83 -24.49
C LEU A 495 -18.06 -8.52 -23.01
N PHE A 496 -16.92 -8.49 -22.33
CA PHE A 496 -16.93 -8.23 -20.91
C PHE A 496 -16.93 -6.75 -20.56
N THR A 497 -16.90 -5.87 -21.55
CA THR A 497 -17.20 -4.46 -21.30
C THR A 497 -18.68 -4.20 -21.52
N ALA A 498 -19.51 -5.04 -20.94
CA ALA A 498 -20.94 -4.80 -20.87
C ALA A 498 -21.51 -5.14 -19.51
N ASN A 499 -20.87 -6.02 -18.76
CA ASN A 499 -21.31 -6.36 -17.42
C ASN A 499 -20.67 -5.39 -16.44
N SER A 500 -21.40 -5.09 -15.37
CA SER A 500 -20.87 -4.19 -14.36
C SER A 500 -19.83 -4.90 -13.50
N HIS A 501 -19.92 -6.21 -13.36
CA HIS A 501 -19.03 -6.94 -12.48
C HIS A 501 -17.76 -7.40 -13.17
N LEU A 502 -17.85 -7.76 -14.45
CA LEU A 502 -16.70 -8.33 -15.14
C LEU A 502 -15.87 -7.31 -15.89
N GLY A 503 -16.34 -6.08 -15.98
CA GLY A 503 -15.67 -5.02 -16.70
C GLY A 503 -14.29 -4.63 -16.21
N PRO A 504 -14.19 -4.07 -14.99
CA PRO A 504 -12.90 -3.57 -14.53
C PRO A 504 -11.86 -4.65 -14.35
N LEU A 505 -12.31 -5.88 -14.14
CA LEU A 505 -11.38 -6.98 -13.98
C LEU A 505 -10.71 -7.31 -15.30
N GLN A 506 -11.47 -7.27 -16.40
CA GLN A 506 -10.81 -7.53 -17.67
C GLN A 506 -10.06 -6.30 -18.18
N ILE A 507 -10.41 -5.11 -17.69
CA ILE A 507 -9.55 -3.95 -17.92
C ILE A 507 -8.18 -4.16 -17.26
N SER A 508 -8.19 -4.70 -16.04
CA SER A 508 -6.95 -5.00 -15.35
C SER A 508 -6.15 -6.08 -16.05
N LEU A 509 -6.85 -7.10 -16.58
CA LEU A 509 -6.26 -8.07 -17.51
C LEU A 509 -5.52 -7.38 -18.65
N GLY A 510 -6.24 -6.57 -19.42
CA GLY A 510 -5.67 -5.92 -20.58
C GLY A 510 -4.58 -4.92 -20.28
N ARG A 511 -4.47 -4.47 -19.03
CA ARG A 511 -3.38 -3.56 -18.73
C ARG A 511 -2.17 -4.26 -18.12
N MET A 512 -2.36 -5.32 -17.32
CA MET A 512 -1.18 -6.01 -16.81
C MET A 512 -0.55 -6.95 -17.82
N LEU A 513 -1.23 -7.23 -18.94
CA LEU A 513 -0.55 -7.87 -20.06
C LEU A 513 0.62 -7.04 -20.58
N LEU A 514 0.57 -5.72 -20.41
CA LEU A 514 1.65 -4.85 -20.86
C LEU A 514 2.89 -4.89 -19.98
N ASP A 515 2.88 -5.65 -18.89
CA ASP A 515 4.09 -5.94 -18.14
C ASP A 515 4.46 -7.41 -18.17
N ILE A 516 3.47 -8.29 -18.35
CA ILE A 516 3.78 -9.66 -18.73
C ILE A 516 4.55 -9.69 -20.04
N LEU A 517 4.24 -8.78 -20.96
CA LEU A 517 5.00 -8.63 -22.19
C LEU A 517 6.34 -7.93 -22.02
N LYS A 518 6.79 -7.65 -20.81
CA LYS A 518 8.17 -7.26 -20.57
C LYS A 518 8.95 -8.37 -19.92
N PHE A 519 8.30 -9.10 -19.02
CA PHE A 519 8.91 -10.34 -18.54
C PHE A 519 9.04 -11.38 -19.62
N LEU A 520 8.23 -11.35 -20.67
CA LEU A 520 8.47 -12.23 -21.80
C LEU A 520 9.46 -11.65 -22.80
N PHE A 521 10.18 -10.60 -22.44
CA PHE A 521 11.42 -10.23 -23.11
C PHE A 521 12.64 -10.53 -22.27
N ILE A 522 12.51 -10.50 -20.94
CA ILE A 522 13.62 -10.94 -20.10
C ILE A 522 13.73 -12.46 -20.09
N TYR A 523 12.59 -13.13 -19.89
CA TYR A 523 12.55 -14.57 -19.74
C TYR A 523 12.97 -15.28 -21.01
N CYS A 524 12.70 -14.71 -22.18
CA CYS A 524 13.10 -15.35 -23.41
C CYS A 524 14.60 -15.32 -23.61
N LEU A 525 15.29 -14.29 -23.16
CA LEU A 525 16.74 -14.36 -23.34
C LEU A 525 17.40 -15.16 -22.23
N VAL A 526 16.79 -15.24 -21.05
CA VAL A 526 17.23 -16.23 -20.06
C VAL A 526 17.10 -17.64 -20.62
N LEU A 527 16.00 -17.88 -21.34
CA LEU A 527 15.75 -19.15 -22.00
C LEU A 527 16.80 -19.45 -23.06
N LEU A 528 17.09 -18.49 -23.93
CA LEU A 528 18.09 -18.70 -24.96
C LEU A 528 19.49 -18.84 -24.40
N ALA A 529 19.77 -18.19 -23.28
CA ALA A 529 21.06 -18.38 -22.63
C ALA A 529 21.22 -19.82 -22.14
N PHE A 530 20.23 -20.33 -21.43
CA PHE A 530 20.37 -21.70 -20.93
C PHE A 530 20.23 -22.74 -22.04
N ALA A 531 19.59 -22.38 -23.14
CA ALA A 531 19.60 -23.28 -24.29
C ALA A 531 20.97 -23.35 -24.93
N ASN A 532 21.64 -22.20 -25.09
CA ASN A 532 23.02 -22.16 -25.56
C ASN A 532 23.95 -22.95 -24.67
N GLY A 533 23.69 -22.96 -23.37
CA GLY A 533 24.50 -23.79 -22.49
C GLY A 533 24.23 -25.26 -22.67
N LEU A 534 22.95 -25.65 -22.66
CA LEU A 534 22.63 -27.06 -22.55
C LEU A 534 22.85 -27.82 -23.85
N ASN A 535 22.51 -27.22 -25.00
CA ASN A 535 22.75 -27.98 -26.22
C ASN A 535 24.23 -28.09 -26.52
N GLN A 536 25.00 -27.09 -26.13
CA GLN A 536 26.45 -27.18 -26.25
C GLN A 536 27.00 -28.27 -25.34
N LEU A 537 26.38 -28.47 -24.19
CA LEU A 537 26.89 -29.52 -23.32
C LEU A 537 26.48 -30.91 -23.77
N TYR A 538 25.33 -31.07 -24.44
CA TYR A 538 24.83 -32.41 -24.71
C TYR A 538 24.73 -32.82 -26.17
N PHE A 539 25.20 -32.02 -27.13
CA PHE A 539 24.93 -32.36 -28.53
C PHE A 539 25.76 -33.52 -29.05
N TYR A 540 26.79 -33.91 -28.31
CA TYR A 540 27.55 -35.11 -28.64
C TYR A 540 26.86 -36.39 -28.20
N TYR A 541 25.70 -36.28 -27.58
CA TYR A 541 24.97 -37.40 -27.00
C TYR A 541 23.65 -37.48 -27.77
N GLU A 542 23.68 -38.15 -28.90
CA GLU A 542 22.62 -38.10 -29.90
C GLU A 542 21.87 -39.41 -29.97
N ASN A 543 21.68 -40.06 -28.82
CA ASN A 543 21.19 -41.43 -28.73
C ASN A 543 19.82 -41.63 -29.37
N SER A 544 19.81 -42.27 -30.54
CA SER A 544 18.58 -42.53 -31.25
C SER A 544 18.54 -43.89 -31.93
N GLU A 545 19.54 -44.74 -31.69
CA GLU A 545 19.45 -46.11 -32.20
C GLU A 545 18.40 -46.87 -31.40
N GLY A 546 17.62 -47.68 -32.12
CA GLY A 546 16.34 -48.08 -31.59
C GLY A 546 15.40 -46.90 -31.68
N MET A 547 14.70 -46.63 -30.57
CA MET A 547 13.90 -45.41 -30.37
C MET A 547 12.85 -45.23 -31.46
N THR A 548 11.88 -46.14 -31.42
CA THR A 548 10.65 -45.98 -32.20
C THR A 548 9.98 -44.63 -31.93
N CYS A 549 10.03 -44.18 -30.69
CA CYS A 549 9.55 -42.87 -30.29
C CYS A 549 10.74 -41.99 -29.92
N LYS A 550 10.74 -40.75 -30.40
CA LYS A 550 11.85 -39.85 -30.18
C LYS A 550 11.41 -38.64 -29.38
N GLY A 551 12.35 -37.75 -29.12
CA GLY A 551 12.04 -36.44 -28.60
C GLY A 551 11.74 -36.35 -27.11
N ILE A 552 10.83 -35.46 -26.76
CA ILE A 552 10.56 -35.16 -25.36
C ILE A 552 9.05 -35.17 -25.12
N ARG A 553 8.28 -35.21 -26.20
CA ARG A 553 6.87 -35.54 -26.08
C ARG A 553 6.64 -37.03 -25.95
N CYS A 554 7.67 -37.81 -25.75
CA CYS A 554 7.54 -39.25 -25.77
C CYS A 554 7.10 -39.76 -24.40
N GLU A 555 6.71 -41.04 -24.37
CA GLU A 555 6.29 -41.65 -23.12
C GLU A 555 7.47 -41.84 -22.18
N ARG A 556 8.62 -42.22 -22.73
CA ARG A 556 9.88 -42.20 -22.03
C ARG A 556 10.68 -41.02 -22.53
N GLN A 557 11.19 -40.21 -21.60
CA GLN A 557 11.87 -38.98 -21.94
C GLN A 557 13.20 -39.32 -22.59
N ASN A 558 13.26 -39.20 -23.91
CA ASN A 558 14.45 -39.51 -24.68
C ASN A 558 15.46 -38.38 -24.61
N ASN A 559 16.38 -38.34 -25.57
CA ASN A 559 17.43 -37.33 -25.57
C ASN A 559 16.87 -35.92 -25.70
N ALA A 560 16.82 -35.23 -24.58
CA ALA A 560 16.11 -33.97 -24.51
C ALA A 560 16.94 -32.84 -25.08
N PHE A 561 18.17 -32.70 -24.61
CA PHE A 561 18.98 -31.55 -24.97
C PHE A 561 19.87 -31.84 -26.16
N SER A 562 19.33 -32.38 -27.25
CA SER A 562 20.21 -32.73 -28.36
C SER A 562 20.31 -31.60 -29.37
N THR A 563 19.20 -31.23 -29.97
CA THR A 563 19.19 -30.07 -30.83
C THR A 563 18.74 -28.86 -30.03
N LEU A 564 18.95 -27.67 -30.61
CA LEU A 564 18.58 -26.44 -29.92
C LEU A 564 17.08 -26.32 -29.80
N PHE A 565 16.34 -26.86 -30.77
CA PHE A 565 14.90 -26.79 -30.75
C PHE A 565 14.32 -27.62 -29.62
N GLU A 566 14.75 -28.88 -29.49
CA GLU A 566 14.29 -29.70 -28.37
C GLU A 566 14.80 -29.16 -27.05
N THR A 567 15.92 -28.45 -27.06
CA THR A 567 16.45 -27.84 -25.85
C THR A 567 15.54 -26.72 -25.36
N LEU A 568 15.15 -25.83 -26.27
CA LEU A 568 14.21 -24.75 -25.99
C LEU A 568 12.89 -25.31 -25.52
N GLN A 569 12.46 -26.38 -26.17
CA GLN A 569 11.21 -27.02 -25.83
C GLN A 569 11.27 -27.63 -24.43
N SER A 570 12.41 -28.25 -24.09
CA SER A 570 12.61 -28.84 -22.78
C SER A 570 12.60 -27.78 -21.69
N LEU A 571 13.33 -26.70 -21.91
CA LEU A 571 13.39 -25.67 -20.90
C LEU A 571 12.09 -24.89 -20.80
N PHE A 572 11.27 -24.86 -21.85
CA PHE A 572 9.93 -24.32 -21.69
C PHE A 572 9.09 -25.22 -20.82
N TRP A 573 9.11 -26.52 -21.08
CA TRP A 573 8.25 -27.41 -20.31
C TRP A 573 8.75 -27.68 -18.91
N SER A 574 9.99 -27.33 -18.59
CA SER A 574 10.47 -27.60 -17.24
C SER A 574 9.90 -26.67 -16.19
N ILE A 575 9.22 -25.59 -16.57
CA ILE A 575 8.67 -24.68 -15.58
C ILE A 575 7.29 -25.11 -15.13
N PHE A 576 6.79 -26.21 -15.69
CA PHE A 576 5.49 -26.75 -15.36
C PHE A 576 5.60 -28.08 -14.65
N GLY A 577 6.81 -28.50 -14.33
CA GLY A 577 7.03 -29.77 -13.67
C GLY A 577 6.79 -30.95 -14.57
N LEU A 578 7.19 -30.86 -15.82
CA LEU A 578 6.92 -31.93 -16.78
C LEU A 578 8.17 -32.54 -17.38
N ILE A 579 9.36 -32.10 -16.96
CA ILE A 579 10.61 -32.68 -17.44
C ILE A 579 11.24 -33.39 -16.25
N SER A 580 11.30 -34.72 -16.33
CA SER A 580 11.36 -35.55 -15.14
C SER A 580 12.76 -36.03 -14.79
N LEU A 581 13.77 -35.20 -15.04
CA LEU A 581 15.06 -35.20 -14.35
C LEU A 581 15.96 -36.39 -14.71
N TYR A 582 15.45 -37.39 -15.41
CA TYR A 582 16.35 -38.37 -15.98
C TYR A 582 16.72 -38.03 -17.39
N VAL A 583 16.36 -36.84 -17.86
CA VAL A 583 16.83 -36.39 -19.15
C VAL A 583 18.31 -36.02 -19.07
N THR A 584 18.83 -35.75 -17.88
CA THR A 584 20.20 -35.29 -17.74
C THR A 584 21.20 -36.41 -17.75
N ASN A 585 20.76 -37.66 -17.59
CA ASN A 585 21.66 -38.77 -17.78
C ASN A 585 21.92 -39.02 -19.26
N VAL A 586 23.08 -39.58 -19.54
CA VAL A 586 23.41 -40.12 -20.84
C VAL A 586 23.96 -41.52 -20.60
N LYS A 587 23.88 -42.37 -21.62
CA LYS A 587 24.40 -43.73 -21.45
C LYS A 587 25.92 -43.67 -21.57
N ALA A 588 26.55 -43.32 -20.45
CA ALA A 588 27.98 -43.26 -20.31
C ALA A 588 28.29 -43.38 -18.83
N ASP A 589 29.52 -43.07 -18.46
CA ASP A 589 29.87 -42.90 -17.06
C ASP A 589 30.50 -41.53 -16.89
N HIS A 590 29.93 -40.55 -17.57
CA HIS A 590 30.49 -39.21 -17.61
C HIS A 590 29.82 -38.36 -16.53
N LYS A 591 30.06 -38.75 -15.29
CA LYS A 591 29.32 -38.17 -14.17
C LYS A 591 29.65 -36.71 -13.94
N PHE A 592 30.80 -36.23 -14.43
CA PHE A 592 31.07 -34.80 -14.34
C PHE A 592 30.19 -34.01 -15.30
N THR A 593 30.10 -34.44 -16.55
CA THR A 593 29.25 -33.72 -17.50
C THR A 593 27.78 -33.88 -17.16
N GLU A 594 27.40 -35.05 -16.66
CA GLU A 594 26.03 -35.24 -16.19
C GLU A 594 25.74 -34.34 -15.00
N PHE A 595 26.72 -34.15 -14.12
CA PHE A 595 26.49 -33.30 -12.96
C PHE A 595 26.43 -31.83 -13.35
N VAL A 596 27.24 -31.43 -14.32
CA VAL A 596 27.19 -30.04 -14.76
C VAL A 596 25.90 -29.79 -15.54
N GLY A 597 25.40 -30.79 -16.27
CA GLY A 597 24.12 -30.65 -16.92
C GLY A 597 22.98 -30.52 -15.93
N ALA A 598 22.99 -31.33 -14.87
CA ALA A 598 21.98 -31.19 -13.83
C ALA A 598 22.14 -29.88 -13.07
N THR A 599 23.37 -29.39 -12.92
CA THR A 599 23.60 -28.16 -12.17
C THR A 599 23.11 -26.95 -12.94
N MET A 600 23.41 -26.88 -14.23
CA MET A 600 22.94 -25.75 -15.00
C MET A 600 21.51 -25.94 -15.49
N PHE A 601 20.90 -27.09 -15.24
CA PHE A 601 19.46 -27.20 -15.37
C PHE A 601 18.75 -26.76 -14.09
N GLY A 602 19.34 -27.04 -12.94
CA GLY A 602 18.79 -26.56 -11.69
C GLY A 602 18.91 -25.06 -11.54
N THR A 603 19.98 -24.49 -12.10
CA THR A 603 20.12 -23.04 -12.10
C THR A 603 19.00 -22.39 -12.90
N TYR A 604 18.65 -22.98 -14.04
CA TYR A 604 17.54 -22.48 -14.82
C TYR A 604 16.23 -22.63 -14.08
N ASN A 605 16.02 -23.77 -13.43
CA ASN A 605 14.79 -23.95 -12.67
C ASN A 605 14.67 -22.96 -11.53
N VAL A 606 15.80 -22.60 -10.90
CA VAL A 606 15.74 -21.61 -9.83
C VAL A 606 15.41 -20.23 -10.40
N ILE A 607 16.16 -19.78 -11.41
CA ILE A 607 15.97 -18.45 -12.00
C ILE A 607 14.58 -18.30 -12.59
N SER A 608 14.04 -19.37 -13.17
CA SER A 608 12.69 -19.29 -13.70
C SER A 608 11.65 -19.33 -12.59
N LEU A 609 11.72 -20.33 -11.71
CA LEU A 609 10.57 -20.63 -10.88
C LEU A 609 10.51 -19.79 -9.63
N VAL A 610 11.63 -19.48 -8.98
CA VAL A 610 11.56 -18.76 -7.72
C VAL A 610 12.11 -17.36 -7.81
N VAL A 611 12.52 -16.90 -8.98
CA VAL A 611 13.03 -15.54 -9.08
C VAL A 611 12.21 -14.75 -10.08
N LEU A 612 12.15 -15.19 -11.33
CA LEU A 612 11.45 -14.41 -12.34
C LEU A 612 9.94 -14.48 -12.18
N LEU A 613 9.41 -15.60 -11.72
CA LEU A 613 7.97 -15.67 -11.47
C LEU A 613 7.56 -14.78 -10.31
N ASN A 614 8.40 -14.70 -9.28
CA ASN A 614 8.06 -13.85 -8.15
C ASN A 614 8.28 -12.38 -8.47
N MET A 615 9.26 -12.07 -9.31
CA MET A 615 9.37 -10.71 -9.81
C MET A 615 8.19 -10.35 -10.68
N LEU A 616 7.66 -11.32 -11.42
CA LEU A 616 6.48 -11.08 -12.24
C LEU A 616 5.28 -10.76 -11.36
N ILE A 617 5.11 -11.47 -10.25
CA ILE A 617 3.94 -11.16 -9.43
C ILE A 617 4.14 -9.87 -8.65
N ALA A 618 5.38 -9.49 -8.33
CA ALA A 618 5.59 -8.21 -7.66
C ALA A 618 5.34 -7.04 -8.60
N MET A 619 5.82 -7.14 -9.84
CA MET A 619 5.58 -6.08 -10.81
C MET A 619 4.10 -5.97 -11.16
N MET A 620 3.40 -7.09 -11.31
CA MET A 620 1.98 -7.03 -11.58
C MET A 620 1.22 -6.47 -10.38
N ASN A 621 1.70 -6.73 -9.18
CA ASN A 621 1.07 -6.23 -7.98
C ASN A 621 1.11 -4.71 -7.91
N ASN A 622 2.31 -4.10 -8.00
CA ASN A 622 2.28 -2.65 -7.89
C ASN A 622 1.75 -1.99 -9.16
N SER A 623 1.89 -2.64 -10.31
CA SER A 623 1.34 -2.09 -11.53
C SER A 623 -0.17 -2.11 -11.50
N TYR A 624 -0.77 -3.00 -10.71
CA TYR A 624 -2.20 -2.89 -10.52
C TYR A 624 -2.54 -1.89 -9.41
N GLN A 625 -1.64 -1.68 -8.44
CA GLN A 625 -1.84 -0.61 -7.47
C GLN A 625 -1.84 0.78 -8.11
N HIS A 626 -1.25 0.94 -9.29
CA HIS A 626 -1.19 2.22 -9.97
C HIS A 626 -2.50 2.58 -10.66
N ILE A 627 -3.39 1.62 -10.88
CA ILE A 627 -4.45 1.79 -11.86
C ILE A 627 -5.83 2.03 -11.24
N ALA A 628 -6.09 1.52 -10.03
CA ALA A 628 -7.42 1.60 -9.43
C ALA A 628 -7.87 3.03 -9.08
N ASP A 629 -7.04 4.05 -9.27
CA ASP A 629 -7.51 5.43 -9.22
C ASP A 629 -8.27 5.80 -10.49
N HIS A 630 -7.95 5.17 -11.61
CA HIS A 630 -8.63 5.39 -12.89
C HIS A 630 -9.12 4.07 -13.46
N ALA A 631 -9.81 3.28 -12.64
CA ALA A 631 -10.33 2.00 -13.09
C ALA A 631 -11.71 2.14 -13.71
N ASP A 632 -12.66 2.70 -12.95
CA ASP A 632 -14.02 2.83 -13.44
C ASP A 632 -14.13 3.81 -14.59
N ILE A 633 -13.21 4.78 -14.65
CA ILE A 633 -13.19 5.72 -15.76
C ILE A 633 -12.88 5.00 -17.06
N GLU A 634 -11.84 4.16 -17.04
CA GLU A 634 -11.47 3.42 -18.24
C GLU A 634 -12.50 2.38 -18.60
N TRP A 635 -13.12 1.77 -17.59
CA TRP A 635 -14.18 0.80 -17.88
C TRP A 635 -15.40 1.46 -18.51
N LYS A 636 -15.79 2.62 -18.02
CA LYS A 636 -16.95 3.27 -18.61
C LYS A 636 -16.63 3.82 -19.99
N PHE A 637 -15.37 4.19 -20.22
CA PHE A 637 -14.95 4.58 -21.56
C PHE A 637 -15.02 3.40 -22.53
N ALA A 638 -14.62 2.21 -22.07
CA ALA A 638 -14.66 1.03 -22.93
C ALA A 638 -16.09 0.61 -23.23
N ARG A 639 -16.95 0.59 -22.21
CA ARG A 639 -18.34 0.21 -22.48
C ARG A 639 -19.07 1.30 -23.24
N THR A 640 -18.58 2.53 -23.17
CA THR A 640 -19.13 3.59 -24.01
C THR A 640 -18.84 3.34 -25.47
N LYS A 641 -17.58 3.07 -25.81
CA LYS A 641 -17.30 2.85 -27.23
C LYS A 641 -17.87 1.54 -27.75
N LEU A 642 -18.07 0.55 -26.87
CA LEU A 642 -18.83 -0.62 -27.28
C LEU A 642 -20.29 -0.27 -27.55
N TRP A 643 -20.88 0.60 -26.74
CA TRP A 643 -22.23 1.06 -27.00
C TRP A 643 -22.32 1.90 -28.26
N MET A 644 -21.29 2.70 -28.53
CA MET A 644 -21.25 3.49 -29.75
C MET A 644 -21.12 2.61 -30.97
N SER A 645 -20.51 1.46 -30.82
CA SER A 645 -20.51 0.47 -31.89
C SER A 645 -21.90 -0.15 -32.15
N TYR A 646 -23.00 0.19 -31.49
CA TYR A 646 -24.30 -0.39 -31.78
C TYR A 646 -25.38 0.67 -31.92
N PHE A 647 -25.04 1.86 -32.39
CA PHE A 647 -26.04 2.92 -32.49
C PHE A 647 -26.48 3.24 -33.91
N GLU A 648 -25.71 2.86 -34.92
CA GLU A 648 -26.09 3.16 -36.29
C GLU A 648 -27.26 2.30 -36.72
N THR A 652 -25.33 1.71 -40.49
CA THR A 652 -26.37 0.91 -39.87
C THR A 652 -26.16 -0.55 -40.21
N LEU A 653 -25.80 -1.36 -39.20
CA LEU A 653 -25.51 -2.78 -39.40
C LEU A 653 -26.39 -3.66 -38.51
N PRO A 654 -27.67 -3.83 -38.83
CA PRO A 654 -28.54 -4.66 -37.98
C PRO A 654 -28.22 -6.15 -38.03
N PRO A 655 -28.14 -6.84 -39.18
CA PRO A 655 -28.13 -8.31 -39.10
C PRO A 655 -26.76 -8.83 -38.68
N PRO A 656 -26.72 -9.75 -37.71
CA PRO A 656 -25.44 -10.31 -37.26
C PRO A 656 -24.75 -11.25 -38.24
N PHE A 657 -25.47 -12.23 -38.79
CA PHE A 657 -24.89 -13.15 -39.76
C PHE A 657 -25.70 -13.22 -41.04
N ASN A 658 -26.85 -12.57 -41.10
CA ASN A 658 -27.76 -12.66 -42.23
C ASN A 658 -27.48 -11.56 -43.25
N ILE A 659 -26.24 -11.47 -43.70
CA ILE A 659 -25.83 -10.42 -44.63
C ILE A 659 -25.95 -10.99 -46.04
N ILE A 660 -27.00 -10.59 -46.74
CA ILE A 660 -27.21 -11.02 -48.11
C ILE A 660 -27.37 -9.81 -49.01
N ALA A 696 -30.09 29.51 -40.78
CA ALA A 696 -30.04 28.20 -41.42
C ALA A 696 -30.16 27.09 -40.39
N GLU A 697 -30.12 25.84 -40.88
CA GLU A 697 -30.29 24.67 -40.03
C GLU A 697 -29.13 24.47 -39.05
N ASN A 698 -27.98 25.07 -39.32
CA ASN A 698 -26.84 25.04 -38.41
C ASN A 698 -26.69 26.34 -37.62
N VAL A 699 -27.18 27.45 -38.16
CA VAL A 699 -27.05 28.75 -37.52
C VAL A 699 -27.88 28.80 -36.23
N ARG A 700 -29.07 28.18 -36.24
CA ARG A 700 -29.82 27.99 -35.01
C ARG A 700 -29.05 27.12 -34.02
N LEU A 701 -28.46 26.03 -34.52
CA LEU A 701 -27.72 25.13 -33.64
C LEU A 701 -26.43 25.75 -33.14
N ASN A 702 -25.72 26.50 -33.99
CA ASN A 702 -24.53 27.20 -33.53
C ASN A 702 -24.89 28.29 -32.55
N HIS A 703 -26.04 28.93 -32.74
CA HIS A 703 -26.52 29.95 -31.82
C HIS A 703 -26.81 29.35 -30.45
N GLN A 704 -27.58 28.26 -30.41
CA GLN A 704 -27.90 27.61 -29.15
C GLN A 704 -26.65 27.05 -28.48
N TYR A 705 -25.69 26.58 -29.29
CA TYR A 705 -24.45 26.06 -28.75
C TYR A 705 -23.62 27.16 -28.13
N GLN A 706 -23.58 28.34 -28.74
CA GLN A 706 -22.88 29.48 -28.15
C GLN A 706 -23.55 29.94 -26.86
N GLU A 707 -24.88 29.87 -26.81
CA GLU A 707 -25.58 30.27 -25.59
C GLU A 707 -25.30 29.30 -24.45
N VAL A 708 -25.33 28.00 -24.75
CA VAL A 708 -25.06 27.00 -23.73
C VAL A 708 -23.60 27.08 -23.27
N LEU A 709 -22.68 27.37 -24.19
CA LEU A 709 -21.29 27.56 -23.80
C LEU A 709 -21.11 28.80 -22.93
N ARG A 710 -21.83 29.88 -23.22
CA ARG A 710 -21.75 31.07 -22.38
C ARG A 710 -22.24 30.78 -20.98
N ASN A 711 -23.34 30.04 -20.86
CA ASN A 711 -23.83 29.67 -19.53
C ASN A 711 -22.87 28.72 -18.81
N LEU A 712 -22.30 27.75 -19.54
CA LEU A 712 -21.40 26.79 -18.89
C LEU A 712 -20.11 27.43 -18.44
N VAL A 713 -19.55 28.33 -19.26
CA VAL A 713 -18.35 29.07 -18.87
C VAL A 713 -18.63 29.97 -17.68
N LYS A 714 -19.80 30.62 -17.66
CA LYS A 714 -20.14 31.48 -16.54
C LYS A 714 -20.30 30.69 -15.25
N ARG A 715 -20.95 29.53 -15.34
CA ARG A 715 -21.11 28.65 -14.18
C ARG A 715 -19.77 28.11 -13.70
N TYR A 716 -18.88 27.78 -14.63
CA TYR A 716 -17.59 27.23 -14.23
C TYR A 716 -16.70 28.29 -13.61
N VAL A 717 -16.76 29.53 -14.11
CA VAL A 717 -16.01 30.62 -13.50
C VAL A 717 -16.53 30.89 -12.09
N ALA A 718 -17.85 30.79 -11.91
CA ALA A 718 -18.41 30.88 -10.57
C ALA A 718 -17.91 29.74 -9.67
N ALA A 719 -17.92 28.50 -10.18
CA ALA A 719 -17.51 27.39 -9.34
C ALA A 719 -16.01 27.33 -9.14
N MET A 720 -15.25 28.11 -9.91
CA MET A 720 -13.83 28.24 -9.66
C MET A 720 -13.55 29.33 -8.64
N ILE A 721 -14.14 30.51 -8.82
CA ILE A 721 -13.98 31.63 -7.89
C ILE A 721 -14.51 31.29 -6.50
N ARG A 722 -15.75 30.83 -6.39
CA ARG A 722 -16.29 30.63 -5.05
C ARG A 722 -15.76 29.37 -4.36
N ASP A 723 -14.93 28.55 -5.01
CA ASP A 723 -14.41 27.34 -4.38
C ASP A 723 -12.90 27.38 -4.22
N ALA A 724 -12.13 27.54 -5.31
CA ALA A 724 -10.69 27.35 -5.24
C ALA A 724 -10.00 28.53 -4.59
N LYS A 725 -10.56 29.71 -4.75
CA LYS A 725 -10.08 30.90 -4.05
C LYS A 725 -10.34 30.78 -2.56
N THR A 726 -11.45 30.12 -2.21
CA THR A 726 -11.82 29.94 -0.82
C THR A 726 -10.88 28.99 -0.10
N GLU A 727 -10.75 27.77 -0.61
CA GLU A 727 -9.88 26.77 0.01
C GLU A 727 -9.34 25.78 -1.00
N THR A 731 -6.23 28.51 5.59
CA THR A 731 -7.46 28.69 4.83
C THR A 731 -7.74 30.17 4.61
N GLU A 732 -7.91 30.55 3.34
CA GLU A 732 -8.10 31.96 3.00
C GLU A 732 -9.52 32.42 3.33
N GLU A 733 -10.45 31.48 3.56
CA GLU A 733 -11.84 31.83 3.85
C GLU A 733 -11.96 32.59 5.16
N ASN A 734 -11.22 32.17 6.18
CA ASN A 734 -11.25 32.89 7.45
C ASN A 734 -10.28 34.06 7.43
N PHE A 735 -9.26 33.98 6.58
CA PHE A 735 -8.30 35.08 6.45
C PHE A 735 -8.95 36.32 5.84
N LYS A 736 -9.85 36.14 4.89
CA LYS A 736 -10.53 37.29 4.29
C LYS A 736 -11.46 37.94 5.29
N GLU A 737 -12.04 37.14 6.19
CA GLU A 737 -12.86 37.69 7.27
C GLU A 737 -11.99 38.46 8.27
N LEU A 738 -10.76 37.98 8.50
CA LEU A 738 -9.81 38.73 9.31
C LEU A 738 -9.45 40.07 8.67
N LYS A 739 -9.21 40.08 7.35
CA LYS A 739 -8.90 41.32 6.64
C LYS A 739 -10.06 42.30 6.73
N GLN A 740 -11.28 41.79 6.62
CA GLN A 740 -12.47 42.61 6.80
C GLN A 740 -12.54 43.19 8.21
N ASP A 741 -12.29 42.37 9.22
CA ASP A 741 -12.43 42.80 10.61
C ASP A 741 -11.35 43.81 10.99
N ILE A 742 -10.21 43.79 10.30
CA ILE A 742 -9.17 44.78 10.51
C ILE A 742 -9.45 46.08 9.76
N SER A 743 -9.82 45.98 8.47
CA SER A 743 -10.00 47.17 7.66
C SER A 743 -11.26 47.96 8.04
N SER A 744 -12.34 47.25 8.37
CA SER A 744 -13.57 47.92 8.78
C SER A 744 -13.36 48.68 10.07
N PHE A 745 -12.61 48.09 10.99
CA PHE A 745 -12.27 48.78 12.24
C PHE A 745 -11.29 49.93 12.00
N ARG A 746 -10.45 49.80 10.96
CA ARG A 746 -9.59 50.92 10.57
C ARG A 746 -10.41 52.14 10.15
N TYR A 747 -11.41 51.91 9.32
CA TYR A 747 -12.24 53.03 8.88
C TYR A 747 -13.18 53.51 9.97
N GLU A 748 -13.52 52.62 10.91
CA GLU A 748 -14.23 53.06 12.10
C GLU A 748 -13.39 53.99 12.97
N VAL A 749 -12.08 53.75 13.06
CA VAL A 749 -11.21 54.59 13.87
C VAL A 749 -10.90 55.92 13.19
N ILE A 750 -10.44 55.88 11.94
CA ILE A 750 -10.02 57.11 11.26
C ILE A 750 -11.22 57.98 10.93
N GLY A 751 -12.35 57.36 10.59
CA GLY A 751 -13.54 58.13 10.28
C GLY A 751 -14.19 58.73 11.52
N MET A 752 -13.83 58.23 12.70
CA MET A 752 -14.37 58.75 13.95
C MET A 752 -13.86 60.16 14.23
N MET A 753 -12.61 60.43 13.84
CA MET A 753 -12.02 61.74 14.07
C MET A 753 -12.67 62.83 13.20
N ILE B 18 1.29 33.13 -34.15
CA ILE B 18 1.04 33.88 -32.93
C ILE B 18 -0.43 34.33 -32.83
N PRO B 19 -1.17 33.75 -31.85
CA PRO B 19 -2.61 34.03 -31.76
C PRO B 19 -2.97 35.40 -31.24
N LEU B 20 -3.50 36.25 -32.12
CA LEU B 20 -4.11 37.52 -31.73
C LEU B 20 -5.58 37.24 -31.43
N ARG B 21 -5.88 36.97 -30.17
CA ARG B 21 -7.24 36.62 -29.81
C ARG B 21 -7.91 37.73 -29.01
N ILE B 22 -9.23 37.63 -28.92
CA ILE B 22 -10.09 38.61 -28.28
C ILE B 22 -10.79 37.90 -27.12
N VAL B 23 -11.06 38.64 -26.04
CA VAL B 23 -11.85 38.11 -24.94
C VAL B 23 -13.26 37.74 -25.43
N ARG B 24 -13.77 36.61 -24.94
CA ARG B 24 -15.16 36.20 -25.15
C ARG B 24 -16.11 37.27 -24.63
N ALA B 25 -17.28 37.36 -25.26
CA ALA B 25 -18.29 38.36 -24.90
C ALA B 25 -18.79 38.15 -23.47
N GLU B 26 -18.62 39.17 -22.65
CA GLU B 26 -19.01 39.14 -21.24
C GLU B 26 -19.20 40.58 -20.78
N SER B 27 -20.17 40.80 -19.90
CA SER B 27 -20.55 42.14 -19.49
C SER B 27 -19.49 42.79 -18.60
N GLU B 28 -19.24 44.06 -18.84
CA GLU B 28 -18.13 44.77 -18.23
C GLU B 28 -18.65 45.90 -17.35
N LEU B 29 -17.97 46.12 -16.23
CA LEU B 29 -18.36 47.09 -15.22
C LEU B 29 -17.84 48.48 -15.56
N SER B 30 -18.61 49.50 -15.20
CA SER B 30 -18.16 50.86 -15.33
C SER B 30 -17.21 51.22 -14.19
N THR B 31 -16.48 52.32 -14.37
CA THR B 31 -15.53 52.78 -13.35
C THR B 31 -16.19 53.53 -12.22
N GLN B 32 -17.43 54.01 -12.41
CA GLN B 32 -18.11 54.76 -11.37
C GLN B 32 -18.74 53.86 -10.33
N GLU B 33 -18.96 52.58 -10.65
CA GLU B 33 -19.41 51.62 -9.67
C GLU B 33 -18.25 50.87 -9.02
N LYS B 34 -17.05 50.96 -9.60
CA LYS B 34 -15.88 50.35 -8.97
C LYS B 34 -15.51 51.08 -7.69
N SER B 35 -15.70 52.40 -7.64
CA SER B 35 -15.45 53.16 -6.42
C SER B 35 -16.45 52.82 -5.33
N TYR B 36 -17.64 52.38 -5.72
CA TYR B 36 -18.61 51.85 -4.77
C TYR B 36 -18.21 50.46 -4.28
N LEU B 37 -17.86 49.58 -5.21
CA LEU B 37 -17.55 48.20 -4.85
C LEU B 37 -16.25 48.08 -4.06
N SER B 38 -15.29 48.98 -4.28
CA SER B 38 -14.06 48.95 -3.50
C SER B 38 -14.33 49.25 -2.03
N ALA B 39 -15.24 50.20 -1.77
CA ALA B 39 -15.69 50.44 -0.41
C ALA B 39 -16.54 49.30 0.13
N VAL B 40 -17.21 48.56 -0.73
CA VAL B 40 -17.96 47.40 -0.27
C VAL B 40 -17.01 46.27 0.15
N GLU B 41 -16.02 45.95 -0.68
CA GLU B 41 -15.10 44.87 -0.33
C GLU B 41 -14.17 45.25 0.80
N LYS B 42 -13.66 46.48 0.80
CA LYS B 42 -12.75 46.89 1.85
C LYS B 42 -13.50 47.15 3.15
N GLY B 43 -14.80 47.43 3.06
CA GLY B 43 -15.64 47.42 4.24
C GLY B 43 -15.86 48.72 4.96
N ASP B 44 -16.35 49.74 4.27
CA ASP B 44 -16.78 50.95 4.94
C ASP B 44 -18.23 50.85 5.36
N TYR B 45 -18.61 51.67 6.33
CA TYR B 45 -20.01 52.00 6.53
C TYR B 45 -20.29 53.46 6.17
N ALA B 46 -19.27 54.32 6.23
CA ALA B 46 -19.47 55.72 5.89
C ALA B 46 -19.65 55.90 4.38
N SER B 47 -18.63 55.55 3.60
CA SER B 47 -18.66 55.83 2.17
C SER B 47 -19.62 54.92 1.41
N VAL B 48 -19.91 53.74 1.93
CA VAL B 48 -20.92 52.89 1.30
C VAL B 48 -22.30 53.51 1.46
N LYS B 49 -22.61 54.03 2.65
CA LYS B 49 -23.87 54.74 2.84
C LYS B 49 -23.91 56.05 2.07
N LEU B 50 -22.76 56.73 1.94
CA LEU B 50 -22.71 57.96 1.16
C LEU B 50 -22.92 57.68 -0.32
N ALA B 51 -22.48 56.52 -0.81
CA ALA B 51 -22.83 56.11 -2.16
C ALA B 51 -24.29 55.69 -2.24
N LEU B 52 -24.83 55.18 -1.13
CA LEU B 52 -26.24 54.81 -1.03
C LEU B 52 -27.14 55.97 -0.68
N GLU B 53 -26.61 57.18 -0.66
CA GLU B 53 -27.42 58.38 -0.64
C GLU B 53 -27.89 58.78 -2.03
N GLU B 54 -27.62 57.95 -3.03
CA GLU B 54 -28.06 58.18 -4.40
C GLU B 54 -29.30 57.37 -4.72
N ALA B 55 -30.18 57.21 -3.73
CA ALA B 55 -31.45 56.53 -3.96
C ALA B 55 -32.44 57.44 -4.65
N GLU B 56 -32.71 58.61 -4.07
CA GLU B 56 -33.60 59.57 -4.71
C GLU B 56 -32.88 60.29 -5.85
N ILE B 57 -31.62 60.64 -5.64
CA ILE B 57 -30.81 61.33 -6.65
C ILE B 57 -30.21 60.27 -7.55
N TYR B 58 -30.66 60.22 -8.80
CA TYR B 58 -30.16 59.22 -9.72
C TYR B 58 -28.73 59.51 -10.14
N PHE B 59 -27.81 58.66 -9.68
CA PHE B 59 -26.42 58.69 -10.11
C PHE B 59 -26.19 57.74 -11.29
N LYS B 60 -27.22 57.59 -12.15
CA LYS B 60 -27.23 56.88 -13.43
C LYS B 60 -26.85 55.40 -13.34
N ILE B 61 -26.77 54.87 -12.12
CA ILE B 61 -26.30 53.51 -11.90
C ILE B 61 -27.38 52.74 -11.16
N ASN B 62 -27.46 51.44 -11.44
CA ASN B 62 -28.12 50.53 -10.51
C ASN B 62 -27.09 50.00 -9.54
N ILE B 63 -27.38 50.14 -8.23
CA ILE B 63 -26.41 49.79 -7.21
C ILE B 63 -26.24 48.28 -7.10
N ASN B 64 -27.17 47.51 -7.65
CA ASN B 64 -27.10 46.05 -7.63
C ASN B 64 -26.54 45.47 -8.91
N CYS B 65 -25.93 46.28 -9.77
CA CYS B 65 -25.39 45.77 -11.03
C CYS B 65 -24.07 45.06 -10.77
N ILE B 66 -23.88 43.92 -11.42
CA ILE B 66 -22.82 43.00 -11.03
C ILE B 66 -21.49 43.43 -11.62
N ASP B 67 -20.41 42.96 -10.99
CA ASP B 67 -19.03 43.18 -11.38
C ASP B 67 -18.64 42.12 -12.40
N PRO B 68 -17.41 42.11 -12.95
CA PRO B 68 -16.97 40.93 -13.71
C PRO B 68 -16.85 39.65 -12.92
N LEU B 69 -16.85 39.70 -11.59
CA LEU B 69 -16.80 38.50 -10.77
C LEU B 69 -18.15 37.84 -10.59
N GLY B 70 -19.22 38.42 -11.15
CA GLY B 70 -20.55 37.88 -10.96
C GLY B 70 -21.18 38.17 -9.63
N ARG B 71 -20.86 39.28 -8.99
CA ARG B 71 -21.33 39.56 -7.65
C ARG B 71 -22.07 40.89 -7.60
N THR B 72 -23.19 40.91 -6.89
CA THR B 72 -23.74 42.14 -6.37
C THR B 72 -23.04 42.44 -5.06
N ALA B 73 -23.14 43.69 -4.61
CA ALA B 73 -22.40 44.12 -3.42
C ALA B 73 -22.92 43.45 -2.16
N LEU B 74 -24.19 43.08 -2.16
CA LEU B 74 -24.76 42.28 -1.08
C LEU B 74 -24.05 40.94 -0.95
N LEU B 75 -23.64 40.36 -2.07
CA LEU B 75 -22.93 39.09 -2.02
C LEU B 75 -21.52 39.24 -1.46
N ILE B 76 -20.88 40.40 -1.67
CA ILE B 76 -19.61 40.68 -1.00
C ILE B 76 -19.82 40.86 0.49
N ALA B 77 -20.84 41.63 0.87
CA ALA B 77 -21.10 41.90 2.28
C ALA B 77 -21.49 40.64 3.04
N ILE B 78 -22.12 39.68 2.36
CA ILE B 78 -22.30 38.35 2.94
C ILE B 78 -20.97 37.61 2.97
N GLU B 79 -20.19 37.73 1.90
CA GLU B 79 -18.90 37.04 1.78
C GLU B 79 -17.87 37.54 2.78
N ASN B 80 -18.01 38.77 3.28
CA ASN B 80 -17.07 39.28 4.28
C ASN B 80 -17.68 39.35 5.67
N GLU B 81 -18.79 38.64 5.91
CA GLU B 81 -19.41 38.44 7.22
C GLU B 81 -19.89 39.73 7.89
N ASN B 82 -19.91 40.86 7.19
CA ASN B 82 -20.16 42.14 7.82
C ASN B 82 -21.66 42.36 7.85
N LEU B 83 -22.24 42.25 9.05
CA LEU B 83 -23.69 42.27 9.19
C LEU B 83 -24.25 43.67 8.93
N GLU B 84 -23.47 44.71 9.22
CA GLU B 84 -24.05 46.05 9.16
C GLU B 84 -24.15 46.57 7.73
N ILE B 85 -23.27 46.13 6.83
CA ILE B 85 -23.42 46.49 5.43
C ILE B 85 -24.62 45.77 4.84
N ILE B 86 -24.85 44.52 5.25
CA ILE B 86 -26.03 43.76 4.83
C ILE B 86 -27.30 44.44 5.32
N GLU B 87 -27.28 44.90 6.58
CA GLU B 87 -28.41 45.62 7.14
C GLU B 87 -28.64 46.93 6.41
N LEU B 88 -27.56 47.60 6.01
CA LEU B 88 -27.67 48.86 5.29
C LEU B 88 -28.29 48.66 3.91
N LEU B 89 -27.83 47.64 3.20
CA LEU B 89 -28.31 47.39 1.85
C LEU B 89 -29.75 46.90 1.85
N LEU B 90 -30.12 46.09 2.86
CA LEU B 90 -31.51 45.70 2.97
C LEU B 90 -32.38 46.85 3.46
N SER B 91 -31.81 47.78 4.23
CA SER B 91 -32.54 48.97 4.64
C SER B 91 -32.75 49.92 3.48
N PHE B 92 -31.90 49.84 2.46
CA PHE B 92 -32.05 50.67 1.27
C PHE B 92 -32.51 49.86 0.07
N ASN B 93 -33.04 48.65 0.31
CA ASN B 93 -33.83 47.87 -0.64
C ASN B 93 -33.04 47.47 -1.88
N VAL B 94 -31.97 46.71 -1.65
CA VAL B 94 -31.25 46.12 -2.78
C VAL B 94 -31.92 44.79 -3.15
N TYR B 95 -31.80 44.42 -4.42
CA TYR B 95 -32.46 43.22 -4.90
C TYR B 95 -31.66 41.99 -4.49
N VAL B 96 -32.34 41.06 -3.82
CA VAL B 96 -31.67 39.88 -3.26
C VAL B 96 -31.57 38.75 -4.29
N GLY B 97 -32.65 38.44 -4.99
CA GLY B 97 -32.67 37.26 -5.83
C GLY B 97 -32.56 35.98 -5.03
N ASP B 98 -31.40 35.35 -5.10
CA ASP B 98 -31.06 34.18 -4.33
C ASP B 98 -29.93 34.48 -3.36
N ALA B 99 -30.01 35.62 -2.68
CA ALA B 99 -29.01 35.97 -1.68
C ALA B 99 -29.15 35.11 -0.44
N LEU B 100 -30.36 34.59 -0.20
CA LEU B 100 -30.58 33.70 0.93
C LEU B 100 -29.76 32.43 0.79
N LEU B 101 -29.75 31.85 -0.42
CA LEU B 101 -28.99 30.64 -0.66
C LEU B 101 -27.50 30.91 -0.60
N HIS B 102 -27.06 32.09 -1.03
CA HIS B 102 -25.65 32.45 -0.92
C HIS B 102 -25.24 32.61 0.53
N ALA B 103 -26.15 33.12 1.37
CA ALA B 103 -25.85 33.25 2.79
C ALA B 103 -25.82 31.89 3.47
N ILE B 104 -26.77 31.02 3.12
CA ILE B 104 -26.86 29.70 3.71
C ILE B 104 -25.66 28.85 3.32
N ARG B 105 -25.17 29.00 2.09
CA ARG B 105 -24.03 28.21 1.63
C ARG B 105 -22.74 28.61 2.36
N LYS B 106 -22.63 29.86 2.77
CA LYS B 106 -21.49 30.29 3.58
C LYS B 106 -21.69 29.99 5.06
N GLU B 107 -22.87 29.48 5.42
CA GLU B 107 -23.34 29.24 6.79
C GLU B 107 -23.06 30.40 7.75
N VAL B 108 -23.29 31.62 7.26
CA VAL B 108 -23.28 32.79 8.12
C VAL B 108 -24.67 32.96 8.73
N VAL B 109 -24.73 32.97 10.07
CA VAL B 109 -26.01 32.97 10.75
C VAL B 109 -26.60 34.38 10.78
N GLY B 110 -25.78 35.38 11.04
CA GLY B 110 -26.22 36.76 11.13
C GLY B 110 -26.81 37.30 9.84
N ALA B 111 -26.42 36.74 8.70
CA ALA B 111 -27.05 37.14 7.45
C ALA B 111 -28.43 36.51 7.32
N VAL B 112 -28.53 35.21 7.59
CA VAL B 112 -29.77 34.48 7.38
C VAL B 112 -30.86 34.94 8.34
N GLU B 113 -30.48 35.29 9.57
CA GLU B 113 -31.46 35.78 10.54
C GLU B 113 -32.03 37.14 10.16
N LEU B 114 -31.35 37.88 9.28
CA LEU B 114 -31.90 39.11 8.74
C LEU B 114 -32.69 38.87 7.47
N LEU B 115 -32.15 38.05 6.57
CA LEU B 115 -32.81 37.83 5.28
C LEU B 115 -34.12 37.07 5.42
N LEU B 116 -34.25 36.24 6.45
CA LEU B 116 -35.57 35.66 6.72
C LEU B 116 -36.52 36.69 7.29
N ASN B 117 -36.00 37.74 7.91
CA ASN B 117 -36.83 38.75 8.59
C ASN B 117 -36.91 40.03 7.78
N HIS B 118 -37.01 39.92 6.46
CA HIS B 118 -37.16 41.09 5.61
C HIS B 118 -38.58 41.66 5.74
N GLN B 135 -30.79 36.99 -16.60
CA GLN B 135 -31.14 36.03 -15.57
C GLN B 135 -30.03 35.00 -15.40
N PHE B 136 -29.69 34.71 -14.15
CA PHE B 136 -28.60 33.82 -13.82
C PHE B 136 -28.81 33.31 -12.40
N SER B 137 -28.41 32.06 -12.17
CA SER B 137 -28.41 31.49 -10.84
C SER B 137 -27.07 30.86 -10.55
N ASP B 138 -26.68 30.87 -9.28
CA ASP B 138 -25.53 30.14 -8.82
C ASP B 138 -25.94 28.78 -8.27
N PHE B 139 -27.21 28.43 -8.39
CA PHE B 139 -27.73 27.19 -7.84
C PHE B 139 -28.68 26.57 -8.84
N THR B 140 -28.86 25.27 -8.72
CA THR B 140 -29.91 24.57 -9.45
C THR B 140 -31.26 25.07 -8.95
N PRO B 141 -32.18 25.43 -9.84
CA PRO B 141 -33.45 26.04 -9.39
C PRO B 141 -34.41 25.08 -8.71
N ASP B 142 -34.01 23.81 -8.61
CA ASP B 142 -34.77 22.80 -7.89
C ASP B 142 -34.32 22.68 -6.44
N ILE B 143 -33.84 23.76 -5.86
CA ILE B 143 -33.37 23.79 -4.48
C ILE B 143 -34.26 24.74 -3.68
N THR B 144 -34.92 24.20 -2.66
CA THR B 144 -35.60 25.03 -1.69
C THR B 144 -34.59 25.42 -0.61
N PRO B 145 -34.82 26.53 0.13
CA PRO B 145 -33.79 27.00 1.06
C PRO B 145 -33.46 26.08 2.22
N ILE B 146 -34.26 25.05 2.50
CA ILE B 146 -33.90 24.14 3.56
C ILE B 146 -33.01 23.01 3.05
N ILE B 147 -33.01 22.77 1.74
CA ILE B 147 -32.27 21.64 1.19
C ILE B 147 -30.77 21.90 1.23
N LEU B 148 -30.34 23.05 0.73
CA LEU B 148 -28.93 23.37 0.81
C LEU B 148 -28.51 23.69 2.24
N ALA B 149 -29.46 24.08 3.09
CA ALA B 149 -29.16 24.22 4.51
C ALA B 149 -28.83 22.88 5.13
N ALA B 150 -29.58 21.85 4.76
CA ALA B 150 -29.27 20.52 5.24
C ALA B 150 -28.00 19.99 4.61
N HIS B 151 -27.71 20.41 3.37
CA HIS B 151 -26.45 20.03 2.75
C HIS B 151 -25.27 20.62 3.49
N THR B 152 -25.42 21.85 3.98
CA THR B 152 -24.34 22.48 4.72
C THR B 152 -24.20 21.96 6.14
N ASN B 153 -25.22 21.28 6.66
CA ASN B 153 -25.21 20.59 7.96
C ASN B 153 -24.94 21.56 9.11
N ASN B 154 -25.58 22.71 9.08
CA ASN B 154 -25.50 23.65 10.20
C ASN B 154 -26.78 23.55 11.01
N TYR B 155 -26.63 23.59 12.32
CA TYR B 155 -27.75 23.27 13.19
C TYR B 155 -28.74 24.42 13.29
N GLU B 156 -28.25 25.61 13.62
CA GLU B 156 -29.15 26.71 13.92
C GLU B 156 -29.78 27.31 12.67
N ILE B 157 -29.17 27.15 11.50
CA ILE B 157 -29.80 27.62 10.27
C ILE B 157 -31.03 26.78 9.96
N ILE B 158 -30.89 25.45 10.04
CA ILE B 158 -32.04 24.57 9.88
C ILE B 158 -33.04 24.79 11.01
N LYS B 159 -32.54 25.13 12.19
CA LYS B 159 -33.42 25.32 13.34
C LYS B 159 -34.28 26.57 13.17
N MET B 160 -33.72 27.63 12.59
CA MET B 160 -34.55 28.79 12.33
C MET B 160 -35.34 28.67 11.03
N LEU B 161 -34.95 27.77 10.13
CA LEU B 161 -35.77 27.57 8.95
C LEU B 161 -37.01 26.73 9.26
N VAL B 162 -36.90 25.77 10.16
CA VAL B 162 -38.10 25.01 10.51
C VAL B 162 -39.02 25.80 11.42
N GLN B 163 -38.50 26.85 12.09
CA GLN B 163 -39.39 27.77 12.77
C GLN B 163 -40.19 28.61 11.80
N LYS B 164 -39.66 28.87 10.62
CA LYS B 164 -40.44 29.44 9.54
C LYS B 164 -41.28 28.40 8.80
N GLY B 165 -41.09 27.11 9.11
CA GLY B 165 -41.93 26.08 8.56
C GLY B 165 -41.67 25.79 7.10
N VAL B 166 -40.45 25.38 6.76
CA VAL B 166 -40.08 25.10 5.38
C VAL B 166 -40.21 23.60 5.18
N SER B 167 -41.00 23.19 4.19
CA SER B 167 -41.22 21.77 3.94
C SER B 167 -40.31 21.27 2.82
N VAL B 168 -39.88 20.02 2.95
CA VAL B 168 -39.05 19.34 1.96
C VAL B 168 -39.98 18.42 1.17
N PRO B 169 -39.76 18.19 -0.12
CA PRO B 169 -40.62 17.25 -0.85
C PRO B 169 -40.36 15.80 -0.44
N GLN B 170 -41.21 14.92 -0.98
CA GLN B 170 -41.14 13.49 -0.74
C GLN B 170 -40.61 12.78 -1.98
N PRO B 171 -39.60 11.92 -1.83
CA PRO B 171 -38.99 11.22 -2.98
C PRO B 171 -39.72 9.95 -3.44
N HIS B 172 -40.71 10.12 -4.29
CA HIS B 172 -41.42 8.97 -4.84
C HIS B 172 -40.58 8.32 -5.93
N VAL B 187 -39.05 13.62 -17.88
CA VAL B 187 -38.89 14.59 -18.95
C VAL B 187 -37.43 14.98 -19.06
N ASP B 188 -36.93 15.65 -18.03
CA ASP B 188 -35.49 15.91 -17.89
C ASP B 188 -34.96 14.87 -16.93
N SER B 189 -34.34 13.82 -17.47
CA SER B 189 -33.74 12.78 -16.64
C SER B 189 -32.51 13.27 -15.90
N LEU B 190 -31.98 14.43 -16.24
CA LEU B 190 -30.96 15.07 -15.44
C LEU B 190 -31.54 15.74 -14.20
N ARG B 191 -32.53 16.62 -14.38
CA ARG B 191 -33.07 17.35 -13.24
C ARG B 191 -33.84 16.46 -12.28
N HIS B 192 -34.45 15.38 -12.79
CA HIS B 192 -35.09 14.42 -11.90
C HIS B 192 -34.07 13.72 -11.03
N SER B 193 -32.96 13.29 -11.62
CA SER B 193 -31.94 12.55 -10.87
C SER B 193 -31.24 13.44 -9.85
N ARG B 194 -30.82 14.64 -10.26
CA ARG B 194 -30.16 15.52 -9.31
C ARG B 194 -31.15 16.08 -8.29
N SER B 195 -32.43 16.19 -8.66
CA SER B 195 -33.44 16.61 -7.69
C SER B 195 -33.63 15.57 -6.61
N ARG B 196 -33.75 14.30 -6.99
CA ARG B 196 -33.85 13.22 -6.00
C ARG B 196 -32.58 13.11 -5.19
N LEU B 197 -31.42 13.30 -5.81
CA LEU B 197 -30.17 13.20 -5.08
C LEU B 197 -30.02 14.33 -4.07
N ASN B 198 -30.44 15.53 -4.43
CA ASN B 198 -30.41 16.65 -3.50
C ASN B 198 -31.36 16.44 -2.34
N ILE B 199 -32.58 15.96 -2.59
CA ILE B 199 -33.49 15.84 -1.46
C ILE B 199 -33.18 14.63 -0.61
N TYR B 200 -32.53 13.59 -1.15
CA TYR B 200 -32.05 12.53 -0.27
C TYR B 200 -30.85 12.96 0.53
N LYS B 201 -29.93 13.72 -0.07
CA LYS B 201 -28.78 14.19 0.68
C LYS B 201 -29.19 15.22 1.73
N ALA B 202 -30.25 15.97 1.46
CA ALA B 202 -30.77 16.88 2.47
C ALA B 202 -31.47 16.11 3.56
N LEU B 203 -32.25 15.10 3.21
CA LEU B 203 -32.96 14.32 4.21
C LEU B 203 -32.01 13.44 5.03
N ALA B 204 -30.82 13.17 4.52
CA ALA B 204 -29.84 12.35 5.24
C ALA B 204 -28.80 13.20 5.95
N SER B 205 -29.16 14.36 6.39
CA SER B 205 -28.18 15.04 7.22
C SER B 205 -28.46 14.75 8.69
N PRO B 206 -27.42 14.73 9.53
CA PRO B 206 -27.65 14.48 10.95
C PRO B 206 -28.42 15.59 11.65
N SER B 207 -28.31 16.83 11.19
CA SER B 207 -28.98 17.93 11.87
C SER B 207 -30.47 17.90 11.61
N LEU B 208 -30.89 17.54 10.40
CA LEU B 208 -32.31 17.46 10.10
C LEU B 208 -32.96 16.29 10.80
N ILE B 209 -32.24 15.18 10.94
CA ILE B 209 -32.77 14.04 11.68
C ILE B 209 -32.77 14.34 13.17
N ALA B 210 -31.89 15.23 13.62
CA ALA B 210 -31.93 15.64 15.02
C ALA B 210 -33.14 16.53 15.30
N LEU B 211 -33.36 17.55 14.47
CA LEU B 211 -34.40 18.52 14.75
C LEU B 211 -35.79 18.04 14.41
N SER B 212 -35.93 16.97 13.63
CA SER B 212 -37.24 16.49 13.26
C SER B 212 -37.25 14.97 13.41
N SER B 213 -38.28 14.31 12.85
CA SER B 213 -38.29 12.87 12.63
C SER B 213 -38.16 12.09 13.95
N GLU B 214 -39.26 12.14 14.71
CA GLU B 214 -39.41 11.81 16.13
C GLU B 214 -38.59 10.64 16.66
N ASP B 215 -38.45 9.58 15.88
CA ASP B 215 -37.47 8.56 16.24
C ASP B 215 -36.34 8.62 15.24
N PRO B 216 -35.17 9.12 15.63
CA PRO B 216 -34.07 9.24 14.66
C PRO B 216 -33.48 7.90 14.27
N PHE B 217 -33.62 6.88 15.11
CA PHE B 217 -33.10 5.56 14.80
C PHE B 217 -33.81 4.93 13.61
N LEU B 218 -35.15 4.98 13.61
CA LEU B 218 -35.90 4.41 12.49
C LEU B 218 -35.65 5.16 11.20
N THR B 219 -35.54 6.48 11.27
CA THR B 219 -35.34 7.25 10.05
C THR B 219 -33.93 7.04 9.50
N ALA B 220 -32.94 6.93 10.38
CA ALA B 220 -31.59 6.59 9.95
C ALA B 220 -31.54 5.20 9.35
N PHE B 221 -32.27 4.24 9.94
CA PHE B 221 -32.24 2.86 9.46
C PHE B 221 -32.92 2.73 8.10
N GLN B 222 -34.18 3.19 8.00
CA GLN B 222 -34.90 3.10 6.74
C GLN B 222 -34.26 3.94 5.67
N LEU B 223 -33.65 5.07 6.04
CA LEU B 223 -33.05 5.91 5.04
C LEU B 223 -31.75 5.31 4.53
N SER B 224 -30.97 4.66 5.41
CA SER B 224 -29.80 3.93 4.96
C SER B 224 -30.19 2.76 4.06
N TRP B 225 -31.31 2.11 4.36
CA TRP B 225 -31.81 1.05 3.50
C TRP B 225 -32.19 1.57 2.12
N GLU B 226 -32.91 2.70 2.08
CA GLU B 226 -33.36 3.21 0.78
C GLU B 226 -32.20 3.72 -0.05
N LEU B 227 -31.20 4.33 0.59
CA LEU B 227 -30.02 4.75 -0.14
C LEU B 227 -29.20 3.56 -0.62
N GLN B 228 -29.18 2.47 0.15
CA GLN B 228 -28.51 1.27 -0.34
C GLN B 228 -29.23 0.67 -1.53
N GLU B 229 -30.56 0.73 -1.53
CA GLU B 229 -31.31 0.27 -2.70
C GLU B 229 -31.05 1.14 -3.92
N LEU B 230 -31.04 2.45 -3.74
CA LEU B 230 -30.82 3.34 -4.88
C LEU B 230 -29.37 3.36 -5.33
N SER B 231 -28.46 2.82 -4.53
CA SER B 231 -27.10 2.60 -5.01
C SER B 231 -27.08 1.64 -6.18
N LYS B 232 -27.94 0.62 -6.15
CA LYS B 232 -27.98 -0.38 -7.20
C LYS B 232 -29.00 -0.05 -8.28
N VAL B 233 -30.16 0.49 -7.89
CA VAL B 233 -31.21 0.77 -8.87
C VAL B 233 -30.82 1.92 -9.78
N GLU B 234 -30.52 3.08 -9.20
CA GLU B 234 -29.89 4.14 -9.95
C GLU B 234 -28.45 3.69 -10.22
N ASN B 235 -28.12 3.46 -11.47
CA ASN B 235 -26.96 2.64 -11.80
C ASN B 235 -25.62 3.34 -11.61
N GLU B 236 -25.61 4.66 -11.50
CA GLU B 236 -24.35 5.35 -11.72
C GLU B 236 -23.90 6.28 -10.61
N PHE B 237 -24.78 6.74 -9.74
CA PHE B 237 -24.30 7.55 -8.62
C PHE B 237 -24.09 6.68 -7.39
N LYS B 238 -23.42 5.55 -7.57
CA LYS B 238 -23.36 4.59 -6.49
C LYS B 238 -22.35 5.00 -5.43
N ALA B 239 -21.35 5.79 -5.81
CA ALA B 239 -20.47 6.37 -4.82
C ALA B 239 -21.22 7.36 -3.95
N GLU B 240 -22.10 8.16 -4.57
CA GLU B 240 -22.81 9.20 -3.85
C GLU B 240 -23.84 8.60 -2.90
N TYR B 241 -24.69 7.71 -3.42
CA TYR B 241 -25.69 7.06 -2.58
C TYR B 241 -25.05 6.16 -1.53
N GLU B 242 -23.93 5.52 -1.89
CA GLU B 242 -23.22 4.67 -0.95
C GLU B 242 -22.64 5.49 0.20
N GLU B 243 -22.09 6.66 -0.11
CA GLU B 243 -21.53 7.53 0.92
C GLU B 243 -22.61 8.10 1.82
N LEU B 244 -23.78 8.40 1.25
CA LEU B 244 -24.88 8.89 2.06
C LEU B 244 -25.40 7.81 3.00
N SER B 245 -25.50 6.57 2.52
CA SER B 245 -25.92 5.48 3.39
C SER B 245 -24.89 5.20 4.48
N HIS B 246 -23.61 5.36 4.15
CA HIS B 246 -22.58 5.16 5.15
C HIS B 246 -22.62 6.24 6.22
N GLN B 247 -22.93 7.48 5.83
CA GLN B 247 -23.04 8.53 6.82
C GLN B 247 -24.28 8.36 7.69
N CYS B 248 -25.35 7.81 7.12
CA CYS B 248 -26.51 7.45 7.94
C CYS B 248 -26.17 6.37 8.95
N LYS B 249 -25.34 5.40 8.56
CA LYS B 249 -24.92 4.37 9.50
C LYS B 249 -24.03 4.94 10.60
N HIS B 250 -23.09 5.83 10.25
CA HIS B 250 -22.27 6.49 11.26
C HIS B 250 -23.09 7.34 12.21
N PHE B 251 -24.13 8.02 11.71
CA PHE B 251 -25.00 8.79 12.58
C PHE B 251 -25.77 7.89 13.54
N ALA B 252 -26.27 6.77 13.05
CA ALA B 252 -26.98 5.83 13.93
C ALA B 252 -26.05 5.25 14.97
N LYS B 253 -24.77 5.10 14.64
CA LYS B 253 -23.80 4.68 15.64
C LYS B 253 -23.55 5.77 16.67
N ASP B 254 -23.40 7.01 16.22
CA ASP B 254 -22.94 8.07 17.11
C ASP B 254 -24.05 8.52 18.04
N LEU B 255 -25.31 8.28 17.69
CA LEU B 255 -26.36 8.46 18.68
C LEU B 255 -26.24 7.45 19.80
N LEU B 256 -25.91 6.21 19.46
CA LEU B 256 -25.83 5.16 20.48
C LEU B 256 -24.59 5.34 21.34
N ASP B 257 -23.56 5.97 20.77
CA ASP B 257 -22.29 6.14 21.45
C ASP B 257 -22.39 7.12 22.62
N GLN B 258 -23.47 7.89 22.68
CA GLN B 258 -23.62 8.91 23.69
C GLN B 258 -24.34 8.43 24.95
N THR B 259 -24.71 7.16 25.04
CA THR B 259 -25.34 6.66 26.26
C THR B 259 -24.32 6.56 27.36
N ARG B 260 -24.64 7.12 28.53
CA ARG B 260 -23.73 7.09 29.65
C ARG B 260 -24.29 6.28 30.83
N SER B 261 -25.35 5.51 30.59
CA SER B 261 -25.88 4.61 31.59
C SER B 261 -26.30 3.32 30.90
N SER B 262 -25.98 2.19 31.53
CA SER B 262 -26.38 0.90 30.99
C SER B 262 -27.89 0.71 31.01
N ARG B 263 -28.58 1.37 31.94
CA ARG B 263 -30.03 1.41 31.91
C ARG B 263 -30.55 2.07 30.64
N GLU B 264 -29.90 3.18 30.24
CA GLU B 264 -30.26 3.85 28.99
C GLU B 264 -30.02 2.96 27.79
N LEU B 265 -28.91 2.20 27.82
CA LEU B 265 -28.59 1.31 26.71
C LEU B 265 -29.59 0.18 26.62
N GLU B 266 -30.05 -0.31 27.77
CA GLU B 266 -31.08 -1.33 27.78
C GLU B 266 -32.39 -0.79 27.25
N LEU B 267 -32.73 0.45 27.61
CA LEU B 267 -33.95 1.05 27.11
C LEU B 267 -33.87 1.32 25.61
N ILE B 268 -32.67 1.53 25.07
CA ILE B 268 -32.54 1.67 23.63
C ILE B 268 -32.73 0.33 22.94
N LEU B 269 -31.98 -0.68 23.36
CA LEU B 269 -31.96 -1.92 22.59
C LEU B 269 -33.25 -2.73 22.78
N ASN B 270 -33.76 -2.80 24.02
CA ASN B 270 -35.03 -3.49 24.28
C ASN B 270 -36.17 -2.51 24.02
N PHE B 271 -36.51 -2.33 22.76
CA PHE B 271 -37.63 -1.47 22.41
C PHE B 271 -38.33 -1.98 21.17
N ARG B 272 -39.66 -1.96 21.21
CA ARG B 272 -40.46 -2.38 20.07
C ARG B 272 -40.92 -1.17 19.28
N ASN B 284 -38.89 -11.33 21.39
CA ASN B 284 -39.37 -10.49 22.48
C ASN B 284 -38.38 -9.39 22.80
N GLU B 285 -37.37 -9.69 23.61
CA GLU B 285 -36.37 -8.70 23.96
C GLU B 285 -35.42 -8.46 22.80
N LEU B 286 -34.65 -7.37 22.93
CA LEU B 286 -33.64 -6.94 21.97
C LEU B 286 -34.25 -6.67 20.59
N ALA B 287 -35.49 -6.17 20.59
CA ALA B 287 -36.25 -6.04 19.36
C ALA B 287 -35.65 -4.98 18.45
N ARG B 288 -35.14 -3.90 19.02
CA ARG B 288 -34.45 -2.92 18.20
C ARG B 288 -33.12 -3.47 17.72
N LEU B 289 -32.47 -4.33 18.51
CA LEU B 289 -31.23 -4.93 18.04
C LEU B 289 -31.50 -5.92 16.93
N LYS B 290 -32.61 -6.67 17.01
CA LYS B 290 -32.99 -7.57 15.93
C LYS B 290 -33.32 -6.79 14.66
N LEU B 291 -34.00 -5.65 14.81
CA LEU B 291 -34.29 -4.80 13.67
C LEU B 291 -33.03 -4.19 13.10
N ALA B 292 -32.02 -3.95 13.94
CA ALA B 292 -30.77 -3.40 13.46
C ALA B 292 -29.96 -4.45 12.69
N ILE B 293 -30.02 -5.70 13.14
CA ILE B 293 -29.44 -6.79 12.37
C ILE B 293 -30.16 -6.93 11.04
N LYS B 294 -31.48 -6.71 11.05
CA LYS B 294 -32.28 -6.85 9.84
C LYS B 294 -31.92 -5.80 8.80
N TYR B 295 -31.56 -4.60 9.23
CA TYR B 295 -31.27 -3.51 8.30
C TYR B 295 -29.79 -3.33 8.01
N ARG B 296 -28.97 -4.33 8.30
CA ARG B 296 -27.54 -4.39 7.96
C ARG B 296 -26.76 -3.23 8.55
N GLN B 297 -27.15 -2.81 9.74
CA GLN B 297 -26.51 -1.68 10.43
C GLN B 297 -25.30 -2.17 11.20
N LYS B 298 -24.27 -2.56 10.45
CA LYS B 298 -23.15 -3.22 11.08
C LYS B 298 -22.25 -2.28 11.87
N GLU B 299 -22.20 -0.99 11.54
CA GLU B 299 -21.47 -0.08 12.40
C GLU B 299 -22.21 0.19 13.69
N PHE B 300 -23.54 0.09 13.66
CA PHE B 300 -24.35 0.33 14.85
C PHE B 300 -24.15 -0.78 15.88
N VAL B 301 -23.99 -2.01 15.42
CA VAL B 301 -23.98 -3.14 16.33
C VAL B 301 -22.57 -3.52 16.74
N ALA B 302 -21.56 -3.08 16.01
CA ALA B 302 -20.20 -3.19 16.48
C ALA B 302 -19.80 -2.03 17.40
N GLN B 303 -20.77 -1.27 17.88
CA GLN B 303 -20.53 -0.32 18.95
C GLN B 303 -20.11 -1.09 20.20
N PRO B 304 -19.13 -0.59 20.97
CA PRO B 304 -18.59 -1.39 22.09
C PRO B 304 -19.57 -1.70 23.20
N ASN B 305 -20.40 -0.75 23.60
CA ASN B 305 -21.23 -0.97 24.78
C ASN B 305 -22.37 -1.94 24.47
N CYS B 306 -22.84 -1.92 23.22
CA CYS B 306 -23.74 -2.97 22.75
C CYS B 306 -23.08 -4.33 22.84
N GLN B 307 -21.78 -4.40 22.56
CA GLN B 307 -21.08 -5.67 22.65
C GLN B 307 -20.86 -6.09 24.10
N GLN B 308 -20.70 -5.15 25.02
CA GLN B 308 -20.67 -5.51 26.44
C GLN B 308 -22.00 -6.07 26.90
N LEU B 309 -23.10 -5.46 26.47
CA LEU B 309 -24.40 -5.99 26.88
C LEU B 309 -24.65 -7.36 26.27
N LEU B 310 -24.23 -7.55 25.02
CA LEU B 310 -24.37 -8.86 24.39
C LEU B 310 -23.48 -9.90 25.04
N ALA B 311 -22.26 -9.52 25.45
CA ALA B 311 -21.37 -10.49 26.07
C ALA B 311 -21.81 -10.85 27.47
N SER B 312 -22.37 -9.88 28.20
CA SER B 312 -22.95 -10.17 29.50
C SER B 312 -24.19 -11.04 29.37
N ARG B 313 -24.93 -10.91 28.27
CA ARG B 313 -25.98 -11.87 27.99
C ARG B 313 -25.41 -13.25 27.67
N TRP B 314 -24.34 -13.27 26.87
CA TRP B 314 -23.82 -14.50 26.29
C TRP B 314 -23.14 -15.38 27.33
N TYR B 315 -22.41 -14.80 28.27
CA TYR B 315 -21.65 -15.64 29.20
C TYR B 315 -22.52 -16.20 30.31
N ASP B 316 -23.02 -15.32 31.18
CA ASP B 316 -23.72 -15.67 32.42
C ASP B 316 -22.88 -16.63 33.26
N GLU B 317 -21.79 -16.06 33.80
CA GLU B 317 -20.73 -16.75 34.55
C GLU B 317 -20.03 -17.80 33.70
N PHE B 318 -19.29 -17.34 32.70
CA PHE B 318 -18.13 -18.07 32.20
C PHE B 318 -16.88 -17.78 33.04
N PRO B 319 -16.59 -16.51 33.43
CA PRO B 319 -15.48 -16.47 34.40
C PRO B 319 -15.94 -16.79 35.81
N ARG B 324 -10.12 -15.56 33.07
CA ARG B 324 -9.21 -16.67 33.35
C ARG B 324 -8.13 -16.77 32.27
N HIS B 325 -7.62 -17.98 32.09
CA HIS B 325 -6.54 -18.27 31.16
C HIS B 325 -6.90 -19.52 30.34
N TRP B 326 -6.03 -19.86 29.39
CA TRP B 326 -6.34 -20.84 28.36
C TRP B 326 -6.55 -22.25 28.92
N ALA B 327 -5.83 -22.60 29.99
CA ALA B 327 -5.93 -23.94 30.55
C ALA B 327 -7.28 -24.15 31.22
N GLY B 328 -7.67 -23.22 32.10
CA GLY B 328 -8.95 -23.35 32.78
C GLY B 328 -10.13 -23.24 31.84
N LYS B 329 -10.07 -22.31 30.88
CA LYS B 329 -11.14 -22.14 29.92
C LYS B 329 -11.28 -23.37 29.03
N LEU B 330 -10.15 -23.93 28.59
CA LEU B 330 -10.18 -25.14 27.76
C LEU B 330 -10.75 -26.33 28.51
N ILE B 331 -10.31 -26.54 29.75
CA ILE B 331 -10.75 -27.70 30.51
C ILE B 331 -12.22 -27.57 30.90
N THR B 332 -12.68 -26.35 31.20
CA THR B 332 -14.09 -26.18 31.54
C THR B 332 -14.98 -26.33 30.30
N CYS B 333 -14.53 -25.84 29.14
CA CYS B 333 -15.32 -26.01 27.92
C CYS B 333 -15.41 -27.48 27.52
N VAL B 334 -14.31 -28.22 27.59
CA VAL B 334 -14.39 -29.63 27.23
C VAL B 334 -15.09 -30.43 28.32
N PHE B 335 -15.08 -29.95 29.56
CA PHE B 335 -15.81 -30.63 30.63
C PHE B 335 -17.31 -30.48 30.44
N ILE B 336 -17.75 -29.32 29.97
CA ILE B 336 -19.15 -29.17 29.61
C ILE B 336 -19.46 -30.00 28.37
N GLY B 337 -18.55 -30.01 27.40
CA GLY B 337 -18.80 -30.70 26.14
C GLY B 337 -18.83 -32.21 26.25
N LEU B 338 -18.19 -32.77 27.27
CA LEU B 338 -18.32 -34.21 27.51
C LEU B 338 -19.65 -34.59 28.15
N MET B 339 -20.46 -33.62 28.56
CA MET B 339 -21.68 -33.89 29.31
C MET B 339 -22.90 -33.30 28.64
N PHE B 340 -22.88 -33.16 27.32
CA PHE B 340 -24.06 -32.61 26.66
C PHE B 340 -25.29 -33.51 26.61
N PRO B 341 -25.23 -34.86 26.46
CA PRO B 341 -26.50 -35.60 26.45
C PRO B 341 -27.11 -35.69 27.83
N LEU B 342 -26.27 -35.69 28.87
CA LEU B 342 -26.77 -35.59 30.24
C LEU B 342 -27.57 -34.31 30.45
N LEU B 343 -27.01 -33.18 30.02
CA LEU B 343 -27.69 -31.90 30.18
C LEU B 343 -28.93 -31.83 29.33
N SER B 344 -28.90 -32.40 28.13
CA SER B 344 -30.06 -32.32 27.26
C SER B 344 -31.19 -33.22 27.76
N LEU B 345 -30.87 -34.44 28.21
CA LEU B 345 -31.93 -35.31 28.70
C LEU B 345 -32.45 -34.89 30.07
N CYS B 346 -31.63 -34.24 30.89
CA CYS B 346 -32.19 -33.70 32.12
C CYS B 346 -32.93 -32.41 31.86
N TYR B 347 -32.67 -31.74 30.74
CA TYR B 347 -33.56 -30.67 30.32
C TYR B 347 -34.89 -31.21 29.85
N LEU B 348 -34.88 -32.36 29.18
CA LEU B 348 -36.13 -32.90 28.67
C LEU B 348 -36.99 -33.51 29.76
N VAL B 349 -36.37 -34.24 30.70
CA VAL B 349 -37.16 -34.85 31.76
C VAL B 349 -37.60 -33.81 32.78
N ALA B 350 -36.90 -32.67 32.85
CA ALA B 350 -37.25 -31.61 33.79
C ALA B 350 -36.78 -30.27 33.24
N PRO B 351 -37.58 -29.63 32.40
CA PRO B 351 -37.24 -28.27 31.96
C PRO B 351 -37.54 -27.24 33.04
N LYS B 352 -36.78 -27.27 34.13
CA LYS B 352 -36.97 -26.35 35.24
C LYS B 352 -35.60 -25.92 35.74
N SER B 353 -35.60 -25.31 36.92
CA SER B 353 -34.42 -24.67 37.48
C SER B 353 -33.42 -25.65 38.10
N ARG B 354 -33.58 -26.95 37.91
CA ARG B 354 -32.63 -27.92 38.41
C ARG B 354 -31.28 -27.76 37.76
N TYR B 355 -31.21 -28.11 36.48
CA TYR B 355 -30.00 -28.08 35.70
C TYR B 355 -30.18 -27.40 34.35
N GLY B 356 -31.40 -27.34 33.82
CA GLY B 356 -31.68 -26.79 32.51
C GLY B 356 -31.43 -25.31 32.36
N LEU B 357 -31.14 -24.61 33.46
CA LEU B 357 -30.66 -23.24 33.39
C LEU B 357 -29.32 -23.16 32.67
N PHE B 358 -28.53 -24.24 32.72
CA PHE B 358 -27.31 -24.32 31.91
C PHE B 358 -27.64 -24.24 30.43
N ILE B 359 -28.59 -25.05 29.97
CA ILE B 359 -28.97 -25.04 28.56
C ILE B 359 -29.71 -23.75 28.20
N ARG B 360 -30.35 -23.11 29.18
CA ARG B 360 -30.90 -21.78 28.93
C ARG B 360 -29.80 -20.74 28.76
N LYS B 361 -28.64 -20.94 29.38
CA LYS B 361 -27.53 -20.02 29.15
C LYS B 361 -26.99 -20.21 27.74
N PRO B 362 -26.68 -19.12 27.03
CA PRO B 362 -26.38 -19.24 25.60
C PRO B 362 -25.01 -19.83 25.31
N PHE B 363 -24.01 -19.56 26.14
CA PHE B 363 -22.68 -20.11 25.88
C PHE B 363 -22.67 -21.62 26.06
N ILE B 364 -23.39 -22.10 27.06
CA ILE B 364 -23.39 -23.54 27.35
C ILE B 364 -24.19 -24.29 26.29
N LYS B 365 -25.28 -23.70 25.79
CA LYS B 365 -25.98 -24.38 24.71
C LYS B 365 -25.22 -24.27 23.39
N PHE B 366 -24.37 -23.26 23.24
CA PHE B 366 -23.47 -23.23 22.10
C PHE B 366 -22.47 -24.36 22.18
N ILE B 367 -21.90 -24.59 23.37
CA ILE B 367 -20.98 -25.70 23.55
C ILE B 367 -21.69 -27.03 23.32
N CYS B 368 -22.95 -27.13 23.72
CA CYS B 368 -23.67 -28.39 23.53
C CYS B 368 -23.99 -28.66 22.08
N HIS B 369 -24.42 -27.64 21.33
CA HIS B 369 -24.64 -27.82 19.90
C HIS B 369 -23.34 -28.10 19.16
N THR B 370 -22.25 -27.45 19.57
CA THR B 370 -20.95 -27.70 18.95
C THR B 370 -20.48 -29.11 19.21
N ALA B 371 -20.64 -29.59 20.45
CA ALA B 371 -20.24 -30.94 20.79
C ALA B 371 -21.10 -31.98 20.09
N SER B 372 -22.39 -31.71 19.93
CA SER B 372 -23.24 -32.65 19.23
C SER B 372 -22.91 -32.68 17.74
N TYR B 373 -22.56 -31.53 17.17
CA TYR B 373 -22.25 -31.51 15.74
C TYR B 373 -20.91 -32.18 15.48
N LEU B 374 -19.93 -31.98 16.35
CA LEU B 374 -18.67 -32.65 16.11
C LEU B 374 -18.70 -34.11 16.52
N THR B 375 -19.62 -34.55 17.37
CA THR B 375 -19.70 -35.99 17.55
C THR B 375 -20.52 -36.64 16.45
N PHE B 376 -21.40 -35.90 15.78
CA PHE B 376 -21.94 -36.34 14.50
C PHE B 376 -20.83 -36.52 13.47
N LEU B 377 -19.91 -35.56 13.41
CA LEU B 377 -18.76 -35.72 12.51
C LEU B 377 -17.84 -36.84 12.95
N PHE B 378 -17.71 -37.10 14.25
CA PHE B 378 -16.84 -38.17 14.72
C PHE B 378 -17.41 -39.53 14.37
N LEU B 379 -18.71 -39.71 14.51
CA LEU B 379 -19.26 -40.98 14.08
C LEU B 379 -19.72 -40.95 12.63
N LEU B 380 -19.32 -39.92 11.87
CA LEU B 380 -19.17 -40.09 10.43
C LEU B 380 -17.76 -40.53 10.06
N LEU B 381 -16.75 -40.01 10.78
CA LEU B 381 -15.39 -40.52 10.64
C LEU B 381 -15.33 -42.00 10.95
N LEU B 382 -16.09 -42.43 11.95
CA LEU B 382 -16.22 -43.83 12.33
C LEU B 382 -17.08 -44.61 11.35
N ALA B 383 -17.81 -43.95 10.46
CA ALA B 383 -18.79 -44.61 9.60
C ALA B 383 -18.18 -45.25 8.37
N SER B 384 -16.87 -45.49 8.35
CA SER B 384 -16.25 -46.18 7.24
C SER B 384 -15.15 -47.16 7.65
N GLN B 385 -14.96 -47.40 8.94
CA GLN B 385 -13.85 -48.23 9.39
C GLN B 385 -14.16 -49.71 9.14
N HIS B 386 -13.09 -50.51 9.10
CA HIS B 386 -13.23 -51.93 8.85
C HIS B 386 -13.64 -52.73 10.08
N ILE B 387 -13.71 -52.07 11.24
CA ILE B 387 -14.19 -52.72 12.46
C ILE B 387 -15.65 -53.10 12.37
N VAL B 388 -16.48 -52.24 11.78
CA VAL B 388 -17.93 -52.37 11.82
C VAL B 388 -18.41 -53.52 10.95
N ASN B 391 -19.76 -53.58 6.94
CA ASN B 391 -20.44 -54.64 6.18
C ASN B 391 -19.65 -55.07 4.95
N PRO B 392 -19.79 -56.34 4.56
CA PRO B 392 -19.25 -56.79 3.27
C PRO B 392 -20.08 -56.29 2.09
N ASP B 393 -19.73 -56.73 0.90
CA ASP B 393 -20.19 -56.09 -0.33
C ASP B 393 -21.32 -56.92 -0.95
N ARG B 394 -22.56 -56.47 -0.73
CA ARG B 394 -23.73 -57.14 -1.27
C ARG B 394 -24.75 -56.11 -1.72
N GLN B 395 -25.59 -56.52 -2.67
CA GLN B 395 -26.72 -55.70 -3.08
C GLN B 395 -27.82 -55.84 -2.06
N GLY B 396 -28.30 -54.71 -1.53
CA GLY B 396 -29.18 -54.71 -0.40
C GLY B 396 -28.38 -54.36 0.85
N PRO B 397 -28.45 -53.10 1.26
CA PRO B 397 -27.61 -52.62 2.36
C PRO B 397 -27.91 -53.25 3.71
N LYS B 398 -29.16 -53.11 4.17
CA LYS B 398 -29.60 -53.37 5.55
C LYS B 398 -28.66 -52.59 6.48
N PRO B 399 -28.89 -51.27 6.62
CA PRO B 399 -27.89 -50.36 7.20
C PRO B 399 -27.31 -50.71 8.56
N THR B 400 -26.14 -50.13 8.85
CA THR B 400 -25.31 -50.52 9.97
C THR B 400 -25.91 -50.08 11.29
N THR B 401 -25.18 -50.38 12.37
CA THR B 401 -25.45 -49.74 13.65
C THR B 401 -25.17 -48.25 13.56
N VAL B 402 -24.15 -47.89 12.79
CA VAL B 402 -23.70 -46.50 12.70
C VAL B 402 -24.71 -45.66 11.94
N GLU B 403 -25.35 -46.24 10.91
CA GLU B 403 -26.36 -45.50 10.18
C GLU B 403 -27.61 -45.28 11.03
N TRP B 404 -27.98 -46.28 11.83
CA TRP B 404 -29.04 -46.09 12.80
C TRP B 404 -28.67 -45.11 13.90
N MET B 405 -27.38 -44.86 14.14
CA MET B 405 -27.02 -43.75 15.01
C MET B 405 -27.02 -42.42 14.28
N ILE B 406 -26.68 -42.42 12.98
CA ILE B 406 -26.67 -41.22 12.15
C ILE B 406 -28.08 -40.63 12.04
N LEU B 407 -29.08 -41.49 11.86
CA LEU B 407 -30.42 -41.04 11.50
C LEU B 407 -31.10 -40.10 12.52
N PRO B 408 -30.99 -40.25 13.84
CA PRO B 408 -31.50 -39.21 14.73
C PRO B 408 -30.60 -38.00 14.90
N TRP B 409 -29.53 -37.83 14.11
CA TRP B 409 -28.97 -36.50 13.91
C TRP B 409 -29.49 -35.84 12.65
N VAL B 410 -29.56 -36.60 11.55
CA VAL B 410 -30.02 -36.06 10.28
C VAL B 410 -31.47 -35.61 10.37
N LEU B 411 -32.30 -36.36 11.08
CA LEU B 411 -33.68 -35.93 11.27
C LEU B 411 -33.78 -34.69 12.14
N GLY B 412 -32.84 -34.52 13.08
CA GLY B 412 -32.78 -33.28 13.82
C GLY B 412 -32.42 -32.10 12.94
N PHE B 413 -31.53 -32.32 11.97
CA PHE B 413 -31.22 -31.24 11.03
C PHE B 413 -32.39 -30.96 10.10
N ILE B 414 -33.15 -31.99 9.75
CA ILE B 414 -34.36 -31.79 8.93
C ILE B 414 -35.37 -30.94 9.66
N TRP B 415 -35.64 -31.28 10.93
CA TRP B 415 -36.60 -30.51 11.72
C TRP B 415 -36.12 -29.09 11.96
N THR B 416 -34.83 -28.92 12.25
CA THR B 416 -34.23 -27.61 12.45
C THR B 416 -34.29 -26.74 11.21
N GLU B 417 -34.02 -27.30 10.04
CA GLU B 417 -34.08 -26.54 8.80
C GLU B 417 -35.51 -26.18 8.43
N ILE B 418 -36.46 -27.11 8.61
CA ILE B 418 -37.87 -26.83 8.34
C ILE B 418 -38.40 -25.75 9.27
N LYS B 419 -37.95 -25.74 10.53
CA LYS B 419 -38.40 -24.70 11.46
C LYS B 419 -37.86 -23.33 11.08
N GLN B 420 -36.56 -23.24 10.78
CA GLN B 420 -35.97 -21.93 10.50
C GLN B 420 -36.31 -21.46 9.09
N MET B 421 -36.80 -22.36 8.24
CA MET B 421 -37.26 -21.95 6.92
C MET B 421 -38.72 -21.55 6.97
N TRP B 422 -39.48 -22.17 7.88
CA TRP B 422 -40.89 -21.83 8.02
C TRP B 422 -41.07 -20.46 8.67
N ASP B 423 -40.26 -20.15 9.68
CA ASP B 423 -40.37 -18.91 10.42
C ASP B 423 -39.50 -17.82 9.83
N GLY B 424 -39.07 -17.96 8.59
CA GLY B 424 -38.35 -16.93 7.87
C GLY B 424 -39.03 -16.62 6.56
N GLY B 425 -39.98 -17.47 6.17
CA GLY B 425 -40.80 -17.31 5.00
C GLY B 425 -40.02 -17.24 3.70
N PHE B 426 -38.91 -18.01 3.63
CA PHE B 426 -37.96 -18.16 2.52
C PHE B 426 -37.33 -16.85 2.04
N GLN B 427 -37.57 -15.74 2.74
CA GLN B 427 -37.03 -14.45 2.35
C GLN B 427 -36.11 -13.95 3.44
N ASP B 428 -34.88 -13.59 3.01
CA ASP B 428 -33.67 -13.43 3.81
C ASP B 428 -33.29 -14.74 4.52
N TYR B 429 -33.85 -15.85 4.03
CA TYR B 429 -33.46 -17.20 4.39
C TYR B 429 -32.49 -17.76 3.37
N ILE B 430 -32.94 -17.86 2.13
CA ILE B 430 -32.17 -18.40 1.01
C ILE B 430 -31.09 -17.39 0.64
N HIS B 431 -31.29 -16.13 1.03
CA HIS B 431 -30.32 -15.08 0.88
C HIS B 431 -29.12 -15.24 1.82
N ASP B 432 -29.25 -16.09 2.84
CA ASP B 432 -28.09 -16.54 3.62
C ASP B 432 -27.49 -17.74 2.91
N TRP B 433 -26.17 -17.74 2.78
CA TRP B 433 -25.48 -18.81 2.06
C TRP B 433 -25.47 -20.11 2.85
N TRP B 434 -25.51 -20.00 4.19
CA TRP B 434 -25.46 -21.20 5.01
C TRP B 434 -26.77 -21.96 4.96
N ASN B 435 -27.88 -21.28 4.68
CA ASN B 435 -29.11 -22.00 4.46
C ASN B 435 -29.08 -22.78 3.16
N LEU B 436 -28.40 -22.24 2.13
CA LEU B 436 -28.18 -23.01 0.90
C LEU B 436 -27.31 -24.21 1.16
N MET B 437 -26.29 -24.07 2.01
CA MET B 437 -25.44 -25.20 2.30
C MET B 437 -26.16 -26.26 3.12
N ASP B 438 -27.00 -25.84 4.08
CA ASP B 438 -27.88 -26.76 4.79
C ASP B 438 -28.86 -27.44 3.86
N PHE B 439 -29.34 -26.70 2.86
CA PHE B 439 -30.34 -27.24 1.94
C PHE B 439 -29.74 -28.33 1.05
N VAL B 440 -28.55 -28.08 0.51
CA VAL B 440 -27.92 -29.12 -0.31
C VAL B 440 -27.47 -30.29 0.55
N MET B 441 -27.05 -30.04 1.80
CA MET B 441 -26.65 -31.11 2.70
C MET B 441 -27.82 -32.03 3.04
N ASN B 442 -28.95 -31.44 3.43
CA ASN B 442 -30.10 -32.24 3.80
C ASN B 442 -30.77 -32.87 2.59
N SER B 443 -30.68 -32.24 1.42
CA SER B 443 -31.19 -32.85 0.22
C SER B 443 -30.40 -34.10 -0.15
N LEU B 444 -29.08 -34.02 -0.04
CA LEU B 444 -28.26 -35.21 -0.30
C LEU B 444 -28.48 -36.27 0.75
N TYR B 445 -28.75 -35.89 2.00
CA TYR B 445 -29.08 -36.88 3.01
C TYR B 445 -30.40 -37.58 2.74
N LEU B 446 -31.43 -36.83 2.34
CA LEU B 446 -32.71 -37.45 2.02
C LEU B 446 -32.62 -38.32 0.78
N ALA B 447 -31.80 -37.91 -0.19
CA ALA B 447 -31.58 -38.76 -1.34
C ALA B 447 -30.82 -40.03 -0.96
N THR B 448 -29.91 -39.93 0.00
CA THR B 448 -29.20 -41.12 0.47
C THR B 448 -30.13 -42.08 1.17
N ILE B 449 -31.01 -41.55 2.02
CA ILE B 449 -31.99 -42.39 2.72
C ILE B 449 -32.93 -43.07 1.74
N SER B 450 -33.42 -42.30 0.76
CA SER B 450 -34.36 -42.85 -0.22
C SER B 450 -33.69 -43.89 -1.11
N LEU B 451 -32.44 -43.66 -1.51
CA LEU B 451 -31.76 -44.62 -2.35
C LEU B 451 -31.38 -45.88 -1.58
N LYS B 452 -31.11 -45.75 -0.28
CA LYS B 452 -30.88 -46.97 0.49
C LYS B 452 -32.17 -47.73 0.73
N ILE B 453 -33.30 -47.03 0.79
CA ILE B 453 -34.59 -47.71 0.85
C ILE B 453 -34.86 -48.46 -0.46
N VAL B 454 -34.56 -47.83 -1.60
CA VAL B 454 -34.74 -48.48 -2.89
C VAL B 454 -33.81 -49.68 -3.03
N ALA B 455 -32.57 -49.55 -2.60
CA ALA B 455 -31.64 -50.67 -2.70
C ALA B 455 -31.92 -51.74 -1.67
N TYR B 456 -32.61 -51.41 -0.57
CA TYR B 456 -32.90 -52.41 0.44
C TYR B 456 -33.93 -53.42 -0.05
N VAL B 457 -34.95 -52.94 -0.76
CA VAL B 457 -35.86 -53.85 -1.44
C VAL B 457 -35.20 -54.24 -2.75
N LYS B 458 -35.75 -55.27 -3.41
CA LYS B 458 -35.51 -55.80 -4.75
C LYS B 458 -34.10 -56.36 -4.98
N TYR B 459 -33.20 -56.27 -4.00
CA TYR B 459 -31.78 -56.62 -4.19
C TYR B 459 -31.35 -57.48 -3.00
N SER B 460 -31.16 -58.77 -3.23
CA SER B 460 -30.61 -59.62 -2.18
C SER B 460 -29.67 -60.68 -2.75
N GLY B 461 -29.05 -60.41 -3.89
CA GLY B 461 -28.27 -61.43 -4.58
C GLY B 461 -26.93 -61.73 -3.94
N CYS B 462 -26.35 -60.76 -3.22
CA CYS B 462 -25.01 -60.84 -2.61
C CYS B 462 -23.93 -61.12 -3.65
N LYS B 463 -24.14 -60.64 -4.88
CA LYS B 463 -23.16 -60.81 -5.93
C LYS B 463 -22.00 -59.83 -5.70
N PRO B 464 -20.78 -60.19 -6.14
CA PRO B 464 -19.62 -59.37 -5.79
C PRO B 464 -19.63 -58.01 -6.48
N ARG B 465 -19.09 -57.02 -5.76
CA ARG B 465 -19.22 -55.62 -6.14
C ARG B 465 -18.53 -55.31 -7.46
N ASP B 466 -17.45 -56.02 -7.76
CA ASP B 466 -16.75 -55.85 -9.03
C ASP B 466 -17.62 -56.27 -10.21
N THR B 467 -18.59 -57.15 -9.99
CA THR B 467 -19.51 -57.57 -11.04
C THR B 467 -20.77 -56.73 -11.08
N TRP B 468 -20.84 -55.62 -10.36
CA TRP B 468 -22.07 -54.86 -10.39
C TRP B 468 -22.14 -54.00 -11.65
N GLU B 469 -23.30 -53.39 -11.84
CA GLU B 469 -23.48 -52.48 -12.95
C GLU B 469 -22.95 -51.10 -12.59
N MET B 470 -22.90 -50.23 -13.57
CA MET B 470 -22.76 -48.80 -13.35
C MET B 470 -24.18 -48.31 -13.15
N TRP B 471 -24.33 -47.23 -12.37
CA TRP B 471 -25.59 -46.62 -11.98
C TRP B 471 -26.48 -47.59 -11.22
N HIS B 472 -25.87 -48.51 -10.47
CA HIS B 472 -26.58 -49.33 -9.51
C HIS B 472 -26.99 -48.44 -8.35
N PRO B 473 -28.16 -48.65 -7.74
CA PRO B 473 -28.63 -47.73 -6.70
C PRO B 473 -27.78 -47.70 -5.45
N THR B 474 -27.15 -48.80 -5.08
CA THR B 474 -26.30 -48.80 -3.89
C THR B 474 -25.06 -47.93 -4.10
N LEU B 475 -24.47 -48.01 -5.28
CA LEU B 475 -23.26 -47.23 -5.55
C LEU B 475 -23.57 -45.74 -5.61
N VAL B 476 -24.69 -45.38 -6.24
CA VAL B 476 -25.11 -43.99 -6.29
C VAL B 476 -25.48 -43.50 -4.90
N ALA B 477 -26.04 -44.37 -4.07
CA ALA B 477 -26.34 -44.01 -2.69
C ALA B 477 -25.08 -43.72 -1.89
N GLU B 478 -24.04 -44.52 -2.09
CA GLU B 478 -22.81 -44.30 -1.34
C GLU B 478 -22.07 -43.07 -1.85
N ALA B 479 -22.17 -42.80 -3.15
CA ALA B 479 -21.56 -41.59 -3.69
C ALA B 479 -22.27 -40.34 -3.19
N VAL B 480 -23.60 -40.36 -3.16
CA VAL B 480 -24.35 -39.22 -2.64
C VAL B 480 -24.13 -39.07 -1.14
N PHE B 481 -23.87 -40.17 -0.43
CA PHE B 481 -23.55 -40.08 0.98
C PHE B 481 -22.19 -39.42 1.21
N ALA B 482 -21.23 -39.68 0.33
CA ALA B 482 -19.93 -39.01 0.45
C ALA B 482 -20.03 -37.54 0.08
N ILE B 483 -20.76 -37.21 -0.99
CA ILE B 483 -20.99 -35.81 -1.35
C ILE B 483 -21.82 -35.10 -0.29
N ALA B 484 -22.56 -35.85 0.52
CA ALA B 484 -23.29 -35.23 1.61
C ALA B 484 -22.37 -34.92 2.79
N ASN B 485 -21.56 -35.90 3.19
CA ASN B 485 -20.83 -35.64 4.41
C ASN B 485 -19.55 -34.84 4.20
N ILE B 486 -19.11 -34.61 2.96
CA ILE B 486 -18.13 -33.55 2.73
C ILE B 486 -18.71 -32.19 3.10
N PHE B 487 -19.97 -31.93 2.75
CA PHE B 487 -20.59 -30.67 3.12
C PHE B 487 -20.87 -30.61 4.62
N SER B 488 -21.30 -31.73 5.20
CA SER B 488 -21.64 -31.70 6.62
C SER B 488 -20.40 -31.54 7.49
N SER B 489 -19.28 -32.12 7.06
CA SER B 489 -18.03 -31.86 7.75
C SER B 489 -17.48 -30.50 7.40
N LEU B 490 -17.86 -29.93 6.26
CA LEU B 490 -17.26 -28.68 5.85
C LEU B 490 -17.90 -27.49 6.54
N ARG B 491 -19.19 -27.52 6.82
CA ARG B 491 -19.81 -26.35 7.45
C ARG B 491 -19.61 -26.29 8.96
N LEU B 492 -18.63 -27.03 9.48
CA LEU B 492 -17.99 -26.70 10.74
C LEU B 492 -17.09 -25.47 10.60
N ILE B 493 -16.87 -24.97 9.39
CA ILE B 493 -16.17 -23.72 9.15
C ILE B 493 -16.99 -22.53 9.62
N SER B 494 -18.30 -22.68 9.77
CA SER B 494 -19.18 -21.57 10.11
C SER B 494 -19.28 -21.35 11.61
N LEU B 495 -18.51 -22.08 12.41
CA LEU B 495 -18.35 -21.78 13.81
C LEU B 495 -17.17 -20.87 14.07
N PHE B 496 -16.55 -20.33 13.02
CA PHE B 496 -15.40 -19.50 13.21
C PHE B 496 -15.74 -18.04 13.48
N THR B 497 -17.02 -17.69 13.50
CA THR B 497 -17.42 -16.40 14.04
C THR B 497 -17.76 -16.54 15.51
N ALA B 498 -16.89 -17.18 16.25
CA ALA B 498 -16.95 -17.21 17.70
C ALA B 498 -15.60 -17.03 18.34
N ASN B 499 -14.52 -17.36 17.65
CA ASN B 499 -13.18 -17.16 18.17
C ASN B 499 -12.72 -15.76 17.78
N SER B 500 -11.91 -15.17 18.66
CA SER B 500 -11.39 -13.84 18.38
C SER B 500 -10.29 -13.89 17.33
N HIS B 501 -9.58 -15.01 17.22
CA HIS B 501 -8.45 -15.11 16.32
C HIS B 501 -8.85 -15.57 14.94
N LEU B 502 -9.83 -16.46 14.84
CA LEU B 502 -10.17 -17.04 13.55
C LEU B 502 -11.28 -16.31 12.82
N GLY B 503 -11.92 -15.35 13.47
CA GLY B 503 -13.02 -14.61 12.91
C GLY B 503 -12.74 -13.79 11.67
N PRO B 504 -11.89 -12.75 11.79
CA PRO B 504 -11.67 -11.86 10.64
C PRO B 504 -11.01 -12.54 9.47
N LEU B 505 -10.28 -13.62 9.73
CA LEU B 505 -9.64 -14.35 8.66
C LEU B 505 -10.67 -15.09 7.81
N GLN B 506 -11.68 -15.67 8.45
CA GLN B 506 -12.69 -16.32 7.64
C GLN B 506 -13.68 -15.32 7.05
N ILE B 507 -13.77 -14.12 7.63
CA ILE B 507 -14.48 -13.04 6.95
C ILE B 507 -13.77 -12.68 5.64
N SER B 508 -12.44 -12.63 5.69
CA SER B 508 -11.65 -12.35 4.48
C SER B 508 -11.80 -13.47 3.46
N LEU B 509 -11.83 -14.73 3.93
CA LEU B 509 -12.22 -15.87 3.10
C LEU B 509 -13.53 -15.62 2.37
N GLY B 510 -14.60 -15.37 3.13
CA GLY B 510 -15.92 -15.20 2.56
C GLY B 510 -16.07 -13.98 1.69
N ARG B 511 -15.14 -13.02 1.77
CA ARG B 511 -15.26 -11.89 0.88
C ARG B 511 -14.38 -12.01 -0.37
N MET B 512 -13.21 -12.63 -0.27
CA MET B 512 -12.41 -12.80 -1.48
C MET B 512 -12.89 -13.94 -2.36
N LEU B 513 -13.79 -14.80 -1.84
CA LEU B 513 -14.49 -15.73 -2.73
C LEU B 513 -15.30 -14.99 -3.79
N LEU B 514 -15.74 -13.76 -3.52
CA LEU B 514 -16.50 -12.99 -4.48
C LEU B 514 -15.68 -12.42 -5.62
N ASP B 515 -14.36 -12.61 -5.62
CA ASP B 515 -13.54 -12.32 -6.78
C ASP B 515 -12.91 -13.56 -7.38
N ILE B 516 -12.70 -14.60 -6.57
CA ILE B 516 -12.42 -15.91 -7.13
C ILE B 516 -13.57 -16.36 -8.03
N LEU B 517 -14.80 -16.01 -7.67
CA LEU B 517 -15.96 -16.27 -8.51
C LEU B 517 -16.10 -15.33 -9.69
N LYS B 518 -15.12 -14.47 -9.97
CA LYS B 518 -15.06 -13.76 -11.24
C LYS B 518 -13.97 -14.32 -12.13
N PHE B 519 -12.84 -14.69 -11.51
CA PHE B 519 -11.86 -15.46 -12.26
C PHE B 519 -12.36 -16.82 -12.67
N LEU B 520 -13.33 -17.40 -11.97
CA LEU B 520 -13.95 -18.62 -12.46
C LEU B 520 -15.08 -18.36 -13.44
N PHE B 521 -15.21 -17.13 -13.94
CA PHE B 521 -15.95 -16.87 -15.16
C PHE B 521 -15.04 -16.54 -16.32
N ILE B 522 -13.87 -15.96 -16.06
CA ILE B 522 -12.90 -15.78 -17.14
C ILE B 522 -12.22 -17.09 -17.49
N TYR B 523 -11.76 -17.81 -16.46
CA TYR B 523 -10.99 -19.02 -16.64
C TYR B 523 -11.79 -20.12 -17.30
N CYS B 524 -13.11 -20.17 -17.04
CA CYS B 524 -13.92 -21.20 -17.67
C CYS B 524 -14.08 -20.98 -19.16
N LEU B 525 -14.12 -19.74 -19.63
CA LEU B 525 -14.23 -19.61 -21.08
C LEU B 525 -12.87 -19.71 -21.74
N VAL B 526 -11.78 -19.38 -21.03
CA VAL B 526 -10.45 -19.75 -21.53
C VAL B 526 -10.33 -21.26 -21.68
N LEU B 527 -10.89 -21.98 -20.71
CA LEU B 527 -10.92 -23.44 -20.74
C LEU B 527 -11.71 -23.96 -21.93
N LEU B 528 -12.92 -23.44 -22.14
CA LEU B 528 -13.73 -23.88 -23.26
C LEU B 528 -13.14 -23.50 -24.60
N ALA B 529 -12.42 -22.39 -24.66
CA ALA B 529 -11.73 -22.03 -25.89
C ALA B 529 -10.64 -23.06 -26.24
N PHE B 530 -9.80 -23.39 -25.27
CA PHE B 530 -8.74 -24.36 -25.58
C PHE B 530 -9.28 -25.77 -25.72
N ALA B 531 -10.43 -26.06 -25.15
CA ALA B 531 -11.07 -27.35 -25.41
C ALA B 531 -11.58 -27.42 -26.84
N ASN B 532 -12.23 -26.35 -27.32
CA ASN B 532 -12.64 -26.26 -28.71
C ASN B 532 -11.47 -26.40 -29.67
N GLY B 533 -10.31 -25.89 -29.28
CA GLY B 533 -9.14 -26.09 -30.13
C GLY B 533 -8.66 -27.53 -30.12
N LEU B 534 -8.50 -28.09 -28.92
CA LEU B 534 -7.77 -29.36 -28.82
C LEU B 534 -8.60 -30.54 -29.29
N ASN B 535 -9.90 -30.58 -28.98
CA ASN B 535 -10.65 -31.73 -29.45
C ASN B 535 -10.84 -31.68 -30.96
N GLN B 536 -10.92 -30.48 -31.52
CA GLN B 536 -10.96 -30.34 -32.97
C GLN B 536 -9.66 -30.80 -33.59
N LEU B 537 -8.55 -30.60 -32.89
CA LEU B 537 -7.29 -31.05 -33.47
C LEU B 537 -7.10 -32.55 -33.33
N TYR B 538 -7.64 -33.20 -32.30
CA TYR B 538 -7.29 -34.59 -32.05
C TYR B 538 -8.42 -35.61 -32.17
N PHE B 539 -9.63 -35.22 -32.60
CA PHE B 539 -10.73 -36.18 -32.53
C PHE B 539 -10.67 -37.27 -33.58
N TYR B 540 -9.82 -37.11 -34.58
CA TYR B 540 -9.57 -38.16 -35.55
C TYR B 540 -8.61 -39.23 -35.04
N TYR B 541 -8.13 -39.08 -33.82
CA TYR B 541 -7.13 -39.95 -33.23
C TYR B 541 -7.80 -40.61 -32.02
N GLU B 542 -8.53 -41.68 -32.27
CA GLU B 542 -9.46 -42.27 -31.32
C GLU B 542 -8.96 -43.60 -30.80
N ASN B 543 -7.64 -43.71 -30.60
CA ASN B 543 -6.96 -44.97 -30.33
C ASN B 543 -7.48 -45.68 -29.09
N SER B 544 -8.23 -46.75 -29.30
CA SER B 544 -8.78 -47.52 -28.20
C SER B 544 -8.78 -49.02 -28.45
N GLU B 545 -8.17 -49.48 -29.54
CA GLU B 545 -8.02 -50.92 -29.73
C GLU B 545 -6.99 -51.45 -28.73
N GLY B 546 -7.29 -52.61 -28.18
CA GLY B 546 -6.66 -52.99 -26.92
C GLY B 546 -7.28 -52.16 -25.83
N MET B 547 -6.43 -51.57 -24.98
CA MET B 547 -6.80 -50.56 -23.98
C MET B 547 -7.88 -51.07 -23.03
N THR B 548 -7.45 -52.04 -22.21
CA THR B 548 -8.25 -52.47 -21.06
C THR B 548 -8.62 -51.29 -20.17
N CYS B 549 -7.71 -50.34 -20.02
CA CYS B 549 -7.93 -49.11 -19.29
C CYS B 549 -7.98 -47.95 -20.28
N LYS B 550 -8.95 -47.06 -20.13
CA LYS B 550 -9.13 -45.96 -21.06
C LYS B 550 -8.96 -44.63 -20.34
N GLY B 551 -9.10 -43.55 -21.10
CA GLY B 551 -9.23 -42.24 -20.53
C GLY B 551 -7.94 -41.57 -20.08
N ILE B 552 -8.03 -40.80 -19.01
CA ILE B 552 -6.92 -39.99 -18.55
C ILE B 552 -6.73 -40.18 -17.05
N ARG B 553 -7.70 -40.82 -16.41
CA ARG B 553 -7.47 -41.33 -15.06
C ARG B 553 -6.69 -42.63 -15.06
N CYS B 554 -6.14 -43.03 -16.18
CA CYS B 554 -5.53 -44.34 -16.29
C CYS B 554 -4.08 -44.28 -15.80
N GLU B 555 -3.50 -45.46 -15.62
CA GLU B 555 -2.11 -45.54 -15.18
C GLU B 555 -1.17 -45.08 -16.28
N ARG B 556 -1.47 -45.43 -17.51
CA ARG B 556 -0.83 -44.88 -18.69
C ARG B 556 -1.79 -43.90 -19.33
N GLN B 557 -1.30 -42.69 -19.60
CA GLN B 557 -2.14 -41.62 -20.11
C GLN B 557 -2.54 -41.96 -21.54
N ASN B 558 -3.78 -42.41 -21.70
CA ASN B 558 -4.31 -42.79 -23.01
C ASN B 558 -4.74 -41.57 -23.80
N ASN B 559 -5.60 -41.78 -24.80
CA ASN B 559 -6.01 -40.70 -25.67
C ASN B 559 -6.78 -39.61 -24.91
N ALA B 560 -6.08 -38.53 -24.63
CA ALA B 560 -6.58 -37.52 -23.73
C ALA B 560 -7.59 -36.62 -24.42
N PHE B 561 -7.20 -36.06 -25.56
CA PHE B 561 -8.02 -35.04 -26.20
C PHE B 561 -8.94 -35.65 -27.25
N SER B 562 -9.69 -36.70 -26.91
CA SER B 562 -10.51 -37.33 -27.93
C SER B 562 -11.91 -36.75 -27.95
N THR B 563 -12.63 -36.89 -26.86
CA THR B 563 -13.92 -36.24 -26.76
C THR B 563 -13.75 -34.91 -26.04
N LEU B 564 -14.79 -34.07 -26.12
CA LEU B 564 -14.73 -32.76 -25.49
C LEU B 564 -14.70 -32.88 -23.98
N PHE B 565 -15.35 -33.92 -23.44
CA PHE B 565 -15.38 -34.12 -22.00
C PHE B 565 -14.01 -34.48 -21.45
N GLU B 566 -13.33 -35.45 -22.07
CA GLU B 566 -11.98 -35.77 -21.64
C GLU B 566 -11.02 -34.63 -21.92
N THR B 567 -11.32 -33.80 -22.91
CA THR B 567 -10.50 -32.63 -23.21
C THR B 567 -10.58 -31.60 -22.08
N LEU B 568 -11.80 -31.29 -21.65
CA LEU B 568 -12.03 -30.39 -20.53
C LEU B 568 -11.39 -30.93 -19.28
N GLN B 569 -11.50 -32.23 -19.09
CA GLN B 569 -10.93 -32.88 -17.94
C GLN B 569 -9.42 -32.81 -17.95
N SER B 570 -8.81 -32.99 -19.13
CA SER B 570 -7.38 -32.91 -19.30
C SER B 570 -6.87 -31.51 -19.01
N LEU B 571 -7.53 -30.51 -19.57
CA LEU B 571 -7.08 -29.15 -19.36
C LEU B 571 -7.37 -28.66 -17.95
N PHE B 572 -8.33 -29.25 -17.25
CA PHE B 572 -8.46 -28.96 -15.83
C PHE B 572 -7.30 -29.53 -15.05
N TRP B 573 -6.95 -30.79 -15.31
CA TRP B 573 -5.88 -31.40 -14.53
C TRP B 573 -4.50 -30.94 -14.93
N SER B 574 -4.34 -30.26 -16.06
CA SER B 574 -3.01 -29.82 -16.44
C SER B 574 -2.48 -28.65 -15.63
N ILE B 575 -3.31 -27.99 -14.82
CA ILE B 575 -2.84 -26.87 -14.03
C ILE B 575 -2.28 -27.32 -12.71
N PHE B 576 -2.29 -28.62 -12.45
CA PHE B 576 -1.79 -29.20 -11.22
C PHE B 576 -0.56 -30.04 -11.47
N GLY B 577 -0.06 -30.04 -12.70
CA GLY B 577 1.09 -30.83 -13.05
C GLY B 577 0.81 -32.31 -13.09
N LEU B 578 -0.36 -32.71 -13.59
CA LEU B 578 -0.74 -34.11 -13.60
C LEU B 578 -0.97 -34.67 -15.00
N ILE B 579 -0.77 -33.88 -16.05
CA ILE B 579 -0.93 -34.36 -17.41
C ILE B 579 0.46 -34.35 -18.02
N SER B 580 0.99 -35.55 -18.30
CA SER B 580 2.42 -35.75 -18.38
C SER B 580 2.98 -35.76 -19.79
N LEU B 581 2.40 -34.95 -20.68
CA LEU B 581 3.04 -34.41 -21.88
C LEU B 581 3.26 -35.44 -22.98
N TYR B 582 3.07 -36.72 -22.72
CA TYR B 582 3.02 -37.67 -23.82
C TYR B 582 1.61 -37.91 -24.27
N VAL B 583 0.65 -37.13 -23.77
CA VAL B 583 -0.69 -37.19 -24.29
C VAL B 583 -0.76 -36.57 -25.68
N THR B 584 0.20 -35.71 -26.02
CA THR B 584 0.14 -34.98 -27.27
C THR B 584 0.65 -35.79 -28.44
N ASN B 585 1.34 -36.91 -28.19
CA ASN B 585 1.68 -37.80 -29.28
C ASN B 585 0.47 -38.61 -29.72
N VAL B 586 0.48 -39.00 -30.98
CA VAL B 586 -0.43 -39.98 -31.52
C VAL B 586 0.42 -41.01 -32.25
N LYS B 587 -0.12 -42.21 -32.42
CA LYS B 587 0.64 -43.24 -33.13
C LYS B 587 0.53 -42.95 -34.62
N ALA B 588 1.39 -42.04 -35.07
CA ALA B 588 1.52 -41.66 -36.46
C ALA B 588 2.91 -41.07 -36.64
N ASP B 589 3.12 -40.40 -37.76
CA ASP B 589 4.30 -39.58 -37.93
C ASP B 589 3.86 -38.18 -38.31
N HIS B 590 2.81 -37.71 -37.66
CA HIS B 590 2.19 -36.44 -38.00
C HIS B 590 2.77 -35.35 -37.09
N LYS B 591 4.06 -35.12 -37.28
CA LYS B 591 4.79 -34.26 -36.34
C LYS B 591 4.35 -32.81 -36.41
N PHE B 592 3.72 -32.38 -37.50
CA PHE B 592 3.18 -31.04 -37.53
C PHE B 592 1.95 -30.92 -36.64
N THR B 593 1.01 -31.86 -36.75
CA THR B 593 -0.17 -31.80 -35.89
C THR B 593 0.17 -32.06 -34.44
N GLU B 594 1.14 -32.95 -34.20
CA GLU B 594 1.62 -33.17 -32.84
C GLU B 594 2.28 -31.92 -32.29
N PHE B 595 3.00 -31.19 -33.13
CA PHE B 595 3.66 -29.98 -32.65
C PHE B 595 2.65 -28.86 -32.41
N VAL B 596 1.62 -28.78 -33.23
CA VAL B 596 0.61 -27.76 -33.00
C VAL B 596 -0.22 -28.11 -31.78
N GLY B 597 -0.43 -29.40 -31.52
CA GLY B 597 -1.11 -29.80 -30.29
C GLY B 597 -0.30 -29.47 -29.06
N ALA B 598 1.00 -29.73 -29.09
CA ALA B 598 1.86 -29.34 -27.98
C ALA B 598 1.96 -27.83 -27.84
N THR B 599 1.90 -27.10 -28.96
CA THR B 599 2.02 -25.65 -28.91
C THR B 599 0.79 -25.01 -28.32
N MET B 600 -0.38 -25.45 -28.73
CA MET B 600 -1.58 -24.87 -28.16
C MET B 600 -1.96 -25.52 -26.84
N PHE B 601 -1.25 -26.54 -26.40
CA PHE B 601 -1.33 -26.97 -25.01
C PHE B 601 -0.40 -26.17 -24.12
N GLY B 602 0.77 -25.80 -24.63
CA GLY B 602 1.66 -24.93 -23.88
C GLY B 602 1.13 -23.53 -23.75
N THR B 603 0.40 -23.06 -24.76
CA THR B 603 -0.24 -21.76 -24.66
C THR B 603 -1.27 -21.74 -23.54
N TYR B 604 -2.03 -22.83 -23.41
CA TYR B 604 -2.97 -22.93 -22.32
C TYR B 604 -2.28 -22.99 -20.98
N ASN B 605 -1.19 -23.76 -20.89
CA ASN B 605 -0.45 -23.82 -19.63
C ASN B 605 0.13 -22.47 -19.25
N VAL B 606 0.56 -21.67 -20.23
CA VAL B 606 1.07 -20.34 -19.91
C VAL B 606 -0.06 -19.43 -19.42
N ILE B 607 -1.15 -19.33 -20.19
CA ILE B 607 -2.26 -18.45 -19.85
C ILE B 607 -2.88 -18.84 -18.52
N SER B 608 -2.94 -20.13 -18.22
CA SER B 608 -3.48 -20.54 -16.93
C SER B 608 -2.49 -20.30 -15.80
N LEU B 609 -1.26 -20.79 -15.94
CA LEU B 609 -0.40 -20.90 -14.78
C LEU B 609 0.35 -19.64 -14.46
N VAL B 610 0.82 -18.87 -15.45
CA VAL B 610 1.63 -17.70 -15.13
C VAL B 610 0.93 -16.40 -15.46
N VAL B 611 -0.31 -16.42 -15.91
CA VAL B 611 -1.00 -15.18 -16.20
C VAL B 611 -2.26 -15.07 -15.36
N LEU B 612 -3.19 -16.01 -15.51
CA LEU B 612 -4.45 -15.89 -14.79
C LEU B 612 -4.30 -16.16 -13.31
N LEU B 613 -3.40 -17.06 -12.92
CA LEU B 613 -3.17 -17.28 -11.49
C LEU B 613 -2.53 -16.07 -10.83
N ASN B 614 -1.64 -15.39 -11.54
CA ASN B 614 -1.01 -14.22 -10.95
C ASN B 614 -1.94 -13.02 -10.97
N MET B 615 -2.81 -12.93 -11.96
CA MET B 615 -3.86 -11.92 -11.90
C MET B 615 -4.83 -12.20 -10.78
N LEU B 616 -5.06 -13.47 -10.48
CA LEU B 616 -5.93 -13.85 -9.37
C LEU B 616 -5.31 -13.41 -8.05
N ILE B 617 -4.00 -13.59 -7.88
CA ILE B 617 -3.43 -13.18 -6.60
C ILE B 617 -3.30 -11.67 -6.52
N ALA B 618 -3.15 -10.96 -7.64
CA ALA B 618 -3.12 -9.51 -7.58
C ALA B 618 -4.48 -8.92 -7.23
N MET B 619 -5.54 -9.46 -7.84
CA MET B 619 -6.88 -8.99 -7.53
C MET B 619 -7.27 -9.32 -6.10
N MET B 620 -6.92 -10.50 -5.61
CA MET B 620 -7.22 -10.83 -4.23
C MET B 620 -6.41 -9.97 -3.28
N ASN B 621 -5.20 -9.59 -3.67
CA ASN B 621 -4.37 -8.75 -2.84
C ASN B 621 -4.98 -7.37 -2.64
N ASN B 622 -5.31 -6.65 -3.72
CA ASN B 622 -5.85 -5.33 -3.45
C ASN B 622 -7.28 -5.39 -2.96
N SER B 623 -8.03 -6.43 -3.31
CA SER B 623 -9.38 -6.58 -2.80
C SER B 623 -9.37 -6.87 -1.32
N TYR B 624 -8.28 -7.42 -0.80
CA TYR B 624 -8.18 -7.51 0.65
C TYR B 624 -7.64 -6.22 1.25
N GLN B 625 -6.84 -5.45 0.50
CA GLN B 625 -6.46 -4.12 0.96
C GLN B 625 -7.65 -3.18 1.13
N HIS B 626 -8.77 -3.43 0.45
CA HIS B 626 -9.94 -2.58 0.53
C HIS B 626 -10.74 -2.81 1.81
N ILE B 627 -10.53 -3.92 2.50
CA ILE B 627 -11.51 -4.40 3.47
C ILE B 627 -11.07 -4.17 4.92
N ALA B 628 -9.78 -4.15 5.22
CA ALA B 628 -9.30 -4.07 6.60
C ALA B 628 -9.62 -2.74 7.31
N ASP B 629 -10.24 -1.76 6.64
CA ASP B 629 -10.81 -0.62 7.33
C ASP B 629 -12.13 -0.98 8.00
N HIS B 630 -12.85 -1.97 7.48
CA HIS B 630 -14.10 -2.45 8.05
C HIS B 630 -14.03 -3.96 8.26
N ALA B 631 -12.96 -4.42 8.90
CA ALA B 631 -12.80 -5.85 9.15
C ALA B 631 -13.45 -6.26 10.47
N ASP B 632 -13.04 -5.61 11.57
CA ASP B 632 -13.55 -5.97 12.88
C ASP B 632 -15.02 -5.62 13.02
N ILE B 633 -15.49 -4.61 12.28
CA ILE B 633 -16.90 -4.26 12.30
C ILE B 633 -17.74 -5.40 11.75
N GLU B 634 -17.33 -5.94 10.60
CA GLU B 634 -18.07 -7.04 9.99
C GLU B 634 -17.95 -8.31 10.80
N TRP B 635 -16.78 -8.53 11.41
CA TRP B 635 -16.64 -9.71 12.26
C TRP B 635 -17.52 -9.62 13.50
N LYS B 636 -17.61 -8.46 14.13
CA LYS B 636 -18.44 -8.36 15.31
C LYS B 636 -19.91 -8.41 14.95
N PHE B 637 -20.26 -7.95 13.74
CA PHE B 637 -21.63 -8.11 13.26
C PHE B 637 -21.97 -9.58 13.05
N ALA B 638 -21.03 -10.36 12.50
CA ALA B 638 -21.27 -11.78 12.27
C ALA B 638 -21.38 -12.54 13.58
N ARG B 639 -20.48 -12.29 14.52
CA ARG B 639 -20.57 -13.00 15.79
C ARG B 639 -21.75 -12.50 16.61
N THR B 640 -22.23 -11.29 16.34
CA THR B 640 -23.45 -10.83 16.96
C THR B 640 -24.65 -11.63 16.49
N LYS B 641 -24.81 -11.78 15.17
CA LYS B 641 -25.98 -12.53 14.72
C LYS B 641 -25.87 -14.02 15.02
N LEU B 642 -24.66 -14.55 15.15
CA LEU B 642 -24.52 -15.90 15.67
C LEU B 642 -24.94 -15.99 17.13
N TRP B 643 -24.61 -14.97 17.93
CA TRP B 643 -25.08 -14.94 19.31
C TRP B 643 -26.58 -14.76 19.40
N MET B 644 -27.16 -13.98 18.49
CA MET B 644 -28.60 -13.80 18.45
C MET B 644 -29.30 -15.08 18.06
N SER B 645 -28.64 -15.92 17.29
CA SER B 645 -29.16 -17.25 17.03
C SER B 645 -29.14 -18.17 18.26
N TYR B 646 -28.72 -17.79 19.47
CA TYR B 646 -28.75 -18.68 20.63
C TYR B 646 -29.36 -18.00 21.84
N PHE B 647 -30.31 -17.10 21.65
CA PHE B 647 -30.89 -16.39 22.80
C PHE B 647 -32.31 -16.81 23.13
N GLU B 648 -33.03 -17.43 22.21
CA GLU B 648 -34.40 -17.84 22.50
C GLU B 648 -34.43 -19.00 23.47
N THR B 652 -37.50 -20.79 21.10
CA THR B 652 -36.61 -21.42 22.06
C THR B 652 -36.27 -22.81 21.58
N LEU B 653 -35.00 -23.02 21.20
CA LEU B 653 -34.53 -24.31 20.67
C LEU B 653 -33.37 -24.86 21.48
N PRO B 654 -33.60 -25.40 22.68
CA PRO B 654 -32.49 -25.92 23.48
C PRO B 654 -31.86 -27.20 22.93
N PRO B 655 -32.59 -28.29 22.62
CA PRO B 655 -31.85 -29.55 22.38
C PRO B 655 -31.23 -29.57 20.99
N PRO B 656 -29.95 -29.95 20.91
CA PRO B 656 -29.28 -30.01 19.60
C PRO B 656 -29.73 -31.13 18.67
N PHE B 657 -29.80 -32.36 19.17
CA PHE B 657 -30.24 -33.49 18.36
C PHE B 657 -31.37 -34.25 19.01
N ASN B 658 -31.74 -33.92 20.24
CA ASN B 658 -32.74 -34.66 21.00
C ASN B 658 -34.13 -34.09 20.81
N ILE B 659 -34.55 -33.97 19.55
CA ILE B 659 -35.83 -33.37 19.23
C ILE B 659 -36.85 -34.50 19.11
N ILE B 660 -37.68 -34.65 20.14
CA ILE B 660 -38.72 -35.67 20.14
C ILE B 660 -40.07 -35.01 20.40
N ALA B 696 -50.19 2.70 30.21
CA ALA B 696 -50.18 1.28 29.90
C ALA B 696 -48.77 0.72 29.93
N GLU B 697 -48.65 -0.58 29.64
CA GLU B 697 -47.37 -1.28 29.71
C GLU B 697 -46.39 -0.82 28.63
N ASN B 698 -46.87 -0.19 27.57
CA ASN B 698 -46.02 0.40 26.54
C ASN B 698 -45.89 1.91 26.68
N VAL B 699 -46.88 2.57 27.29
CA VAL B 699 -46.87 4.01 27.43
C VAL B 699 -45.75 4.46 28.39
N ARG B 700 -45.51 3.68 29.45
CA ARG B 700 -44.34 3.91 30.28
C ARG B 700 -43.05 3.71 29.49
N LEU B 701 -43.01 2.65 28.68
CA LEU B 701 -41.81 2.37 27.90
C LEU B 701 -41.61 3.38 26.78
N ASN B 702 -42.69 3.80 26.12
CA ASN B 702 -42.56 4.84 25.11
C ASN B 702 -42.18 6.17 25.74
N HIS B 703 -42.66 6.43 26.95
CA HIS B 703 -42.29 7.64 27.68
C HIS B 703 -40.80 7.65 28.00
N GLN B 704 -40.30 6.56 28.58
CA GLN B 704 -38.89 6.47 28.92
C GLN B 704 -38.02 6.50 27.68
N TYR B 705 -38.51 5.92 26.57
CA TYR B 705 -37.77 5.92 25.33
C TYR B 705 -37.68 7.33 24.74
N GLN B 706 -38.77 8.10 24.84
CA GLN B 706 -38.73 9.50 24.39
C GLN B 706 -37.79 10.33 25.25
N GLU B 707 -37.74 10.04 26.55
CA GLU B 707 -36.84 10.79 27.43
C GLU B 707 -35.38 10.48 27.11
N VAL B 708 -35.07 9.20 26.90
CA VAL B 708 -33.70 8.82 26.57
C VAL B 708 -33.31 9.36 25.20
N LEU B 709 -34.24 9.38 24.25
CA LEU B 709 -33.94 9.99 22.96
C LEU B 709 -33.72 11.49 23.07
N ARG B 710 -34.47 12.18 23.92
CA ARG B 710 -34.24 13.60 24.11
C ARG B 710 -32.87 13.87 24.69
N ASN B 711 -32.45 13.05 25.66
CA ASN B 711 -31.11 13.21 26.21
C ASN B 711 -30.03 12.87 25.20
N LEU B 712 -30.23 11.81 24.40
CA LEU B 712 -29.21 11.41 23.43
C LEU B 712 -29.07 12.42 22.31
N VAL B 713 -30.19 12.96 21.82
CA VAL B 713 -30.14 14.00 20.80
C VAL B 713 -29.49 15.26 21.34
N LYS B 714 -29.77 15.63 22.59
CA LYS B 714 -29.16 16.81 23.18
C LYS B 714 -27.65 16.63 23.34
N ARG B 715 -27.23 15.44 23.79
CA ARG B 715 -25.81 15.15 23.91
C ARG B 715 -25.12 15.13 22.57
N TYR B 716 -25.79 14.60 21.54
CA TYR B 716 -25.16 14.54 20.23
C TYR B 716 -25.06 15.91 19.58
N VAL B 717 -26.06 16.77 19.80
CA VAL B 717 -25.98 18.14 19.29
C VAL B 717 -24.85 18.89 19.99
N ALA B 718 -24.67 18.63 21.28
CA ALA B 718 -23.51 19.18 21.98
C ALA B 718 -22.20 18.66 21.40
N ALA B 719 -22.10 17.35 21.16
CA ALA B 719 -20.85 16.80 20.66
C ALA B 719 -20.61 17.13 19.20
N MET B 720 -21.64 17.62 18.51
CA MET B 720 -21.44 18.11 17.15
C MET B 720 -21.01 19.57 17.16
N ILE B 721 -21.71 20.42 17.91
CA ILE B 721 -21.37 21.84 18.02
C ILE B 721 -19.98 22.03 18.63
N ARG B 722 -19.70 21.45 19.79
CA ARG B 722 -18.42 21.75 20.42
C ARG B 722 -17.23 21.04 19.76
N ASP B 723 -17.44 20.19 18.75
CA ASP B 723 -16.32 19.49 18.11
C ASP B 723 -16.17 19.88 16.65
N ALA B 724 -17.20 19.70 15.81
CA ALA B 724 -17.04 19.82 14.37
C ALA B 724 -16.95 21.28 13.95
N LYS B 725 -17.63 22.15 14.67
CA LYS B 725 -17.53 23.59 14.46
C LYS B 725 -16.14 24.08 14.84
N THR B 726 -15.56 23.43 15.86
CA THR B 726 -14.24 23.82 16.34
C THR B 726 -13.16 23.46 15.33
N GLU B 727 -13.07 22.19 14.96
CA GLU B 727 -12.05 21.74 14.01
C GLU B 727 -12.51 20.54 13.21
N THR B 731 -7.76 26.38 11.26
CA THR B 731 -8.54 25.97 12.42
C THR B 731 -9.40 27.13 12.91
N GLU B 732 -10.71 26.89 13.01
CA GLU B 732 -11.65 27.94 13.39
C GLU B 732 -11.58 28.23 14.89
N GLU B 733 -10.97 27.33 15.67
CA GLU B 733 -10.89 27.50 17.12
C GLU B 733 -10.06 28.71 17.50
N ASN B 734 -8.94 28.92 16.81
CA ASN B 734 -8.13 30.10 17.08
C ASN B 734 -8.65 31.30 16.31
N PHE B 735 -9.36 31.06 15.21
CA PHE B 735 -9.94 32.15 14.44
C PHE B 735 -11.05 32.86 15.21
N LYS B 736 -11.84 32.12 15.97
CA LYS B 736 -12.90 32.74 16.76
C LYS B 736 -12.31 33.58 17.88
N GLU B 737 -11.16 33.15 18.41
CA GLU B 737 -10.45 33.95 19.41
C GLU B 737 -9.89 35.22 18.78
N LEU B 738 -9.45 35.14 17.52
CA LEU B 738 -9.03 36.33 16.78
C LEU B 738 -10.19 37.30 16.59
N LYS B 739 -11.37 36.78 16.21
CA LYS B 739 -12.55 37.63 16.04
C LYS B 739 -12.93 38.31 17.35
N GLN B 740 -12.83 37.58 18.46
CA GLN B 740 -13.05 38.16 19.77
C GLN B 740 -12.05 39.27 20.08
N ASP B 741 -10.77 39.02 19.80
CA ASP B 741 -9.72 39.99 20.14
C ASP B 741 -9.80 41.25 19.28
N ILE B 742 -10.40 41.14 18.09
CA ILE B 742 -10.63 42.30 17.25
C ILE B 742 -11.89 43.07 17.66
N SER B 743 -13.00 42.35 17.88
CA SER B 743 -14.26 43.02 18.16
C SER B 743 -14.29 43.64 19.56
N SER B 744 -13.70 42.95 20.54
CA SER B 744 -13.65 43.49 21.90
C SER B 744 -12.83 44.76 21.95
N PHE B 745 -11.72 44.78 21.20
CA PHE B 745 -10.91 45.99 21.11
C PHE B 745 -11.62 47.08 20.31
N ARG B 746 -12.47 46.68 19.36
CA ARG B 746 -13.31 47.66 18.66
C ARG B 746 -14.24 48.39 19.61
N TYR B 747 -14.90 47.64 20.48
CA TYR B 747 -15.81 48.29 21.42
C TYR B 747 -15.06 49.00 22.54
N GLU B 748 -13.83 48.56 22.83
CA GLU B 748 -12.97 49.34 23.71
C GLU B 748 -12.59 50.69 23.12
N VAL B 749 -12.38 50.77 21.81
CA VAL B 749 -12.01 52.02 21.16
C VAL B 749 -13.20 52.95 21.01
N ILE B 750 -14.30 52.47 20.42
CA ILE B 750 -15.44 53.34 20.14
C ILE B 750 -16.15 53.74 21.43
N GLY B 751 -16.19 52.83 22.40
CA GLY B 751 -16.84 53.15 23.66
C GLY B 751 -16.01 54.09 24.53
N MET B 752 -14.72 54.22 24.20
CA MET B 752 -13.85 55.12 24.94
C MET B 752 -14.21 56.58 24.69
N MET B 753 -14.65 56.89 23.48
CA MET B 753 -15.02 58.26 23.13
C MET B 753 -16.29 58.71 23.85
N ILE C 18 -6.77 4.68 46.88
CA ILE C 18 -6.83 6.05 46.37
C ILE C 18 -5.53 6.83 46.68
N PRO C 19 -4.75 7.15 45.63
CA PRO C 19 -3.44 7.78 45.84
C PRO C 19 -3.49 9.24 46.26
N LEU C 20 -3.13 9.50 47.52
CA LEU C 20 -2.90 10.86 48.01
C LEU C 20 -1.44 11.19 47.73
N ARG C 21 -1.19 11.81 46.59
CA ARG C 21 0.18 12.10 46.21
C ARG C 21 0.47 13.60 46.29
N ILE C 22 1.76 13.91 46.27
CA ILE C 22 2.29 15.26 46.41
C ILE C 22 3.03 15.59 45.12
N VAL C 23 3.02 16.86 44.72
CA VAL C 23 3.82 17.31 43.60
C VAL C 23 5.31 17.10 43.89
N ARG C 24 6.05 16.65 42.87
CA ARG C 24 7.51 16.58 42.91
C ARG C 24 8.10 17.94 43.22
N ALA C 25 9.27 17.93 43.87
CA ALA C 25 9.96 19.17 44.27
C ALA C 25 10.37 19.98 43.04
N GLU C 26 9.87 21.21 42.97
CA GLU C 26 10.13 22.12 41.86
C GLU C 26 9.91 23.54 42.37
N SER C 27 10.71 24.48 41.87
CA SER C 27 10.69 25.84 42.38
C SER C 27 9.44 26.59 41.96
N GLU C 28 8.89 27.36 42.88
CA GLU C 28 7.58 27.98 42.72
C GLU C 28 7.72 29.50 42.73
N LEU C 29 6.92 30.15 41.91
CA LEU C 29 6.96 31.60 41.71
C LEU C 29 6.13 32.32 42.76
N SER C 30 6.59 33.51 43.15
CA SER C 30 5.81 34.36 44.02
C SER C 30 4.71 35.07 43.23
N THR C 31 3.74 35.61 43.97
CA THR C 31 2.62 36.32 43.35
C THR C 31 2.97 37.74 42.94
N GLN C 32 4.05 38.31 43.49
CA GLN C 32 4.43 39.67 43.15
C GLN C 32 5.18 39.76 41.85
N GLU C 33 5.74 38.65 41.37
CA GLU C 33 6.34 38.62 40.04
C GLU C 33 5.36 38.13 38.98
N LYS C 34 4.22 37.55 39.39
CA LYS C 34 3.20 37.16 38.43
C LYS C 34 2.54 38.39 37.81
N SER C 35 2.39 39.47 38.57
CA SER C 35 1.84 40.71 38.02
C SER C 35 2.80 41.35 37.03
N TYR C 36 4.11 41.09 37.18
CA TYR C 36 5.08 41.49 36.19
C TYR C 36 5.01 40.62 34.94
N LEU C 37 4.98 39.31 35.13
CA LEU C 37 4.99 38.39 33.99
C LEU C 37 3.72 38.44 33.18
N SER C 38 2.57 38.74 33.81
CA SER C 38 1.33 38.87 33.06
C SER C 38 1.39 40.05 32.09
N ALA C 39 2.00 41.15 32.52
CA ALA C 39 2.25 42.26 31.62
C ALA C 39 3.32 41.93 30.58
N VAL C 40 4.23 41.02 30.89
CA VAL C 40 5.21 40.61 29.89
C VAL C 40 4.55 39.75 28.80
N GLU C 41 3.75 38.75 29.20
CA GLU C 41 3.11 37.90 28.20
C GLU C 41 2.01 38.63 27.44
N LYS C 42 1.21 39.44 28.12
CA LYS C 42 0.14 40.14 27.45
C LYS C 42 0.68 41.31 26.62
N GLY C 43 1.87 41.80 26.97
CA GLY C 43 2.58 42.70 26.10
C GLY C 43 2.39 44.18 26.31
N ASP C 44 2.67 44.67 27.51
CA ASP C 44 2.71 46.10 27.73
C ASP C 44 4.11 46.64 27.46
N TYR C 45 4.17 47.94 27.20
CA TYR C 45 5.41 48.67 27.37
C TYR C 45 5.35 49.65 28.54
N ALA C 46 4.15 50.08 28.91
CA ALA C 46 4.00 50.99 30.04
C ALA C 46 4.26 50.28 31.36
N SER C 47 3.44 49.30 31.69
CA SER C 47 3.52 48.66 33.00
C SER C 47 4.74 47.77 33.16
N VAL C 48 5.28 47.24 32.06
CA VAL C 48 6.52 46.48 32.15
C VAL C 48 7.69 47.40 32.51
N LYS C 49 7.75 48.58 31.90
CA LYS C 49 8.76 49.56 32.27
C LYS C 49 8.52 50.11 33.67
N LEU C 50 7.26 50.26 34.07
CA LEU C 50 6.96 50.72 35.43
C LEU C 50 7.37 49.69 36.47
N ALA C 51 7.27 48.39 36.13
CA ALA C 51 7.83 47.37 36.99
C ALA C 51 9.35 47.38 36.93
N LEU C 52 9.92 47.79 35.79
CA LEU C 52 11.35 47.92 35.61
C LEU C 52 11.89 49.24 36.10
N GLU C 53 11.07 50.05 36.76
CA GLU C 53 11.55 51.18 37.52
C GLU C 53 12.01 50.78 38.91
N GLU C 54 12.05 49.49 39.20
CA GLU C 54 12.53 48.96 40.47
C GLU C 54 13.96 48.47 40.35
N ALA C 55 14.77 49.16 39.54
CA ALA C 55 16.18 48.83 39.41
C ALA C 55 16.96 49.36 40.61
N GLU C 56 16.87 50.67 40.86
CA GLU C 56 17.54 51.25 42.02
C GLU C 56 16.76 50.94 43.30
N ILE C 57 15.44 51.01 43.22
CA ILE C 57 14.57 50.73 44.37
C ILE C 57 14.34 49.23 44.41
N TYR C 58 14.90 48.57 45.42
CA TYR C 58 14.75 47.13 45.52
C TYR C 58 13.33 46.73 45.91
N PHE C 59 12.62 46.13 44.95
CA PHE C 59 11.32 45.54 45.20
C PHE C 59 11.44 44.05 45.56
N LYS C 60 12.54 43.69 46.25
CA LYS C 60 12.85 42.39 46.85
C LYS C 60 12.84 41.22 45.87
N ILE C 61 12.80 41.52 44.57
CA ILE C 61 12.68 40.49 43.54
C ILE C 61 13.85 40.62 42.58
N ASN C 62 14.29 39.49 42.05
CA ASN C 62 15.08 39.51 40.82
C ASN C 62 14.13 39.42 39.63
N ILE C 63 14.27 40.38 38.71
CA ILE C 63 13.33 40.47 37.59
C ILE C 63 13.54 39.33 36.60
N ASN C 64 14.68 38.66 36.65
CA ASN C 64 14.99 37.54 35.77
C ASN C 64 14.70 36.19 36.40
N CYS C 65 13.99 36.15 37.52
CA CYS C 65 13.70 34.87 38.18
C CYS C 65 12.59 34.14 37.43
N ILE C 66 12.76 32.84 37.26
CA ILE C 66 11.94 32.10 36.31
C ILE C 66 10.60 31.73 36.92
N ASP C 67 9.63 31.47 36.05
CA ASP C 67 8.27 31.06 36.37
C ASP C 67 8.25 29.55 36.53
N PRO C 68 7.12 28.90 36.85
CA PRO C 68 7.07 27.43 36.73
C PRO C 68 7.20 26.90 35.31
N LEU C 69 7.08 27.73 34.28
CA LEU C 69 7.26 27.28 32.91
C LEU C 69 8.72 27.23 32.49
N GLY C 70 9.65 27.62 33.37
CA GLY C 70 11.05 27.65 33.02
C GLY C 70 11.48 28.83 32.18
N ARG C 71 10.83 29.97 32.30
CA ARG C 71 11.09 31.10 31.44
C ARG C 71 11.46 32.34 32.25
N THR C 72 12.48 33.05 31.79
CA THR C 72 12.64 34.44 32.16
C THR C 72 11.77 35.27 31.22
N ALA C 73 11.52 36.52 31.61
CA ALA C 73 10.59 37.37 30.85
C ALA C 73 11.15 37.74 29.49
N LEU C 74 12.48 37.77 29.38
CA LEU C 74 13.13 37.95 28.09
C LEU C 74 12.79 36.83 27.13
N LEU C 75 12.63 35.61 27.64
CA LEU C 75 12.27 34.49 26.79
C LEU C 75 10.82 34.58 26.31
N ILE C 76 9.93 35.18 27.11
CA ILE C 76 8.58 35.46 26.63
C ILE C 76 8.60 36.54 25.56
N ALA C 77 9.35 37.61 25.80
CA ALA C 77 9.42 38.72 24.86
C ALA C 77 10.05 38.31 23.53
N ILE C 78 10.96 37.34 23.56
CA ILE C 78 11.42 36.71 22.32
C ILE C 78 10.32 35.82 21.75
N GLU C 79 9.64 35.08 22.61
CA GLU C 79 8.59 34.16 22.19
C GLU C 79 7.37 34.86 21.59
N ASN C 80 7.15 36.13 21.92
CA ASN C 80 6.03 36.88 21.36
C ASN C 80 6.48 37.91 20.34
N GLU C 81 7.71 37.80 19.82
CA GLU C 81 8.25 38.58 18.71
C GLU C 81 8.32 40.09 18.98
N ASN C 82 8.12 40.54 20.21
CA ASN C 82 7.97 41.96 20.49
C ASN C 82 9.36 42.52 20.72
N LEU C 83 9.85 43.29 19.75
CA LEU C 83 11.22 43.76 19.78
C LEU C 83 11.42 44.82 20.86
N GLU C 84 10.39 45.59 21.18
CA GLU C 84 10.61 46.72 22.07
C GLU C 84 10.69 46.30 23.53
N ILE C 85 10.03 45.20 23.91
CA ILE C 85 10.21 44.69 25.26
C ILE C 85 11.60 44.09 25.41
N ILE C 86 12.10 43.45 24.36
CA ILE C 86 13.47 42.91 24.35
C ILE C 86 14.47 44.05 24.47
N GLU C 87 14.24 45.14 23.73
CA GLU C 87 15.08 46.31 23.80
C GLU C 87 15.04 46.94 25.18
N LEU C 88 13.86 46.94 25.81
CA LEU C 88 13.71 47.50 27.14
C LEU C 88 14.47 46.69 28.17
N LEU C 89 14.36 45.36 28.11
CA LEU C 89 15.00 44.50 29.08
C LEU C 89 16.51 44.49 28.91
N LEU C 90 16.98 44.56 27.66
CA LEU C 90 18.42 44.69 27.45
C LEU C 90 18.91 46.08 27.83
N SER C 91 18.06 47.10 27.71
CA SER C 91 18.42 48.44 28.15
C SER C 91 18.49 48.53 29.67
N PHE C 92 17.77 47.65 30.36
CA PHE C 92 17.81 47.61 31.81
C PHE C 92 18.56 46.39 32.33
N ASN C 93 19.36 45.76 31.47
CA ASN C 93 20.41 44.80 31.83
C ASN C 93 19.85 43.56 32.52
N VAL C 94 19.00 42.84 31.80
CA VAL C 94 18.55 41.53 32.28
C VAL C 94 19.57 40.47 31.85
N TYR C 95 19.66 39.40 32.64
CA TYR C 95 20.64 38.37 32.36
C TYR C 95 20.15 37.47 31.24
N VAL C 96 20.98 37.33 30.21
CA VAL C 96 20.59 36.59 29.01
C VAL C 96 20.86 35.09 29.15
N GLY C 97 22.05 34.71 29.62
CA GLY C 97 22.45 33.32 29.59
C GLY C 97 22.60 32.80 28.18
N ASP C 98 21.65 31.98 27.77
CA ASP C 98 21.55 31.45 26.42
C ASP C 98 20.30 31.97 25.72
N ALA C 99 20.03 33.26 25.87
CA ALA C 99 18.89 33.86 25.19
C ALA C 99 19.14 33.98 23.70
N LEU C 100 20.42 34.04 23.30
CA LEU C 100 20.76 34.08 21.88
C LEU C 100 20.31 32.82 21.18
N LEU C 101 20.55 31.66 21.80
CA LEU C 101 20.15 30.40 21.21
C LEU C 101 18.63 30.26 21.19
N HIS C 102 17.94 30.79 22.20
CA HIS C 102 16.49 30.77 22.20
C HIS C 102 15.93 31.66 21.10
N ALA C 103 16.61 32.77 20.81
CA ALA C 103 16.16 33.63 19.73
C ALA C 103 16.41 32.99 18.38
N ILE C 104 17.58 32.36 18.22
CA ILE C 104 17.96 31.73 16.97
C ILE C 104 17.05 30.54 16.67
N ARG C 105 16.65 29.80 17.71
CA ARG C 105 15.79 28.64 17.51
C ARG C 105 14.39 29.05 17.05
N LYS C 106 13.92 30.22 17.45
CA LYS C 106 12.64 30.73 16.96
C LYS C 106 12.79 31.44 15.62
N GLU C 107 14.02 31.56 15.13
CA GLU C 107 14.42 32.31 13.92
C GLU C 107 13.78 33.70 13.83
N VAL C 108 13.71 34.39 14.96
CA VAL C 108 13.35 35.79 14.97
C VAL C 108 14.58 36.64 14.70
N VAL C 109 14.52 37.46 13.64
CA VAL C 109 15.70 38.19 13.21
C VAL C 109 15.91 39.43 14.06
N GLY C 110 14.82 40.13 14.39
CA GLY C 110 14.91 41.36 15.16
C GLY C 110 15.44 41.16 16.57
N ALA C 111 15.31 39.96 17.12
CA ALA C 111 15.92 39.68 18.40
C ALA C 111 17.42 39.48 18.25
N VAL C 112 17.82 38.67 17.28
CA VAL C 112 19.23 38.30 17.12
C VAL C 112 20.08 39.50 16.72
N GLU C 113 19.51 40.40 15.91
CA GLU C 113 20.25 41.60 15.51
C GLU C 113 20.47 42.56 16.68
N LEU C 114 19.72 42.43 17.76
CA LEU C 114 19.97 43.18 18.97
C LEU C 114 20.90 42.45 19.91
N LEU C 115 20.68 41.15 20.09
CA LEU C 115 21.47 40.39 21.06
C LEU C 115 22.92 40.23 20.61
N LEU C 116 23.17 40.24 19.30
CA LEU C 116 24.55 40.29 18.85
C LEU C 116 25.17 41.66 19.09
N ASN C 117 24.35 42.70 19.17
CA ASN C 117 24.82 44.08 19.29
C ASN C 117 24.65 44.60 20.71
N HIS C 118 24.88 43.75 21.71
CA HIS C 118 24.81 44.19 23.09
C HIS C 118 26.00 45.05 23.45
N GLN C 135 21.63 26.24 37.89
CA GLN C 135 22.12 26.21 36.52
C GLN C 135 21.30 25.24 35.68
N PHE C 136 20.94 25.68 34.47
CA PHE C 136 20.09 24.91 33.59
C PHE C 136 20.30 25.42 32.17
N SER C 137 20.21 24.51 31.21
CA SER C 137 20.25 24.86 29.81
C SER C 137 19.09 24.21 29.09
N ASP C 138 18.60 24.87 28.05
CA ASP C 138 17.64 24.29 27.14
C ASP C 138 18.33 23.68 25.93
N PHE C 139 19.66 23.67 25.93
CA PHE C 139 20.43 23.18 24.80
C PHE C 139 21.59 22.36 25.31
N THR C 140 22.09 21.48 24.46
CA THR C 140 23.33 20.79 24.72
C THR C 140 24.46 21.81 24.73
N PRO C 141 25.34 21.79 25.74
CA PRO C 141 26.37 22.85 25.85
C PRO C 141 27.47 22.76 24.80
N ASP C 142 27.41 21.75 23.95
CA ASP C 142 28.34 21.60 22.84
C ASP C 142 27.81 22.25 21.57
N ILE C 143 27.03 23.31 21.70
CA ILE C 143 26.44 24.03 20.57
C ILE C 143 26.99 25.45 20.57
N THR C 144 27.67 25.81 19.50
CA THR C 144 28.03 27.20 19.28
C THR C 144 26.87 27.88 18.55
N PRO C 145 26.74 29.22 18.63
CA PRO C 145 25.55 29.87 18.09
C PRO C 145 25.36 29.77 16.58
N ILE C 146 26.37 29.36 15.82
CA ILE C 146 26.17 29.20 14.39
C ILE C 146 25.64 27.81 14.06
N ILE C 147 25.82 26.85 14.96
CA ILE C 147 25.45 25.47 14.67
C ILE C 147 23.93 25.30 14.66
N LEU C 148 23.27 25.78 15.71
CA LEU C 148 21.82 25.71 15.71
C LEU C 148 21.21 26.70 14.72
N ALA C 149 21.95 27.74 14.35
CA ALA C 149 21.51 28.61 13.28
C ALA C 149 21.48 27.87 11.95
N ALA C 150 22.50 27.06 11.71
CA ALA C 150 22.49 26.25 10.50
C ALA C 150 21.46 25.14 10.59
N HIS C 151 21.18 24.65 11.79
CA HIS C 151 20.12 23.68 11.96
C HIS C 151 18.76 24.26 11.63
N THR C 152 18.55 25.54 11.97
CA THR C 152 17.28 26.18 11.65
C THR C 152 17.16 26.59 10.20
N ASN C 153 18.28 26.64 9.47
CA ASN C 153 18.33 26.88 8.02
C ASN C 153 17.73 28.23 7.65
N ASN C 154 18.05 29.26 8.41
CA ASN C 154 17.64 30.61 8.07
C ASN C 154 18.82 31.35 7.47
N TYR C 155 18.56 32.12 6.43
CA TYR C 155 19.64 32.68 5.64
C TYR C 155 20.29 33.86 6.33
N GLU C 156 19.49 34.85 6.73
CA GLU C 156 20.05 36.09 7.22
C GLU C 156 20.61 35.97 8.63
N ILE C 157 20.16 35.00 9.42
CA ILE C 157 20.76 34.79 10.74
C ILE C 157 22.18 34.28 10.60
N ILE C 158 22.38 33.28 9.73
CA ILE C 158 23.73 32.81 9.43
C ILE C 158 24.53 33.90 8.75
N LYS C 159 23.87 34.73 7.96
CA LYS C 159 24.56 35.78 7.23
C LYS C 159 25.09 36.85 8.18
N MET C 160 24.33 37.17 9.23
CA MET C 160 24.86 38.12 10.20
C MET C 160 25.76 37.46 11.23
N LEU C 161 25.69 36.14 11.39
CA LEU C 161 26.64 35.50 12.28
C LEU C 161 28.01 35.36 11.64
N VAL C 162 28.08 35.12 10.34
CA VAL C 162 29.40 35.06 9.71
C VAL C 162 30.00 36.44 9.53
N GLN C 163 29.18 37.50 9.57
CA GLN C 163 29.74 38.84 9.65
C GLN C 163 30.37 39.11 11.00
N LYS C 164 29.90 38.46 12.05
CA LYS C 164 30.60 38.46 13.32
C LYS C 164 31.74 37.45 13.36
N GLY C 165 31.86 36.59 12.34
CA GLY C 165 32.98 35.69 12.24
C GLY C 165 32.93 34.54 13.21
N VAL C 166 31.88 33.72 13.13
CA VAL C 166 31.72 32.59 14.04
C VAL C 166 32.25 31.36 13.32
N SER C 167 33.20 30.66 13.93
CA SER C 167 33.79 29.48 13.31
C SER C 167 33.14 28.20 13.83
N VAL C 168 33.04 27.22 12.95
CA VAL C 168 32.50 25.90 13.27
C VAL C 168 33.69 24.97 13.43
N PRO C 169 33.65 23.97 14.31
CA PRO C 169 34.78 23.04 14.41
C PRO C 169 34.87 22.11 13.20
N GLN C 170 35.95 21.33 13.18
CA GLN C 170 36.24 20.36 12.14
C GLN C 170 36.01 18.95 12.66
N PRO C 171 35.25 18.13 11.96
CA PRO C 171 34.94 16.75 12.40
C PRO C 171 36.00 15.70 12.07
N HIS C 172 36.99 15.58 12.95
CA HIS C 172 38.01 14.55 12.75
C HIS C 172 37.45 13.19 13.18
N VAL C 187 35.66 9.76 25.75
CA VAL C 187 35.36 9.83 27.17
C VAL C 187 33.85 9.68 27.36
N ASP C 188 33.11 10.68 26.89
CA ASP C 188 31.65 10.59 26.81
C ASP C 188 31.32 10.23 25.38
N SER C 189 31.04 8.95 25.14
CA SER C 189 30.66 8.50 23.80
C SER C 189 29.29 9.00 23.39
N LEU C 190 28.51 9.54 24.31
CA LEU C 190 27.29 10.25 23.97
C LEU C 190 27.58 11.65 23.42
N ARG C 191 28.32 12.46 24.17
CA ARG C 191 28.55 13.83 23.73
C ARG C 191 29.44 13.92 22.51
N HIS C 192 30.34 12.95 22.32
CA HIS C 192 31.13 12.91 21.10
C HIS C 192 30.25 12.63 19.90
N SER C 193 29.34 11.67 20.02
CA SER C 193 28.49 11.29 18.89
C SER C 193 27.50 12.39 18.55
N ARG C 194 26.82 12.96 19.55
CA ARG C 194 25.88 14.03 19.26
C ARG C 194 26.60 15.31 18.86
N SER C 195 27.84 15.50 19.32
CA SER C 195 28.62 16.65 18.89
C SER C 195 28.97 16.55 17.42
N ARG C 196 29.45 15.38 16.98
CA ARG C 196 29.73 15.18 15.56
C ARG C 196 28.47 15.25 14.74
N LEU C 197 27.36 14.73 15.25
CA LEU C 197 26.12 14.77 14.50
C LEU C 197 25.60 16.19 14.34
N ASN C 198 25.72 17.00 15.39
CA ASN C 198 25.34 18.40 15.30
C ASN C 198 26.21 19.17 14.33
N ILE C 199 27.52 18.96 14.35
CA ILE C 199 28.33 19.78 13.45
C ILE C 199 28.26 19.28 12.02
N TYR C 200 27.95 18.00 11.79
CA TYR C 200 27.69 17.59 10.41
C TYR C 200 26.35 18.09 9.92
N LYS C 201 25.33 18.08 10.77
CA LYS C 201 24.03 18.58 10.36
C LYS C 201 24.07 20.10 10.16
N ALA C 202 24.92 20.79 10.91
CA ALA C 202 25.11 22.21 10.69
C ALA C 202 25.88 22.45 9.42
N LEU C 203 26.92 21.66 9.17
CA LEU C 203 27.72 21.85 7.97
C LEU C 203 26.96 21.42 6.71
N ALA C 204 25.93 20.61 6.85
CA ALA C 204 25.13 20.16 5.71
C ALA C 204 23.85 20.97 5.55
N SER C 205 23.87 22.21 5.92
CA SER C 205 22.67 22.96 5.57
C SER C 205 22.89 23.68 4.25
N PRO C 206 21.83 23.91 3.48
CA PRO C 206 21.99 24.62 2.21
C PRO C 206 22.39 26.07 2.38
N SER C 207 22.00 26.71 3.47
CA SER C 207 22.30 28.13 3.64
C SER C 207 23.77 28.34 3.95
N LEU C 208 24.37 27.45 4.74
CA LEU C 208 25.78 27.58 5.06
C LEU C 208 26.65 27.27 3.86
N ILE C 209 26.23 26.32 3.02
CA ILE C 209 26.96 26.02 1.80
C ILE C 209 26.76 27.13 0.79
N ALA C 210 25.65 27.86 0.88
CA ALA C 210 25.46 29.01 0.01
C ALA C 210 26.37 30.16 0.42
N LEU C 211 26.39 30.50 1.71
CA LEU C 211 27.13 31.68 2.15
C LEU C 211 28.62 31.47 2.26
N SER C 212 29.09 30.22 2.26
CA SER C 212 30.51 29.96 2.38
C SER C 212 30.90 28.90 1.36
N SER C 213 32.10 28.33 1.50
CA SER C 213 32.50 27.10 0.83
C SER C 213 32.46 27.26 -0.71
N GLU C 214 33.44 28.02 -1.19
CA GLU C 214 33.55 28.65 -2.51
C GLU C 214 33.01 27.87 -3.69
N ASP C 215 33.21 26.56 -3.72
CA ASP C 215 32.50 25.74 -4.69
C ASP C 215 31.48 24.91 -3.96
N PRO C 216 30.19 25.22 -4.07
CA PRO C 216 29.18 24.46 -3.31
C PRO C 216 28.99 23.05 -3.85
N PHE C 217 29.32 22.81 -5.12
CA PHE C 217 29.18 21.49 -5.70
C PHE C 217 30.13 20.48 -5.06
N LEU C 218 31.41 20.85 -4.91
CA LEU C 218 32.37 19.95 -4.28
C LEU C 218 32.06 19.69 -2.83
N THR C 219 31.60 20.72 -2.11
CA THR C 219 31.31 20.53 -0.70
C THR C 219 30.06 19.68 -0.51
N ALA C 220 29.06 19.87 -1.36
CA ALA C 220 27.88 19.01 -1.33
C ALA C 220 28.24 17.57 -1.68
N PHE C 221 29.13 17.38 -2.66
CA PHE C 221 29.51 16.04 -3.10
C PHE C 221 30.31 15.30 -2.03
N GLN C 222 31.41 15.92 -1.57
CA GLN C 222 32.23 15.29 -0.56
C GLN C 222 31.50 15.13 0.75
N LEU C 223 30.59 16.05 1.07
CA LEU C 223 29.88 15.94 2.32
C LEU C 223 28.83 14.85 2.26
N SER C 224 28.17 14.68 1.10
CA SER C 224 27.26 13.56 0.93
C SER C 224 28.01 12.23 0.98
N TRP C 225 29.24 12.20 0.46
CA TRP C 225 30.06 11.01 0.56
C TRP C 225 30.42 10.68 2.00
N GLU C 226 30.82 11.69 2.77
CA GLU C 226 31.24 11.44 4.15
C GLU C 226 30.06 11.03 5.02
N LEU C 227 28.89 11.63 4.78
CA LEU C 227 27.70 11.22 5.51
C LEU C 227 27.26 9.82 5.12
N GLN C 228 27.46 9.43 3.86
CA GLN C 228 27.16 8.05 3.47
C GLN C 228 28.11 7.07 4.14
N GLU C 229 29.38 7.45 4.29
CA GLU C 229 30.31 6.61 5.01
C GLU C 229 29.95 6.48 6.48
N LEU C 230 29.59 7.58 7.12
CA LEU C 230 29.25 7.53 8.54
C LEU C 230 27.88 6.90 8.79
N SER C 231 27.08 6.73 7.74
CA SER C 231 25.86 5.93 7.89
C SER C 231 26.19 4.51 8.25
N LYS C 232 27.27 3.97 7.69
CA LYS C 232 27.66 2.59 7.94
C LYS C 232 28.65 2.46 9.09
N VAL C 233 29.60 3.40 9.20
CA VAL C 233 30.62 3.30 10.24
C VAL C 233 30.03 3.53 11.62
N GLU C 234 29.40 4.69 11.81
CA GLU C 234 28.58 4.89 12.99
C GLU C 234 27.34 4.02 12.81
N ASN C 235 27.19 3.01 13.65
CA ASN C 235 26.30 1.90 13.33
C ASN C 235 24.82 2.21 13.47
N GLU C 236 24.45 3.27 14.16
CA GLU C 236 23.09 3.35 14.65
C GLU C 236 22.32 4.60 14.27
N PHE C 237 22.98 5.70 13.92
CA PHE C 237 22.22 6.86 13.47
C PHE C 237 22.12 6.87 11.95
N LYS C 238 21.78 5.73 11.37
CA LYS C 238 21.88 5.62 9.93
C LYS C 238 20.71 6.30 9.24
N ALA C 239 19.57 6.42 9.93
CA ALA C 239 18.50 7.23 9.40
C ALA C 239 18.90 8.70 9.36
N GLU C 240 19.59 9.16 10.40
CA GLU C 240 19.95 10.56 10.50
C GLU C 240 21.01 10.94 9.48
N TYR C 241 22.10 10.16 9.43
CA TYR C 241 23.16 10.42 8.46
C TYR C 241 22.68 10.19 7.03
N GLU C 242 21.80 9.21 6.84
CA GLU C 242 21.25 8.94 5.52
C GLU C 242 20.38 10.09 5.04
N GLU C 243 19.58 10.66 5.94
CA GLU C 243 18.73 11.79 5.59
C GLU C 243 19.55 13.04 5.30
N LEU C 244 20.65 13.22 6.03
CA LEU C 244 21.51 14.37 5.77
C LEU C 244 22.20 14.23 4.42
N SER C 245 22.66 13.02 4.08
CA SER C 245 23.27 12.82 2.77
C SER C 245 22.26 12.99 1.65
N HIS C 246 21.01 12.58 1.89
CA HIS C 246 19.98 12.76 0.88
C HIS C 246 19.66 14.24 0.67
N GLN C 247 19.67 15.03 1.75
CA GLN C 247 19.42 16.45 1.59
C GLN C 247 20.59 17.15 0.90
N CYS C 248 21.81 16.67 1.12
CA CYS C 248 22.94 17.17 0.35
C CYS C 248 22.80 16.86 -1.13
N LYS C 249 22.28 15.68 -1.47
CA LYS C 249 22.06 15.34 -2.86
C LYS C 249 20.97 16.20 -3.48
N HIS C 250 19.87 16.43 -2.75
CA HIS C 250 18.81 17.33 -3.24
C HIS C 250 19.31 18.75 -3.42
N PHE C 251 20.18 19.24 -2.53
CA PHE C 251 20.75 20.57 -2.70
C PHE C 251 21.63 20.64 -3.94
N ALA C 252 22.45 19.62 -4.16
CA ALA C 252 23.29 19.61 -5.36
C ALA C 252 22.46 19.55 -6.62
N LYS C 253 21.29 18.91 -6.56
CA LYS C 253 20.38 18.93 -7.69
C LYS C 253 19.77 20.32 -7.89
N ASP C 254 19.34 20.96 -6.80
CA ASP C 254 18.56 22.17 -6.93
C ASP C 254 19.43 23.35 -7.31
N LEU C 255 20.73 23.28 -7.07
CA LEU C 255 21.62 24.28 -7.65
C LEU C 255 21.66 24.14 -9.17
N LEU C 256 21.69 22.91 -9.66
CA LEU C 256 21.79 22.70 -11.11
C LEU C 256 20.48 23.02 -11.79
N ASP C 257 19.38 22.90 -11.05
CA ASP C 257 18.05 23.11 -11.61
C ASP C 257 17.79 24.57 -11.95
N GLN C 258 18.63 25.47 -11.45
CA GLN C 258 18.43 26.89 -11.64
C GLN C 258 19.13 27.46 -12.87
N THR C 259 19.81 26.65 -13.66
CA THR C 259 20.44 27.15 -14.88
C THR C 259 19.39 27.46 -15.91
N ARG C 260 19.45 28.66 -16.48
CA ARG C 260 18.49 29.07 -17.48
C ARG C 260 19.14 29.30 -18.85
N SER C 261 20.37 28.84 -19.03
CA SER C 261 21.03 28.88 -20.32
C SER C 261 21.82 27.60 -20.50
N SER C 262 21.75 27.02 -21.70
CA SER C 262 22.51 25.82 -22.00
C SER C 262 24.01 26.07 -21.99
N ARG C 263 24.43 27.31 -22.28
CA ARG C 263 25.82 27.69 -22.11
C ARG C 263 26.25 27.57 -20.66
N GLU C 264 25.38 28.02 -19.74
CA GLU C 264 25.67 27.88 -18.32
C GLU C 264 25.76 26.42 -17.90
N LEU C 265 24.88 25.58 -18.46
CA LEU C 265 24.90 24.16 -18.14
C LEU C 265 26.16 23.49 -18.65
N GLU C 266 26.62 23.92 -19.82
CA GLU C 266 27.88 23.41 -20.35
C GLU C 266 29.05 23.84 -19.49
N LEU C 267 29.03 25.10 -19.01
CA LEU C 267 30.10 25.56 -18.14
C LEU C 267 30.08 24.86 -16.80
N ILE C 268 28.92 24.40 -16.35
CA ILE C 268 28.88 23.61 -15.12
C ILE C 268 29.46 22.23 -15.35
N LEU C 269 28.96 21.52 -16.35
CA LEU C 269 29.33 20.11 -16.48
C LEU C 269 30.76 19.94 -16.99
N ASN C 270 31.16 20.74 -17.98
CA ASN C 270 32.53 20.70 -18.48
C ASN C 270 33.41 21.58 -17.60
N PHE C 271 33.80 21.06 -16.45
CA PHE C 271 34.68 21.80 -15.57
C PHE C 271 35.60 20.85 -14.82
N ARG C 272 36.87 21.22 -14.73
CA ARG C 272 37.85 20.43 -13.99
C ARG C 272 38.05 21.01 -12.61
N ASN C 284 38.50 13.99 -20.50
CA ASN C 284 38.66 15.40 -20.83
C ASN C 284 37.39 16.17 -20.51
N GLU C 285 36.43 16.16 -21.43
CA GLU C 285 35.19 16.88 -21.21
C GLU C 285 34.31 16.13 -20.22
N LEU C 286 33.28 16.84 -19.74
CA LEU C 286 32.28 16.34 -18.80
C LEU C 286 32.92 15.88 -17.49
N ALA C 287 33.98 16.58 -17.09
CA ALA C 287 34.79 16.15 -15.96
C ALA C 287 34.02 16.26 -14.66
N ARG C 288 33.20 17.29 -14.51
CA ARG C 288 32.35 17.37 -13.34
C ARG C 288 31.25 16.33 -13.39
N LEU C 289 30.78 15.98 -14.59
CA LEU C 289 29.78 14.93 -14.68
C LEU C 289 30.39 13.57 -14.35
N LYS C 290 31.64 13.34 -14.77
CA LYS C 290 32.34 12.10 -14.40
C LYS C 290 32.56 12.04 -12.90
N LEU C 291 32.91 13.17 -12.28
CA LEU C 291 33.08 13.21 -10.84
C LEU C 291 31.75 13.02 -10.13
N ALA C 292 30.64 13.44 -10.75
CA ALA C 292 29.34 13.25 -10.14
C ALA C 292 28.90 11.80 -10.22
N ILE C 293 29.23 11.12 -11.32
CA ILE C 293 29.02 9.68 -11.40
C ILE C 293 29.87 8.97 -10.36
N LYS C 294 31.08 9.48 -10.12
CA LYS C 294 31.99 8.87 -9.16
C LYS C 294 31.46 8.95 -7.74
N TYR C 295 30.77 10.03 -7.40
CA TYR C 295 30.29 10.24 -6.04
C TYR C 295 28.85 9.82 -5.82
N ARG C 296 28.29 9.02 -6.72
CA ARG C 296 26.95 8.41 -6.60
C ARG C 296 25.85 9.45 -6.46
N GLN C 297 26.03 10.58 -7.13
CA GLN C 297 25.07 11.68 -7.06
C GLN C 297 23.95 11.46 -8.08
N LYS C 298 23.12 10.45 -7.79
CA LYS C 298 22.16 10.03 -8.79
C LYS C 298 20.99 10.99 -8.94
N GLU C 299 20.64 11.76 -7.91
CA GLU C 299 19.62 12.78 -8.13
C GLU C 299 20.17 13.94 -8.93
N PHE C 300 21.47 14.19 -8.85
CA PHE C 300 22.09 15.29 -9.59
C PHE C 300 22.09 15.00 -11.09
N VAL C 301 22.28 13.75 -11.47
CA VAL C 301 22.50 13.42 -12.87
C VAL C 301 21.20 13.01 -13.54
N ALA C 302 20.18 12.66 -12.78
CA ALA C 302 18.84 12.51 -13.34
C ALA C 302 18.09 13.83 -13.43
N GLN C 303 18.79 14.95 -13.27
CA GLN C 303 18.22 16.25 -13.59
C GLN C 303 17.91 16.29 -15.09
N PRO C 304 16.77 16.88 -15.48
CA PRO C 304 16.36 16.80 -16.90
C PRO C 304 17.28 17.48 -17.89
N ASN C 305 17.80 18.65 -17.58
CA ASN C 305 18.56 19.39 -18.58
C ASN C 305 19.93 18.76 -18.80
N CYS C 306 20.49 18.15 -17.76
CA CYS C 306 21.67 17.30 -17.92
C CYS C 306 21.37 16.15 -18.86
N GLN C 307 20.16 15.60 -18.79
CA GLN C 307 19.79 14.50 -19.68
C GLN C 307 19.57 14.98 -21.11
N GLN C 308 19.10 16.21 -21.30
CA GLN C 308 19.04 16.77 -22.66
C GLN C 308 20.42 16.95 -23.24
N LEU C 309 21.37 17.45 -22.44
CA LEU C 309 22.71 17.62 -22.97
C LEU C 309 23.35 16.27 -23.27
N LEU C 310 23.11 15.28 -22.42
CA LEU C 310 23.63 13.94 -22.68
C LEU C 310 22.98 13.31 -23.89
N ALA C 311 21.68 13.53 -24.10
CA ALA C 311 21.01 12.92 -25.24
C ALA C 311 21.41 13.60 -26.54
N SER C 312 21.64 14.92 -26.50
CA SER C 312 22.16 15.61 -27.67
C SER C 312 23.59 15.18 -27.97
N ARG C 313 24.36 14.82 -26.95
CA ARG C 313 25.64 14.19 -27.21
C ARG C 313 25.48 12.80 -27.81
N TRP C 314 24.52 12.04 -27.29
CA TRP C 314 24.37 10.62 -27.59
C TRP C 314 23.86 10.39 -29.01
N TYR C 315 22.93 11.21 -29.48
CA TYR C 315 22.33 10.92 -30.79
C TYR C 315 23.21 11.38 -31.93
N ASP C 316 23.40 12.70 -32.06
CA ASP C 316 24.05 13.35 -33.20
C ASP C 316 23.42 12.90 -34.52
N GLU C 317 22.18 13.37 -34.71
CA GLU C 317 21.27 13.02 -35.81
C GLU C 317 20.94 11.54 -35.81
N PHE C 318 20.20 11.10 -34.80
CA PHE C 318 19.31 9.95 -34.93
C PHE C 318 17.96 10.35 -35.54
N PRO C 319 17.32 11.48 -35.12
CA PRO C 319 16.16 11.80 -35.97
C PRO C 319 16.56 12.52 -37.25
N ARG C 324 10.87 10.34 -34.83
CA ARG C 324 10.26 9.43 -35.78
C ARG C 324 9.34 8.43 -35.08
N HIS C 325 9.18 7.27 -35.69
CA HIS C 325 8.29 6.22 -35.22
C HIS C 325 9.02 4.88 -35.27
N TRP C 326 8.35 3.83 -34.79
CA TRP C 326 8.99 2.54 -34.52
C TRP C 326 9.50 1.86 -35.79
N ALA C 327 8.81 2.04 -36.90
CA ALA C 327 9.20 1.38 -38.14
C ALA C 327 10.50 1.96 -38.69
N GLY C 328 10.56 3.29 -38.81
CA GLY C 328 11.76 3.92 -39.32
C GLY C 328 12.96 3.75 -38.40
N LYS C 329 12.74 3.88 -37.09
CA LYS C 329 13.82 3.71 -36.12
C LYS C 329 14.34 2.27 -36.13
N LEU C 330 13.43 1.30 -36.21
CA LEU C 330 13.84 -0.11 -36.26
C LEU C 330 14.63 -0.42 -37.52
N ILE C 331 14.15 0.03 -38.67
CA ILE C 331 14.80 -0.29 -39.94
C ILE C 331 16.14 0.42 -40.04
N THR C 332 16.26 1.65 -39.52
CA THR C 332 17.55 2.34 -39.56
C THR C 332 18.55 1.72 -38.59
N CYS C 333 18.08 1.29 -37.41
CA CYS C 333 19.00 0.63 -36.46
C CYS C 333 19.50 -0.70 -37.00
N VAL C 334 18.61 -1.50 -37.60
CA VAL C 334 19.08 -2.77 -38.14
C VAL C 334 19.87 -2.56 -39.42
N PHE C 335 19.63 -1.46 -40.14
CA PHE C 335 20.41 -1.16 -41.33
C PHE C 335 21.84 -0.77 -40.96
N ILE C 336 22.01 -0.06 -39.86
CA ILE C 336 23.34 0.20 -39.36
C ILE C 336 23.96 -1.09 -38.84
N GLY C 337 23.18 -1.91 -38.13
CA GLY C 337 23.70 -3.11 -37.52
C GLY C 337 24.10 -4.19 -38.51
N LEU C 338 23.55 -4.17 -39.72
CA LEU C 338 24.02 -5.10 -40.74
C LEU C 338 25.34 -4.67 -41.36
N MET C 339 25.84 -3.48 -41.05
CA MET C 339 27.02 -2.93 -41.70
C MET C 339 28.10 -2.56 -40.71
N PHE C 340 28.15 -3.25 -39.57
CA PHE C 340 29.21 -2.91 -38.62
C PHE C 340 30.63 -3.32 -39.01
N PRO C 341 30.92 -4.46 -39.69
CA PRO C 341 32.34 -4.71 -40.02
C PRO C 341 32.83 -3.79 -41.12
N LEU C 342 31.93 -3.38 -42.02
CA LEU C 342 32.27 -2.37 -43.02
C LEU C 342 32.70 -1.07 -42.36
N LEU C 343 31.91 -0.61 -41.39
CA LEU C 343 32.22 0.64 -40.71
C LEU C 343 33.47 0.51 -39.87
N SER C 344 33.68 -0.65 -39.25
CA SER C 344 34.86 -0.81 -38.41
C SER C 344 36.13 -0.91 -39.24
N LEU C 345 36.10 -1.65 -40.36
CA LEU C 345 37.30 -1.75 -41.17
C LEU C 345 37.58 -0.49 -41.98
N CYS C 346 36.55 0.28 -42.32
CA CYS C 346 36.85 1.56 -42.93
C CYS C 346 37.25 2.59 -41.90
N TYR C 347 36.93 2.36 -40.63
CA TYR C 347 37.54 3.17 -39.58
C TYR C 347 39.01 2.81 -39.41
N LEU C 348 39.34 1.53 -39.56
CA LEU C 348 40.73 1.14 -39.36
C LEU C 348 41.62 1.54 -40.53
N VAL C 349 41.13 1.38 -41.76
CA VAL C 349 41.95 1.75 -42.90
C VAL C 349 42.03 3.26 -43.06
N ALA C 350 41.06 3.99 -42.51
CA ALA C 350 41.04 5.46 -42.60
C ALA C 350 40.29 6.02 -41.40
N PRO C 351 40.97 6.22 -40.28
CA PRO C 351 40.33 6.91 -39.15
C PRO C 351 40.27 8.41 -39.38
N LYS C 352 39.45 8.84 -40.33
CA LYS C 352 39.30 10.25 -40.66
C LYS C 352 37.84 10.53 -40.92
N SER C 353 37.57 11.69 -41.51
CA SER C 353 36.22 12.21 -41.67
C SER C 353 35.46 11.58 -42.84
N ARG C 354 35.96 10.51 -43.44
CA ARG C 354 35.25 9.83 -44.51
C ARG C 354 33.97 9.22 -44.00
N TYR C 355 34.10 8.18 -43.19
CA TYR C 355 32.99 7.42 -42.65
C TYR C 355 33.10 7.19 -41.16
N GLY C 356 34.31 7.23 -40.59
CA GLY C 356 34.56 6.95 -39.18
C GLY C 356 33.95 7.93 -38.21
N LEU C 357 33.39 9.03 -38.71
CA LEU C 357 32.59 9.92 -37.88
C LEU C 357 31.35 9.20 -37.37
N PHE C 358 30.86 8.21 -38.11
CA PHE C 358 29.77 7.35 -37.62
C PHE C 358 30.19 6.62 -36.36
N ILE C 359 31.36 5.98 -36.39
CA ILE C 359 31.84 5.24 -35.23
C ILE C 359 32.25 6.20 -34.11
N ARG C 360 32.62 7.44 -34.45
CA ARG C 360 32.83 8.44 -33.42
C ARG C 360 31.52 8.86 -32.75
N LYS C 361 30.40 8.78 -33.47
CA LYS C 361 29.12 9.06 -32.84
C LYS C 361 28.77 7.94 -31.87
N PRO C 362 28.26 8.27 -30.68
CA PRO C 362 28.11 7.25 -29.64
C PRO C 362 26.98 6.28 -29.88
N PHE C 363 25.87 6.72 -30.46
CA PHE C 363 24.75 5.81 -30.69
C PHE C 363 25.11 4.76 -31.74
N ILE C 364 25.84 5.17 -32.76
CA ILE C 364 26.19 4.24 -33.84
C ILE C 364 27.23 3.24 -33.37
N LYS C 365 28.18 3.68 -32.53
CA LYS C 365 29.13 2.70 -32.01
C LYS C 365 28.47 1.80 -30.96
N PHE C 366 27.41 2.27 -30.31
CA PHE C 366 26.65 1.38 -29.45
C PHE C 366 25.95 0.31 -30.27
N ILE C 367 25.36 0.70 -31.41
CA ILE C 367 24.74 -0.28 -32.29
C ILE C 367 25.78 -1.24 -32.84
N CYS C 368 26.99 -0.76 -33.11
CA CYS C 368 28.02 -1.65 -33.65
C CYS C 368 28.52 -2.64 -32.61
N HIS C 369 28.74 -2.19 -31.37
CA HIS C 369 29.13 -3.12 -30.31
C HIS C 369 28.01 -4.11 -30.01
N THR C 370 26.75 -3.65 -30.04
CA THR C 370 25.62 -4.54 -29.80
C THR C 370 25.51 -5.58 -30.89
N ALA C 371 25.67 -5.18 -32.15
CA ALA C 371 25.60 -6.10 -33.26
C ALA C 371 26.76 -7.09 -33.24
N SER C 372 27.95 -6.65 -32.84
CA SER C 372 29.07 -7.57 -32.76
C SER C 372 28.89 -8.55 -31.62
N TYR C 373 28.30 -8.11 -30.51
CA TYR C 373 28.12 -9.02 -29.40
C TYR C 373 27.03 -10.03 -29.69
N LEU C 374 25.96 -9.61 -30.35
CA LEU C 374 24.94 -10.59 -30.65
C LEU C 374 25.30 -11.45 -31.85
N THR C 375 26.22 -11.04 -32.72
CA THR C 375 26.66 -12.02 -33.71
C THR C 375 27.71 -12.96 -33.14
N PHE C 376 28.42 -12.56 -32.09
CA PHE C 376 29.17 -13.52 -31.29
C PHE C 376 28.23 -14.55 -30.67
N LEU C 377 27.10 -14.10 -30.12
CA LEU C 377 26.13 -15.04 -29.60
C LEU C 377 25.48 -15.88 -30.70
N PHE C 378 25.31 -15.33 -31.90
CA PHE C 378 24.71 -16.09 -32.98
C PHE C 378 25.63 -17.19 -33.47
N LEU C 379 26.92 -16.91 -33.58
CA LEU C 379 27.81 -17.99 -33.94
C LEU C 379 28.37 -18.72 -32.72
N LEU C 380 27.79 -18.49 -31.53
CA LEU C 380 27.81 -19.50 -30.50
C LEU C 380 26.59 -20.42 -30.57
N LEU C 381 25.43 -19.86 -30.93
CA LEU C 381 24.25 -20.67 -31.24
C LEU C 381 24.55 -21.64 -32.37
N LEU C 382 25.31 -21.18 -33.37
CA LEU C 382 25.76 -21.99 -34.48
C LEU C 382 26.87 -22.95 -34.09
N ALA C 383 27.48 -22.78 -32.92
CA ALA C 383 28.66 -23.55 -32.54
C ALA C 383 28.34 -24.92 -31.99
N SER C 384 27.15 -25.45 -32.23
CA SER C 384 26.82 -26.80 -31.81
C SER C 384 25.98 -27.57 -32.81
N GLN C 385 25.74 -27.05 -34.00
CA GLN C 385 24.85 -27.70 -34.95
C GLN C 385 25.55 -28.89 -35.60
N HIS C 386 24.73 -29.80 -36.13
CA HIS C 386 25.25 -31.00 -36.77
C HIS C 386 25.74 -30.77 -38.18
N ILE C 387 25.54 -29.57 -38.72
CA ILE C 387 26.07 -29.22 -40.04
C ILE C 387 27.58 -29.18 -40.07
N VAL C 388 28.21 -28.67 -39.01
CA VAL C 388 29.63 -28.37 -39.00
C VAL C 388 30.46 -29.64 -38.95
N ASN C 391 32.13 -31.72 -35.65
CA ASN C 391 33.11 -32.81 -35.61
C ASN C 391 32.57 -34.07 -34.96
N PRO C 392 33.06 -35.23 -35.39
CA PRO C 392 32.76 -36.48 -34.66
C PRO C 392 33.53 -36.59 -33.35
N ASP C 393 33.42 -37.72 -32.69
CA ASP C 393 33.81 -37.85 -31.29
C ASP C 393 35.16 -38.55 -31.20
N ARG C 394 36.22 -37.77 -31.00
CA ARG C 394 37.56 -38.30 -30.86
C ARG C 394 38.32 -37.53 -29.80
N GLN C 395 39.32 -38.18 -29.21
CA GLN C 395 40.22 -37.51 -28.30
C GLN C 395 41.24 -36.73 -29.10
N GLY C 396 41.36 -35.43 -28.81
CA GLY C 396 42.11 -34.54 -29.64
C GLY C 396 41.15 -33.74 -30.50
N PRO C 397 40.86 -32.50 -30.08
CA PRO C 397 39.83 -31.70 -30.75
C PRO C 397 40.16 -31.31 -32.17
N LYS C 398 41.29 -30.60 -32.35
CA LYS C 398 41.66 -29.87 -33.57
C LYS C 398 40.49 -28.97 -33.94
N PRO C 399 40.35 -27.82 -33.25
CA PRO C 399 39.10 -27.04 -33.25
C PRO C 399 38.52 -26.65 -34.60
N THR C 400 37.22 -26.33 -34.59
CA THR C 400 36.42 -26.18 -35.79
C THR C 400 36.77 -24.90 -36.53
N THR C 401 36.05 -24.67 -37.64
CA THR C 401 36.05 -23.35 -38.26
C THR C 401 35.40 -22.35 -37.32
N VAL C 402 34.39 -22.79 -36.58
CA VAL C 402 33.61 -21.90 -35.73
C VAL C 402 34.44 -21.45 -34.53
N GLU C 403 35.28 -22.33 -34.00
CA GLU C 403 36.14 -21.94 -32.88
C GLU C 403 37.21 -20.96 -33.33
N TRP C 404 37.75 -21.15 -34.53
CA TRP C 404 38.64 -20.15 -35.10
C TRP C 404 37.94 -18.86 -35.43
N MET C 405 36.62 -18.85 -35.58
CA MET C 405 35.92 -17.57 -35.66
C MET C 405 35.63 -16.99 -34.28
N ILE C 406 35.41 -17.85 -33.27
CA ILE C 406 35.17 -17.43 -31.89
C ILE C 406 36.38 -16.69 -31.34
N LEU C 407 37.59 -17.20 -31.62
CA LEU C 407 38.79 -16.72 -30.95
C LEU C 407 39.12 -15.23 -31.14
N PRO C 408 38.93 -14.59 -32.30
CA PRO C 408 39.08 -13.13 -32.35
C PRO C 408 37.89 -12.34 -31.84
N TRP C 409 36.89 -12.95 -31.21
CA TRP C 409 36.03 -12.20 -30.30
C TRP C 409 36.47 -12.31 -28.86
N VAL C 410 36.83 -13.53 -28.42
CA VAL C 410 37.24 -13.75 -27.04
C VAL C 410 38.51 -12.98 -26.72
N LEU C 411 39.44 -12.92 -27.68
CA LEU C 411 40.64 -12.13 -27.45
C LEU C 411 40.34 -10.64 -27.40
N GLY C 412 39.32 -10.19 -28.13
CA GLY C 412 38.88 -8.82 -27.99
C GLY C 412 38.30 -8.53 -26.62
N PHE C 413 37.60 -9.51 -26.05
CA PHE C 413 37.10 -9.32 -24.68
C PHE C 413 38.23 -9.35 -23.67
N ILE C 414 39.27 -10.16 -23.93
CA ILE C 414 40.44 -10.19 -23.06
C ILE C 414 41.14 -8.84 -23.05
N TRP C 415 41.38 -8.28 -24.24
CA TRP C 415 42.03 -6.98 -24.34
C TRP C 415 41.19 -5.87 -23.73
N THR C 416 39.87 -5.90 -23.97
CA THR C 416 38.95 -4.94 -23.41
C THR C 416 38.89 -4.99 -21.89
N GLU C 417 38.87 -6.19 -21.31
CA GLU C 417 38.85 -6.33 -19.86
C GLU C 417 40.16 -5.90 -19.23
N ILE C 418 41.29 -6.27 -19.85
CA ILE C 418 42.61 -5.85 -19.35
C ILE C 418 42.76 -4.34 -19.40
N LYS C 419 42.21 -3.70 -20.43
CA LYS C 419 42.30 -2.24 -20.53
C LYS C 419 41.46 -1.56 -19.46
N GLN C 420 40.21 -1.99 -19.28
CA GLN C 420 39.34 -1.31 -18.33
C GLN C 420 39.67 -1.70 -16.89
N MET C 421 40.44 -2.77 -16.70
CA MET C 421 40.89 -3.13 -15.36
C MET C 421 42.20 -2.42 -15.04
N TRP C 422 43.01 -2.16 -16.06
CA TRP C 422 44.27 -1.45 -15.86
C TRP C 422 44.04 0.02 -15.55
N ASP C 423 43.09 0.65 -16.25
CA ASP C 423 42.81 2.07 -16.09
C ASP C 423 41.74 2.33 -15.05
N GLY C 424 41.48 1.37 -14.17
CA GLY C 424 40.58 1.55 -13.05
C GLY C 424 41.27 1.19 -11.76
N GLY C 425 42.43 0.54 -11.87
CA GLY C 425 43.29 0.18 -10.77
C GLY C 425 42.63 -0.74 -9.75
N PHE C 426 41.76 -1.65 -10.24
CA PHE C 426 40.97 -2.66 -9.54
C PHE C 426 40.07 -2.11 -8.42
N GLN C 427 39.96 -0.79 -8.31
CA GLN C 427 39.15 -0.17 -7.27
C GLN C 427 38.04 0.62 -7.92
N ASP C 428 36.80 0.33 -7.48
CA ASP C 428 35.52 0.61 -8.13
C ASP C 428 35.44 -0.06 -9.50
N TYR C 429 36.30 -1.06 -9.72
CA TYR C 429 36.24 -1.97 -10.85
C TYR C 429 35.53 -3.25 -10.44
N ILE C 430 36.10 -3.95 -9.47
CA ILE C 430 35.60 -5.22 -8.96
C ILE C 430 34.33 -4.95 -8.16
N HIS C 431 34.16 -3.71 -7.71
CA HIS C 431 32.97 -3.24 -7.05
C HIS C 431 31.78 -3.11 -8.00
N ASP C 432 32.03 -3.13 -9.31
CA ASP C 432 30.97 -3.30 -10.30
C ASP C 432 30.76 -4.79 -10.49
N TRP C 433 29.49 -5.20 -10.50
CA TRP C 433 29.16 -6.62 -10.62
C TRP C 433 29.42 -7.15 -12.03
N TRP C 434 29.31 -6.26 -13.03
CA TRP C 434 29.50 -6.70 -14.40
C TRP C 434 30.96 -6.97 -14.70
N ASN C 435 31.88 -6.34 -13.97
CA ASN C 435 33.27 -6.70 -14.12
C ASN C 435 33.55 -8.08 -13.55
N LEU C 436 32.85 -8.45 -12.47
CA LEU C 436 32.94 -9.83 -11.95
C LEU C 436 32.38 -10.82 -12.95
N MET C 437 31.29 -10.46 -13.63
CA MET C 437 30.74 -11.37 -14.61
C MET C 437 31.63 -11.50 -15.83
N ASP C 438 32.25 -10.40 -16.28
CA ASP C 438 33.27 -10.45 -17.32
C ASP C 438 34.47 -11.28 -16.89
N PHE C 439 34.83 -11.19 -15.61
CA PHE C 439 36.00 -11.88 -15.12
C PHE C 439 35.79 -13.39 -15.10
N VAL C 440 34.63 -13.83 -14.62
CA VAL C 440 34.36 -15.27 -14.63
C VAL C 440 34.14 -15.77 -16.06
N MET C 441 33.57 -14.95 -16.94
CA MET C 441 33.38 -15.32 -18.33
C MET C 441 34.71 -15.53 -19.05
N ASN C 442 35.61 -14.56 -18.92
CA ASN C 442 36.90 -14.66 -19.59
C ASN C 442 37.81 -15.68 -18.93
N SER C 443 37.65 -15.92 -17.63
CA SER C 443 38.41 -16.98 -16.99
C SER C 443 38.00 -18.34 -17.50
N LEU C 444 36.69 -18.56 -17.65
CA LEU C 444 36.23 -19.83 -18.22
C LEU C 444 36.63 -19.96 -19.68
N TYR C 445 36.68 -18.86 -20.43
CA TYR C 445 37.16 -18.92 -21.80
C TYR C 445 38.64 -19.29 -21.88
N LEU C 446 39.48 -18.69 -21.03
CA LEU C 446 40.89 -19.03 -21.03
C LEU C 446 41.13 -20.45 -20.57
N ALA C 447 40.33 -20.92 -19.61
CA ALA C 447 40.43 -22.31 -19.22
C ALA C 447 39.99 -23.25 -20.34
N THR C 448 39.00 -22.84 -21.13
CA THR C 448 38.58 -23.64 -22.27
C THR C 448 39.67 -23.72 -23.33
N ILE C 449 40.31 -22.58 -23.62
CA ILE C 449 41.40 -22.56 -24.59
C ILE C 449 42.56 -23.42 -24.12
N SER C 450 42.93 -23.30 -22.84
CA SER C 450 44.05 -24.05 -22.30
C SER C 450 43.75 -25.55 -22.26
N LEU C 451 42.52 -25.93 -21.91
CA LEU C 451 42.19 -27.33 -21.87
C LEU C 451 42.07 -27.93 -23.27
N LYS C 452 41.67 -27.14 -24.26
CA LYS C 452 41.69 -27.67 -25.62
C LYS C 452 43.11 -27.77 -26.15
N ILE C 453 44.01 -26.92 -25.68
CA ILE C 453 45.43 -27.07 -26.02
C ILE C 453 45.99 -28.35 -25.40
N VAL C 454 45.63 -28.62 -24.14
CA VAL C 454 46.09 -29.84 -23.47
C VAL C 454 45.52 -31.08 -24.15
N ALA C 455 44.25 -31.04 -24.53
CA ALA C 455 43.64 -32.19 -25.19
C ALA C 455 44.10 -32.32 -26.63
N TYR C 456 44.59 -31.24 -27.25
CA TYR C 456 45.04 -31.33 -28.63
C TYR C 456 46.33 -32.13 -28.75
N VAL C 457 47.25 -31.93 -27.81
CA VAL C 457 48.41 -32.79 -27.72
C VAL C 457 48.00 -34.03 -26.96
N LYS C 458 48.84 -35.07 -27.00
CA LYS C 458 48.86 -36.34 -26.26
C LYS C 458 47.66 -37.26 -26.54
N TYR C 459 46.70 -36.84 -27.34
CA TYR C 459 45.44 -37.58 -27.52
C TYR C 459 45.14 -37.64 -29.02
N SER C 460 45.30 -38.81 -29.62
CA SER C 460 44.90 -38.98 -31.01
C SER C 460 44.31 -40.36 -31.27
N GLY C 461 43.74 -40.99 -30.24
CA GLY C 461 43.30 -42.37 -30.37
C GLY C 461 42.04 -42.57 -31.17
N CYS C 462 41.18 -41.55 -31.22
CA CYS C 462 39.85 -41.59 -31.86
C CYS C 462 38.97 -42.70 -31.29
N LYS C 463 39.15 -43.01 -30.01
CA LYS C 463 38.35 -44.01 -29.35
C LYS C 463 36.96 -43.42 -29.06
N PRO C 464 35.92 -44.27 -29.02
CA PRO C 464 34.56 -43.74 -28.91
C PRO C 464 34.28 -43.10 -27.56
N ARG C 465 33.44 -42.06 -27.59
CA ARG C 465 33.25 -41.18 -26.44
C ARG C 465 32.62 -41.90 -25.27
N ASP C 466 31.78 -42.90 -25.54
CA ASP C 466 31.18 -43.70 -24.48
C ASP C 466 32.22 -44.50 -23.71
N THR C 467 33.36 -44.79 -24.32
CA THR C 467 34.44 -45.50 -23.66
C THR C 467 35.45 -44.57 -23.02
N TRP C 468 35.17 -43.27 -22.93
CA TRP C 468 36.17 -42.39 -22.35
C TRP C 468 36.12 -42.47 -20.83
N GLU C 469 37.10 -41.83 -20.21
CA GLU C 469 37.13 -41.74 -18.77
C GLU C 469 36.25 -40.60 -18.29
N MET C 470 36.06 -40.54 -16.98
CA MET C 470 35.53 -39.35 -16.32
C MET C 470 36.75 -38.50 -16.07
N TRP C 471 36.56 -37.17 -16.04
CA TRP C 471 37.59 -36.15 -15.88
C TRP C 471 38.63 -36.21 -16.99
N HIS C 472 38.21 -36.63 -18.18
CA HIS C 472 39.02 -36.50 -19.38
C HIS C 472 39.09 -35.03 -19.74
N PRO C 473 40.21 -34.53 -20.26
CA PRO C 473 40.34 -33.09 -20.51
C PRO C 473 39.41 -32.54 -21.56
N THR C 474 39.05 -33.33 -22.56
CA THR C 474 38.13 -32.84 -23.59
C THR C 474 36.73 -32.60 -23.01
N LEU C 475 36.28 -33.52 -22.17
CA LEU C 475 34.94 -33.40 -21.59
C LEU C 475 34.87 -32.22 -20.63
N VAL C 476 35.91 -32.03 -19.82
CA VAL C 476 35.96 -30.89 -18.91
C VAL C 476 36.07 -29.60 -19.70
N ALA C 477 36.76 -29.63 -20.84
CA ALA C 477 36.85 -28.45 -21.70
C ALA C 477 35.48 -28.08 -22.27
N GLU C 478 34.70 -29.08 -22.69
CA GLU C 478 33.40 -28.78 -23.26
C GLU C 478 32.42 -28.33 -22.19
N ALA C 479 32.55 -28.87 -20.98
CA ALA C 479 31.71 -28.42 -19.88
C ALA C 479 32.02 -26.99 -19.48
N VAL C 480 33.31 -26.65 -19.39
CA VAL C 480 33.70 -25.28 -19.07
C VAL C 480 33.31 -24.33 -20.20
N PHE C 481 33.29 -24.81 -21.45
CA PHE C 481 32.84 -23.99 -22.55
C PHE C 481 31.34 -23.69 -22.46
N ALA C 482 30.55 -24.66 -21.99
CA ALA C 482 29.12 -24.41 -21.80
C ALA C 482 28.87 -23.48 -20.62
N ILE C 483 29.59 -23.68 -19.51
CA ILE C 483 29.47 -22.77 -18.38
C ILE C 483 30.00 -21.38 -18.73
N ALA C 484 30.84 -21.29 -19.75
CA ALA C 484 31.29 -19.98 -20.20
C ALA C 484 30.23 -19.28 -21.04
N ASN C 485 29.66 -20.00 -22.00
CA ASN C 485 28.78 -19.26 -22.90
C ASN C 485 27.37 -19.10 -22.36
N ILE C 486 26.99 -19.78 -21.27
CA ILE C 486 25.80 -19.35 -20.54
C ILE C 486 25.97 -17.94 -19.97
N PHE C 487 27.16 -17.63 -19.44
CA PHE C 487 27.39 -16.29 -18.93
C PHE C 487 27.52 -15.28 -20.07
N SER C 488 28.17 -15.68 -21.16
CA SER C 488 28.37 -14.73 -22.26
C SER C 488 27.06 -14.42 -22.96
N SER C 489 26.17 -15.40 -23.06
CA SER C 489 24.84 -15.11 -23.56
C SER C 489 23.98 -14.41 -22.52
N LEU C 490 24.31 -14.56 -21.24
CA LEU C 490 23.45 -14.00 -20.22
C LEU C 490 23.70 -12.52 -20.01
N ARG C 491 24.93 -12.05 -20.15
CA ARG C 491 25.17 -10.63 -19.90
C ARG C 491 24.83 -9.74 -21.09
N LEU C 492 24.03 -10.24 -22.02
CA LEU C 492 23.22 -9.41 -22.89
C LEU C 492 22.06 -8.77 -22.14
N ILE C 493 21.82 -9.17 -20.89
CA ILE C 493 20.84 -8.55 -20.01
C ILE C 493 21.29 -7.15 -19.61
N SER C 494 22.57 -6.83 -19.70
CA SER C 494 23.10 -5.56 -19.25
C SER C 494 23.02 -4.48 -20.31
N LEU C 495 22.40 -4.76 -21.44
CA LEU C 495 22.05 -3.73 -22.40
C LEU C 495 20.65 -3.19 -22.17
N PHE C 496 20.02 -3.56 -21.07
CA PHE C 496 18.67 -3.11 -20.82
C PHE C 496 18.61 -1.74 -20.14
N THR C 497 19.75 -1.14 -19.83
CA THR C 497 19.76 0.27 -19.47
C THR C 497 20.00 1.13 -20.70
N ALA C 498 19.25 0.85 -21.75
CA ALA C 498 19.20 1.71 -22.92
C ALA C 498 17.80 1.88 -23.44
N ASN C 499 16.90 0.94 -23.18
CA ASN C 499 15.51 1.05 -23.59
C ASN C 499 14.74 1.78 -22.49
N SER C 500 13.74 2.54 -22.91
CA SER C 500 12.92 3.26 -21.94
C SER C 500 11.96 2.31 -21.23
N HIS C 501 11.58 1.22 -21.87
CA HIS C 501 10.59 0.32 -21.30
C HIS C 501 11.21 -0.76 -20.43
N LEU C 502 12.40 -1.24 -20.79
CA LEU C 502 12.99 -2.37 -20.08
C LEU C 502 13.93 -1.95 -18.97
N GLY C 503 14.25 -0.68 -18.87
CA GLY C 503 15.16 -0.16 -17.88
C GLY C 503 14.79 -0.34 -16.42
N PRO C 504 13.70 0.31 -15.97
CA PRO C 504 13.35 0.24 -14.55
C PRO C 504 12.99 -1.14 -14.07
N LEU C 505 12.55 -1.99 -14.99
CA LEU C 505 12.20 -3.35 -14.61
C LEU C 505 13.45 -4.15 -14.29
N GLN C 506 14.53 -3.96 -15.06
CA GLN C 506 15.73 -4.68 -14.71
C GLN C 506 16.48 -4.01 -13.56
N ILE C 507 16.22 -2.73 -13.30
CA ILE C 507 16.68 -2.13 -12.06
C ILE C 507 16.01 -2.81 -10.86
N SER C 508 14.71 -3.08 -10.97
CA SER C 508 14.00 -3.79 -9.92
C SER C 508 14.50 -5.21 -9.74
N LEU C 509 14.82 -5.88 -10.87
CA LEU C 509 15.55 -7.15 -10.85
C LEU C 509 16.82 -7.06 -10.00
N GLY C 510 17.71 -6.14 -10.37
CA GLY C 510 18.99 -6.01 -9.70
C GLY C 510 18.90 -5.56 -8.26
N ARG C 511 17.76 -5.02 -7.85
CA ARG C 511 17.66 -4.65 -6.45
C ARG C 511 16.95 -5.71 -5.60
N MET C 512 15.97 -6.42 -6.14
CA MET C 512 15.35 -7.48 -5.34
C MET C 512 16.17 -8.75 -5.28
N LEU C 513 17.22 -8.87 -6.12
CA LEU C 513 18.21 -9.92 -5.90
C LEU C 513 18.89 -9.78 -4.55
N LEU C 514 18.98 -8.57 -4.00
CA LEU C 514 19.60 -8.35 -2.70
C LEU C 514 18.75 -8.81 -1.53
N ASP C 515 17.53 -9.29 -1.75
CA ASP C 515 16.77 -9.97 -0.72
C ASP C 515 16.53 -11.43 -1.03
N ILE C 516 16.53 -11.80 -2.30
CA ILE C 516 16.64 -13.20 -2.67
C ILE C 516 17.94 -13.79 -2.12
N LEU C 517 19.01 -12.99 -2.09
CA LEU C 517 20.26 -13.39 -1.47
C LEU C 517 20.25 -13.34 0.04
N LYS C 518 19.11 -13.10 0.69
CA LYS C 518 18.98 -13.33 2.12
C LYS C 518 18.15 -14.56 2.41
N PHE C 519 17.11 -14.76 1.60
CA PHE C 519 16.42 -16.04 1.65
C PHE C 519 17.29 -17.20 1.22
N LEU C 520 18.31 -16.98 0.40
CA LEU C 520 19.26 -18.04 0.12
C LEU C 520 20.37 -18.14 1.15
N PHE C 521 20.22 -17.47 2.30
CA PHE C 521 20.98 -17.80 3.49
C PHE C 521 20.12 -18.47 4.54
N ILE C 522 18.82 -18.17 4.57
CA ILE C 522 17.93 -18.92 5.46
C ILE C 522 17.64 -20.31 4.90
N TYR C 523 17.30 -20.36 3.62
CA TYR C 523 16.88 -21.59 2.97
C TYR C 523 17.99 -22.61 2.91
N CYS C 524 19.24 -22.16 2.79
CA CYS C 524 20.34 -23.11 2.75
C CYS C 524 20.57 -23.78 4.09
N LEU C 525 20.34 -23.11 5.21
CA LEU C 525 20.52 -23.84 6.45
C LEU C 525 19.30 -24.66 6.81
N VAL C 526 18.11 -24.27 6.34
CA VAL C 526 16.96 -25.18 6.41
C VAL C 526 17.25 -26.45 5.62
N LEU C 527 17.88 -26.29 4.46
CA LEU C 527 18.29 -27.41 3.63
C LEU C 527 19.29 -28.31 4.33
N LEU C 528 20.33 -27.73 4.92
CA LEU C 528 21.33 -28.52 5.62
C LEU C 528 20.78 -29.18 6.86
N ALA C 529 19.80 -28.55 7.52
CA ALA C 529 19.15 -29.19 8.65
C ALA C 529 18.40 -30.45 8.22
N PHE C 530 17.58 -30.34 7.17
CA PHE C 530 16.84 -31.54 6.77
C PHE C 530 17.73 -32.56 6.08
N ALA C 531 18.87 -32.15 5.55
CA ALA C 531 19.83 -33.13 5.05
C ALA C 531 20.47 -33.90 6.20
N ASN C 532 20.86 -33.20 7.27
CA ASN C 532 21.35 -33.86 8.48
C ASN C 532 20.34 -34.83 9.06
N GLY C 533 19.06 -34.51 8.95
CA GLY C 533 18.06 -35.46 9.41
C GLY C 533 17.96 -36.67 8.51
N LEU C 534 17.85 -36.44 7.20
CA LEU C 534 17.47 -37.52 6.31
C LEU C 534 18.60 -38.50 6.05
N ASN C 535 19.84 -38.01 5.89
CA ASN C 535 20.90 -38.98 5.65
C ASN C 535 21.20 -39.78 6.90
N GLN C 536 21.02 -39.18 8.07
CA GLN C 536 21.15 -39.92 9.31
C GLN C 536 20.06 -40.98 9.43
N LEU C 537 18.88 -40.69 8.89
CA LEU C 537 17.83 -41.70 8.98
C LEU C 537 18.01 -42.82 7.97
N TYR C 538 18.62 -42.56 6.80
CA TYR C 538 18.62 -43.56 5.75
C TYR C 538 19.97 -44.12 5.34
N PHE C 539 21.08 -43.77 6.01
CA PHE C 539 22.38 -44.18 5.48
C PHE C 539 22.69 -45.65 5.67
N TYR C 540 21.91 -46.34 6.49
CA TYR C 540 22.02 -47.78 6.62
C TYR C 540 21.33 -48.54 5.50
N TYR C 541 20.73 -47.82 4.57
CA TYR C 541 19.94 -48.39 3.49
C TYR C 541 20.64 -48.00 2.19
N GLU C 542 21.63 -48.79 1.82
CA GLU C 542 22.60 -48.43 0.79
C GLU C 542 22.41 -49.27 -0.46
N ASN C 543 21.16 -49.57 -0.80
CA ASN C 543 20.80 -50.55 -1.82
C ASN C 543 21.37 -50.22 -3.19
N SER C 544 22.39 -50.96 -3.59
CA SER C 544 23.02 -50.76 -4.88
C SER C 544 23.43 -52.06 -5.57
N GLU C 545 23.05 -53.21 -5.03
CA GLU C 545 23.29 -54.46 -5.74
C GLU C 545 22.35 -54.53 -6.94
N GLY C 546 22.89 -55.02 -8.05
CA GLY C 546 22.27 -54.72 -9.33
C GLY C 546 22.56 -53.28 -9.66
N MET C 547 21.51 -52.54 -10.07
CA MET C 547 21.53 -51.08 -10.23
C MET C 547 22.61 -50.63 -11.20
N THR C 548 22.38 -50.99 -12.47
CA THR C 548 23.16 -50.43 -13.58
C THR C 548 23.13 -48.91 -13.56
N CYS C 549 22.01 -48.33 -13.20
CA CYS C 549 21.85 -46.90 -13.02
C CYS C 549 21.68 -46.59 -11.55
N LYS C 550 22.38 -45.58 -11.06
CA LYS C 550 22.35 -45.24 -9.64
C LYS C 550 21.78 -43.85 -9.44
N GLY C 551 21.71 -43.44 -8.18
CA GLY C 551 21.44 -42.07 -7.85
C GLY C 551 20.00 -41.61 -7.92
N ILE C 552 19.79 -40.37 -8.32
CA ILE C 552 18.48 -39.76 -8.29
C ILE C 552 18.21 -39.06 -9.62
N ARG C 553 19.25 -38.92 -10.43
CA ARG C 553 19.05 -38.57 -11.83
C ARG C 553 18.63 -39.76 -12.67
N CYS C 554 18.30 -40.88 -12.06
CA CYS C 554 18.05 -42.09 -12.81
C CYS C 554 16.61 -42.13 -13.29
N GLU C 555 16.33 -43.07 -14.18
CA GLU C 555 14.97 -43.22 -14.70
C GLU C 555 14.04 -43.77 -13.63
N ARG C 556 14.53 -44.69 -12.82
CA ARG C 556 13.87 -45.13 -11.61
C ARG C 556 14.60 -44.52 -10.44
N GLN C 557 13.84 -43.89 -9.54
CA GLN C 557 14.43 -43.15 -8.43
C GLN C 557 15.02 -44.15 -7.45
N ASN C 558 16.34 -44.28 -7.48
CA ASN C 558 17.06 -45.21 -6.62
C ASN C 558 17.23 -44.65 -5.22
N ASN C 559 18.20 -45.17 -4.47
CA ASN C 559 18.40 -44.76 -3.10
C ASN C 559 18.79 -43.28 -3.00
N ALA C 560 17.82 -42.47 -2.63
CA ALA C 560 17.97 -41.04 -2.71
C ALA C 560 18.76 -40.50 -1.54
N PHE C 561 18.35 -40.85 -0.33
CA PHE C 561 18.93 -40.25 0.86
C PHE C 561 20.06 -41.09 1.41
N SER C 562 21.02 -41.51 0.59
CA SER C 562 22.06 -42.38 1.10
C SER C 562 23.26 -41.59 1.58
N THR C 563 23.90 -40.87 0.69
CA THR C 563 24.97 -39.98 1.10
C THR C 563 24.40 -38.58 1.30
N LEU C 564 25.20 -37.73 1.95
CA LEU C 564 24.75 -36.37 2.22
C LEU C 564 24.62 -35.57 0.94
N PHE C 565 25.46 -35.87 -0.05
CA PHE C 565 25.42 -35.17 -1.32
C PHE C 565 24.15 -35.47 -2.09
N GLU C 566 23.79 -36.75 -2.24
CA GLU C 566 22.53 -37.08 -2.88
C GLU C 566 21.34 -36.63 -2.07
N THR C 567 21.51 -36.50 -0.75
CA THR C 567 20.44 -36.00 0.10
C THR C 567 20.16 -34.52 -0.18
N LEU C 568 21.22 -33.71 -0.23
CA LEU C 568 21.12 -32.30 -0.57
C LEU C 568 20.53 -32.14 -1.95
N GLN C 569 20.96 -32.99 -2.86
CA GLN C 569 20.48 -32.94 -4.23
C GLN C 569 18.99 -33.28 -4.30
N SER C 570 18.56 -34.28 -3.52
CA SER C 570 17.17 -34.68 -3.46
C SER C 570 16.30 -33.57 -2.90
N LEU C 571 16.73 -32.97 -1.80
CA LEU C 571 15.93 -31.93 -1.20
C LEU C 571 15.96 -30.65 -2.01
N PHE C 572 16.98 -30.43 -2.85
CA PHE C 572 16.91 -29.34 -3.79
C PHE C 572 15.87 -29.61 -4.85
N TRP C 573 15.87 -30.81 -5.42
CA TRP C 573 14.94 -31.09 -6.50
C TRP C 573 13.52 -31.32 -6.03
N SER C 574 13.29 -31.51 -4.74
CA SER C 574 11.93 -31.75 -4.29
C SER C 574 11.06 -30.51 -4.29
N ILE C 575 11.62 -29.31 -4.47
CA ILE C 575 10.81 -28.11 -4.47
C ILE C 575 10.27 -27.81 -5.85
N PHE C 576 10.59 -28.64 -6.83
CA PHE C 576 10.15 -28.48 -8.20
C PHE C 576 9.20 -29.59 -8.60
N GLY C 577 8.83 -30.45 -7.66
CA GLY C 577 7.95 -31.56 -7.95
C GLY C 577 8.60 -32.64 -8.77
N LEU C 578 9.86 -32.94 -8.50
CA LEU C 578 10.60 -33.92 -9.30
C LEU C 578 11.09 -35.10 -8.50
N ILE C 579 10.78 -35.18 -7.20
CA ILE C 579 11.17 -36.32 -6.38
C ILE C 579 9.88 -37.03 -6.01
N SER C 580 9.71 -38.24 -6.54
CA SER C 580 8.38 -38.81 -6.72
C SER C 580 7.97 -39.80 -5.64
N LEU C 581 8.40 -39.56 -4.40
CA LEU C 581 7.74 -40.02 -3.18
C LEU C 581 7.89 -41.52 -2.92
N TYR C 582 8.38 -42.29 -3.88
CA TYR C 582 8.77 -43.66 -3.55
C TYR C 582 10.23 -43.75 -3.22
N VAL C 583 10.90 -42.61 -3.07
CA VAL C 583 12.26 -42.63 -2.58
C VAL C 583 12.29 -42.95 -1.09
N THR C 584 11.17 -42.74 -0.39
CA THR C 584 11.15 -42.92 1.05
C THR C 584 10.96 -44.36 1.46
N ASN C 585 10.57 -45.24 0.54
CA ASN C 585 10.56 -46.66 0.85
C ASN C 585 11.97 -47.22 0.83
N VAL C 586 12.16 -48.27 1.60
CA VAL C 586 13.34 -49.11 1.53
C VAL C 586 12.85 -50.55 1.43
N LYS C 587 13.69 -51.43 0.90
CA LYS C 587 13.28 -52.82 0.79
C LYS C 587 13.45 -53.47 2.18
N ALA C 588 12.42 -53.25 2.99
CA ALA C 588 12.32 -53.82 4.32
C ALA C 588 10.84 -53.83 4.69
N ASP C 589 10.56 -54.04 5.96
CA ASP C 589 9.23 -53.82 6.49
C ASP C 589 9.33 -52.87 7.66
N HIS C 590 10.17 -51.85 7.51
CA HIS C 590 10.47 -50.92 8.59
C HIS C 590 9.57 -49.71 8.47
N LYS C 591 8.27 -49.96 8.64
CA LYS C 591 7.27 -48.94 8.33
C LYS C 591 7.33 -47.76 9.28
N PHE C 592 7.91 -47.92 10.47
CA PHE C 592 8.10 -46.77 11.34
C PHE C 592 9.18 -45.84 10.79
N THR C 593 10.32 -46.38 10.40
CA THR C 593 11.37 -45.53 9.86
C THR C 593 10.99 -44.96 8.51
N GLU C 594 10.26 -45.74 7.72
CA GLU C 594 9.74 -45.22 6.45
C GLU C 594 8.74 -44.11 6.70
N PHE C 595 7.92 -44.24 7.75
CA PHE C 595 6.94 -43.19 8.02
C PHE C 595 7.61 -41.94 8.57
N VAL C 596 8.65 -42.10 9.37
CA VAL C 596 9.34 -40.93 9.88
C VAL C 596 10.13 -40.25 8.76
N GLY C 597 10.65 -41.03 7.82
CA GLY C 597 11.29 -40.44 6.65
C GLY C 597 10.32 -39.66 5.79
N ALA C 598 9.13 -40.21 5.55
CA ALA C 598 8.11 -39.47 4.81
C ALA C 598 7.62 -38.26 5.60
N THR C 599 7.58 -38.35 6.92
CA THR C 599 7.08 -37.25 7.74
C THR C 599 8.06 -36.09 7.75
N MET C 600 9.34 -36.38 7.92
CA MET C 600 10.30 -35.29 7.91
C MET C 600 10.72 -34.90 6.50
N PHE C 601 10.25 -35.61 5.48
CA PHE C 601 10.33 -35.09 4.12
C PHE C 601 9.15 -34.18 3.80
N GLY C 602 7.97 -34.51 4.33
CA GLY C 602 6.83 -33.63 4.17
C GLY C 602 6.97 -32.34 4.94
N THR C 603 7.64 -32.40 6.09
CA THR C 603 7.92 -31.18 6.84
C THR C 603 8.80 -30.25 6.04
N TYR C 604 9.80 -30.80 5.36
CA TYR C 604 10.64 -29.98 4.51
C TYR C 604 9.87 -29.41 3.34
N ASN C 605 9.01 -30.22 2.72
CA ASN C 605 8.21 -29.71 1.62
C ASN C 605 7.27 -28.60 2.06
N VAL C 606 6.74 -28.69 3.28
CA VAL C 606 5.88 -27.61 3.77
C VAL C 606 6.69 -26.34 4.01
N ILE C 607 7.78 -26.44 4.78
CA ILE C 607 8.60 -25.28 5.13
C ILE C 607 9.18 -24.63 3.89
N SER C 608 9.54 -25.42 2.88
CA SER C 608 10.06 -24.84 1.66
C SER C 608 8.94 -24.24 0.81
N LEU C 609 7.89 -25.01 0.53
CA LEU C 609 6.99 -24.63 -0.54
C LEU C 609 5.92 -23.66 -0.11
N VAL C 610 5.37 -23.78 1.09
CA VAL C 610 4.26 -22.91 1.46
C VAL C 610 4.62 -21.93 2.56
N VAL C 611 5.86 -21.90 3.01
CA VAL C 611 6.23 -20.94 4.04
C VAL C 611 7.35 -20.04 3.55
N LEU C 612 8.49 -20.60 3.18
CA LEU C 612 9.61 -19.76 2.79
C LEU C 612 9.42 -19.13 1.43
N LEU C 613 8.74 -19.82 0.50
CA LEU C 613 8.46 -19.20 -0.79
C LEU C 613 7.48 -18.04 -0.65
N ASN C 614 6.50 -18.18 0.24
CA ASN C 614 5.55 -17.09 0.41
C ASN C 614 6.14 -15.95 1.22
N MET C 615 7.05 -16.25 2.15
CA MET C 615 7.79 -15.17 2.78
C MET C 615 8.69 -14.47 1.80
N LEU C 616 9.22 -15.21 0.83
CA LEU C 616 10.05 -14.61 -0.21
C LEU C 616 9.23 -13.66 -1.06
N ILE C 617 8.00 -14.03 -1.41
CA ILE C 617 7.24 -13.10 -2.24
C ILE C 617 6.72 -11.93 -1.42
N ALA C 618 6.49 -12.09 -0.12
CA ALA C 618 6.08 -10.95 0.69
C ALA C 618 7.21 -9.96 0.88
N MET C 619 8.43 -10.46 1.14
CA MET C 619 9.57 -9.57 1.28
C MET C 619 9.91 -8.87 -0.02
N MET C 620 9.83 -9.58 -1.15
CA MET C 620 10.08 -8.93 -2.42
C MET C 620 9.00 -7.92 -2.75
N ASN C 621 7.77 -8.17 -2.30
CA ASN C 621 6.68 -7.25 -2.53
C ASN C 621 6.91 -5.92 -1.83
N ASN C 622 7.13 -5.93 -0.51
CA ASN C 622 7.29 -4.62 0.10
C ASN C 622 8.65 -4.01 -0.21
N SER C 623 9.66 -4.82 -0.48
CA SER C 623 10.95 -4.29 -0.86
C SER C 623 10.89 -3.64 -2.22
N TYR C 624 9.94 -4.02 -3.06
CA TYR C 624 9.75 -3.26 -4.27
C TYR C 624 8.84 -2.05 -4.03
N GLN C 625 7.94 -2.11 -3.04
CA GLN C 625 7.19 -0.92 -2.66
C GLN C 625 8.08 0.20 -2.13
N HIS C 626 9.28 -0.11 -1.64
CA HIS C 626 10.19 0.88 -1.10
C HIS C 626 10.91 1.67 -2.19
N ILE C 627 10.93 1.19 -3.42
CA ILE C 627 11.90 1.65 -4.40
C ILE C 627 11.31 2.57 -5.47
N ALA C 628 10.03 2.43 -5.80
CA ALA C 628 9.42 3.19 -6.90
C ALA C 628 9.34 4.71 -6.65
N ASP C 629 9.74 5.21 -5.48
CA ASP C 629 9.94 6.64 -5.30
C ASP C 629 11.24 7.10 -5.95
N HIS C 630 12.23 6.22 -6.05
CA HIS C 630 13.51 6.51 -6.68
C HIS C 630 13.81 5.47 -7.75
N ALA C 631 12.84 5.22 -8.63
CA ALA C 631 13.04 4.24 -9.70
C ALA C 631 13.65 4.88 -10.94
N ASP C 632 12.99 5.92 -11.47
CA ASP C 632 13.47 6.56 -12.68
C ASP C 632 14.78 7.28 -12.46
N ILE C 633 15.04 7.72 -11.23
CA ILE C 633 16.31 8.37 -10.92
C ILE C 633 17.45 7.38 -11.08
N GLU C 634 17.30 6.19 -10.51
CA GLU C 634 18.34 5.17 -10.61
C GLU C 634 18.48 4.65 -12.03
N TRP C 635 17.36 4.55 -12.75
CA TRP C 635 17.45 4.12 -14.14
C TRP C 635 18.17 5.15 -15.01
N LYS C 636 17.90 6.42 -14.81
CA LYS C 636 18.58 7.41 -15.63
C LYS C 636 20.04 7.54 -15.24
N PHE C 637 20.36 7.27 -13.97
CA PHE C 637 21.76 7.20 -13.56
C PHE C 637 22.49 6.04 -14.24
N ALA C 638 21.82 4.89 -14.34
CA ALA C 638 22.43 3.73 -14.98
C ALA C 638 22.63 3.95 -16.47
N ARG C 639 21.61 4.47 -17.15
CA ARG C 639 21.77 4.71 -18.58
C ARG C 639 22.71 5.88 -18.84
N THR C 640 22.88 6.76 -17.86
CA THR C 640 23.89 7.80 -17.98
C THR C 640 25.29 7.21 -17.98
N LYS C 641 25.59 6.36 -17.00
CA LYS C 641 26.96 5.81 -16.98
C LYS C 641 27.20 4.83 -18.12
N LEU C 642 26.16 4.19 -18.63
CA LEU C 642 26.32 3.42 -19.87
C LEU C 642 26.63 4.34 -21.05
N TRP C 643 25.98 5.50 -21.12
CA TRP C 643 26.30 6.46 -22.16
C TRP C 643 27.70 7.04 -21.99
N MET C 644 28.13 7.24 -20.75
CA MET C 644 29.48 7.73 -20.50
C MET C 644 30.52 6.70 -20.89
N SER C 645 30.16 5.43 -20.82
CA SER C 645 31.02 4.39 -21.35
C SER C 645 31.14 4.42 -22.89
N TYR C 646 30.53 5.31 -23.67
CA TYR C 646 30.68 5.33 -25.12
C TYR C 646 30.99 6.73 -25.64
N PHE C 647 31.69 7.55 -24.86
CA PHE C 647 31.97 8.91 -25.31
C PHE C 647 33.42 9.16 -25.71
N GLU C 648 34.35 8.32 -25.28
CA GLU C 648 35.75 8.53 -25.63
C GLU C 648 35.99 8.23 -27.10
N THR C 652 39.61 6.24 -26.00
CA THR C 652 38.83 6.10 -27.22
C THR C 652 38.90 4.66 -27.69
N LEU C 653 37.76 3.95 -27.62
CA LEU C 653 37.69 2.54 -28.00
C LEU C 653 36.63 2.30 -29.08
N PRO C 654 36.89 2.66 -30.33
CA PRO C 654 35.89 2.46 -31.38
C PRO C 654 35.66 0.99 -31.75
N PRO C 655 36.67 0.17 -32.09
CA PRO C 655 36.31 -1.13 -32.71
C PRO C 655 35.82 -2.12 -31.66
N PRO C 656 34.70 -2.79 -31.93
CA PRO C 656 34.18 -3.78 -30.98
C PRO C 656 34.97 -5.08 -30.86
N PHE C 657 35.31 -5.71 -31.98
CA PHE C 657 36.10 -6.93 -31.96
C PHE C 657 37.33 -6.84 -32.85
N ASN C 658 37.49 -5.77 -33.60
CA ASN C 658 38.57 -5.63 -34.57
C ASN C 658 39.78 -4.95 -33.95
N ILE C 659 40.27 -5.49 -32.84
CA ILE C 659 41.38 -4.90 -32.11
C ILE C 659 42.66 -5.57 -32.60
N ILE C 660 43.40 -4.87 -33.44
CA ILE C 660 44.66 -5.37 -33.96
C ILE C 660 45.77 -4.38 -33.66
N ALA C 696 45.05 32.81 -18.25
CA ALA C 696 45.43 31.54 -18.85
C ALA C 696 44.20 30.78 -19.33
N GLU C 697 44.45 29.58 -19.88
CA GLU C 697 43.39 28.76 -20.46
C GLU C 697 42.42 28.22 -19.41
N ASN C 698 42.82 28.19 -18.14
CA ASN C 698 41.93 27.82 -17.04
C ASN C 698 41.40 29.02 -16.27
N VAL C 699 42.14 30.13 -16.28
CA VAL C 699 41.75 31.32 -15.54
C VAL C 699 40.48 31.94 -16.14
N ARG C 700 40.36 31.91 -17.47
CA ARG C 700 39.09 32.29 -18.10
C ARG C 700 37.97 31.34 -17.69
N LEU C 701 38.27 30.03 -17.68
CA LEU C 701 37.25 29.05 -17.32
C LEU C 701 36.90 29.10 -15.85
N ASN C 702 37.89 29.31 -14.97
CA ASN C 702 37.59 29.47 -13.55
C ASN C 702 36.83 30.76 -13.31
N HIS C 703 37.12 31.80 -14.08
CA HIS C 703 36.39 33.06 -13.98
C HIS C 703 34.93 32.88 -14.36
N GLN C 704 34.67 32.27 -15.51
CA GLN C 704 33.31 32.04 -15.96
C GLN C 704 32.57 31.10 -15.02
N TYR C 705 33.29 30.13 -14.44
CA TYR C 705 32.68 29.20 -13.50
C TYR C 705 32.30 29.90 -12.21
N GLN C 706 33.13 30.83 -11.73
CA GLN C 706 32.77 31.62 -10.55
C GLN C 706 31.58 32.53 -10.82
N GLU C 707 31.49 33.06 -12.04
CA GLU C 707 30.36 33.93 -12.37
C GLU C 707 29.06 33.13 -12.43
N VAL C 708 29.11 31.95 -13.05
CA VAL C 708 27.92 31.11 -13.13
C VAL C 708 27.51 30.61 -11.75
N LEU C 709 28.49 30.30 -10.89
CA LEU C 709 28.16 29.92 -9.53
C LEU C 709 27.55 31.07 -8.74
N ARG C 710 28.02 32.30 -8.95
CA ARG C 710 27.43 33.44 -8.28
C ARG C 710 25.98 33.64 -8.71
N ASN C 711 25.71 33.49 -10.00
CA ASN C 711 24.33 33.59 -10.46
C ASN C 711 23.46 32.45 -9.94
N LEU C 712 24.00 31.22 -9.92
CA LEU C 712 23.20 30.08 -9.46
C LEU C 712 22.90 30.15 -7.98
N VAL C 713 23.88 30.56 -7.17
CA VAL C 713 23.66 30.74 -5.74
C VAL C 713 22.66 31.85 -5.49
N LYS C 714 22.74 32.94 -6.24
CA LYS C 714 21.79 34.04 -6.07
C LYS C 714 20.37 33.61 -6.43
N ARG C 715 20.23 32.86 -7.53
CA ARG C 715 18.93 32.35 -7.92
C ARG C 715 18.38 31.35 -6.91
N TYR C 716 19.25 30.52 -6.36
CA TYR C 716 18.78 29.53 -5.39
C TYR C 716 18.39 30.17 -4.07
N VAL C 717 19.11 31.20 -3.65
CA VAL C 717 18.73 31.93 -2.44
C VAL C 717 17.39 32.63 -2.65
N ALA C 718 17.16 33.15 -3.85
CA ALA C 718 15.85 33.69 -4.18
C ALA C 718 14.77 32.62 -4.14
N ALA C 719 15.03 31.45 -4.73
CA ALA C 719 14.01 30.41 -4.77
C ALA C 719 13.82 29.73 -3.42
N MET C 720 14.75 29.96 -2.49
CA MET C 720 14.55 29.48 -1.13
C MET C 720 13.75 30.48 -0.31
N ILE C 721 14.15 31.76 -0.35
CA ILE C 721 13.45 32.82 0.38
C ILE C 721 12.01 32.98 -0.11
N ARG C 722 11.79 33.15 -1.41
CA ARG C 722 10.42 33.43 -1.84
C ARG C 722 9.52 32.19 -1.84
N ASP C 723 10.02 30.99 -1.52
CA ASP C 723 9.18 29.79 -1.52
C ASP C 723 9.06 29.18 -0.13
N ALA C 724 10.17 28.81 0.52
CA ALA C 724 10.10 28.01 1.74
C ALA C 724 9.69 28.85 2.93
N LYS C 725 10.06 30.12 2.92
CA LYS C 725 9.62 31.06 3.94
C LYS C 725 8.11 31.31 3.80
N THR C 726 7.63 31.28 2.55
CA THR C 726 6.22 31.51 2.29
C THR C 726 5.36 30.37 2.79
N GLU C 727 5.63 29.15 2.33
CA GLU C 727 4.85 27.99 2.73
C GLU C 727 5.66 26.72 2.69
N THR C 731 -0.24 28.80 7.32
CA THR C 731 0.52 29.38 6.21
C THR C 731 1.01 30.77 6.58
N GLU C 732 2.33 30.98 6.47
CA GLU C 732 2.92 32.25 6.87
C GLU C 732 2.66 33.34 5.84
N GLU C 733 2.24 32.96 4.62
CA GLU C 733 1.99 33.93 3.56
C GLU C 733 0.85 34.87 3.90
N ASN C 734 -0.22 34.33 4.48
CA ASN C 734 -1.33 35.18 4.90
C ASN C 734 -1.07 35.78 6.27
N PHE C 735 -0.24 35.12 7.07
CA PHE C 735 0.12 35.65 8.39
C PHE C 735 0.95 36.93 8.29
N LYS C 736 1.83 37.02 7.30
CA LYS C 736 2.62 38.23 7.14
C LYS C 736 1.74 39.38 6.68
N GLU C 737 0.70 39.08 5.90
CA GLU C 737 -0.28 40.10 5.52
C GLU C 737 -1.10 40.56 6.73
N LEU C 738 -1.40 39.63 7.65
CA LEU C 738 -2.03 40.00 8.91
C LEU C 738 -1.15 40.92 9.74
N LYS C 739 0.15 40.60 9.82
CA LYS C 739 1.09 41.44 10.58
C LYS C 739 1.17 42.84 9.97
N GLN C 740 1.16 42.91 8.64
CA GLN C 740 1.12 44.19 7.95
C GLN C 740 -0.16 44.96 8.28
N ASP C 741 -1.30 44.29 8.25
CA ASP C 741 -2.59 44.96 8.45
C ASP C 741 -2.75 45.43 9.89
N ILE C 742 -2.06 44.80 10.84
CA ILE C 742 -2.05 45.24 12.22
C ILE C 742 -1.08 46.39 12.45
N SER C 743 0.16 46.26 11.94
CA SER C 743 1.18 47.26 12.23
C SER C 743 0.93 48.57 11.48
N SER C 744 0.45 48.47 10.23
CA SER C 744 0.15 49.68 9.46
C SER C 744 -0.97 50.46 10.10
N PHE C 745 -1.97 49.76 10.61
CA PHE C 745 -3.06 50.41 11.34
C PHE C 745 -2.59 50.95 12.69
N ARG C 746 -1.58 50.30 13.29
CA ARG C 746 -0.96 50.85 14.50
C ARG C 746 -0.34 52.21 14.26
N TYR C 747 0.41 52.32 13.17
CA TYR C 747 1.05 53.61 12.88
C TYR C 747 0.04 54.62 12.35
N GLU C 748 -1.06 54.14 11.75
CA GLU C 748 -2.16 55.04 11.43
C GLU C 748 -2.81 55.62 12.67
N VAL C 749 -2.93 54.85 13.74
CA VAL C 749 -3.54 55.33 14.97
C VAL C 749 -2.63 56.25 15.75
N ILE C 750 -1.39 55.82 16.03
CA ILE C 750 -0.49 56.60 16.87
C ILE C 750 -0.02 57.86 16.13
N GLY C 751 0.17 57.75 14.82
CA GLY C 751 0.60 58.91 14.06
C GLY C 751 -0.51 59.93 13.85
N MET C 752 -1.76 59.51 14.08
CA MET C 752 -2.90 60.41 13.95
C MET C 752 -2.90 61.47 15.04
N MET C 753 -2.45 61.10 16.24
CA MET C 753 -2.41 62.03 17.36
C MET C 753 -1.36 63.13 17.16
N ILE D 18 -45.28 14.66 0.65
CA ILE D 18 -44.52 15.81 1.13
C ILE D 18 -44.65 15.97 2.66
N PRO D 19 -43.54 15.75 3.40
CA PRO D 19 -43.61 15.76 4.86
C PRO D 19 -43.75 17.13 5.49
N LEU D 20 -44.93 17.40 6.06
CA LEU D 20 -45.16 18.57 6.90
C LEU D 20 -44.79 18.18 8.32
N ARG D 21 -43.55 18.43 8.70
CA ARG D 21 -43.09 18.02 10.02
C ARG D 21 -42.88 19.22 10.93
N ILE D 22 -42.78 18.92 12.22
CA ILE D 22 -42.66 19.90 13.29
C ILE D 22 -41.32 19.65 13.97
N VAL D 23 -40.69 20.71 14.47
CA VAL D 23 -39.48 20.57 15.27
C VAL D 23 -39.78 19.77 16.55
N ARG D 24 -38.85 18.89 16.91
CA ARG D 24 -38.88 18.18 18.19
C ARG D 24 -38.91 19.17 19.34
N ALA D 25 -39.53 18.75 20.45
CA ALA D 25 -39.67 19.59 21.64
C ALA D 25 -38.31 19.93 22.24
N GLU D 26 -38.02 21.22 22.32
CA GLU D 26 -36.75 21.73 22.84
C GLU D 26 -36.99 23.16 23.30
N SER D 27 -36.31 23.56 24.38
CA SER D 27 -36.55 24.85 25.00
C SER D 27 -36.02 26.00 24.16
N GLU D 28 -36.79 27.07 24.09
CA GLU D 28 -36.54 28.17 23.17
C GLU D 28 -36.26 29.45 23.96
N LEU D 29 -35.34 30.25 23.43
CA LEU D 29 -34.87 31.47 24.08
C LEU D 29 -35.79 32.64 23.75
N SER D 30 -35.94 33.55 24.71
CA SER D 30 -36.64 34.79 24.47
C SER D 30 -35.76 35.78 23.72
N THR D 31 -36.40 36.80 23.15
CA THR D 31 -35.67 37.82 22.40
C THR D 31 -35.01 38.86 23.28
N GLN D 32 -35.41 38.97 24.55
CA GLN D 32 -34.82 39.94 25.45
C GLN D 32 -33.51 39.48 26.03
N GLU D 33 -33.23 38.17 26.01
CA GLU D 33 -31.93 37.67 26.39
C GLU D 33 -31.00 37.50 25.20
N LYS D 34 -31.53 37.56 23.97
CA LYS D 34 -30.68 37.52 22.79
C LYS D 34 -29.85 38.79 22.67
N SER D 35 -30.40 39.93 23.08
CA SER D 35 -29.63 41.18 23.07
C SER D 35 -28.52 41.16 24.11
N TYR D 36 -28.70 40.38 25.17
CA TYR D 36 -27.63 40.14 26.13
C TYR D 36 -26.57 39.21 25.56
N LEU D 37 -27.00 38.09 24.99
CA LEU D 37 -26.06 37.10 24.49
C LEU D 37 -25.28 37.57 23.28
N SER D 38 -25.86 38.45 22.45
CA SER D 38 -25.11 38.99 21.32
C SER D 38 -23.94 39.84 21.79
N ALA D 39 -24.15 40.62 22.85
CA ALA D 39 -23.04 41.34 23.47
C ALA D 39 -22.07 40.41 24.18
N VAL D 40 -22.53 39.25 24.63
CA VAL D 40 -21.61 38.29 25.23
C VAL D 40 -20.71 37.65 24.16
N GLU D 41 -21.30 37.19 23.05
CA GLU D 41 -20.49 36.57 22.00
C GLU D 41 -19.63 37.57 21.26
N LYS D 42 -20.16 38.75 20.96
CA LYS D 42 -19.39 39.74 20.24
C LYS D 42 -18.35 40.39 21.15
N GLY D 43 -18.58 40.35 22.46
CA GLY D 43 -17.54 40.70 23.40
C GLY D 43 -17.47 42.12 23.90
N ASP D 44 -18.55 42.62 24.48
CA ASP D 44 -18.50 43.90 25.15
C ASP D 44 -18.10 43.71 26.61
N TYR D 45 -17.60 44.79 27.21
CA TYR D 45 -17.60 44.90 28.66
C TYR D 45 -18.57 45.98 29.13
N ALA D 46 -18.88 46.96 28.28
CA ALA D 46 -19.81 48.00 28.66
C ALA D 46 -21.24 47.48 28.71
N SER D 47 -21.77 47.03 27.58
CA SER D 47 -23.18 46.64 27.51
C SER D 47 -23.48 45.33 28.24
N VAL D 48 -22.49 44.46 28.38
CA VAL D 48 -22.70 43.25 29.17
C VAL D 48 -22.86 43.60 30.64
N LYS D 49 -22.03 44.52 31.15
CA LYS D 49 -22.19 44.99 32.52
C LYS D 49 -23.46 45.81 32.69
N LEU D 50 -23.86 46.57 31.66
CA LEU D 50 -25.11 47.32 31.73
C LEU D 50 -26.31 46.39 31.75
N ALA D 51 -26.23 45.24 31.07
CA ALA D 51 -27.26 44.23 31.21
C ALA D 51 -27.17 43.55 32.58
N LEU D 52 -25.96 43.48 33.14
CA LEU D 52 -25.73 42.93 34.47
C LEU D 52 -25.95 43.93 35.57
N GLU D 53 -26.46 45.12 35.25
CA GLU D 53 -26.99 46.03 36.25
C GLU D 53 -28.42 45.69 36.63
N GLU D 54 -28.95 44.58 36.13
CA GLU D 54 -30.28 44.10 36.47
C GLU D 54 -30.23 43.02 37.52
N ALA D 55 -29.29 43.14 38.46
CA ALA D 55 -29.21 42.20 39.57
C ALA D 55 -30.26 42.51 40.62
N GLU D 56 -30.27 43.75 41.13
CA GLU D 56 -31.28 44.15 42.09
C GLU D 56 -32.61 44.43 41.39
N ILE D 57 -32.55 45.06 40.23
CA ILE D 57 -33.74 45.39 39.45
C ILE D 57 -34.08 44.18 38.59
N TYR D 58 -35.18 43.51 38.91
CA TYR D 58 -35.55 42.32 38.17
C TYR D 58 -36.03 42.66 36.76
N PHE D 59 -35.22 42.29 35.76
CA PHE D 59 -35.60 42.39 34.37
C PHE D 59 -36.23 41.08 33.87
N LYS D 60 -36.95 40.39 34.76
CA LYS D 60 -37.78 39.20 34.54
C LYS D 60 -37.04 38.01 33.93
N ILE D 61 -35.71 38.08 33.89
CA ILE D 61 -34.90 37.07 33.23
C ILE D 61 -33.91 36.51 34.24
N ASN D 62 -33.59 35.23 34.09
CA ASN D 62 -32.37 34.70 34.68
C ASN D 62 -31.23 34.85 33.68
N ILE D 63 -30.14 35.49 34.12
CA ILE D 63 -29.04 35.80 33.21
C ILE D 63 -28.28 34.55 32.81
N ASN D 64 -28.44 33.46 33.54
CA ASN D 64 -27.78 32.19 33.25
C ASN D 64 -28.66 31.23 32.47
N CYS D 65 -29.78 31.69 31.93
CA CYS D 65 -30.67 30.80 31.19
C CYS D 65 -30.09 30.53 29.80
N ILE D 66 -30.17 29.28 29.36
CA ILE D 66 -29.39 28.84 28.22
C ILE D 66 -30.08 29.21 26.92
N ASP D 67 -29.29 29.27 25.85
CA ASP D 67 -29.71 29.56 24.49
C ASP D 67 -30.15 28.26 23.83
N PRO D 68 -30.61 28.24 22.57
CA PRO D 68 -30.77 26.95 21.87
C PRO D 68 -29.47 26.19 21.62
N LEU D 69 -28.31 26.81 21.77
CA LEU D 69 -27.05 26.11 21.60
C LEU D 69 -26.62 25.36 22.85
N GLY D 70 -27.39 25.43 23.93
CA GLY D 70 -27.01 24.78 25.17
C GLY D 70 -25.96 25.49 25.97
N ARG D 71 -25.88 26.81 25.90
CA ARG D 71 -24.81 27.54 26.54
C ARG D 71 -25.36 28.60 27.48
N THR D 72 -24.76 28.71 28.66
CA THR D 72 -24.85 29.92 29.45
C THR D 72 -23.80 30.89 28.93
N ALA D 73 -23.95 32.16 29.28
CA ALA D 73 -23.06 33.20 28.74
C ALA D 73 -21.64 33.06 29.27
N LEU D 74 -21.50 32.48 30.46
CA LEU D 74 -20.19 32.14 31.00
C LEU D 74 -19.47 31.15 30.10
N LEU D 75 -20.20 30.23 29.49
CA LEU D 75 -19.58 29.27 28.60
C LEU D 75 -19.12 29.91 27.29
N ILE D 76 -19.81 30.96 26.83
CA ILE D 76 -19.32 31.73 25.70
C ILE D 76 -18.06 32.50 26.07
N ALA D 77 -18.08 33.15 27.24
CA ALA D 77 -16.94 33.95 27.68
C ALA D 77 -15.71 33.10 27.94
N ILE D 78 -15.90 31.84 28.33
CA ILE D 78 -14.80 30.89 28.35
C ILE D 78 -14.42 30.49 26.93
N GLU D 79 -15.42 30.28 26.08
CA GLU D 79 -15.20 29.87 24.69
C GLU D 79 -14.50 30.93 23.85
N ASN D 80 -14.59 32.21 24.23
CA ASN D 80 -13.92 33.27 23.50
C ASN D 80 -12.71 33.82 24.25
N GLU D 81 -12.20 33.09 25.25
CA GLU D 81 -10.95 33.36 25.96
C GLU D 81 -10.94 34.70 26.70
N ASN D 82 -12.06 35.38 26.84
CA ASN D 82 -12.07 36.74 27.35
C ASN D 82 -12.17 36.67 28.86
N LEU D 83 -11.06 36.97 29.53
CA LEU D 83 -10.97 36.78 30.97
C LEU D 83 -11.83 37.80 31.72
N GLU D 84 -12.02 38.98 31.15
CA GLU D 84 -12.68 40.03 31.93
C GLU D 84 -14.19 39.85 31.97
N ILE D 85 -14.78 39.24 30.94
CA ILE D 85 -16.20 38.93 31.01
C ILE D 85 -16.44 37.81 32.02
N ILE D 86 -15.51 36.85 32.08
CA ILE D 86 -15.58 35.77 33.07
C ILE D 86 -15.47 36.34 34.48
N GLU D 87 -14.54 37.29 34.66
CA GLU D 87 -14.37 37.96 35.94
C GLU D 87 -15.61 38.75 36.31
N LEU D 88 -16.25 39.38 35.32
CA LEU D 88 -17.45 40.16 35.55
C LEU D 88 -18.61 39.27 35.99
N LEU D 89 -18.79 38.14 35.30
CA LEU D 89 -19.90 37.25 35.60
C LEU D 89 -19.71 36.54 36.94
N LEU D 90 -18.45 36.20 37.27
CA LEU D 90 -18.20 35.64 38.59
C LEU D 90 -18.30 36.70 39.67
N SER D 91 -18.00 37.96 39.34
CA SER D 91 -18.18 39.05 40.28
C SER D 91 -19.65 39.34 40.53
N PHE D 92 -20.51 39.00 39.57
CA PHE D 92 -21.94 39.18 39.74
C PHE D 92 -22.67 37.86 39.94
N ASN D 93 -21.92 36.80 40.29
CA ASN D 93 -22.44 35.55 40.85
C ASN D 93 -23.36 34.82 39.88
N VAL D 94 -22.80 34.44 38.74
CA VAL D 94 -23.53 33.57 37.82
C VAL D 94 -23.29 32.11 38.23
N TYR D 95 -24.26 31.26 37.93
CA TYR D 95 -24.17 29.87 38.33
C TYR D 95 -23.25 29.11 37.39
N VAL D 96 -22.24 28.45 37.98
CA VAL D 96 -21.21 27.78 37.19
C VAL D 96 -21.63 26.36 36.79
N GLY D 97 -22.14 25.58 37.74
CA GLY D 97 -22.37 24.17 37.49
C GLY D 97 -21.08 23.41 37.26
N ASP D 98 -20.84 23.05 36.01
CA ASP D 98 -19.62 22.40 35.56
C ASP D 98 -18.86 23.31 34.59
N ALA D 99 -18.77 24.59 34.93
CA ALA D 99 -18.01 25.52 34.10
C ALA D 99 -16.52 25.28 34.22
N LEU D 100 -16.09 24.69 35.35
CA LEU D 100 -14.69 24.35 35.54
C LEU D 100 -14.24 23.32 34.52
N LEU D 101 -15.06 22.30 34.29
CA LEU D 101 -14.73 21.27 33.33
C LEU D 101 -14.76 21.81 31.91
N HIS D 102 -15.67 22.75 31.62
CA HIS D 102 -15.70 23.38 30.31
C HIS D 102 -14.46 24.23 30.08
N ALA D 103 -13.95 24.86 31.14
CA ALA D 103 -12.74 25.65 31.01
C ALA D 103 -11.53 24.76 30.82
N ILE D 104 -11.47 23.66 31.58
CA ILE D 104 -10.35 22.73 31.52
C ILE D 104 -10.30 22.04 30.16
N ARG D 105 -11.47 21.73 29.59
CA ARG D 105 -11.51 21.05 28.29
C ARG D 105 -11.01 21.96 27.16
N LYS D 106 -11.19 23.27 27.29
CA LYS D 106 -10.64 24.21 26.32
C LYS D 106 -9.18 24.55 26.63
N GLU D 107 -8.65 24.03 27.73
CA GLU D 107 -7.32 24.32 28.30
C GLU D 107 -6.98 25.81 28.31
N VAL D 108 -7.96 26.64 28.67
CA VAL D 108 -7.71 28.04 28.95
C VAL D 108 -7.26 28.19 30.39
N VAL D 109 -6.07 28.77 30.59
CA VAL D 109 -5.48 28.82 31.91
C VAL D 109 -6.09 29.96 32.73
N GLY D 110 -6.29 31.11 32.10
CA GLY D 110 -6.83 32.28 32.77
C GLY D 110 -8.24 32.10 33.30
N ALA D 111 -9.00 31.18 32.72
CA ALA D 111 -10.30 30.87 33.27
C ALA D 111 -10.17 30.00 34.51
N VAL D 112 -9.35 28.96 34.43
CA VAL D 112 -9.24 27.98 35.51
C VAL D 112 -8.61 28.60 36.75
N GLU D 113 -7.65 29.51 36.56
CA GLU D 113 -7.02 30.18 37.70
C GLU D 113 -7.98 31.11 38.44
N LEU D 114 -9.08 31.51 37.80
CA LEU D 114 -10.12 32.25 38.48
C LEU D 114 -11.17 31.34 39.09
N LEU D 115 -11.60 30.33 38.34
CA LEU D 115 -12.67 29.46 38.82
C LEU D 115 -12.23 28.60 40.00
N LEU D 116 -10.94 28.29 40.10
CA LEU D 116 -10.47 27.65 41.33
C LEU D 116 -10.43 28.62 42.49
N ASN D 117 -10.33 29.91 42.21
CA ASN D 117 -10.19 30.94 43.24
C ASN D 117 -11.48 31.70 43.46
N HIS D 118 -12.61 31.02 43.40
CA HIS D 118 -13.90 31.66 43.65
C HIS D 118 -14.05 31.94 45.15
N GLN D 135 -31.86 19.63 34.52
CA GLN D 135 -30.52 19.16 34.81
C GLN D 135 -29.89 18.53 33.57
N PHE D 136 -28.63 18.88 33.32
CA PHE D 136 -27.92 18.44 32.14
C PHE D 136 -26.42 18.57 32.41
N SER D 137 -25.66 17.65 31.83
CA SER D 137 -24.21 17.72 31.88
C SER D 137 -23.65 17.54 30.48
N ASP D 138 -22.51 18.18 30.23
CA ASP D 138 -21.75 17.94 29.03
C ASP D 138 -20.66 16.91 29.27
N PHE D 139 -20.64 16.31 30.45
CA PHE D 139 -19.61 15.36 30.81
C PHE D 139 -20.25 14.20 31.55
N THR D 140 -19.56 13.07 31.53
CA THR D 140 -19.92 11.94 32.37
C THR D 140 -19.72 12.34 33.83
N PRO D 141 -20.70 12.10 34.71
CA PRO D 141 -20.59 12.59 36.09
C PRO D 141 -19.56 11.86 36.94
N ASP D 142 -18.91 10.86 36.37
CA ASP D 142 -17.83 10.14 37.02
C ASP D 142 -16.47 10.74 36.70
N ILE D 143 -16.43 12.04 36.46
CA ILE D 143 -15.19 12.75 36.14
C ILE D 143 -14.91 13.76 37.25
N THR D 144 -13.77 13.61 37.91
CA THR D 144 -13.29 14.63 38.81
C THR D 144 -12.47 15.63 37.99
N PRO D 145 -12.30 16.88 38.47
CA PRO D 145 -11.66 17.90 37.62
C PRO D 145 -10.21 17.66 37.27
N ILE D 146 -9.52 16.72 37.91
CA ILE D 146 -8.15 16.44 37.53
C ILE D 146 -8.09 15.39 36.42
N ILE D 147 -9.16 14.62 36.25
CA ILE D 147 -9.14 13.51 35.29
C ILE D 147 -9.19 14.04 33.86
N LEU D 148 -10.14 14.93 33.57
CA LEU D 148 -10.18 15.51 32.24
C LEU D 148 -9.03 16.49 32.03
N ALA D 149 -8.46 17.02 33.10
CA ALA D 149 -7.25 17.81 32.98
C ALA D 149 -6.09 16.96 32.50
N ALA D 150 -5.98 15.75 33.04
CA ALA D 150 -4.95 14.85 32.56
C ALA D 150 -5.26 14.34 31.17
N HIS D 151 -6.54 14.23 30.82
CA HIS D 151 -6.92 13.87 29.46
C HIS D 151 -6.50 14.93 28.47
N THR D 152 -6.60 16.20 28.87
CA THR D 152 -6.19 17.28 27.98
C THR D 152 -4.69 17.46 27.90
N ASN D 153 -3.94 16.89 28.85
CA ASN D 153 -2.47 16.85 28.85
C ASN D 153 -1.87 18.25 28.87
N ASN D 154 -2.42 19.13 29.68
CA ASN D 154 -1.84 20.46 29.86
C ASN D 154 -1.09 20.48 31.18
N TYR D 155 0.07 21.11 31.17
CA TYR D 155 0.98 21.00 32.31
C TYR D 155 0.54 21.87 33.47
N GLU D 156 0.32 23.15 33.21
CA GLU D 156 0.07 24.08 34.30
C GLU D 156 -1.32 23.95 34.90
N ILE D 157 -2.29 23.42 34.15
CA ILE D 157 -3.61 23.18 34.73
C ILE D 157 -3.53 22.08 35.77
N ILE D 158 -2.88 20.97 35.42
CA ILE D 158 -2.65 19.91 36.40
C ILE D 158 -1.75 20.40 37.52
N LYS D 159 -0.83 21.30 37.21
CA LYS D 159 0.09 21.80 38.21
C LYS D 159 -0.62 22.67 39.25
N MET D 160 -1.61 23.45 38.81
CA MET D 160 -2.37 24.22 39.79
C MET D 160 -3.49 23.40 40.41
N LEU D 161 -3.90 22.29 39.79
CA LEU D 161 -4.88 21.44 40.45
C LEU D 161 -4.25 20.61 41.56
N VAL D 162 -3.01 20.16 41.39
CA VAL D 162 -2.39 19.42 42.48
C VAL D 162 -1.94 20.34 43.60
N GLN D 163 -1.80 21.65 43.33
CA GLN D 163 -1.61 22.60 44.42
C GLN D 163 -2.87 22.77 45.24
N LYS D 164 -4.03 22.58 44.64
CA LYS D 164 -5.27 22.46 45.39
C LYS D 164 -5.48 21.07 45.98
N GLY D 165 -4.63 20.11 45.61
CA GLY D 165 -4.68 18.80 46.22
C GLY D 165 -5.86 17.96 45.77
N VAL D 166 -5.96 17.69 44.47
CA VAL D 166 -7.06 16.91 43.93
C VAL D 166 -6.57 15.47 43.79
N SER D 167 -7.29 14.54 44.40
CA SER D 167 -6.89 13.14 44.36
C SER D 167 -7.66 12.38 43.28
N VAL D 168 -6.98 11.41 42.67
CA VAL D 168 -7.55 10.55 41.65
C VAL D 168 -7.86 9.22 42.33
N PRO D 169 -8.92 8.50 41.96
CA PRO D 169 -9.17 7.19 42.58
C PRO D 169 -8.15 6.14 42.12
N GLN D 170 -8.26 4.97 42.76
CA GLN D 170 -7.41 3.82 42.49
C GLN D 170 -8.20 2.76 41.73
N PRO D 171 -7.68 2.26 40.63
CA PRO D 171 -8.37 1.26 39.79
C PRO D 171 -8.23 -0.20 40.25
N HIS D 172 -9.09 -0.60 41.17
CA HIS D 172 -9.08 -1.99 41.63
C HIS D 172 -9.76 -2.88 40.59
N VAL D 187 -22.79 -3.08 38.75
CA VAL D 187 -24.17 -2.66 38.64
C VAL D 187 -24.42 -2.09 37.26
N ASP D 188 -23.78 -0.96 36.98
CA ASP D 188 -23.75 -0.40 35.62
C ASP D 188 -22.42 -0.81 35.03
N SER D 189 -22.42 -1.85 34.19
CA SER D 189 -21.21 -2.29 33.53
C SER D 189 -20.73 -1.31 32.47
N LEU D 190 -21.55 -0.33 32.10
CA LEU D 190 -21.10 0.78 31.28
C LEU D 190 -20.29 1.79 32.09
N ARG D 191 -20.86 2.30 33.18
CA ARG D 191 -20.17 3.34 33.94
C ARG D 191 -18.93 2.82 34.65
N HIS D 192 -18.92 1.54 35.02
CA HIS D 192 -17.71 0.96 35.59
C HIS D 192 -16.60 0.91 34.56
N SER D 193 -16.92 0.49 33.34
CA SER D 193 -15.90 0.35 32.30
C SER D 193 -15.37 1.70 31.85
N ARG D 194 -16.26 2.66 31.59
CA ARG D 194 -15.79 3.98 31.18
C ARG D 194 -15.14 4.72 32.34
N SER D 195 -15.54 4.42 33.58
CA SER D 195 -14.88 5.02 34.73
C SER D 195 -13.45 4.53 34.86
N ARG D 196 -13.24 3.22 34.74
CA ARG D 196 -11.87 2.69 34.76
C ARG D 196 -11.07 3.18 33.58
N LEU D 197 -11.70 3.29 32.41
CA LEU D 197 -10.97 3.76 31.24
C LEU D 197 -10.56 5.22 31.38
N ASN D 198 -11.43 6.04 31.94
CA ASN D 198 -11.09 7.44 32.19
C ASN D 198 -9.98 7.57 33.20
N ILE D 199 -10.01 6.81 34.30
CA ILE D 199 -8.96 7.02 35.28
C ILE D 199 -7.65 6.39 34.86
N TYR D 200 -7.67 5.36 34.01
CA TYR D 200 -6.40 4.89 33.46
C TYR D 200 -5.85 5.85 32.43
N LYS D 201 -6.71 6.43 31.59
CA LYS D 201 -6.23 7.39 30.60
C LYS D 201 -5.74 8.67 31.28
N ALA D 202 -6.34 9.02 32.41
CA ALA D 202 -5.85 10.15 33.18
C ALA D 202 -4.54 9.82 33.84
N LEU D 203 -4.42 8.62 34.41
CA LEU D 203 -3.20 8.24 35.09
C LEU D 203 -2.06 8.00 34.10
N ALA D 204 -2.36 7.76 32.83
CA ALA D 204 -1.34 7.54 31.81
C ALA D 204 -1.06 8.79 31.00
N SER D 205 -1.19 9.94 31.58
CA SER D 205 -0.73 11.07 30.81
C SER D 205 0.71 11.40 31.18
N PRO D 206 1.49 11.95 30.25
CA PRO D 206 2.87 12.30 30.58
C PRO D 206 2.99 13.43 31.58
N SER D 207 2.03 14.34 31.62
CA SER D 207 2.14 15.48 32.52
C SER D 207 1.89 15.07 33.96
N LEU D 208 0.97 14.15 34.18
CA LEU D 208 0.70 13.68 35.54
C LEU D 208 1.84 12.83 36.06
N ILE D 209 2.47 12.04 35.19
CA ILE D 209 3.63 11.26 35.60
C ILE D 209 4.83 12.17 35.80
N ALA D 210 4.85 13.32 35.12
CA ALA D 210 5.93 14.28 35.36
C ALA D 210 5.75 14.95 36.72
N LEU D 211 4.56 15.45 37.02
CA LEU D 211 4.35 16.24 38.23
C LEU D 211 4.24 15.40 39.48
N SER D 212 4.01 14.10 39.37
CA SER D 212 3.87 13.26 40.54
C SER D 212 4.68 11.99 40.33
N SER D 213 4.45 10.97 41.17
CA SER D 213 4.89 9.60 40.93
C SER D 213 6.43 9.51 40.81
N GLU D 214 7.07 9.67 41.97
CA GLU D 214 8.48 9.97 42.21
C GLU D 214 9.49 9.32 41.26
N ASP D 215 9.27 8.08 40.88
CA ASP D 215 10.06 7.51 39.79
C ASP D 215 9.16 7.35 38.59
N PRO D 216 9.30 8.18 37.56
CA PRO D 216 8.41 8.07 36.41
C PRO D 216 8.66 6.84 35.57
N PHE D 217 9.86 6.28 35.63
CA PHE D 217 10.18 5.08 34.87
C PHE D 217 9.38 3.87 35.35
N LEU D 218 9.33 3.66 36.67
CA LEU D 218 8.56 2.53 37.21
C LEU D 218 7.08 2.68 36.95
N THR D 219 6.56 3.90 37.07
CA THR D 219 5.13 4.09 36.87
C THR D 219 4.76 3.92 35.40
N ALA D 220 5.61 4.40 34.50
CA ALA D 220 5.40 4.17 33.08
C ALA D 220 5.49 2.69 32.74
N PHE D 221 6.42 1.97 33.36
CA PHE D 221 6.61 0.55 33.07
C PHE D 221 5.44 -0.29 33.57
N GLN D 222 5.12 -0.16 34.87
CA GLN D 222 4.03 -0.91 35.44
C GLN D 222 2.69 -0.52 34.84
N LEU D 223 2.54 0.74 34.46
CA LEU D 223 1.28 1.16 33.90
C LEU D 223 1.11 0.66 32.48
N SER D 224 2.20 0.61 31.70
CA SER D 224 2.15 0.00 30.39
C SER D 224 1.86 -1.49 30.49
N TRP D 225 2.39 -2.14 31.52
CA TRP D 225 2.08 -3.54 31.75
C TRP D 225 0.61 -3.76 32.07
N GLU D 226 0.06 -2.92 32.95
CA GLU D 226 -1.34 -3.11 33.35
C GLU D 226 -2.29 -2.81 32.21
N LEU D 227 -1.97 -1.80 31.39
CA LEU D 227 -2.79 -1.52 30.23
C LEU D 227 -2.67 -2.62 29.19
N GLN D 228 -1.51 -3.26 29.07
CA GLN D 228 -1.39 -4.40 28.17
C GLN D 228 -2.21 -5.57 28.66
N GLU D 229 -2.26 -5.78 29.98
CA GLU D 229 -3.12 -6.82 30.52
C GLU D 229 -4.59 -6.54 30.28
N LEU D 230 -5.02 -5.30 30.50
CA LEU D 230 -6.42 -4.97 30.31
C LEU D 230 -6.81 -4.88 28.85
N SER D 231 -5.83 -4.84 27.95
CA SER D 231 -6.15 -4.98 26.52
C SER D 231 -6.77 -6.32 26.23
N LYS D 232 -6.30 -7.37 26.92
CA LYS D 232 -6.79 -8.72 26.70
C LYS D 232 -7.93 -9.09 27.64
N VAL D 233 -7.85 -8.66 28.91
CA VAL D 233 -8.87 -9.04 29.89
C VAL D 233 -10.19 -8.34 29.59
N GLU D 234 -10.17 -7.02 29.55
CA GLU D 234 -11.30 -6.29 29.02
C GLU D 234 -11.32 -6.53 27.51
N ASN D 235 -12.34 -7.22 27.02
CA ASN D 235 -12.25 -7.86 25.71
C ASN D 235 -12.36 -6.90 24.54
N GLU D 236 -12.84 -5.69 24.74
CA GLU D 236 -13.33 -4.94 23.60
C GLU D 236 -12.74 -3.56 23.41
N PHE D 237 -12.18 -2.94 24.44
CA PHE D 237 -11.52 -1.65 24.22
C PHE D 237 -10.03 -1.84 23.99
N LYS D 238 -9.68 -2.79 23.13
CA LYS D 238 -8.29 -3.16 23.03
C LYS D 238 -7.50 -2.16 22.21
N ALA D 239 -8.17 -1.43 21.32
CA ALA D 239 -7.52 -0.32 20.64
C ALA D 239 -7.20 0.79 21.63
N GLU D 240 -8.12 1.06 22.55
CA GLU D 240 -7.96 2.15 23.49
C GLU D 240 -6.86 1.84 24.51
N TYR D 241 -6.94 0.67 25.14
CA TYR D 241 -5.92 0.27 26.10
C TYR D 241 -4.57 0.05 25.43
N GLU D 242 -4.58 -0.45 24.20
CA GLU D 242 -3.35 -0.66 23.45
C GLU D 242 -2.67 0.66 23.13
N GLU D 243 -3.46 1.66 22.75
CA GLU D 243 -2.92 2.98 22.44
C GLU D 243 -2.39 3.67 23.69
N LEU D 244 -3.05 3.47 24.82
CA LEU D 244 -2.56 4.05 26.07
C LEU D 244 -1.25 3.40 26.49
N SER D 245 -1.14 2.08 26.35
CA SER D 245 0.12 1.42 26.67
C SER D 245 1.24 1.83 25.73
N HIS D 246 0.90 2.07 24.46
CA HIS D 246 1.91 2.53 23.51
C HIS D 246 2.38 3.93 23.84
N GLN D 247 1.48 4.80 24.30
CA GLN D 247 1.90 6.14 24.68
C GLN D 247 2.73 6.13 25.96
N CYS D 248 2.44 5.19 26.86
CA CYS D 248 3.31 5.01 28.02
C CYS D 248 4.71 4.57 27.62
N LYS D 249 4.80 3.70 26.60
CA LYS D 249 6.11 3.27 26.12
C LYS D 249 6.86 4.41 25.45
N HIS D 250 6.16 5.23 24.64
CA HIS D 250 6.79 6.40 24.03
C HIS D 250 7.25 7.41 25.07
N PHE D 251 6.48 7.59 26.15
CA PHE D 251 6.91 8.49 27.22
C PHE D 251 8.15 7.97 27.92
N ALA D 252 8.20 6.67 28.19
CA ALA D 252 9.39 6.09 28.82
C ALA D 252 10.60 6.20 27.92
N LYS D 253 10.39 6.17 26.60
CA LYS D 253 11.50 6.41 25.68
C LYS D 253 11.94 7.87 25.72
N ASP D 254 10.98 8.80 25.72
CA ASP D 254 11.32 10.20 25.53
C ASP D 254 11.94 10.79 26.78
N LEU D 255 11.71 10.19 27.95
CA LEU D 255 12.49 10.58 29.11
C LEU D 255 13.95 10.20 28.94
N LEU D 256 14.20 9.02 28.38
CA LEU D 256 15.58 8.55 28.23
C LEU D 256 16.29 9.31 27.14
N ASP D 257 15.52 9.82 26.17
CA ASP D 257 16.08 10.50 25.02
C ASP D 257 16.69 11.85 25.38
N GLN D 258 16.39 12.35 26.57
CA GLN D 258 16.84 13.66 26.99
C GLN D 258 18.16 13.65 27.74
N THR D 259 18.80 12.50 27.92
CA THR D 259 20.10 12.47 28.58
C THR D 259 21.15 13.04 27.67
N ARG D 260 21.94 13.98 28.19
CA ARG D 260 22.98 14.61 27.41
C ARG D 260 24.38 14.30 27.94
N SER D 261 24.49 13.33 28.84
CA SER D 261 25.78 12.86 29.31
C SER D 261 25.73 11.35 29.44
N SER D 262 26.80 10.68 29.01
CA SER D 262 26.88 9.23 29.14
C SER D 262 26.95 8.80 30.60
N ARG D 263 27.47 9.65 31.48
CA ARG D 263 27.40 9.40 32.90
C ARG D 263 25.97 9.33 33.39
N GLU D 264 25.13 10.26 32.90
CA GLU D 264 23.71 10.24 33.22
C GLU D 264 23.03 8.98 32.72
N LEU D 265 23.41 8.54 31.52
CA LEU D 265 22.82 7.33 30.96
C LEU D 265 23.22 6.10 31.74
N GLU D 266 24.46 6.09 32.23
CA GLU D 266 24.90 4.99 33.08
C GLU D 266 24.17 4.99 34.40
N LEU D 267 23.93 6.19 34.97
CA LEU D 267 23.18 6.26 36.22
C LEU D 267 21.73 5.87 36.03
N ILE D 268 21.18 6.05 34.83
CA ILE D 268 19.83 5.57 34.58
C ILE D 268 19.80 4.06 34.48
N LEU D 269 20.64 3.49 33.63
CA LEU D 269 20.50 2.07 33.33
C LEU D 269 21.01 1.20 34.49
N ASN D 270 22.14 1.57 35.10
CA ASN D 270 22.65 0.84 36.26
C ASN D 270 21.97 1.37 37.52
N PHE D 271 20.75 0.92 37.75
CA PHE D 271 20.04 1.32 38.95
C PHE D 271 19.14 0.20 39.43
N ARG D 272 19.14 -0.02 40.74
CA ARG D 272 18.29 -1.03 41.35
C ARG D 272 17.04 -0.39 41.92
N ASN D 284 23.48 -8.05 38.50
CA ASN D 284 24.07 -6.93 39.22
C ASN D 284 23.88 -5.63 38.45
N GLU D 285 24.77 -5.36 37.50
CA GLU D 285 24.66 -4.15 36.71
C GLU D 285 23.53 -4.26 35.70
N LEU D 286 23.17 -3.10 35.13
CA LEU D 286 22.14 -2.94 34.11
C LEU D 286 20.77 -3.42 34.62
N ALA D 287 20.53 -3.21 35.92
CA ALA D 287 19.35 -3.77 36.56
C ALA D 287 18.08 -3.12 36.05
N ARG D 288 18.12 -1.82 35.78
CA ARG D 288 16.97 -1.19 35.17
C ARG D 288 16.81 -1.63 33.73
N LEU D 289 17.90 -1.92 33.04
CA LEU D 289 17.77 -2.42 31.68
C LEU D 289 17.21 -3.83 31.67
N LYS D 290 17.60 -4.65 32.65
CA LYS D 290 17.02 -5.99 32.77
C LYS D 290 15.53 -5.91 33.09
N LEU D 291 15.15 -4.97 33.96
CA LEU D 291 13.74 -4.78 34.27
C LEU D 291 12.99 -4.24 33.07
N ALA D 292 13.65 -3.48 32.20
CA ALA D 292 13.00 -2.97 31.01
C ALA D 292 12.79 -4.07 29.97
N ILE D 293 13.75 -4.99 29.87
CA ILE D 293 13.55 -6.18 29.05
C ILE D 293 12.41 -7.01 29.61
N LYS D 294 12.29 -7.06 30.93
CA LYS D 294 11.26 -7.86 31.58
C LYS D 294 9.87 -7.32 31.29
N TYR D 295 9.72 -6.00 31.17
CA TYR D 295 8.42 -5.39 30.97
C TYR D 295 8.10 -5.08 29.52
N ARG D 296 8.82 -5.68 28.58
CA ARG D 296 8.57 -5.61 27.13
C ARG D 296 8.60 -4.18 26.60
N GLN D 297 9.48 -3.37 27.18
CA GLN D 297 9.60 -1.96 26.81
C GLN D 297 10.53 -1.83 25.61
N LYS D 298 10.05 -2.30 24.46
CA LYS D 298 10.93 -2.40 23.32
C LYS D 298 11.23 -1.07 22.66
N GLU D 299 10.36 -0.06 22.79
CA GLU D 299 10.75 1.26 22.30
C GLU D 299 11.77 1.91 23.21
N PHE D 300 11.76 1.56 24.50
CA PHE D 300 12.71 2.13 25.45
C PHE D 300 14.12 1.64 25.17
N VAL D 301 14.26 0.39 24.77
CA VAL D 301 15.58 -0.22 24.68
C VAL D 301 16.14 -0.11 23.27
N ALA D 302 15.31 0.16 22.28
CA ALA D 302 15.81 0.52 20.97
C ALA D 302 16.13 2.01 20.85
N GLN D 303 16.20 2.71 21.98
CA GLN D 303 16.75 4.06 22.00
C GLN D 303 18.21 3.99 21.59
N PRO D 304 18.69 4.95 20.79
CA PRO D 304 20.06 4.83 20.24
C PRO D 304 21.18 4.86 21.26
N ASN D 305 21.10 5.72 22.27
CA ASN D 305 22.24 5.87 23.17
C ASN D 305 22.37 4.67 24.09
N CYS D 306 21.24 4.06 24.44
CA CYS D 306 21.25 2.76 25.11
C CYS D 306 21.95 1.72 24.25
N GLN D 307 21.76 1.79 22.93
CA GLN D 307 22.42 0.84 22.05
C GLN D 307 23.91 1.13 21.91
N GLN D 308 24.32 2.40 22.00
CA GLN D 308 25.76 2.69 22.05
C GLN D 308 26.39 2.15 23.31
N LEU D 309 25.71 2.29 24.45
CA LEU D 309 26.29 1.76 25.68
C LEU D 309 26.35 0.24 25.64
N LEU D 310 25.32 -0.39 25.08
CA LEU D 310 25.33 -1.84 24.94
C LEU D 310 26.39 -2.31 23.96
N ALA D 311 26.61 -1.57 22.88
CA ALA D 311 27.62 -1.99 21.91
C ALA D 311 29.02 -1.78 22.42
N SER D 312 29.23 -0.71 23.20
CA SER D 312 30.52 -0.52 23.84
C SER D 312 30.76 -1.58 24.92
N ARG D 313 29.71 -2.08 25.55
CA ARG D 313 29.87 -3.24 26.40
C ARG D 313 30.19 -4.49 25.59
N TRP D 314 29.52 -4.65 24.46
CA TRP D 314 29.55 -5.89 23.69
C TRP D 314 30.88 -6.09 22.98
N TYR D 315 31.49 -5.03 22.45
CA TYR D 315 32.70 -5.23 21.66
C TYR D 315 33.93 -5.40 22.53
N ASP D 316 34.31 -4.34 23.25
CA ASP D 316 35.56 -4.25 24.01
C ASP D 316 36.76 -4.57 23.11
N GLU D 317 37.01 -3.64 22.19
CA GLU D 317 38.01 -3.71 21.11
C GLU D 317 37.72 -4.88 20.17
N PHE D 318 36.63 -4.77 19.42
CA PHE D 318 36.53 -5.41 18.11
C PHE D 318 37.18 -4.55 17.02
N PRO D 319 36.97 -3.21 16.97
CA PRO D 319 37.84 -2.55 15.99
C PRO D 319 39.24 -2.30 16.54
N ARG D 324 36.35 -1.30 10.74
CA ARG D 324 37.10 -1.99 9.69
C ARG D 324 36.20 -2.35 8.51
N HIS D 325 36.59 -3.40 7.80
CA HIS D 325 35.90 -3.85 6.60
C HIS D 325 35.72 -5.37 6.67
N TRP D 326 35.03 -5.92 5.66
CA TRP D 326 34.54 -7.30 5.71
C TRP D 326 35.67 -8.33 5.75
N ALA D 327 36.79 -8.04 5.09
CA ALA D 327 37.88 -9.00 5.03
C ALA D 327 38.55 -9.15 6.39
N GLY D 328 38.93 -8.02 7.01
CA GLY D 328 39.56 -8.08 8.31
C GLY D 328 38.66 -8.61 9.40
N LYS D 329 37.38 -8.20 9.38
CA LYS D 329 36.42 -8.67 10.37
C LYS D 329 36.17 -10.17 10.22
N LEU D 330 36.05 -10.64 8.98
CA LEU D 330 35.84 -12.07 8.73
C LEU D 330 37.03 -12.90 9.18
N ILE D 331 38.24 -12.46 8.83
CA ILE D 331 39.43 -13.24 9.15
C ILE D 331 39.70 -13.23 10.65
N THR D 332 39.41 -12.11 11.33
CA THR D 332 39.61 -12.08 12.78
C THR D 332 38.56 -12.92 13.51
N CYS D 333 37.31 -12.90 13.02
CA CYS D 333 36.27 -13.73 13.65
C CYS D 333 36.56 -15.22 13.47
N VAL D 334 36.98 -15.63 12.27
CA VAL D 334 37.28 -17.04 12.08
C VAL D 334 38.59 -17.41 12.75
N PHE D 335 39.50 -16.45 12.95
CA PHE D 335 40.74 -16.72 13.66
C PHE D 335 40.48 -16.96 15.14
N ILE D 336 39.54 -16.22 15.71
CA ILE D 336 39.12 -16.51 17.07
C ILE D 336 38.37 -17.83 17.12
N GLY D 337 37.51 -18.09 16.13
CA GLY D 337 36.70 -19.29 16.13
C GLY D 337 37.47 -20.58 15.93
N LEU D 338 38.64 -20.51 15.32
CA LEU D 338 39.49 -21.70 15.24
C LEU D 338 40.21 -22.01 16.55
N MET D 339 40.13 -21.13 17.54
CA MET D 339 40.90 -21.27 18.77
C MET D 339 40.01 -21.27 20.00
N PHE D 340 38.77 -21.72 19.87
CA PHE D 340 37.91 -21.74 21.05
C PHE D 340 38.24 -22.79 22.11
N PRO D 341 38.71 -24.03 21.81
CA PRO D 341 39.01 -24.93 22.94
C PRO D 341 40.27 -24.52 23.66
N LEU D 342 41.22 -23.91 22.95
CA LEU D 342 42.39 -23.33 23.59
C LEU D 342 42.00 -22.27 24.60
N LEU D 343 41.12 -21.35 24.19
CA LEU D 343 40.69 -20.27 25.08
C LEU D 343 39.86 -20.81 26.23
N SER D 344 39.04 -21.83 25.98
CA SER D 344 38.21 -22.36 27.04
C SER D 344 39.03 -23.15 28.06
N LEU D 345 39.99 -23.96 27.60
CA LEU D 345 40.79 -24.72 28.55
C LEU D 345 41.82 -23.86 29.26
N CYS D 346 42.29 -22.77 28.64
CA CYS D 346 43.14 -21.87 29.40
C CYS D 346 42.32 -20.98 30.31
N TYR D 347 41.02 -20.83 30.05
CA TYR D 347 40.16 -20.23 31.05
C TYR D 347 39.95 -21.17 32.23
N LEU D 348 39.86 -22.47 31.96
CA LEU D 348 39.62 -23.40 33.05
C LEU D 348 40.85 -23.63 33.91
N VAL D 349 42.03 -23.75 33.28
CA VAL D 349 43.23 -23.97 34.06
C VAL D 349 43.68 -22.70 34.76
N ALA D 350 43.25 -21.54 34.26
CA ALA D 350 43.61 -20.25 34.88
C ALA D 350 42.54 -19.23 34.57
N PRO D 351 41.48 -19.17 35.38
CA PRO D 351 40.49 -18.10 35.21
C PRO D 351 40.99 -16.78 35.79
N LYS D 352 42.00 -16.20 35.14
CA LYS D 352 42.58 -14.94 35.59
C LYS D 352 42.86 -14.08 34.36
N SER D 353 43.65 -13.04 34.57
CA SER D 353 43.89 -12.01 33.58
C SER D 353 44.90 -12.42 32.50
N ARG D 354 45.30 -13.68 32.43
CA ARG D 354 46.20 -14.13 31.39
C ARG D 354 45.57 -14.02 30.02
N TYR D 355 44.58 -14.87 29.78
CA TYR D 355 43.89 -14.96 28.51
C TYR D 355 42.38 -14.97 28.65
N GLY D 356 41.85 -15.37 29.82
CA GLY D 356 40.42 -15.51 30.06
C GLY D 356 39.64 -14.22 30.03
N LEU D 357 40.33 -13.08 29.96
CA LEU D 357 39.66 -11.81 29.71
C LEU D 357 39.00 -11.81 28.34
N PHE D 358 39.54 -12.58 27.39
CA PHE D 358 38.88 -12.78 26.10
C PHE D 358 37.51 -13.41 26.29
N ILE D 359 37.43 -14.50 27.05
CA ILE D 359 36.17 -15.17 27.27
C ILE D 359 35.26 -14.33 28.17
N ARG D 360 35.83 -13.46 29.00
CA ARG D 360 35.02 -12.50 29.73
C ARG D 360 34.41 -11.45 28.80
N LYS D 361 35.08 -11.14 27.69
CA LYS D 361 34.49 -10.21 26.73
C LYS D 361 33.32 -10.89 26.02
N PRO D 362 32.21 -10.18 25.83
CA PRO D 362 30.99 -10.85 25.36
C PRO D 362 31.01 -11.24 23.90
N PHE D 363 31.65 -10.45 23.05
CA PHE D 363 31.69 -10.80 21.62
C PHE D 363 32.53 -12.05 21.39
N ILE D 364 33.62 -12.18 22.12
CA ILE D 364 34.51 -13.32 21.92
C ILE D 364 33.88 -14.59 22.47
N LYS D 365 33.16 -14.50 23.59
CA LYS D 365 32.48 -15.69 24.07
C LYS D 365 31.26 -16.02 23.20
N PHE D 366 30.69 -15.03 22.51
CA PHE D 366 29.67 -15.34 21.52
C PHE D 366 30.26 -16.11 20.36
N ILE D 367 31.44 -15.69 19.89
CA ILE D 367 32.12 -16.42 18.82
C ILE D 367 32.49 -17.82 19.28
N CYS D 368 32.87 -17.97 20.54
CA CYS D 368 33.25 -19.30 21.03
C CYS D 368 32.05 -20.23 21.16
N HIS D 369 30.92 -19.73 21.67
CA HIS D 369 29.71 -20.55 21.71
C HIS D 369 29.21 -20.88 20.31
N THR D 370 29.31 -19.92 19.39
CA THR D 370 28.89 -20.16 18.02
C THR D 370 29.75 -21.21 17.35
N ALA D 371 31.07 -21.12 17.55
CA ALA D 371 31.99 -22.09 16.98
C ALA D 371 31.80 -23.47 17.58
N SER D 372 31.51 -23.54 18.88
CA SER D 372 31.29 -24.84 19.50
C SER D 372 29.97 -25.44 19.02
N TYR D 373 28.96 -24.61 18.80
CA TYR D 373 27.69 -25.15 18.35
C TYR D 373 27.76 -25.61 16.91
N LEU D 374 28.47 -24.87 16.07
CA LEU D 374 28.57 -25.33 14.70
C LEU D 374 29.59 -26.45 14.53
N THR D 375 30.53 -26.63 15.45
CA THR D 375 31.33 -27.84 15.32
C THR D 375 30.62 -29.05 15.91
N PHE D 376 29.67 -28.85 16.82
CA PHE D 376 28.72 -29.90 17.15
C PHE D 376 27.89 -30.29 15.93
N LEU D 377 27.43 -29.30 15.17
CA LEU D 377 26.71 -29.61 13.93
C LEU D 377 27.62 -30.24 12.89
N PHE D 378 28.91 -29.87 12.86
CA PHE D 378 29.81 -30.45 11.88
C PHE D 378 30.10 -31.91 12.17
N LEU D 379 30.28 -32.25 13.44
CA LEU D 379 30.45 -33.66 13.74
C LEU D 379 29.13 -34.35 14.04
N LEU D 380 28.00 -33.70 13.74
CA LEU D 380 26.79 -34.44 13.43
C LEU D 380 26.67 -34.72 11.93
N LEU D 381 27.10 -33.77 11.10
CA LEU D 381 27.23 -34.01 9.66
C LEU D 381 28.16 -35.17 9.40
N LEU D 382 29.24 -35.27 10.17
CA LEU D 382 30.19 -36.35 10.12
C LEU D 382 29.65 -37.63 10.73
N ALA D 383 28.54 -37.57 11.47
CA ALA D 383 28.05 -38.71 12.24
C ALA D 383 27.24 -39.69 11.41
N SER D 384 27.35 -39.66 10.09
CA SER D 384 26.68 -40.64 9.26
C SER D 384 27.50 -41.11 8.07
N GLN D 385 28.77 -40.73 7.96
CA GLN D 385 29.56 -41.07 6.79
C GLN D 385 29.99 -42.53 6.83
N HIS D 386 30.32 -43.05 5.65
CA HIS D 386 30.73 -44.45 5.53
C HIS D 386 32.17 -44.69 5.93
N ILE D 387 32.93 -43.62 6.22
CA ILE D 387 34.30 -43.76 6.71
C ILE D 387 34.36 -44.40 8.07
N VAL D 388 33.43 -44.06 8.96
CA VAL D 388 33.50 -44.43 10.37
C VAL D 388 33.23 -45.91 10.57
N ASN D 391 29.63 -47.95 11.49
CA ASN D 391 29.41 -49.34 11.90
C ASN D 391 28.51 -50.10 10.94
N PRO D 392 28.73 -51.42 10.83
CA PRO D 392 27.78 -52.27 10.10
C PRO D 392 26.48 -52.50 10.88
N ASP D 393 25.61 -53.34 10.35
CA ASP D 393 24.23 -53.40 10.78
C ASP D 393 24.02 -54.61 11.69
N ARG D 394 24.00 -54.35 13.01
CA ARG D 394 23.78 -55.40 13.99
C ARG D 394 22.90 -54.88 15.11
N GLN D 395 22.22 -55.80 15.78
CA GLN D 395 21.47 -55.47 16.98
C GLN D 395 22.43 -55.36 18.14
N GLY D 396 22.39 -54.23 18.84
CA GLY D 396 23.38 -53.90 19.82
C GLY D 396 24.36 -52.91 19.22
N PRO D 397 24.17 -51.62 19.53
CA PRO D 397 24.96 -50.57 18.89
C PRO D 397 26.44 -50.59 19.21
N LYS D 398 26.77 -50.50 20.52
CA LYS D 398 28.11 -50.22 21.05
C LYS D 398 28.61 -48.96 20.34
N PRO D 399 28.15 -47.77 20.79
CA PRO D 399 28.28 -46.53 20.01
C PRO D 399 29.67 -46.15 19.52
N THR D 400 29.69 -45.29 18.50
CA THR D 400 30.89 -44.99 17.73
C THR D 400 31.87 -44.14 18.52
N THR D 401 32.98 -43.80 17.86
CA THR D 401 33.84 -42.74 18.36
C THR D 401 33.09 -41.41 18.32
N VAL D 402 32.27 -41.23 17.29
CA VAL D 402 31.58 -39.96 17.06
C VAL D 402 30.50 -39.74 18.12
N GLU D 403 29.83 -40.81 18.55
CA GLU D 403 28.82 -40.67 19.59
C GLU D 403 29.47 -40.35 20.94
N TRP D 404 30.62 -40.94 21.22
CA TRP D 404 31.39 -40.56 22.39
C TRP D 404 31.95 -39.15 22.29
N MET D 405 32.07 -38.59 21.10
CA MET D 405 32.36 -37.16 21.00
C MET D 405 31.12 -36.30 21.14
N ILE D 406 29.97 -36.80 20.67
CA ILE D 406 28.68 -36.11 20.78
C ILE D 406 28.30 -35.90 22.24
N LEU D 407 28.50 -36.92 23.07
CA LEU D 407 27.96 -36.93 24.43
C LEU D 407 28.44 -35.79 25.34
N PRO D 408 29.69 -35.33 25.34
CA PRO D 408 30.02 -34.12 26.10
C PRO D 408 29.64 -32.81 25.42
N TRP D 409 28.89 -32.81 24.33
CA TRP D 409 28.12 -31.62 23.97
C TRP D 409 26.69 -31.68 24.46
N VAL D 410 26.04 -32.84 24.30
CA VAL D 410 24.65 -33.00 24.71
C VAL D 410 24.51 -32.83 26.21
N LEU D 411 25.47 -33.34 26.98
CA LEU D 411 25.43 -33.14 28.42
C LEU D 411 25.65 -31.68 28.80
N GLY D 412 26.43 -30.95 28.01
CA GLY D 412 26.55 -29.53 28.22
C GLY D 412 25.24 -28.80 27.97
N PHE D 413 24.48 -29.25 26.97
CA PHE D 413 23.16 -28.65 26.74
C PHE D 413 22.19 -29.02 27.84
N ILE D 414 22.31 -30.23 28.39
CA ILE D 414 21.47 -30.63 29.52
C ILE D 414 21.73 -29.76 30.73
N TRP D 415 23.01 -29.56 31.06
CA TRP D 415 23.36 -28.72 32.21
C TRP D 415 22.96 -27.27 31.99
N THR D 416 23.16 -26.75 30.77
CA THR D 416 22.78 -25.40 30.42
C THR D 416 21.27 -25.18 30.50
N GLU D 417 20.48 -26.13 30.02
CA GLU D 417 19.03 -26.01 30.08
C GLU D 417 18.51 -26.12 31.51
N ILE D 418 19.07 -27.04 32.30
CA ILE D 418 18.68 -27.18 33.71
C ILE D 418 19.02 -25.92 34.49
N LYS D 419 20.15 -25.28 34.18
CA LYS D 419 20.52 -24.05 34.88
C LYS D 419 19.58 -22.90 34.53
N GLN D 420 19.30 -22.70 33.24
CA GLN D 420 18.48 -21.56 32.85
C GLN D 420 17.00 -21.82 33.12
N MET D 421 16.63 -23.08 33.36
CA MET D 421 15.25 -23.37 33.75
C MET D 421 15.09 -23.28 35.26
N TRP D 422 16.16 -23.57 36.00
CA TRP D 422 16.12 -23.47 37.45
C TRP D 422 16.09 -22.02 37.91
N ASP D 423 16.87 -21.16 37.26
CA ASP D 423 16.98 -19.76 37.64
C ASP D 423 15.99 -18.89 36.90
N GLY D 424 14.94 -19.48 36.34
CA GLY D 424 13.86 -18.74 35.72
C GLY D 424 12.53 -19.16 36.31
N GLY D 425 12.55 -20.26 37.06
CA GLY D 425 11.41 -20.78 37.78
C GLY D 425 10.23 -21.14 36.90
N PHE D 426 10.52 -21.63 35.68
CA PHE D 426 9.62 -22.06 34.60
C PHE D 426 8.61 -21.00 34.15
N GLN D 427 8.75 -19.77 34.63
CA GLN D 427 7.83 -18.70 34.28
C GLN D 427 8.60 -17.61 33.56
N ASP D 428 8.09 -17.25 32.37
CA ASP D 428 8.76 -16.53 31.28
C ASP D 428 9.97 -17.31 30.77
N TYR D 429 10.02 -18.60 31.09
CA TYR D 429 10.96 -19.56 30.53
C TYR D 429 10.30 -20.31 29.38
N ILE D 430 9.22 -21.03 29.69
CA ILE D 430 8.47 -21.84 28.74
C ILE D 430 7.71 -20.91 27.80
N HIS D 431 7.51 -19.67 28.23
CA HIS D 431 6.92 -18.62 27.43
C HIS D 431 7.86 -18.13 26.33
N ASP D 432 9.14 -18.47 26.42
CA ASP D 432 10.06 -18.31 25.29
C ASP D 432 9.97 -19.56 24.44
N TRP D 433 9.87 -19.36 23.12
CA TRP D 433 9.72 -20.49 22.20
C TRP D 433 11.01 -21.29 22.06
N TRP D 434 12.15 -20.62 22.25
CA TRP D 434 13.42 -21.31 22.09
C TRP D 434 13.70 -22.25 23.26
N ASN D 435 13.12 -21.98 24.42
CA ASN D 435 13.22 -22.95 25.50
C ASN D 435 12.40 -24.19 25.21
N LEU D 436 11.26 -24.03 24.53
CA LEU D 436 10.50 -25.20 24.06
C LEU D 436 11.28 -25.99 23.04
N MET D 437 12.00 -25.30 22.15
CA MET D 437 12.77 -26.01 21.16
C MET D 437 13.97 -26.72 21.78
N ASP D 438 14.62 -26.10 22.77
CA ASP D 438 15.65 -26.76 23.55
C ASP D 438 15.10 -27.95 24.31
N PHE D 439 13.87 -27.83 24.80
CA PHE D 439 13.28 -28.88 25.60
C PHE D 439 12.97 -30.12 24.76
N VAL D 440 12.39 -29.91 23.58
CA VAL D 440 12.13 -31.06 22.71
C VAL D 440 13.43 -31.63 22.16
N MET D 441 14.44 -30.80 21.91
CA MET D 441 15.73 -31.27 21.44
C MET D 441 16.43 -32.16 22.47
N ASN D 442 16.49 -31.68 23.71
CA ASN D 442 17.16 -32.45 24.76
C ASN D 442 16.34 -33.65 25.20
N SER D 443 15.01 -33.58 25.08
CA SER D 443 14.20 -34.74 25.37
C SER D 443 14.44 -35.85 24.36
N LEU D 444 14.52 -35.48 23.08
CA LEU D 444 14.83 -36.49 22.06
C LEU D 444 16.25 -37.01 22.21
N TYR D 445 17.18 -36.19 22.66
CA TYR D 445 18.54 -36.68 22.92
C TYR D 445 18.57 -37.67 24.08
N LEU D 446 17.87 -37.38 25.18
CA LEU D 446 17.82 -38.30 26.30
C LEU D 446 17.11 -39.59 25.95
N ALA D 447 16.06 -39.49 25.12
CA ALA D 447 15.42 -40.70 24.64
C ALA D 447 16.33 -41.51 23.74
N THR D 448 17.17 -40.84 22.95
CA THR D 448 18.13 -41.54 22.11
C THR D 448 19.16 -42.27 22.94
N ILE D 449 19.68 -41.59 23.97
CA ILE D 449 20.66 -42.21 24.87
C ILE D 449 20.07 -43.41 25.58
N SER D 450 18.83 -43.26 26.09
CA SER D 450 18.18 -44.34 26.83
C SER D 450 17.86 -45.52 25.92
N LEU D 451 17.42 -45.25 24.68
CA LEU D 451 17.11 -46.33 23.78
C LEU D 451 18.37 -47.04 23.28
N LYS D 452 19.48 -46.31 23.16
CA LYS D 452 20.72 -47.01 22.82
C LYS D 452 21.25 -47.82 23.99
N ILE D 453 20.96 -47.39 25.22
CA ILE D 453 21.29 -48.21 26.38
C ILE D 453 20.45 -49.49 26.39
N VAL D 454 19.16 -49.37 26.08
CA VAL D 454 18.28 -50.53 26.03
C VAL D 454 18.71 -51.48 24.92
N ALA D 455 19.06 -50.94 23.76
CA ALA D 455 19.48 -51.80 22.65
C ALA D 455 20.88 -52.35 22.86
N TYR D 456 21.70 -51.71 23.71
CA TYR D 456 23.05 -52.21 23.93
C TYR D 456 23.03 -53.50 24.73
N VAL D 457 22.17 -53.59 25.74
CA VAL D 457 21.94 -54.85 26.41
C VAL D 457 20.96 -55.64 25.58
N LYS D 458 20.81 -56.93 25.88
CA LYS D 458 19.85 -57.94 25.42
C LYS D 458 19.93 -58.26 23.93
N TYR D 459 20.77 -57.60 23.16
CA TYR D 459 20.79 -57.72 21.69
C TYR D 459 22.24 -57.88 21.25
N SER D 460 22.61 -59.08 20.83
CA SER D 460 23.94 -59.27 20.26
C SER D 460 23.92 -60.27 19.11
N GLY D 461 22.78 -60.41 18.43
CA GLY D 461 22.64 -61.45 17.42
C GLY D 461 23.37 -61.20 16.13
N CYS D 462 23.60 -59.92 15.79
CA CYS D 462 24.19 -59.47 14.52
C CYS D 462 23.41 -59.97 13.31
N LYS D 463 22.09 -60.12 13.47
CA LYS D 463 21.24 -60.53 12.38
C LYS D 463 21.04 -59.36 11.42
N PRO D 464 20.83 -59.63 10.12
CA PRO D 464 20.79 -58.54 9.14
C PRO D 464 19.58 -57.64 9.31
N ARG D 465 19.79 -56.36 9.00
CA ARG D 465 18.82 -55.31 9.32
C ARG D 465 17.52 -55.48 8.56
N ASP D 466 17.59 -56.03 7.36
CA ASP D 466 16.39 -56.30 6.57
C ASP D 466 15.50 -57.34 7.23
N THR D 467 16.07 -58.21 8.07
CA THR D 467 15.30 -59.20 8.80
C THR D 467 14.87 -58.72 10.17
N TRP D 468 15.02 -57.44 10.49
CA TRP D 468 14.63 -57.01 11.82
C TRP D 468 13.12 -56.82 11.90
N GLU D 469 12.65 -56.58 13.11
CA GLU D 469 11.26 -56.29 13.33
C GLU D 469 10.98 -54.82 13.07
N MET D 470 9.71 -54.47 13.06
CA MET D 470 9.28 -53.09 13.17
C MET D 470 9.21 -52.83 14.66
N TRP D 471 9.43 -51.57 15.06
CA TRP D 471 9.48 -51.10 16.44
C TRP D 471 10.58 -51.80 17.24
N HIS D 472 11.67 -52.17 16.57
CA HIS D 472 12.88 -52.61 17.22
C HIS D 472 13.51 -51.40 17.89
N PRO D 473 14.14 -51.54 19.06
CA PRO D 473 14.65 -50.37 19.77
C PRO D 473 15.77 -49.64 19.07
N THR D 474 16.60 -50.34 18.31
CA THR D 474 17.69 -49.66 17.59
C THR D 474 17.14 -48.75 16.50
N LEU D 475 16.12 -49.21 15.78
CA LEU D 475 15.56 -48.42 14.69
C LEU D 475 14.84 -47.19 15.23
N VAL D 476 14.09 -47.36 16.33
CA VAL D 476 13.42 -46.23 16.96
C VAL D 476 14.44 -45.27 17.54
N ALA D 477 15.57 -45.78 18.03
CA ALA D 477 16.63 -44.92 18.53
C ALA D 477 17.24 -44.09 17.41
N GLU D 478 17.45 -44.68 16.24
CA GLU D 478 18.04 -43.93 15.14
C GLU D 478 17.05 -42.93 14.57
N ALA D 479 15.77 -43.27 14.57
CA ALA D 479 14.75 -42.33 14.12
C ALA D 479 14.64 -41.14 15.06
N VAL D 480 14.64 -41.40 16.37
CA VAL D 480 14.59 -40.30 17.34
C VAL D 480 15.87 -39.48 17.30
N PHE D 481 17.00 -40.09 16.94
CA PHE D 481 18.23 -39.34 16.79
C PHE D 481 18.17 -38.40 15.58
N ALA D 482 17.52 -38.84 14.50
CA ALA D 482 17.35 -37.95 13.35
C ALA D 482 16.36 -36.83 13.64
N ILE D 483 15.25 -37.14 14.31
CA ILE D 483 14.30 -36.10 14.71
C ILE D 483 14.92 -35.17 15.75
N ALA D 484 15.96 -35.63 16.44
CA ALA D 484 16.65 -34.75 17.37
C ALA D 484 17.58 -33.79 16.64
N ASN D 485 18.39 -34.33 15.72
CA ASN D 485 19.39 -33.43 15.16
C ASN D 485 18.87 -32.58 14.02
N ILE D 486 17.66 -32.83 13.50
CA ILE D 486 17.00 -31.81 12.68
C ILE D 486 16.71 -30.56 13.51
N PHE D 487 16.27 -30.72 14.76
CA PHE D 487 16.03 -29.56 15.60
C PHE D 487 17.34 -28.91 16.04
N SER D 488 18.35 -29.73 16.33
CA SER D 488 19.61 -29.15 16.81
C SER D 488 20.33 -28.41 15.71
N SER D 489 20.22 -28.89 14.48
CA SER D 489 20.75 -28.13 13.36
C SER D 489 19.84 -26.97 13.00
N LEU D 490 18.56 -27.04 13.36
CA LEU D 490 17.65 -26.00 12.93
C LEU D 490 17.73 -24.77 13.81
N ARG D 491 17.97 -24.93 15.11
CA ARG D 491 18.00 -23.74 15.96
C ARG D 491 19.33 -22.99 15.93
N LEU D 492 20.14 -23.23 14.90
CA LEU D 492 21.14 -22.28 14.44
C LEU D 492 20.49 -21.08 13.74
N ILE D 493 19.19 -21.13 13.49
CA ILE D 493 18.42 -20.00 12.98
C ILE D 493 18.30 -18.90 14.02
N SER D 494 18.48 -19.21 15.30
CA SER D 494 18.29 -18.25 16.37
C SER D 494 19.52 -17.43 16.66
N LEU D 495 20.57 -17.58 15.86
CA LEU D 495 21.70 -16.68 15.90
C LEU D 495 21.55 -15.54 14.91
N PHE D 496 20.38 -15.41 14.29
CA PHE D 496 20.20 -14.37 13.31
C PHE D 496 19.79 -13.03 13.90
N THR D 497 19.63 -12.96 15.22
CA THR D 497 19.53 -11.66 15.88
C THR D 497 20.91 -11.21 16.34
N ALA D 498 21.88 -11.29 15.44
CA ALA D 498 23.18 -10.70 15.65
C ALA D 498 23.70 -10.01 14.42
N ASN D 499 23.25 -10.40 13.23
CA ASN D 499 23.65 -9.75 12.00
C ASN D 499 22.69 -8.59 11.73
N SER D 500 23.23 -7.54 11.12
CA SER D 500 22.40 -6.39 10.79
C SER D 500 21.51 -6.68 9.60
N HIS D 501 21.92 -7.58 8.72
CA HIS D 501 21.17 -7.84 7.50
C HIS D 501 20.13 -8.93 7.68
N LEU D 502 20.41 -9.94 8.49
CA LEU D 502 19.52 -11.08 8.60
C LEU D 502 18.52 -10.95 9.74
N GLY D 503 18.66 -9.95 10.59
CA GLY D 503 17.81 -9.75 11.73
C GLY D 503 16.34 -9.50 11.46
N PRO D 504 16.00 -8.38 10.81
CA PRO D 504 14.58 -8.05 10.62
C PRO D 504 13.85 -9.03 9.74
N LEU D 505 14.57 -9.73 8.88
CA LEU D 505 13.95 -10.72 8.02
C LEU D 505 13.50 -11.93 8.83
N GLN D 506 14.31 -12.36 9.80
CA GLN D 506 13.85 -13.47 10.60
C GLN D 506 12.86 -13.03 11.67
N ILE D 507 12.85 -11.74 12.02
CA ILE D 507 11.75 -11.21 12.82
C ILE D 507 10.43 -11.33 12.05
N SER D 508 10.47 -11.01 10.75
CA SER D 508 9.28 -11.14 9.91
C SER D 508 8.85 -12.60 9.77
N LEU D 509 9.84 -13.51 9.65
CA LEU D 509 9.60 -14.95 9.76
C LEU D 509 8.80 -15.29 11.02
N GLY D 510 9.35 -14.94 12.18
CA GLY D 510 8.75 -15.29 13.44
C GLY D 510 7.42 -14.62 13.70
N ARG D 511 7.09 -13.56 12.95
CA ARG D 511 5.78 -12.97 13.16
C ARG D 511 4.73 -13.46 12.16
N MET D 512 5.12 -13.74 10.91
CA MET D 512 4.12 -14.26 9.98
C MET D 512 3.84 -15.74 10.18
N LEU D 513 4.66 -16.44 10.97
CA LEU D 513 4.27 -17.77 11.43
C LEU D 513 2.98 -17.74 12.24
N LEU D 514 2.66 -16.62 12.89
CA LEU D 514 1.45 -16.50 13.67
C LEU D 514 0.19 -16.33 12.83
N ASP D 515 0.29 -16.26 11.51
CA ASP D 515 -0.86 -16.34 10.64
C ASP D 515 -0.84 -17.58 9.76
N ILE D 516 0.35 -18.11 9.47
CA ILE D 516 0.44 -19.46 8.93
C ILE D 516 -0.18 -20.46 9.89
N LEU D 517 -0.04 -20.22 11.19
CA LEU D 517 -0.70 -21.03 12.21
C LEU D 517 -2.18 -20.74 12.38
N LYS D 518 -2.79 -19.92 11.52
CA LYS D 518 -4.24 -19.83 11.45
C LYS D 518 -4.77 -20.50 10.20
N PHE D 519 -4.03 -20.35 9.10
CA PHE D 519 -4.34 -21.17 7.93
C PHE D 519 -4.11 -22.64 8.17
N LEU D 520 -3.25 -23.03 9.10
CA LEU D 520 -3.16 -24.44 9.46
C LEU D 520 -4.17 -24.84 10.52
N PHE D 521 -5.17 -24.00 10.79
CA PHE D 521 -6.39 -24.44 11.44
C PHE D 521 -7.56 -24.48 10.48
N ILE D 522 -7.56 -23.64 9.45
CA ILE D 522 -8.59 -23.76 8.42
C ILE D 522 -8.31 -24.94 7.50
N TYR D 523 -7.06 -25.04 7.05
CA TYR D 523 -6.67 -26.04 6.07
C TYR D 523 -6.79 -27.45 6.62
N CYS D 524 -6.56 -27.63 7.92
CA CYS D 524 -6.68 -28.96 8.50
C CYS D 524 -8.12 -29.44 8.54
N LEU D 525 -9.09 -28.56 8.74
CA LEU D 525 -10.44 -29.09 8.71
C LEU D 525 -10.97 -29.21 7.30
N VAL D 526 -10.46 -28.41 6.36
CA VAL D 526 -10.72 -28.70 4.94
C VAL D 526 -10.18 -30.07 4.57
N LEU D 527 -9.00 -30.40 5.09
CA LEU D 527 -8.39 -31.70 4.88
C LEU D 527 -9.23 -32.82 5.46
N LEU D 528 -9.67 -32.68 6.71
CA LEU D 528 -10.50 -33.71 7.32
C LEU D 528 -11.85 -33.84 6.67
N ALA D 529 -12.39 -32.75 6.13
CA ALA D 529 -13.64 -32.84 5.39
C ALA D 529 -13.47 -33.69 4.12
N PHE D 530 -12.43 -33.40 3.33
CA PHE D 530 -12.27 -34.19 2.12
C PHE D 530 -11.78 -35.60 2.40
N ALA D 531 -11.16 -35.82 3.55
CA ALA D 531 -10.83 -37.19 3.94
C ALA D 531 -12.09 -37.97 4.29
N ASN D 532 -13.01 -37.36 5.05
CA ASN D 532 -14.30 -37.96 5.33
C ASN D 532 -15.08 -38.28 4.05
N GLY D 533 -14.93 -37.44 3.04
CA GLY D 533 -15.58 -37.76 1.77
C GLY D 533 -14.92 -38.93 1.07
N LEU D 534 -13.60 -38.89 0.94
CA LEU D 534 -12.94 -39.82 0.04
C LEU D 534 -12.84 -41.22 0.61
N ASN D 535 -12.57 -41.36 1.91
CA ASN D 535 -12.50 -42.73 2.42
C ASN D 535 -13.88 -43.37 2.46
N GLN D 536 -14.91 -42.57 2.68
CA GLN D 536 -16.27 -43.08 2.60
C GLN D 536 -16.60 -43.51 1.18
N LEU D 537 -16.05 -42.82 0.19
CA LEU D 537 -16.34 -43.24 -1.18
C LEU D 537 -15.55 -44.46 -1.59
N TYR D 538 -14.35 -44.69 -1.06
CA TYR D 538 -13.50 -45.74 -1.60
C TYR D 538 -13.18 -46.90 -0.67
N PHE D 539 -13.75 -46.98 0.54
CA PHE D 539 -13.28 -48.00 1.47
C PHE D 539 -13.75 -49.40 1.14
N TYR D 540 -14.70 -49.53 0.22
CA TYR D 540 -15.09 -50.83 -0.29
C TYR D 540 -14.15 -51.37 -1.35
N TYR D 541 -13.11 -50.62 -1.67
CA TYR D 541 -12.17 -50.95 -2.74
C TYR D 541 -10.81 -51.13 -2.06
N GLU D 542 -10.57 -52.32 -1.55
CA GLU D 542 -9.48 -52.60 -0.63
C GLU D 542 -8.41 -53.46 -1.29
N ASN D 543 -8.16 -53.22 -2.58
CA ASN D 543 -7.35 -54.08 -3.43
C ASN D 543 -5.93 -54.27 -2.91
N SER D 544 -5.65 -55.45 -2.36
CA SER D 544 -4.34 -55.75 -1.83
C SER D 544 -3.90 -57.18 -2.10
N GLU D 545 -4.66 -57.95 -2.88
CA GLU D 545 -4.18 -59.27 -3.27
C GLU D 545 -3.04 -59.11 -4.27
N GLY D 546 -2.03 -59.95 -4.11
CA GLY D 546 -0.73 -59.62 -4.66
C GLY D 546 -0.13 -58.53 -3.81
N MET D 547 0.39 -57.49 -4.47
CA MET D 547 0.82 -56.23 -3.85
C MET D 547 1.89 -56.47 -2.77
N THR D 548 3.05 -56.89 -3.26
CA THR D 548 4.26 -56.92 -2.44
C THR D 548 4.53 -55.56 -1.80
N CYS D 549 4.27 -54.50 -2.52
CA CYS D 549 4.36 -53.14 -2.02
C CYS D 549 2.96 -52.55 -1.90
N LYS D 550 2.69 -51.89 -0.79
CA LYS D 550 1.36 -51.35 -0.52
C LYS D 550 1.41 -49.84 -0.40
N GLY D 551 0.25 -49.25 -0.17
CA GLY D 551 0.18 -47.86 0.22
C GLY D 551 0.31 -46.83 -0.89
N ILE D 552 0.93 -45.71 -0.57
CA ILE D 552 1.00 -44.58 -1.48
C ILE D 552 2.43 -44.07 -1.55
N ARG D 553 3.27 -44.54 -0.64
CA ARG D 553 4.71 -44.36 -0.81
C ARG D 553 5.30 -45.36 -1.79
N CYS D 554 4.49 -46.10 -2.50
CA CYS D 554 4.98 -47.18 -3.32
C CYS D 554 5.42 -46.65 -4.68
N GLU D 555 6.12 -47.50 -5.43
CA GLU D 555 6.57 -47.11 -6.76
C GLU D 555 5.40 -47.01 -7.73
N ARG D 556 4.45 -47.91 -7.60
CA ARG D 556 3.16 -47.81 -8.27
C ARG D 556 2.14 -47.40 -7.23
N GLN D 557 1.36 -46.37 -7.55
CA GLN D 557 0.42 -45.80 -6.60
C GLN D 557 -0.72 -46.79 -6.40
N ASN D 558 -0.69 -47.49 -5.27
CA ASN D 558 -1.70 -48.49 -4.95
C ASN D 558 -2.96 -47.85 -4.41
N ASN D 559 -3.78 -48.62 -3.70
CA ASN D 559 -5.05 -48.12 -3.20
C ASN D 559 -4.86 -46.98 -2.20
N ALA D 560 -5.08 -45.77 -2.68
CA ALA D 560 -4.73 -44.59 -1.94
C ALA D 560 -5.76 -44.28 -0.87
N PHE D 561 -7.03 -44.21 -1.27
CA PHE D 561 -8.07 -43.75 -0.38
C PHE D 561 -8.75 -44.90 0.33
N SER D 562 -8.00 -45.82 0.92
CA SER D 562 -8.66 -46.98 1.53
C SER D 562 -8.95 -46.74 3.00
N THR D 563 -7.93 -46.52 3.79
CA THR D 563 -8.15 -46.15 5.18
C THR D 563 -8.09 -44.64 5.29
N LEU D 564 -8.55 -44.13 6.44
CA LEU D 564 -8.57 -42.69 6.65
C LEU D 564 -7.16 -42.14 6.76
N PHE D 565 -6.23 -42.94 7.28
CA PHE D 565 -4.86 -42.50 7.42
C PHE D 565 -4.18 -42.32 6.08
N GLU D 566 -4.28 -43.31 5.19
CA GLU D 566 -3.73 -43.16 3.85
C GLU D 566 -4.47 -42.09 3.06
N THR D 567 -5.74 -41.84 3.40
CA THR D 567 -6.50 -40.79 2.75
C THR D 567 -5.95 -39.41 3.10
N LEU D 568 -5.73 -39.18 4.39
CA LEU D 568 -5.13 -37.94 4.88
C LEU D 568 -3.75 -37.76 4.29
N GLN D 569 -3.01 -38.85 4.21
CA GLN D 569 -1.68 -38.81 3.66
C GLN D 569 -1.69 -38.46 2.18
N SER D 570 -2.66 -39.03 1.44
CA SER D 570 -2.82 -38.75 0.03
C SER D 570 -3.17 -37.30 -0.22
N LEU D 571 -4.13 -36.78 0.54
CA LEU D 571 -4.54 -35.41 0.34
C LEU D 571 -3.50 -34.43 0.83
N PHE D 572 -2.62 -34.83 1.76
CA PHE D 572 -1.49 -33.98 2.07
C PHE D 572 -0.52 -33.93 0.92
N TRP D 573 -0.18 -35.08 0.34
CA TRP D 573 0.81 -35.08 -0.72
C TRP D 573 0.27 -34.58 -2.05
N SER D 574 -1.04 -34.44 -2.21
CA SER D 574 -1.55 -33.97 -3.48
C SER D 574 -1.33 -32.49 -3.73
N ILE D 575 -0.92 -31.72 -2.72
CA ILE D 575 -0.70 -30.29 -2.93
C ILE D 575 0.70 -30.01 -3.42
N PHE D 576 1.51 -31.05 -3.59
CA PHE D 576 2.87 -30.93 -4.06
C PHE D 576 3.04 -31.55 -5.43
N GLY D 577 1.95 -31.99 -6.04
CA GLY D 577 2.01 -32.63 -7.33
C GLY D 577 2.62 -34.00 -7.30
N LEU D 578 2.33 -34.78 -6.26
CA LEU D 578 2.94 -36.10 -6.12
C LEU D 578 1.93 -37.23 -6.11
N ILE D 579 0.65 -36.96 -6.29
CA ILE D 579 -0.37 -38.00 -6.35
C ILE D 579 -0.89 -38.00 -7.78
N SER D 580 -0.60 -39.07 -8.51
CA SER D 580 -0.55 -39.02 -9.96
C SER D 580 -1.81 -39.53 -10.65
N LEU D 581 -2.97 -39.31 -10.04
CA LEU D 581 -4.27 -39.23 -10.70
C LEU D 581 -4.80 -40.58 -11.19
N TYR D 582 -4.00 -41.63 -11.19
CA TYR D 582 -4.57 -42.95 -11.39
C TYR D 582 -4.89 -43.62 -10.09
N VAL D 583 -4.81 -42.90 -8.98
CA VAL D 583 -5.27 -43.43 -7.72
C VAL D 583 -6.79 -43.49 -7.69
N THR D 584 -7.46 -42.70 -8.53
CA THR D 584 -8.91 -42.62 -8.49
C THR D 584 -9.58 -43.74 -9.23
N ASN D 585 -8.86 -44.49 -10.06
CA ASN D 585 -9.42 -45.68 -10.65
C ASN D 585 -9.48 -46.81 -9.63
N VAL D 586 -10.44 -47.70 -9.84
CA VAL D 586 -10.50 -48.97 -9.15
C VAL D 586 -10.69 -50.03 -10.22
N LYS D 587 -10.31 -51.27 -9.90
CA LYS D 587 -10.48 -52.34 -10.88
C LYS D 587 -11.96 -52.76 -10.88
N ALA D 588 -12.74 -51.98 -11.63
CA ALA D 588 -14.15 -52.22 -11.83
C ALA D 588 -14.54 -51.51 -13.12
N ASP D 589 -15.83 -51.37 -13.34
CA ASP D 589 -16.34 -50.50 -14.38
C ASP D 589 -17.31 -49.52 -13.76
N HIS D 590 -16.95 -49.02 -12.58
CA HIS D 590 -17.83 -48.16 -11.80
C HIS D 590 -17.50 -46.70 -12.10
N LYS D 591 -17.74 -46.33 -13.35
CA LYS D 591 -17.26 -45.03 -13.84
C LYS D 591 -17.97 -43.86 -13.18
N PHE D 592 -19.16 -44.08 -12.61
CA PHE D 592 -19.80 -43.01 -11.85
C PHE D 592 -19.07 -42.75 -10.55
N THR D 593 -18.76 -43.80 -9.79
CA THR D 593 -18.05 -43.60 -8.53
C THR D 593 -16.62 -43.14 -8.76
N GLU D 594 -16.00 -43.64 -9.83
CA GLU D 594 -14.67 -43.15 -10.20
C GLU D 594 -14.72 -41.69 -10.60
N PHE D 595 -15.79 -41.27 -11.27
CA PHE D 595 -15.88 -39.87 -11.67
C PHE D 595 -16.17 -38.97 -10.48
N VAL D 596 -16.97 -39.45 -9.54
CA VAL D 596 -17.24 -38.64 -8.36
C VAL D 596 -16.00 -38.58 -7.47
N GLY D 597 -15.21 -39.64 -7.44
CA GLY D 597 -13.94 -39.59 -6.73
C GLY D 597 -12.96 -38.62 -7.34
N ALA D 598 -12.85 -38.61 -8.67
CA ALA D 598 -12.01 -37.63 -9.33
C ALA D 598 -12.56 -36.22 -9.18
N THR D 599 -13.88 -36.06 -9.12
CA THR D 599 -14.48 -34.74 -9.00
C THR D 599 -14.26 -34.15 -7.62
N MET D 600 -14.45 -34.94 -6.58
CA MET D 600 -14.22 -34.41 -5.25
C MET D 600 -12.75 -34.48 -4.85
N PHE D 601 -11.90 -35.06 -5.68
CA PHE D 601 -10.47 -34.85 -5.52
C PHE D 601 -10.00 -33.58 -6.22
N GLY D 602 -10.60 -33.26 -7.36
CA GLY D 602 -10.30 -32.01 -8.02
C GLY D 602 -10.81 -30.81 -7.26
N THR D 603 -11.94 -30.98 -6.57
CA THR D 603 -12.44 -29.91 -5.72
C THR D 603 -11.47 -29.60 -4.60
N TYR D 604 -10.88 -30.64 -4.01
CA TYR D 604 -9.87 -30.43 -2.99
C TYR D 604 -8.63 -29.77 -3.56
N ASN D 605 -8.19 -30.21 -4.74
CA ASN D 605 -7.03 -29.58 -5.35
C ASN D 605 -7.27 -28.11 -5.66
N VAL D 606 -8.50 -27.75 -6.05
CA VAL D 606 -8.79 -26.35 -6.31
C VAL D 606 -8.78 -25.55 -5.01
N ILE D 607 -9.53 -26.00 -4.00
CA ILE D 607 -9.64 -25.28 -2.72
C ILE D 607 -8.28 -25.16 -2.05
N SER D 608 -7.44 -26.18 -2.17
CA SER D 608 -6.12 -26.09 -1.58
C SER D 608 -5.20 -25.20 -2.40
N LEU D 609 -5.08 -25.46 -3.70
CA LEU D 609 -3.97 -24.90 -4.45
C LEU D 609 -4.23 -23.50 -4.95
N VAL D 610 -5.45 -23.17 -5.38
CA VAL D 610 -5.67 -21.85 -5.95
C VAL D 610 -6.56 -20.98 -5.10
N VAL D 611 -6.97 -21.42 -3.92
CA VAL D 611 -7.80 -20.58 -3.08
C VAL D 611 -7.12 -20.36 -1.74
N LEU D 612 -6.85 -21.42 -0.99
CA LEU D 612 -6.28 -21.24 0.34
C LEU D 612 -4.83 -20.82 0.30
N LEU D 613 -4.07 -21.27 -0.69
CA LEU D 613 -2.68 -20.81 -0.81
C LEU D 613 -2.62 -19.33 -1.18
N ASN D 614 -3.54 -18.87 -2.02
CA ASN D 614 -3.52 -17.47 -2.39
C ASN D 614 -4.08 -16.59 -1.28
N MET D 615 -5.04 -17.11 -0.50
CA MET D 615 -5.44 -16.38 0.69
C MET D 615 -4.33 -16.33 1.70
N LEU D 616 -3.51 -17.37 1.76
CA LEU D 616 -2.36 -17.38 2.66
C LEU D 616 -1.36 -16.31 2.25
N ILE D 617 -1.11 -16.14 0.96
CA ILE D 617 -0.13 -15.12 0.59
C ILE D 617 -0.72 -13.73 0.71
N ALA D 618 -2.04 -13.56 0.57
CA ALA D 618 -2.63 -12.25 0.77
C ALA D 618 -2.60 -11.84 2.24
N MET D 619 -2.93 -12.78 3.14
CA MET D 619 -2.89 -12.48 4.56
C MET D 619 -1.47 -12.22 5.03
N MET D 620 -0.49 -12.99 4.55
CA MET D 620 0.88 -12.74 4.92
C MET D 620 1.37 -11.41 4.36
N ASN D 621 0.87 -11.02 3.20
CA ASN D 621 1.25 -9.76 2.60
C ASN D 621 0.81 -8.58 3.44
N ASN D 622 -0.49 -8.47 3.77
CA ASN D 622 -0.84 -7.29 4.55
C ASN D 622 -0.39 -7.40 5.99
N SER D 623 -0.26 -8.62 6.52
CA SER D 623 0.24 -8.78 7.87
C SER D 623 1.69 -8.39 7.96
N TYR D 624 2.43 -8.45 6.86
CA TYR D 624 3.76 -7.88 6.89
C TYR D 624 3.74 -6.38 6.63
N GLN D 625 2.74 -5.87 5.89
CA GLN D 625 2.57 -4.43 5.78
C GLN D 625 2.28 -3.75 7.11
N HIS D 626 1.76 -4.48 8.10
CA HIS D 626 1.44 -3.92 9.40
C HIS D 626 2.67 -3.72 10.28
N ILE D 627 3.78 -4.35 9.96
CA ILE D 627 4.85 -4.54 10.94
C ILE D 627 6.06 -3.63 10.69
N ALA D 628 6.34 -3.24 9.46
CA ALA D 628 7.56 -2.48 9.13
C ALA D 628 7.59 -1.07 9.74
N ASP D 629 6.54 -0.61 10.43
CA ASP D 629 6.64 0.59 11.25
C ASP D 629 7.39 0.31 12.54
N HIS D 630 7.34 -0.92 13.05
CA HIS D 630 8.04 -1.33 14.26
C HIS D 630 8.90 -2.55 13.97
N ALA D 631 9.70 -2.49 12.90
CA ALA D 631 10.56 -3.60 12.55
C ALA D 631 11.91 -3.52 13.25
N ASP D 632 12.62 -2.39 13.05
CA ASP D 632 13.94 -2.24 13.64
C ASP D 632 13.88 -2.15 15.15
N ILE D 633 12.76 -1.67 15.69
CA ILE D 633 12.60 -1.62 17.14
C ILE D 633 12.59 -3.02 17.73
N GLU D 634 11.81 -3.91 17.12
CA GLU D 634 11.74 -5.29 17.61
C GLU D 634 13.03 -6.03 17.37
N TRP D 635 13.70 -5.74 16.25
CA TRP D 635 14.99 -6.38 16.00
C TRP D 635 16.05 -5.94 17.01
N LYS D 636 16.09 -4.66 17.34
CA LYS D 636 17.08 -4.22 18.29
C LYS D 636 16.76 -4.70 19.69
N PHE D 637 15.47 -4.88 19.99
CA PHE D 637 15.08 -5.49 21.26
C PHE D 637 15.53 -6.94 21.34
N ALA D 638 15.41 -7.68 20.23
CA ALA D 638 15.82 -9.08 20.22
C ALA D 638 17.33 -9.21 20.34
N ARG D 639 18.08 -8.41 19.58
CA ARG D 639 19.54 -8.50 19.69
C ARG D 639 20.03 -7.92 21.01
N THR D 640 19.24 -7.07 21.64
CA THR D 640 19.57 -6.62 22.98
C THR D 640 19.48 -7.76 23.98
N LYS D 641 18.36 -8.49 23.98
CA LYS D 641 18.27 -9.57 24.97
C LYS D 641 19.20 -10.73 24.65
N LEU D 642 19.57 -10.91 23.39
CA LEU D 642 20.64 -11.86 23.08
C LEU D 642 21.98 -11.38 23.63
N TRP D 643 22.25 -10.08 23.55
CA TRP D 643 23.46 -9.54 24.15
C TRP D 643 23.43 -9.63 25.67
N MET D 644 22.26 -9.43 26.27
CA MET D 644 22.13 -9.57 27.71
C MET D 644 22.33 -11.00 28.15
N SER D 645 22.03 -11.94 27.29
CA SER D 645 22.37 -13.33 27.56
C SER D 645 23.89 -13.60 27.52
N TYR D 646 24.80 -12.67 27.29
CA TYR D 646 26.24 -12.95 27.29
C TYR D 646 27.02 -11.95 28.12
N PHE D 647 26.42 -11.41 29.18
CA PHE D 647 27.13 -10.40 29.97
C PHE D 647 27.59 -10.89 31.33
N GLU D 648 27.03 -11.98 31.85
CA GLU D 648 27.44 -12.46 33.16
C GLU D 648 28.82 -13.07 33.09
N THR D 652 27.44 -16.25 35.59
CA THR D 652 28.59 -16.23 34.71
C THR D 652 28.79 -17.60 34.10
N LEU D 653 28.56 -17.71 32.78
CA LEU D 653 28.67 -18.99 32.07
C LEU D 653 29.66 -18.90 30.91
N PRO D 654 30.97 -18.90 31.18
CA PRO D 654 31.94 -18.81 30.08
C PRO D 654 32.02 -20.05 29.21
N PRO D 655 32.22 -21.28 29.72
CA PRO D 655 32.57 -22.36 28.77
C PRO D 655 31.35 -22.86 28.01
N PRO D 656 31.47 -22.99 26.69
CA PRO D 656 30.34 -23.48 25.89
C PRO D 656 30.00 -24.96 26.05
N PHE D 657 30.98 -25.85 25.97
CA PHE D 657 30.75 -27.27 26.15
C PHE D 657 31.65 -27.88 27.20
N ASN D 658 32.60 -27.12 27.74
CA ASN D 658 33.60 -27.63 28.67
C ASN D 658 33.14 -27.47 30.11
N ILE D 659 31.96 -27.99 30.42
CA ILE D 659 31.37 -27.84 31.75
C ILE D 659 31.75 -29.08 32.55
N ILE D 660 32.73 -28.93 33.44
CA ILE D 660 33.16 -30.02 34.30
C ILE D 660 33.08 -29.58 35.75
N ALA D 696 24.93 6.00 52.74
CA ALA D 696 25.29 4.61 52.47
C ALA D 696 25.59 4.41 50.99
N GLU D 697 25.91 3.16 50.64
CA GLU D 697 26.31 2.81 49.28
C GLU D 697 25.16 2.94 48.28
N ASN D 698 23.91 2.94 48.75
CA ASN D 698 22.75 3.17 47.91
C ASN D 698 22.21 4.60 48.03
N VAL D 699 22.44 5.25 49.17
CA VAL D 699 21.93 6.58 49.41
C VAL D 699 22.61 7.60 48.48
N ARG D 700 23.91 7.42 48.23
CA ARG D 700 24.57 8.20 47.19
C ARG D 700 23.97 7.93 45.82
N LEU D 701 23.72 6.65 45.52
CA LEU D 701 23.16 6.29 44.22
C LEU D 701 21.72 6.73 44.07
N ASN D 702 20.92 6.62 45.14
CA ASN D 702 19.55 7.12 45.08
C ASN D 702 19.54 8.63 44.98
N HIS D 703 20.50 9.30 45.61
CA HIS D 703 20.62 10.75 45.52
C HIS D 703 20.94 11.18 44.09
N GLN D 704 21.95 10.56 43.48
CA GLN D 704 22.32 10.90 42.11
C GLN D 704 21.21 10.55 41.14
N TYR D 705 20.47 9.47 41.42
CA TYR D 705 19.36 9.07 40.57
C TYR D 705 18.21 10.07 40.65
N GLN D 706 17.94 10.59 41.85
CA GLN D 706 16.92 11.64 41.99
C GLN D 706 17.34 12.92 41.29
N GLU D 707 18.63 13.24 41.32
CA GLU D 707 19.10 14.45 40.65
C GLU D 707 18.98 14.31 39.13
N VAL D 708 19.37 13.15 38.60
CA VAL D 708 19.26 12.93 37.16
C VAL D 708 17.81 12.89 36.73
N LEU D 709 16.93 12.32 37.55
CA LEU D 709 15.50 12.35 37.22
C LEU D 709 14.94 13.76 37.26
N ARG D 710 15.38 14.60 38.19
CA ARG D 710 14.93 15.98 38.22
C ARG D 710 15.36 16.72 36.96
N ASN D 711 16.60 16.51 36.53
CA ASN D 711 17.05 17.14 35.29
C ASN D 711 16.31 16.60 34.07
N LEU D 712 16.06 15.28 34.02
CA LEU D 712 15.38 14.70 32.86
C LEU D 712 13.94 15.13 32.77
N VAL D 713 13.24 15.19 33.91
CA VAL D 713 11.86 15.67 33.93
C VAL D 713 11.80 17.14 33.54
N LYS D 714 12.76 17.95 34.01
CA LYS D 714 12.77 19.36 33.65
C LYS D 714 13.02 19.56 32.16
N ARG D 715 13.95 18.78 31.60
CA ARG D 715 14.22 18.85 30.17
C ARG D 715 13.04 18.37 29.35
N TYR D 716 12.34 17.34 29.82
CA TYR D 716 11.20 16.83 29.07
C TYR D 716 10.02 17.78 29.12
N VAL D 717 9.81 18.44 30.26
CA VAL D 717 8.75 19.45 30.36
C VAL D 717 9.07 20.62 29.44
N ALA D 718 10.34 20.99 29.34
CA ALA D 718 10.75 22.00 28.36
C ALA D 718 10.48 21.53 26.93
N ALA D 719 10.85 20.29 26.60
CA ALA D 719 10.67 19.83 25.24
C ALA D 719 9.22 19.53 24.91
N MET D 720 8.36 19.47 25.93
CA MET D 720 6.93 19.35 25.68
C MET D 720 6.30 20.72 25.49
N ILE D 721 6.58 21.66 26.39
CA ILE D 721 6.06 23.03 26.29
C ILE D 721 6.54 23.72 25.02
N ARG D 722 7.84 23.76 24.77
CA ARG D 722 8.30 24.55 23.62
C ARG D 722 8.05 23.86 22.28
N ASP D 723 7.51 22.63 22.24
CA ASP D 723 7.27 21.95 20.97
C ASP D 723 5.79 21.68 20.74
N ALA D 724 5.10 20.97 21.64
CA ALA D 724 3.76 20.49 21.35
C ALA D 724 2.74 21.60 21.46
N LYS D 725 2.99 22.56 22.34
CA LYS D 725 2.16 23.75 22.46
C LYS D 725 2.31 24.61 21.20
N THR D 726 3.52 24.60 20.63
CA THR D 726 3.80 25.39 19.44
C THR D 726 3.08 24.84 18.22
N GLU D 727 3.31 23.58 17.89
CA GLU D 727 2.68 22.96 16.73
C GLU D 727 2.49 21.47 16.91
N THR D 731 -1.77 26.67 12.98
CA THR D 731 -0.56 26.66 13.80
C THR D 731 -0.65 27.74 14.88
N GLU D 732 -0.48 27.32 16.14
CA GLU D 732 -0.62 28.24 17.27
C GLU D 732 0.60 29.15 17.39
N GLU D 733 1.71 28.81 16.73
CA GLU D 733 2.94 29.60 16.83
C GLU D 733 2.75 30.99 16.24
N ASN D 734 2.06 31.09 15.11
CA ASN D 734 1.79 32.39 14.53
C ASN D 734 0.56 33.03 15.16
N PHE D 735 -0.33 32.20 15.70
CA PHE D 735 -1.52 32.72 16.37
C PHE D 735 -1.17 33.47 17.66
N LYS D 736 -0.17 33.00 18.39
CA LYS D 736 0.24 33.69 19.61
C LYS D 736 0.89 35.02 19.27
N GLU D 737 1.58 35.09 18.13
CA GLU D 737 2.13 36.36 17.66
C GLU D 737 1.01 37.32 17.24
N LEU D 738 -0.07 36.78 16.67
CA LEU D 738 -1.25 37.59 16.39
C LEU D 738 -1.88 38.15 17.66
N LYS D 739 -2.00 37.30 18.69
CA LYS D 739 -2.56 37.75 19.97
C LYS D 739 -1.70 38.85 20.59
N GLN D 740 -0.38 38.70 20.48
CA GLN D 740 0.54 39.74 20.93
C GLN D 740 0.34 41.04 20.15
N ASP D 741 0.22 40.95 18.83
CA ASP D 741 0.12 42.14 17.98
C ASP D 741 -1.22 42.86 18.18
N ILE D 742 -2.24 42.15 18.63
CA ILE D 742 -3.52 42.75 18.96
C ILE D 742 -3.51 43.37 20.36
N SER D 743 -3.02 42.63 21.36
CA SER D 743 -3.08 43.10 22.73
C SER D 743 -2.11 44.25 23.00
N SER D 744 -0.91 44.18 22.41
CA SER D 744 0.07 45.25 22.58
C SER D 744 -0.43 46.54 21.98
N PHE D 745 -1.10 46.45 20.82
CA PHE D 745 -1.70 47.62 20.21
C PHE D 745 -2.92 48.11 21.00
N ARG D 746 -3.60 47.18 21.68
CA ARG D 746 -4.68 47.58 22.59
C ARG D 746 -4.17 48.47 23.72
N TYR D 747 -3.07 48.06 24.33
CA TYR D 747 -2.53 48.87 25.43
C TYR D 747 -1.83 50.12 24.92
N GLU D 748 -1.36 50.09 23.66
CA GLU D 748 -0.89 51.32 23.03
C GLU D 748 -2.02 52.32 22.82
N VAL D 749 -3.22 51.86 22.49
CA VAL D 749 -4.35 52.76 22.27
C VAL D 749 -4.92 53.29 23.57
N ILE D 750 -5.25 52.40 24.52
CA ILE D 750 -5.91 52.83 25.74
C ILE D 750 -4.95 53.61 26.64
N GLY D 751 -3.68 53.22 26.63
CA GLY D 751 -2.70 53.93 27.44
C GLY D 751 -2.33 55.28 26.86
N MET D 752 -2.65 55.51 25.59
CA MET D 752 -2.37 56.79 24.95
C MET D 752 -3.25 57.90 25.51
N MET D 753 -4.49 57.56 25.88
CA MET D 753 -5.41 58.54 26.42
C MET D 753 -4.99 59.02 27.82
CAA Y01 E . -20.48 -22.26 -20.30
CBA Y01 E . -19.73 -21.13 -19.61
CAB Y01 E . -18.92 -21.70 -18.44
CAN Y01 E . -18.79 -20.43 -20.59
CAJ Y01 E . -19.58 -19.85 -21.77
CAO Y01 E . -19.49 -18.32 -21.69
CBB Y01 E . -20.86 -17.61 -21.77
CAC Y01 E . -21.88 -18.38 -20.93
CBE Y01 E . -20.69 -16.12 -21.30
CAP Y01 E . -19.36 -15.53 -21.82
CAQ Y01 E . -19.59 -14.03 -21.92
CBG Y01 E . -20.93 -13.89 -21.29
CBI Y01 E . -21.70 -15.09 -21.83
CAE Y01 E . -21.79 -15.13 -23.37
CAU Y01 E . -23.11 -15.06 -21.20
CAS Y01 E . -23.80 -13.75 -21.57
CBF Y01 E . -22.99 -12.57 -21.03
CBD Y01 E . -21.59 -12.59 -21.63
CAK Y01 E . -20.78 -11.50 -20.96
CAI Y01 E . -21.45 -10.28 -20.88
CAZ Y01 E . -22.84 -10.16 -21.03
CAV Y01 E . -23.37 -8.87 -20.90
CBH Y01 E . -23.65 -11.25 -21.41
CAD Y01 E . -23.85 -11.18 -22.92
CAT Y01 E . -25.01 -11.22 -20.71
CAR Y01 E . -25.62 -9.85 -20.87
CBC Y01 E . -24.71 -8.87 -20.20
OAW Y01 E . -25.26 -7.56 -20.31
CAY Y01 E . -25.38 -6.98 -19.11
OAG Y01 E . -25.25 -7.54 -18.02
CAM Y01 E . -25.71 -5.49 -19.18
CAL Y01 E . -26.51 -5.06 -17.95
CAX Y01 E . -26.52 -3.53 -17.92
OAH Y01 E . -27.16 -2.95 -18.82
OAF Y01 E . -25.89 -2.98 -16.99
O13 44E F . 7.39 -26.87 -28.50
P 44E F . 6.19 -27.07 -27.62
O14 44E F . 4.97 -27.12 -28.49
O12 44E F . 6.32 -28.34 -26.84
O11 44E F . 6.03 -25.81 -26.59
C1 44E F . 5.06 -24.86 -26.91
C2 44E F . 5.82 -23.60 -27.26
O21 44E F . 7.18 -23.92 -27.22
C21 44E F . 7.84 -23.84 -28.45
O22 44E F . 7.25 -24.12 -29.43
C22 44E F . 9.30 -23.44 -28.52
C23 44E F . 9.77 -22.93 -27.17
C3 44E F . 5.53 -22.56 -26.20
O31 44E F . 4.34 -21.90 -26.47
C31 44E F . 4.30 -20.59 -25.96
O32 44E F . 5.30 -20.05 -25.65
C32 44E F . 2.98 -19.84 -25.81
C33 44E F . 3.28 -18.41 -25.38
C34 44E F . 2.01 -17.74 -24.89
C35 44E F . 2.28 -16.26 -24.62
C36 44E F . 1.20 -15.69 -23.70
C4 44E F . 9.38 -21.47 -27.00
C5 44E F . 9.17 -21.17 -25.52
C6 44E F . 8.76 -19.72 -25.33
CAA Y01 G . -8.69 -32.27 14.50
CBA Y01 G . -8.55 -30.83 14.02
CAB Y01 G . -7.24 -30.67 13.25
CAN Y01 G . -9.73 -30.46 13.11
CAJ Y01 G . -11.06 -30.61 13.86
CAO Y01 G . -11.66 -29.21 14.03
CBB Y01 G . -12.08 -28.87 15.47
CAC Y01 G . -10.99 -29.38 16.44
CBE Y01 G . -12.31 -27.33 15.59
CAP Y01 G . -13.02 -26.78 14.33
CAQ Y01 G . -13.78 -25.54 14.79
CBG Y01 G . -13.30 -25.40 16.19
CBI Y01 G . -13.26 -26.84 16.70
CAE Y01 G . -14.63 -27.55 16.63
CAU Y01 G . -12.74 -26.80 18.15
CAS Y01 G . -13.66 -25.94 19.01
CBF Y01 G . -13.69 -24.52 18.45
CBD Y01 G . -14.19 -24.52 17.02
CAK Y01 G . -14.06 -23.12 16.46
CAI Y01 G . -14.54 -22.14 17.33
CAZ Y01 G . -14.75 -22.36 18.69
CAV Y01 G . -15.22 -21.27 19.44
CBH Y01 G . -14.62 -23.64 19.27
CAD Y01 G . -16.02 -24.27 19.33
CAT Y01 G . -14.04 -23.56 20.68
CAR Y01 G . -14.80 -22.54 21.49
CBC Y01 G . -14.62 -21.21 20.82
OAW Y01 G . -15.31 -20.22 21.56
CAY Y01 G . -14.49 -19.20 21.89
OAG Y01 G . -13.26 -19.20 21.78
CAM Y01 G . -15.22 -17.98 22.45
CAL Y01 G . -14.33 -17.22 23.42
CAX Y01 G . -14.98 -15.87 23.68
OAH Y01 G . -16.05 -15.86 24.31
OAF Y01 G . -14.38 -14.86 23.25
O13 44E H . -13.47 -34.63 -14.43
P 44E H . -12.62 -34.65 -13.19
O14 44E H . -13.40 -35.31 -12.08
O12 44E H . -11.35 -35.41 -13.44
O11 44E H . -12.26 -33.12 -12.73
C1 44E H . -12.99 -32.61 -11.66
C2 44E H . -13.85 -31.51 -12.23
O21 44E H . -13.64 -31.51 -13.61
C21 44E H . -14.77 -31.86 -14.37
O22 44E H . -15.53 -32.64 -13.93
C22 44E H . -14.98 -31.25 -15.75
C23 44E H . -13.99 -30.13 -15.99
C3 44E H . -13.36 -30.19 -11.67
O31 44E H . -13.92 -29.94 -10.42
C31 44E H . -14.04 -28.58 -10.13
O32 44E H . -13.98 -27.78 -10.99
C32 44E H . -14.26 -28.10 -8.69
C33 44E H . -14.51 -26.60 -8.71
C34 44E H . -14.39 -26.03 -7.31
C35 44E H . -14.81 -24.56 -7.31
C36 44E H . -14.25 -23.86 -6.06
C4 44E H . -14.49 -28.84 -15.36
C5 44E H . -13.30 -27.98 -14.96
C6 44E H . -13.78 -26.70 -14.30
CAA Y01 I . 15.36 -13.80 -30.01
CBA Y01 I . 14.91 -13.03 -28.78
CAB Y01 I . 13.67 -13.69 -28.18
CAN Y01 I . 16.03 -12.98 -27.73
CAJ Y01 I . 17.27 -12.31 -28.31
CAO Y01 I . 17.48 -10.99 -27.56
CBB Y01 I . 17.68 -9.77 -28.48
CAC Y01 I . 16.68 -9.86 -29.65
CBE Y01 I . 17.49 -8.46 -27.64
CAP Y01 I . 18.15 -8.61 -26.24
CAQ Y01 I . 18.52 -7.20 -25.81
CBG Y01 I . 17.90 -6.38 -26.89
CBI Y01 I . 18.19 -7.18 -28.15
CAE Y01 I . 19.70 -7.42 -28.40
CAU Y01 I . 17.56 -6.43 -29.34
CAS Y01 I . 18.14 -5.02 -29.44
CBF Y01 I . 17.86 -4.26 -28.14
CBD Y01 I . 18.47 -4.99 -26.95
CAK Y01 I . 18.03 -4.28 -25.69
CAI Y01 I . 18.17 -2.90 -25.76
CAZ Y01 I . 18.31 -2.20 -26.96
CAV Y01 I . 18.42 -0.81 -26.86
CBH Y01 I . 18.46 -2.87 -28.20
CAD Y01 I . 19.96 -2.95 -28.50
CAT Y01 I . 17.76 -2.12 -29.33
CAR Y01 I . 18.17 -0.66 -29.30
CBC Y01 I . 17.70 -0.10 -27.99
OAW Y01 I . 18.05 1.28 -27.94
CAY Y01 I . 16.98 2.04 -27.66
OAG Y01 I . 15.80 1.67 -27.68
CAM Y01 I . 17.32 3.49 -27.32
CAL Y01 I . 16.19 4.42 -27.73
CAX Y01 I . 16.44 5.77 -27.08
OAH Y01 I . 17.42 6.43 -27.49
OAF Y01 I . 15.64 6.13 -26.18
O13 44E J . 23.06 -31.55 -7.85
P 44E J . 22.14 -31.05 -8.93
O14 44E J . 22.96 -30.69 -10.13
O12 44E J . 21.13 -32.10 -9.29
O11 44E J . 21.36 -29.70 -8.42
C1 44E J . 21.84 -28.49 -8.91
C2 44E J . 22.44 -27.77 -7.72
O21 44E J . 22.36 -28.65 -6.64
C21 44E J . 23.60 -29.07 -6.14
O22 44E J . 24.50 -29.21 -6.89
C22 44E J . 23.76 -29.37 -4.66
C23 44E J . 22.54 -28.92 -3.88
C3 44E J . 21.58 -26.55 -7.43
O31 44E J . 21.95 -25.48 -8.24
C31 44E J . 21.69 -24.24 -7.65
O32 44E J . 21.51 -24.15 -6.49
C32 44E J . 21.66 -22.96 -8.50
C33 44E J . 21.52 -21.76 -7.57
C34 44E J . 21.13 -20.53 -8.37
C35 44E J . 21.16 -19.30 -7.45
C36 44E J . 20.34 -18.17 -8.09
C4 44E J . 22.65 -27.43 -3.59
C5 44E J . 21.24 -26.84 -3.49
C6 44E J . 21.32 -25.34 -3.22
CAA Y01 K . 27.16 -23.81 4.79
CBA Y01 K . 26.08 -22.72 4.84
CAB Y01 K . 25.35 -22.67 3.50
CAN Y01 K . 25.08 -23.01 5.97
CAJ Y01 K . 25.80 -23.07 7.32
CAO Y01 K . 25.32 -21.87 8.16
CBB Y01 K . 26.45 -21.03 8.76
CAC Y01 K . 27.57 -20.86 7.72
CBE Y01 K . 25.87 -19.66 9.25
CAP Y01 K . 24.49 -19.86 9.91
CAQ Y01 K . 24.33 -18.71 10.90
CBG Y01 K . 25.53 -17.89 10.59
CBI Y01 K . 26.63 -18.93 10.38
CAE Y01 K . 26.86 -19.85 11.60
CAU Y01 K . 27.92 -18.17 10.02
CAS Y01 K . 28.29 -17.21 11.14
CBF Y01 K . 27.16 -16.20 11.34
CBD Y01 K . 25.87 -16.93 11.69
CAK Y01 K . 24.75 -15.91 11.74
CAI Y01 K . 25.08 -14.76 12.45
CAZ Y01 K . 26.39 -14.40 12.76
CAV Y01 K . 26.56 -13.21 13.47
CBH Y01 K . 27.49 -15.25 12.48
CAD Y01 K . 27.80 -16.04 13.76
CAT Y01 K . 28.73 -14.46 12.07
CAR Y01 K . 28.98 -13.36 13.06
CBC Y01 K . 27.79 -12.44 13.02
OAW Y01 K . 28.01 -11.37 13.93
CAY Y01 K . 27.86 -10.18 13.33
OAG Y01 K . 27.79 -9.99 12.11
CAM Y01 K . 27.81 -9.00 14.30
CAL Y01 K . 28.36 -7.74 13.65
CAX Y01 K . 27.98 -6.56 14.53
OAH Y01 K . 28.53 -6.48 15.64
OAF Y01 K . 27.15 -5.74 14.06
O13 44E L . 2.20 -39.31 6.22
P 44E L . 3.33 -38.63 5.50
O14 44E L . 4.60 -38.88 6.28
O12 44E L . 3.47 -39.18 4.11
O11 44E L . 3.07 -37.02 5.44
C1 44E L . 3.79 -36.24 6.35
C2 44E L . 2.77 -35.68 7.31
O21 44E L . 1.54 -36.24 6.97
C21 44E L . 0.99 -37.09 7.95
O22 44E L . 1.71 -37.73 8.62
C22 44E L . -0.52 -37.19 8.11
C23 44E L . -1.22 -36.12 7.29
C3 44E L . 2.69 -34.18 7.10
O31 44E L . 3.69 -33.53 7.81
C31 44E L . 3.35 -32.22 8.18
O32 44E L . 2.22 -31.88 8.17
C32 44E L . 4.42 -31.23 8.62
C33 44E L . 3.73 -29.95 9.10
C34 44E L . 4.74 -28.82 9.21
C35 44E L . 4.08 -27.60 9.86
C36 44E L . 4.89 -26.35 9.55
C4 44E L . -1.22 -34.80 8.06
C5 44E L . -1.23 -33.65 7.06
C6 44E L . -1.22 -32.32 7.81
#